data_2KBB
#
_entry.id   2KBB
#
_entity_poly.entity_id   1
_entity_poly.type   'polypeptide(L)'
_entity_poly.pdbx_seq_one_letter_code
;GIDPFTAPGQLECETAIAALNSCLRDLDQASLAAVSQQLAPREGISQEALHTQMLTAVQEISHLIEPLASAARAEASQLG
HKVSQMAQYFEPLTLAAVGAASKTLSHPQQMALLDQTKTLAESALQLLYTAKEAGGNPKQAAHTQEALEEAVQMMTEAVE
DLTTTLNEAASAAG
;
_entity_poly.pdbx_strand_id   A
#
# COMPACT_ATOMS: atom_id res chain seq x y z
N GLY A 1 14.81 -11.18 -4.61
CA GLY A 1 14.22 -11.40 -5.96
C GLY A 1 14.54 -12.78 -6.49
N ILE A 2 14.21 -13.81 -5.72
CA ILE A 2 14.45 -15.17 -6.16
C ILE A 2 13.14 -15.89 -6.45
N ASP A 3 13.16 -16.81 -7.40
CA ASP A 3 11.99 -17.61 -7.71
C ASP A 3 12.17 -19.02 -7.16
N PRO A 4 11.59 -19.29 -5.99
CA PRO A 4 11.62 -20.61 -5.37
C PRO A 4 10.44 -21.47 -5.80
N PHE A 5 9.58 -20.90 -6.63
CA PHE A 5 8.38 -21.60 -7.05
C PHE A 5 8.53 -22.15 -8.45
N THR A 6 8.16 -21.38 -9.48
CA THR A 6 8.20 -21.90 -10.85
C THR A 6 7.54 -20.98 -11.87
N ALA A 7 7.56 -19.68 -11.64
CA ALA A 7 6.82 -18.78 -12.52
C ALA A 7 7.41 -17.37 -12.51
N PRO A 8 7.09 -16.59 -13.56
CA PRO A 8 7.34 -15.15 -13.55
C PRO A 8 6.42 -14.45 -12.57
N GLY A 9 6.90 -13.41 -11.92
CA GLY A 9 6.11 -12.76 -10.90
C GLY A 9 6.67 -12.98 -9.52
N GLN A 10 7.14 -14.20 -9.27
CA GLN A 10 7.84 -14.54 -8.03
C GLN A 10 8.97 -13.55 -7.78
N LEU A 11 9.71 -13.22 -8.84
CA LEU A 11 10.75 -12.21 -8.79
C LEU A 11 10.17 -10.84 -8.45
N GLU A 12 9.21 -10.39 -9.25
CA GLU A 12 8.65 -9.05 -9.13
C GLU A 12 8.04 -8.81 -7.76
N CYS A 13 7.39 -9.82 -7.21
CA CYS A 13 6.73 -9.68 -5.92
C CYS A 13 7.75 -9.50 -4.81
N GLU A 14 8.84 -10.26 -4.84
CA GLU A 14 9.83 -10.22 -3.78
C GLU A 14 10.65 -8.92 -3.86
N THR A 15 10.89 -8.46 -5.08
CA THR A 15 11.60 -7.21 -5.28
C THR A 15 10.76 -6.02 -4.82
N ALA A 16 9.46 -6.11 -5.04
CA ALA A 16 8.53 -5.09 -4.58
C ALA A 16 8.34 -5.17 -3.08
N ILE A 17 8.36 -6.39 -2.55
CA ILE A 17 8.27 -6.62 -1.11
C ILE A 17 9.38 -5.86 -0.38
N ALA A 18 10.58 -5.85 -0.96
CA ALA A 18 11.71 -5.13 -0.38
C ALA A 18 11.44 -3.63 -0.32
N ALA A 19 10.80 -3.11 -1.36
CA ALA A 19 10.49 -1.69 -1.43
C ALA A 19 9.34 -1.34 -0.50
N LEU A 20 8.31 -2.16 -0.57
CA LEU A 20 7.11 -1.95 0.23
C LEU A 20 7.44 -2.09 1.72
N ASN A 21 8.33 -3.02 2.04
CA ASN A 21 8.77 -3.22 3.42
C ASN A 21 9.43 -1.95 3.93
N SER A 22 10.19 -1.31 3.05
CA SER A 22 10.90 -0.09 3.38
C SER A 22 9.92 1.04 3.69
N CYS A 23 8.80 1.12 2.97
CA CYS A 23 7.83 2.19 3.19
C CYS A 23 7.05 1.94 4.47
N LEU A 24 6.91 0.66 4.84
CA LEU A 24 6.27 0.31 6.11
C LEU A 24 7.07 0.86 7.27
N ARG A 25 8.38 0.69 7.20
CA ARG A 25 9.28 1.19 8.22
C ARG A 25 9.24 2.72 8.27
N ASP A 26 9.20 3.33 7.09
CA ASP A 26 9.14 4.79 6.99
C ASP A 26 7.86 5.31 7.65
N LEU A 27 6.74 4.69 7.31
CA LEU A 27 5.44 5.08 7.86
C LEU A 27 5.37 4.84 9.36
N ASP A 28 5.90 3.70 9.79
CA ASP A 28 5.88 3.33 11.21
C ASP A 28 6.69 4.33 12.03
N GLN A 29 7.82 4.77 11.49
CA GLN A 29 8.66 5.75 12.16
C GLN A 29 8.01 7.13 12.08
N ALA A 30 7.24 7.37 11.04
CA ALA A 30 6.53 8.63 10.87
C ALA A 30 5.55 8.85 12.01
N SER A 31 4.73 7.85 12.29
CA SER A 31 3.76 7.94 13.37
C SER A 31 4.46 8.14 14.71
N LEU A 32 5.63 7.52 14.86
CA LEU A 32 6.42 7.64 16.08
C LEU A 32 7.07 9.01 16.18
N ALA A 33 7.53 9.52 15.06
CA ALA A 33 8.19 10.82 15.04
C ALA A 33 7.18 11.95 15.18
N ALA A 34 6.09 11.87 14.41
CA ALA A 34 5.08 12.93 14.41
C ALA A 34 4.40 13.08 15.77
N VAL A 35 4.33 11.98 16.51
CA VAL A 35 3.69 12.00 17.82
C VAL A 35 4.64 12.61 18.86
N SER A 36 5.90 12.79 18.47
CA SER A 36 6.90 13.32 19.37
C SER A 36 7.57 14.56 18.77
N GLN A 37 6.93 15.11 17.72
CA GLN A 37 7.42 16.32 17.05
C GLN A 37 8.82 16.11 16.46
N GLN A 38 9.13 14.89 16.08
CA GLN A 38 10.45 14.56 15.53
C GLN A 38 10.37 14.40 14.01
N LEU A 39 9.29 14.87 13.42
CA LEU A 39 9.07 14.72 11.99
C LEU A 39 9.00 16.10 11.32
N ALA A 40 9.59 16.21 10.14
CA ALA A 40 9.56 17.47 9.38
C ALA A 40 8.29 17.55 8.53
N PRO A 41 7.67 18.75 8.45
CA PRO A 41 6.42 18.95 7.71
C PRO A 41 6.52 18.54 6.24
N ARG A 42 5.82 17.44 5.91
CA ARG A 42 5.80 16.81 4.58
C ARG A 42 7.18 16.73 3.89
N GLU A 43 7.18 16.31 2.63
CA GLU A 43 8.40 16.25 1.84
C GLU A 43 8.44 17.41 0.84
N GLY A 44 7.34 17.61 0.14
CA GLY A 44 7.24 18.72 -0.80
C GLY A 44 5.85 18.81 -1.41
N ILE A 45 4.87 19.18 -0.60
CA ILE A 45 3.49 19.23 -1.05
C ILE A 45 2.62 20.05 -0.07
N SER A 46 1.50 20.57 -0.55
CA SER A 46 0.58 21.34 0.29
C SER A 46 -0.43 20.42 0.98
N GLN A 47 -1.38 21.02 1.69
CA GLN A 47 -2.33 20.26 2.51
C GLN A 47 -3.43 19.62 1.67
N GLU A 48 -4.07 20.39 0.82
CA GLU A 48 -5.15 19.88 -0.01
C GLU A 48 -4.60 18.99 -1.12
N ALA A 49 -3.34 19.24 -1.49
CA ALA A 49 -2.68 18.44 -2.51
C ALA A 49 -2.39 17.04 -1.98
N LEU A 50 -2.28 16.92 -0.66
CA LEU A 50 -2.14 15.62 -0.01
C LEU A 50 -3.38 14.77 -0.29
N HIS A 51 -4.54 15.36 -0.05
CA HIS A 51 -5.82 14.74 -0.38
C HIS A 51 -5.85 14.37 -1.85
N THR A 52 -5.31 15.22 -2.71
CA THR A 52 -5.23 14.95 -4.13
C THR A 52 -4.32 13.76 -4.42
N GLN A 53 -3.06 13.86 -4.00
CA GLN A 53 -2.03 12.87 -4.30
C GLN A 53 -2.41 11.49 -3.76
N MET A 54 -2.80 11.45 -2.49
CA MET A 54 -3.09 10.19 -1.84
C MET A 54 -4.31 9.52 -2.44
N LEU A 55 -5.40 10.26 -2.56
CA LEU A 55 -6.66 9.71 -3.07
C LEU A 55 -6.48 9.20 -4.50
N THR A 56 -5.81 9.98 -5.34
CA THR A 56 -5.59 9.59 -6.73
C THR A 56 -4.82 8.27 -6.80
N ALA A 57 -3.81 8.12 -5.95
CA ALA A 57 -3.02 6.90 -5.90
C ALA A 57 -3.87 5.72 -5.44
N VAL A 58 -4.57 5.91 -4.32
CA VAL A 58 -5.38 4.85 -3.71
C VAL A 58 -6.37 4.24 -4.71
N GLN A 59 -7.09 5.12 -5.43
CA GLN A 59 -8.04 4.68 -6.44
C GLN A 59 -7.37 3.77 -7.47
N GLU A 60 -6.24 4.22 -8.00
CA GLU A 60 -5.53 3.46 -9.03
C GLU A 60 -4.92 2.19 -8.45
N ILE A 61 -4.61 2.21 -7.16
CA ILE A 61 -4.17 1.00 -6.48
C ILE A 61 -5.29 -0.03 -6.50
N SER A 62 -6.44 0.34 -5.94
CA SER A 62 -7.62 -0.53 -5.92
C SER A 62 -7.94 -1.02 -7.33
N HIS A 63 -7.80 -0.12 -8.29
CA HIS A 63 -8.03 -0.39 -9.69
C HIS A 63 -7.21 -1.60 -10.14
N LEU A 64 -5.97 -1.67 -9.69
CA LEU A 64 -5.06 -2.75 -10.09
C LEU A 64 -5.12 -3.94 -9.13
N ILE A 65 -5.66 -3.73 -7.93
CA ILE A 65 -5.71 -4.79 -6.92
C ILE A 65 -6.52 -5.98 -7.42
N GLU A 66 -7.66 -5.71 -8.03
CA GLU A 66 -8.52 -6.78 -8.54
C GLU A 66 -7.81 -7.58 -9.64
N PRO A 67 -7.30 -6.92 -10.72
CA PRO A 67 -6.55 -7.62 -11.77
C PRO A 67 -5.28 -8.31 -11.23
N LEU A 68 -4.72 -7.79 -10.14
CA LEU A 68 -3.56 -8.43 -9.54
C LEU A 68 -3.97 -9.72 -8.85
N ALA A 69 -5.09 -9.69 -8.15
CA ALA A 69 -5.62 -10.88 -7.49
C ALA A 69 -5.81 -12.01 -8.50
N SER A 70 -6.40 -11.65 -9.64
CA SER A 70 -6.59 -12.59 -10.74
C SER A 70 -5.24 -13.07 -11.27
N ALA A 71 -4.28 -12.16 -11.29
CA ALA A 71 -2.96 -12.46 -11.83
C ALA A 71 -2.16 -13.33 -10.90
N ALA A 72 -2.19 -13.01 -9.62
CA ALA A 72 -1.42 -13.73 -8.62
C ALA A 72 -1.76 -15.21 -8.59
N ARG A 73 -3.01 -15.53 -8.84
CA ARG A 73 -3.43 -16.93 -8.78
C ARG A 73 -3.20 -17.67 -10.10
N ALA A 74 -2.94 -16.94 -11.19
CA ALA A 74 -2.87 -17.60 -12.49
C ALA A 74 -2.01 -16.83 -13.51
N GLU A 75 -2.30 -15.55 -13.71
CA GLU A 75 -1.59 -14.74 -14.71
C GLU A 75 -0.16 -14.45 -14.24
N ALA A 76 0.76 -15.36 -14.51
CA ALA A 76 2.13 -15.23 -14.06
C ALA A 76 2.84 -14.09 -14.76
N SER A 77 2.72 -14.04 -16.08
CA SER A 77 3.41 -13.04 -16.89
C SER A 77 2.78 -11.66 -16.72
N GLN A 78 1.56 -11.65 -16.23
CA GLN A 78 0.80 -10.41 -16.08
C GLN A 78 0.94 -9.89 -14.66
N LEU A 79 1.07 -10.82 -13.73
CA LEU A 79 1.22 -10.51 -12.32
C LEU A 79 2.33 -9.49 -12.08
N GLY A 80 3.49 -9.75 -12.65
CA GLY A 80 4.61 -8.84 -12.50
C GLY A 80 4.26 -7.43 -12.89
N HIS A 81 3.44 -7.28 -13.93
CA HIS A 81 3.01 -5.98 -14.40
C HIS A 81 2.12 -5.30 -13.37
N LYS A 82 1.29 -6.08 -12.69
CA LYS A 82 0.40 -5.55 -11.67
C LYS A 82 1.22 -5.10 -10.46
N VAL A 83 2.19 -5.93 -10.10
CA VAL A 83 3.05 -5.65 -8.95
C VAL A 83 3.81 -4.34 -9.15
N SER A 84 4.35 -4.14 -10.35
CA SER A 84 5.05 -2.91 -10.69
C SER A 84 4.18 -1.70 -10.40
N GLN A 85 2.91 -1.80 -10.76
CA GLN A 85 1.96 -0.71 -10.59
C GLN A 85 1.63 -0.50 -9.11
N MET A 86 1.36 -1.58 -8.40
CA MET A 86 0.92 -1.47 -7.01
C MET A 86 2.00 -0.85 -6.13
N ALA A 87 3.23 -1.28 -6.33
CA ALA A 87 4.33 -0.87 -5.46
C ALA A 87 4.66 0.61 -5.65
N GLN A 88 4.53 1.08 -6.88
CA GLN A 88 4.93 2.44 -7.21
C GLN A 88 3.98 3.47 -6.59
N TYR A 89 2.69 3.15 -6.52
CA TYR A 89 1.70 4.06 -5.96
C TYR A 89 1.85 4.20 -4.45
N PHE A 90 2.35 3.15 -3.81
CA PHE A 90 2.50 3.14 -2.37
C PHE A 90 3.63 4.04 -1.90
N GLU A 91 4.60 4.31 -2.77
CA GLU A 91 5.71 5.17 -2.41
C GLU A 91 5.23 6.60 -2.10
N PRO A 92 4.54 7.31 -3.04
CA PRO A 92 4.00 8.63 -2.76
C PRO A 92 3.00 8.60 -1.62
N LEU A 93 2.24 7.51 -1.50
CA LEU A 93 1.30 7.38 -0.39
C LEU A 93 2.03 7.48 0.94
N THR A 94 3.12 6.74 1.06
CA THR A 94 3.97 6.81 2.23
C THR A 94 4.44 8.26 2.46
N LEU A 95 5.06 8.84 1.43
CA LEU A 95 5.57 10.22 1.50
C LEU A 95 4.46 11.19 1.88
N ALA A 96 3.32 11.07 1.20
CA ALA A 96 2.18 11.95 1.40
C ALA A 96 1.60 11.76 2.81
N ALA A 97 1.53 10.52 3.26
CA ALA A 97 1.01 10.22 4.59
C ALA A 97 1.93 10.78 5.67
N VAL A 98 3.24 10.58 5.51
CA VAL A 98 4.21 11.13 6.44
C VAL A 98 4.15 12.66 6.39
N GLY A 99 3.89 13.19 5.21
CA GLY A 99 3.65 14.61 5.08
C GLY A 99 2.48 15.07 5.90
N ALA A 100 1.32 14.46 5.68
CA ALA A 100 0.12 14.79 6.43
C ALA A 100 0.32 14.60 7.93
N ALA A 101 1.09 13.60 8.30
CA ALA A 101 1.42 13.34 9.70
C ALA A 101 1.98 14.57 10.38
N SER A 102 3.07 15.09 9.84
CA SER A 102 3.77 16.17 10.49
C SER A 102 3.12 17.52 10.16
N LYS A 103 2.39 17.58 9.06
CA LYS A 103 1.87 18.84 8.55
C LYS A 103 0.48 19.13 9.09
N THR A 104 -0.36 18.10 9.16
CA THR A 104 -1.73 18.27 9.61
C THR A 104 -1.80 18.32 11.13
N LEU A 105 -2.09 19.49 11.67
CA LEU A 105 -2.28 19.67 13.10
C LEU A 105 -3.73 20.07 13.37
N SER A 106 -4.60 19.67 12.45
CA SER A 106 -6.01 20.01 12.51
C SER A 106 -6.77 19.09 13.45
N HIS A 107 -6.82 17.81 13.08
CA HIS A 107 -7.65 16.83 13.77
C HIS A 107 -6.94 15.47 13.73
N PRO A 108 -7.46 14.44 14.46
CA PRO A 108 -6.90 13.08 14.42
C PRO A 108 -6.79 12.51 12.99
N GLN A 109 -7.40 13.23 12.05
CA GLN A 109 -7.30 12.91 10.62
C GLN A 109 -5.84 12.69 10.20
N GLN A 110 -4.96 13.47 10.81
CA GLN A 110 -3.52 13.38 10.58
C GLN A 110 -3.01 11.97 10.85
N MET A 111 -3.23 11.50 12.08
CA MET A 111 -2.75 10.18 12.48
C MET A 111 -3.58 9.09 11.84
N ALA A 112 -4.85 9.38 11.58
CA ALA A 112 -5.74 8.40 10.99
C ALA A 112 -5.25 7.97 9.61
N LEU A 113 -5.01 8.93 8.73
CA LEU A 113 -4.60 8.58 7.37
C LEU A 113 -3.15 8.10 7.36
N LEU A 114 -2.37 8.57 8.32
CA LEU A 114 -0.99 8.10 8.48
C LEU A 114 -0.98 6.61 8.78
N ASP A 115 -1.82 6.21 9.73
CA ASP A 115 -1.95 4.81 10.12
C ASP A 115 -2.61 3.99 9.02
N GLN A 116 -3.66 4.53 8.43
CA GLN A 116 -4.39 3.84 7.37
C GLN A 116 -3.50 3.56 6.15
N THR A 117 -2.65 4.52 5.79
CA THR A 117 -1.71 4.32 4.70
C THR A 117 -0.79 3.14 5.02
N LYS A 118 -0.37 3.08 6.27
CA LYS A 118 0.46 2.00 6.75
C LYS A 118 -0.32 0.69 6.76
N THR A 119 -1.57 0.76 7.21
CA THR A 119 -2.46 -0.40 7.17
C THR A 119 -2.61 -0.92 5.75
N LEU A 120 -2.85 -0.01 4.82
CA LEU A 120 -2.98 -0.36 3.41
C LEU A 120 -1.66 -0.91 2.88
N ALA A 121 -0.56 -0.33 3.33
CA ALA A 121 0.76 -0.79 2.95
C ALA A 121 1.01 -2.21 3.45
N GLU A 122 0.59 -2.48 4.68
CA GLU A 122 0.67 -3.83 5.24
C GLU A 122 -0.26 -4.78 4.48
N SER A 123 -1.42 -4.26 4.09
CA SER A 123 -2.36 -5.01 3.28
C SER A 123 -1.72 -5.39 1.95
N ALA A 124 -1.04 -4.42 1.33
CA ALA A 124 -0.34 -4.65 0.08
C ALA A 124 0.85 -5.56 0.28
N LEU A 125 1.49 -5.44 1.44
CA LEU A 125 2.64 -6.28 1.74
C LEU A 125 2.19 -7.72 1.85
N GLN A 126 1.12 -7.94 2.62
CA GLN A 126 0.51 -9.27 2.72
C GLN A 126 0.07 -9.75 1.35
N LEU A 127 -0.41 -8.81 0.55
CA LEU A 127 -0.82 -9.10 -0.83
C LEU A 127 0.39 -9.54 -1.65
N LEU A 128 1.45 -8.75 -1.66
CA LEU A 128 2.66 -9.11 -2.41
C LEU A 128 3.26 -10.40 -1.88
N TYR A 129 3.20 -10.61 -0.57
CA TYR A 129 3.67 -11.84 0.05
C TYR A 129 2.94 -13.06 -0.50
N THR A 130 1.61 -13.00 -0.50
CA THR A 130 0.81 -14.11 -0.97
C THR A 130 0.91 -14.26 -2.49
N ALA A 131 1.05 -13.14 -3.18
CA ALA A 131 1.20 -13.14 -4.62
C ALA A 131 2.52 -13.78 -5.04
N LYS A 132 3.54 -13.66 -4.18
CA LYS A 132 4.85 -14.24 -4.46
C LYS A 132 4.75 -15.77 -4.42
N GLU A 133 3.96 -16.26 -3.49
CA GLU A 133 3.76 -17.70 -3.32
C GLU A 133 2.90 -18.28 -4.44
N ALA A 134 1.74 -17.69 -4.63
CA ALA A 134 0.73 -18.24 -5.54
C ALA A 134 1.00 -17.85 -6.98
N GLY A 135 1.87 -16.87 -7.19
CA GLY A 135 2.03 -16.23 -8.49
C GLY A 135 2.12 -17.19 -9.66
N GLY A 136 1.00 -17.34 -10.37
CA GLY A 136 0.96 -18.13 -11.57
C GLY A 136 0.92 -19.63 -11.29
N ASN A 137 0.91 -19.99 -10.02
CA ASN A 137 0.98 -21.38 -9.61
C ASN A 137 0.03 -21.66 -8.45
N PRO A 138 -1.18 -22.15 -8.74
CA PRO A 138 -2.17 -22.49 -7.72
C PRO A 138 -1.79 -23.73 -6.93
N LYS A 139 -0.84 -24.50 -7.45
CA LYS A 139 -0.49 -25.81 -6.88
C LYS A 139 0.28 -25.68 -5.56
N GLN A 140 1.45 -25.06 -5.61
CA GLN A 140 2.28 -24.91 -4.41
C GLN A 140 1.78 -23.74 -3.56
N ALA A 141 0.51 -23.43 -3.71
CA ALA A 141 -0.08 -22.30 -3.03
C ALA A 141 -1.53 -22.61 -2.67
N ALA A 142 -1.78 -23.87 -2.32
CA ALA A 142 -3.13 -24.33 -2.00
C ALA A 142 -3.77 -23.48 -0.91
N HIS A 143 -3.06 -23.26 0.18
CA HIS A 143 -3.57 -22.45 1.28
C HIS A 143 -3.35 -20.97 0.98
N THR A 144 -2.37 -20.70 0.14
CA THR A 144 -2.08 -19.34 -0.28
C THR A 144 -3.26 -18.77 -1.06
N GLN A 145 -4.01 -19.66 -1.70
CA GLN A 145 -5.23 -19.29 -2.42
C GLN A 145 -6.20 -18.58 -1.49
N GLU A 146 -6.27 -19.07 -0.26
CA GLU A 146 -7.18 -18.52 0.74
C GLU A 146 -6.68 -17.17 1.23
N ALA A 147 -5.38 -17.11 1.53
CA ALA A 147 -4.78 -15.90 2.09
C ALA A 147 -4.68 -14.80 1.06
N LEU A 148 -4.50 -15.17 -0.20
CA LEU A 148 -4.48 -14.21 -1.29
C LEU A 148 -5.84 -13.52 -1.39
N GLU A 149 -6.88 -14.23 -0.97
CA GLU A 149 -8.23 -13.69 -0.98
C GLU A 149 -8.42 -12.72 0.17
N GLU A 150 -7.90 -13.10 1.33
CA GLU A 150 -7.96 -12.25 2.51
C GLU A 150 -7.20 -10.95 2.27
N ALA A 151 -6.07 -11.06 1.60
CA ALA A 151 -5.21 -9.91 1.33
C ALA A 151 -5.87 -8.93 0.35
N VAL A 152 -6.44 -9.44 -0.75
CA VAL A 152 -7.06 -8.58 -1.75
C VAL A 152 -8.25 -7.83 -1.17
N GLN A 153 -9.00 -8.48 -0.28
CA GLN A 153 -10.14 -7.83 0.38
C GLN A 153 -9.65 -6.91 1.48
N MET A 154 -8.48 -7.21 2.05
CA MET A 154 -7.90 -6.38 3.09
C MET A 154 -7.51 -5.03 2.51
N MET A 155 -6.98 -5.04 1.28
CA MET A 155 -6.61 -3.80 0.62
C MET A 155 -7.82 -2.93 0.36
N THR A 156 -8.84 -3.48 -0.30
CA THR A 156 -10.01 -2.70 -0.67
C THR A 156 -10.68 -2.09 0.58
N GLU A 157 -10.53 -2.78 1.71
CA GLU A 157 -11.04 -2.28 2.99
C GLU A 157 -10.28 -1.03 3.39
N ALA A 158 -8.96 -1.13 3.42
CA ALA A 158 -8.10 -0.01 3.80
C ALA A 158 -8.18 1.11 2.75
N VAL A 159 -8.46 0.71 1.51
CA VAL A 159 -8.67 1.65 0.42
C VAL A 159 -9.80 2.61 0.75
N GLU A 160 -10.97 2.06 1.07
CA GLU A 160 -12.11 2.87 1.46
C GLU A 160 -11.79 3.63 2.73
N ASP A 161 -11.08 2.98 3.63
CA ASP A 161 -10.77 3.52 4.94
C ASP A 161 -9.92 4.80 4.83
N LEU A 162 -8.79 4.68 4.15
CA LEU A 162 -7.89 5.81 3.95
C LEU A 162 -8.58 6.92 3.16
N THR A 163 -9.30 6.51 2.12
CA THR A 163 -10.00 7.44 1.25
C THR A 163 -10.97 8.33 2.03
N THR A 164 -11.66 7.76 3.01
CA THR A 164 -12.54 8.52 3.88
C THR A 164 -11.79 9.69 4.53
N THR A 165 -10.72 9.36 5.23
CA THR A 165 -9.94 10.37 5.93
C THR A 165 -9.40 11.41 4.95
N LEU A 166 -8.90 10.95 3.82
CA LEU A 166 -8.35 11.80 2.80
C LEU A 166 -9.39 12.79 2.27
N ASN A 167 -10.55 12.25 1.92
CA ASN A 167 -11.60 13.05 1.29
C ASN A 167 -12.18 14.06 2.27
N GLU A 168 -12.31 13.66 3.53
CA GLU A 168 -12.80 14.57 4.54
C GLU A 168 -11.73 15.58 4.87
N ALA A 169 -10.47 15.16 4.78
CA ALA A 169 -9.31 16.00 5.10
C ALA A 169 -9.29 17.28 4.29
N ALA A 170 -10.03 17.32 3.19
CA ALA A 170 -10.19 18.55 2.42
C ALA A 170 -10.59 19.69 3.34
N SER A 171 -11.61 19.47 4.16
CA SER A 171 -12.03 20.45 5.15
C SER A 171 -11.62 20.02 6.57
N ALA A 172 -11.29 18.74 6.73
CA ALA A 172 -10.94 18.19 8.03
C ALA A 172 -9.47 18.42 8.37
N ALA A 173 -8.68 18.75 7.35
CA ALA A 173 -7.26 19.02 7.55
C ALA A 173 -6.90 20.37 6.92
N GLY A 174 -7.61 20.73 5.86
CA GLY A 174 -7.39 22.01 5.23
C GLY A 174 -7.74 23.16 6.14
N GLY A 1 18.34 -13.30 -4.71
CA GLY A 1 17.02 -13.14 -5.37
C GLY A 1 16.68 -14.32 -6.25
N ILE A 2 16.14 -15.37 -5.64
CA ILE A 2 15.71 -16.54 -6.39
C ILE A 2 14.21 -16.70 -6.30
N ASP A 3 13.63 -17.43 -7.24
CA ASP A 3 12.19 -17.66 -7.24
C ASP A 3 11.85 -18.83 -6.32
N PRO A 4 11.13 -18.57 -5.23
CA PRO A 4 10.71 -19.62 -4.28
C PRO A 4 9.65 -20.51 -4.89
N PHE A 5 8.96 -19.97 -5.88
CA PHE A 5 7.92 -20.68 -6.59
C PHE A 5 8.21 -20.56 -8.08
N THR A 6 7.91 -21.60 -8.81
CA THR A 6 8.30 -21.66 -10.21
C THR A 6 7.29 -20.96 -11.12
N ALA A 7 7.59 -19.70 -11.43
CA ALA A 7 6.79 -18.89 -12.33
C ALA A 7 7.44 -17.53 -12.57
N PRO A 8 7.09 -16.85 -13.66
CA PRO A 8 7.47 -15.46 -13.89
C PRO A 8 6.62 -14.50 -13.05
N GLY A 9 7.23 -13.90 -12.04
CA GLY A 9 6.49 -12.98 -11.19
C GLY A 9 6.97 -13.02 -9.75
N GLN A 10 7.34 -14.22 -9.32
CA GLN A 10 7.89 -14.45 -7.98
C GLN A 10 8.96 -13.42 -7.63
N LEU A 11 9.92 -13.25 -8.54
CA LEU A 11 11.00 -12.30 -8.34
C LEU A 11 10.46 -10.89 -8.17
N GLU A 12 9.58 -10.48 -9.08
CA GLU A 12 9.04 -9.12 -9.06
C GLU A 12 8.28 -8.83 -7.78
N CYS A 13 7.69 -9.88 -7.21
CA CYS A 13 6.94 -9.74 -5.98
C CYS A 13 7.89 -9.61 -4.80
N GLU A 14 8.90 -10.46 -4.75
CA GLU A 14 9.83 -10.49 -3.63
C GLU A 14 10.65 -9.20 -3.57
N THR A 15 11.05 -8.69 -4.72
CA THR A 15 11.81 -7.45 -4.78
C THR A 15 10.94 -6.26 -4.39
N ALA A 16 9.66 -6.31 -4.75
CA ALA A 16 8.72 -5.26 -4.40
C ALA A 16 8.41 -5.32 -2.91
N ILE A 17 8.34 -6.54 -2.38
CA ILE A 17 8.14 -6.75 -0.95
C ILE A 17 9.20 -6.01 -0.14
N ALA A 18 10.45 -6.12 -0.56
CA ALA A 18 11.54 -5.47 0.14
C ALA A 18 11.40 -3.95 0.12
N ALA A 19 10.91 -3.41 -0.99
CA ALA A 19 10.74 -1.97 -1.15
C ALA A 19 9.53 -1.50 -0.36
N LEU A 20 8.45 -2.26 -0.47
CA LEU A 20 7.24 -1.95 0.26
C LEU A 20 7.49 -2.04 1.75
N ASN A 21 8.29 -3.02 2.13
CA ASN A 21 8.68 -3.21 3.53
C ASN A 21 9.40 -1.96 4.03
N SER A 22 10.17 -1.36 3.15
CA SER A 22 10.92 -0.16 3.46
C SER A 22 9.99 1.01 3.80
N CYS A 23 8.89 1.15 3.04
CA CYS A 23 7.99 2.26 3.27
C CYS A 23 7.24 2.06 4.59
N LEU A 24 7.05 0.80 4.97
CA LEU A 24 6.45 0.48 6.26
C LEU A 24 7.33 0.96 7.40
N ARG A 25 8.64 0.82 7.23
CA ARG A 25 9.60 1.27 8.23
C ARG A 25 9.57 2.80 8.31
N ASP A 26 9.44 3.42 7.16
CA ASP A 26 9.43 4.89 7.07
C ASP A 26 8.14 5.45 7.67
N LEU A 27 7.04 4.74 7.43
CA LEU A 27 5.75 5.13 8.00
C LEU A 27 5.76 4.99 9.52
N ASP A 28 6.44 3.95 10.01
CA ASP A 28 6.58 3.73 11.44
C ASP A 28 7.26 4.93 12.10
N GLN A 29 8.32 5.39 11.48
CA GLN A 29 9.07 6.53 11.98
C GLN A 29 8.24 7.80 11.87
N ALA A 30 7.37 7.84 10.88
CA ALA A 30 6.46 8.96 10.70
C ALA A 30 5.52 9.07 11.89
N SER A 31 4.87 7.96 12.23
CA SER A 31 3.97 7.92 13.37
C SER A 31 4.71 8.24 14.66
N LEU A 32 5.90 7.66 14.81
CA LEU A 32 6.72 7.86 16.00
C LEU A 32 7.14 9.32 16.14
N ALA A 33 7.45 9.97 15.03
CA ALA A 33 7.86 11.36 15.07
C ALA A 33 6.67 12.28 15.20
N ALA A 34 5.62 12.02 14.42
CA ALA A 34 4.44 12.87 14.40
C ALA A 34 3.73 12.91 15.74
N VAL A 35 3.75 11.79 16.45
CA VAL A 35 3.09 11.69 17.74
C VAL A 35 3.71 12.64 18.77
N SER A 36 4.94 13.06 18.51
CA SER A 36 5.63 14.00 19.38
C SER A 36 5.99 15.27 18.60
N GLN A 37 5.39 15.42 17.42
CA GLN A 37 5.68 16.52 16.50
C GLN A 37 7.18 16.69 16.26
N GLN A 38 7.78 15.61 15.76
CA GLN A 38 9.18 15.64 15.35
C GLN A 38 9.27 15.35 13.86
N LEU A 39 8.13 15.43 13.19
CA LEU A 39 8.04 15.09 11.79
C LEU A 39 8.25 16.34 10.94
N ALA A 40 9.19 16.27 10.00
CA ALA A 40 9.49 17.39 9.12
C ALA A 40 8.41 17.55 8.05
N PRO A 41 8.03 18.80 7.73
CA PRO A 41 6.90 19.08 6.82
C PRO A 41 7.06 18.53 5.40
N ARG A 42 6.44 17.36 5.18
CA ARG A 42 6.34 16.68 3.87
C ARG A 42 7.66 16.63 3.07
N GLU A 43 7.56 16.17 1.83
CA GLU A 43 8.72 16.09 0.95
C GLU A 43 8.69 17.20 -0.10
N GLY A 44 7.54 17.37 -0.74
CA GLY A 44 7.38 18.42 -1.72
C GLY A 44 5.94 18.55 -2.18
N ILE A 45 5.02 18.50 -1.24
CA ILE A 45 3.60 18.53 -1.54
C ILE A 45 2.87 19.52 -0.64
N SER A 46 1.82 20.14 -1.15
CA SER A 46 1.00 21.06 -0.37
C SER A 46 -0.08 20.29 0.40
N GLN A 47 -0.90 20.99 1.18
CA GLN A 47 -1.87 20.33 2.05
C GLN A 47 -3.06 19.78 1.26
N GLU A 48 -3.72 20.65 0.51
CA GLU A 48 -4.87 20.22 -0.29
C GLU A 48 -4.40 19.31 -1.41
N ALA A 49 -3.13 19.45 -1.77
CA ALA A 49 -2.50 18.59 -2.74
C ALA A 49 -2.28 17.19 -2.16
N LEU A 50 -2.19 17.09 -0.84
CA LEU A 50 -2.06 15.81 -0.16
C LEU A 50 -3.31 14.97 -0.38
N HIS A 51 -4.47 15.58 -0.18
CA HIS A 51 -5.74 14.94 -0.49
C HIS A 51 -5.70 14.35 -1.89
N THR A 52 -5.33 15.20 -2.85
CA THR A 52 -5.23 14.79 -4.24
C THR A 52 -4.20 13.67 -4.43
N GLN A 53 -3.01 13.87 -3.88
CA GLN A 53 -1.91 12.91 -4.00
C GLN A 53 -2.35 11.53 -3.54
N MET A 54 -2.82 11.45 -2.31
CA MET A 54 -3.11 10.17 -1.68
C MET A 54 -4.36 9.53 -2.29
N LEU A 55 -5.43 10.31 -2.41
CA LEU A 55 -6.70 9.79 -2.94
C LEU A 55 -6.49 9.18 -4.34
N THR A 56 -5.81 9.91 -5.21
CA THR A 56 -5.59 9.44 -6.58
C THR A 56 -4.79 8.14 -6.60
N ALA A 57 -3.76 8.06 -5.76
CA ALA A 57 -2.91 6.88 -5.70
C ALA A 57 -3.70 5.67 -5.21
N VAL A 58 -4.49 5.86 -4.15
CA VAL A 58 -5.22 4.77 -3.53
C VAL A 58 -6.22 4.19 -4.51
N GLN A 59 -6.88 5.06 -5.26
CA GLN A 59 -7.82 4.65 -6.27
C GLN A 59 -7.14 3.80 -7.33
N GLU A 60 -6.01 4.30 -7.85
CA GLU A 60 -5.27 3.59 -8.89
C GLU A 60 -4.71 2.27 -8.38
N ILE A 61 -4.46 2.18 -7.09
CA ILE A 61 -4.07 0.92 -6.48
C ILE A 61 -5.22 -0.06 -6.54
N SER A 62 -6.37 0.35 -6.01
CA SER A 62 -7.58 -0.47 -6.02
C SER A 62 -7.90 -0.90 -7.46
N HIS A 63 -7.70 0.04 -8.37
CA HIS A 63 -7.87 -0.20 -9.81
C HIS A 63 -7.11 -1.46 -10.24
N LEU A 64 -5.88 -1.60 -9.78
CA LEU A 64 -5.05 -2.74 -10.18
C LEU A 64 -5.17 -3.92 -9.20
N ILE A 65 -5.68 -3.69 -7.99
CA ILE A 65 -5.76 -4.74 -6.97
C ILE A 65 -6.63 -5.90 -7.47
N GLU A 66 -7.79 -5.57 -8.02
CA GLU A 66 -8.70 -6.60 -8.53
C GLU A 66 -8.02 -7.47 -9.60
N PRO A 67 -7.52 -6.87 -10.72
CA PRO A 67 -6.84 -7.62 -11.77
C PRO A 67 -5.62 -8.38 -11.25
N LEU A 68 -4.90 -7.80 -10.30
CA LEU A 68 -3.72 -8.45 -9.75
C LEU A 68 -4.11 -9.74 -9.03
N ALA A 69 -5.15 -9.66 -8.21
CA ALA A 69 -5.62 -10.84 -7.47
C ALA A 69 -6.06 -11.94 -8.42
N SER A 70 -6.68 -11.54 -9.52
CA SER A 70 -7.13 -12.49 -10.54
C SER A 70 -5.92 -13.05 -11.29
N ALA A 71 -4.98 -12.18 -11.63
CA ALA A 71 -3.78 -12.58 -12.34
C ALA A 71 -2.94 -13.51 -11.49
N ALA A 72 -2.68 -13.11 -10.26
CA ALA A 72 -1.79 -13.86 -9.36
C ALA A 72 -2.18 -15.33 -9.25
N ARG A 73 -3.47 -15.59 -9.12
CA ARG A 73 -3.95 -16.94 -8.81
C ARG A 73 -3.83 -17.89 -10.00
N ALA A 74 -3.59 -17.36 -11.19
CA ALA A 74 -3.59 -18.20 -12.38
C ALA A 74 -2.55 -17.75 -13.41
N GLU A 75 -2.53 -16.46 -13.73
CA GLU A 75 -1.55 -15.92 -14.67
C GLU A 75 -0.21 -15.68 -13.96
N ALA A 76 0.80 -15.31 -14.73
CA ALA A 76 2.12 -15.04 -14.17
C ALA A 76 2.83 -13.95 -14.94
N SER A 77 3.00 -14.16 -16.24
CA SER A 77 3.70 -13.20 -17.09
C SER A 77 2.94 -11.88 -17.19
N GLN A 78 1.67 -11.90 -16.79
CA GLN A 78 0.87 -10.69 -16.74
C GLN A 78 0.92 -10.10 -15.35
N LEU A 79 1.07 -10.99 -14.38
CA LEU A 79 1.07 -10.65 -12.96
C LEU A 79 2.23 -9.73 -12.59
N GLY A 80 3.41 -10.08 -13.07
CA GLY A 80 4.61 -9.30 -12.77
C GLY A 80 4.43 -7.81 -12.99
N HIS A 81 3.69 -7.47 -14.04
CA HIS A 81 3.45 -6.06 -14.39
C HIS A 81 2.50 -5.39 -13.39
N LYS A 82 1.64 -6.18 -12.75
CA LYS A 82 0.69 -5.64 -11.78
C LYS A 82 1.42 -5.24 -10.52
N VAL A 83 2.35 -6.09 -10.11
CA VAL A 83 3.14 -5.87 -8.90
C VAL A 83 3.93 -4.58 -8.99
N SER A 84 4.56 -4.37 -10.15
CA SER A 84 5.33 -3.16 -10.41
C SER A 84 4.46 -1.92 -10.22
N GLN A 85 3.22 -2.01 -10.70
CA GLN A 85 2.27 -0.90 -10.61
C GLN A 85 1.87 -0.61 -9.17
N MET A 86 1.52 -1.67 -8.43
CA MET A 86 1.01 -1.49 -7.08
C MET A 86 2.05 -0.85 -6.17
N ALA A 87 3.29 -1.30 -6.28
CA ALA A 87 4.36 -0.85 -5.41
C ALA A 87 4.73 0.60 -5.67
N GLN A 88 4.55 1.04 -6.91
CA GLN A 88 4.97 2.37 -7.32
C GLN A 88 4.04 3.44 -6.72
N TYR A 89 2.78 3.10 -6.51
CA TYR A 89 1.82 4.05 -5.93
C TYR A 89 2.00 4.18 -4.44
N PHE A 90 2.45 3.10 -3.80
CA PHE A 90 2.61 3.08 -2.36
C PHE A 90 3.77 3.95 -1.89
N GLU A 91 4.73 4.18 -2.76
CA GLU A 91 5.87 5.01 -2.41
C GLU A 91 5.44 6.46 -2.11
N PRO A 92 4.78 7.17 -3.07
CA PRO A 92 4.25 8.51 -2.81
C PRO A 92 3.24 8.51 -1.68
N LEU A 93 2.41 7.46 -1.60
CA LEU A 93 1.42 7.35 -0.54
C LEU A 93 2.09 7.43 0.82
N THR A 94 3.14 6.65 0.99
CA THR A 94 3.93 6.67 2.21
C THR A 94 4.41 8.09 2.51
N LEU A 95 5.12 8.70 1.56
CA LEU A 95 5.69 10.02 1.76
C LEU A 95 4.60 11.07 1.94
N ALA A 96 3.49 10.90 1.24
CA ALA A 96 2.36 11.80 1.35
C ALA A 96 1.72 11.69 2.73
N ALA A 97 1.60 10.45 3.21
CA ALA A 97 1.06 10.20 4.54
C ALA A 97 1.99 10.76 5.62
N VAL A 98 3.29 10.59 5.43
CA VAL A 98 4.26 11.16 6.33
C VAL A 98 4.15 12.68 6.34
N GLY A 99 3.95 13.25 5.15
CA GLY A 99 3.70 14.67 5.04
C GLY A 99 2.48 15.09 5.83
N ALA A 100 1.39 14.35 5.65
CA ALA A 100 0.15 14.59 6.38
C ALA A 100 0.37 14.49 7.88
N ALA A 101 1.24 13.57 8.29
CA ALA A 101 1.60 13.43 9.69
C ALA A 101 2.17 14.72 10.25
N SER A 102 2.92 15.41 9.42
CA SER A 102 3.57 16.62 9.86
C SER A 102 2.62 17.82 9.79
N LYS A 103 2.08 18.06 8.60
CA LYS A 103 1.40 19.32 8.32
C LYS A 103 -0.09 19.31 8.61
N THR A 104 -0.67 18.16 8.88
CA THR A 104 -2.08 18.10 9.23
C THR A 104 -2.24 18.37 10.72
N LEU A 105 -2.79 19.52 11.07
CA LEU A 105 -2.91 19.94 12.46
C LEU A 105 -4.01 19.15 13.15
N SER A 106 -4.96 18.65 12.36
CA SER A 106 -6.02 17.80 12.88
C SER A 106 -5.42 16.45 13.31
N HIS A 107 -5.01 16.37 14.56
CA HIS A 107 -4.25 15.23 15.08
C HIS A 107 -4.92 13.88 14.82
N PRO A 108 -6.20 13.68 15.26
CA PRO A 108 -6.88 12.39 15.12
C PRO A 108 -7.06 11.96 13.66
N GLN A 109 -6.97 12.91 12.73
CA GLN A 109 -7.09 12.59 11.31
C GLN A 109 -5.70 12.42 10.71
N GLN A 110 -4.79 13.28 11.13
CA GLN A 110 -3.38 13.23 10.77
C GLN A 110 -2.82 11.84 11.03
N MET A 111 -2.93 11.40 12.27
CA MET A 111 -2.40 10.10 12.67
C MET A 111 -3.22 8.97 12.07
N ALA A 112 -4.50 9.23 11.84
CA ALA A 112 -5.39 8.19 11.33
C ALA A 112 -4.97 7.75 9.94
N LEU A 113 -4.87 8.70 9.00
CA LEU A 113 -4.55 8.36 7.63
C LEU A 113 -3.09 7.93 7.52
N LEU A 114 -2.27 8.47 8.42
CA LEU A 114 -0.87 8.04 8.51
C LEU A 114 -0.81 6.55 8.81
N ASP A 115 -1.50 6.14 9.86
CA ASP A 115 -1.55 4.74 10.27
C ASP A 115 -2.30 3.88 9.25
N GLN A 116 -3.35 4.45 8.66
CA GLN A 116 -4.16 3.72 7.68
C GLN A 116 -3.38 3.47 6.38
N THR A 117 -2.53 4.43 6.00
CA THR A 117 -1.65 4.23 4.84
C THR A 117 -0.72 3.06 5.12
N LYS A 118 -0.24 3.01 6.35
CA LYS A 118 0.62 1.92 6.80
C LYS A 118 -0.17 0.60 6.82
N THR A 119 -1.40 0.66 7.31
CA THR A 119 -2.30 -0.48 7.29
C THR A 119 -2.46 -1.01 5.86
N LEU A 120 -2.76 -0.10 4.93
CA LEU A 120 -2.92 -0.46 3.53
C LEU A 120 -1.61 -0.97 2.94
N ALA A 121 -0.50 -0.38 3.39
CA ALA A 121 0.82 -0.79 2.92
C ALA A 121 1.15 -2.20 3.40
N GLU A 122 0.84 -2.51 4.65
CA GLU A 122 1.04 -3.85 5.17
C GLU A 122 0.07 -4.83 4.52
N SER A 123 -1.12 -4.33 4.21
CA SER A 123 -2.09 -5.12 3.46
C SER A 123 -1.53 -5.44 2.08
N ALA A 124 -0.96 -4.43 1.43
CA ALA A 124 -0.33 -4.61 0.13
C ALA A 124 0.89 -5.51 0.25
N LEU A 125 1.58 -5.41 1.37
CA LEU A 125 2.74 -6.26 1.60
C LEU A 125 2.30 -7.70 1.70
N GLN A 126 1.24 -7.95 2.47
CA GLN A 126 0.65 -9.27 2.55
C GLN A 126 0.15 -9.71 1.18
N LEU A 127 -0.36 -8.75 0.42
CA LEU A 127 -0.78 -9.00 -0.95
C LEU A 127 0.41 -9.42 -1.80
N LEU A 128 1.49 -8.64 -1.78
CA LEU A 128 2.69 -8.99 -2.52
C LEU A 128 3.27 -10.31 -2.02
N TYR A 129 3.18 -10.56 -0.71
CA TYR A 129 3.61 -11.83 -0.14
C TYR A 129 2.84 -13.00 -0.74
N THR A 130 1.52 -12.89 -0.72
CA THR A 130 0.66 -13.95 -1.22
C THR A 130 0.75 -14.07 -2.74
N ALA A 131 0.87 -12.93 -3.41
CA ALA A 131 1.01 -12.91 -4.85
C ALA A 131 2.35 -13.52 -5.27
N LYS A 132 3.33 -13.45 -4.39
CA LYS A 132 4.64 -14.04 -4.66
C LYS A 132 4.54 -15.56 -4.65
N GLU A 133 3.79 -16.08 -3.69
CA GLU A 133 3.60 -17.52 -3.56
C GLU A 133 2.63 -18.05 -4.60
N ALA A 134 1.49 -17.39 -4.76
CA ALA A 134 0.42 -17.87 -5.62
C ALA A 134 0.66 -17.49 -7.08
N GLY A 135 1.53 -16.50 -7.30
CA GLY A 135 1.71 -15.93 -8.63
C GLY A 135 2.03 -16.94 -9.71
N GLY A 136 0.99 -17.37 -10.43
CA GLY A 136 1.17 -18.34 -11.48
C GLY A 136 1.46 -19.71 -10.92
N ASN A 137 1.23 -19.83 -9.63
CA ASN A 137 1.55 -21.03 -8.88
C ASN A 137 0.33 -21.44 -8.04
N PRO A 138 -0.65 -22.10 -8.68
CA PRO A 138 -1.90 -22.48 -8.03
C PRO A 138 -1.82 -23.82 -7.31
N LYS A 139 -0.75 -24.57 -7.56
CA LYS A 139 -0.60 -25.90 -7.01
C LYS A 139 0.24 -25.89 -5.75
N GLN A 140 1.42 -25.27 -5.83
CA GLN A 140 2.35 -25.21 -4.70
C GLN A 140 1.92 -24.17 -3.68
N ALA A 141 0.67 -23.76 -3.74
CA ALA A 141 0.11 -22.80 -2.80
C ALA A 141 -1.22 -23.28 -2.28
N ALA A 142 -1.33 -23.37 -0.95
CA ALA A 142 -2.56 -23.83 -0.32
C ALA A 142 -3.16 -22.71 0.53
N HIS A 143 -2.49 -22.39 1.63
CA HIS A 143 -2.93 -21.30 2.50
C HIS A 143 -2.80 -19.96 1.79
N THR A 144 -1.91 -19.91 0.81
CA THR A 144 -1.68 -18.71 0.04
C THR A 144 -2.92 -18.35 -0.76
N GLN A 145 -3.60 -19.38 -1.27
CA GLN A 145 -4.81 -19.17 -2.04
C GLN A 145 -5.88 -18.49 -1.19
N GLU A 146 -6.05 -19.01 0.01
CA GLU A 146 -7.05 -18.49 0.94
C GLU A 146 -6.67 -17.07 1.37
N ALA A 147 -5.38 -16.86 1.61
CA ALA A 147 -4.90 -15.58 2.11
C ALA A 147 -4.87 -14.52 1.02
N LEU A 148 -4.67 -14.93 -0.23
CA LEU A 148 -4.70 -13.99 -1.35
C LEU A 148 -6.10 -13.38 -1.47
N GLU A 149 -7.10 -14.10 -0.99
CA GLU A 149 -8.47 -13.61 -1.00
C GLU A 149 -8.65 -12.58 0.09
N GLU A 150 -8.17 -12.90 1.28
CA GLU A 150 -8.22 -11.98 2.39
C GLU A 150 -7.41 -10.71 2.10
N ALA A 151 -6.31 -10.89 1.36
CA ALA A 151 -5.46 -9.78 0.99
C ALA A 151 -6.19 -8.80 0.06
N VAL A 152 -6.81 -9.31 -0.99
CA VAL A 152 -7.51 -8.46 -1.95
C VAL A 152 -8.69 -7.75 -1.29
N GLN A 153 -9.38 -8.46 -0.39
CA GLN A 153 -10.49 -7.87 0.34
C GLN A 153 -9.99 -6.80 1.31
N MET A 154 -8.89 -7.12 2.00
CA MET A 154 -8.31 -6.22 2.97
C MET A 154 -7.91 -4.91 2.32
N MET A 155 -7.18 -4.98 1.20
CA MET A 155 -6.78 -3.77 0.49
C MET A 155 -7.98 -2.98 0.04
N THR A 156 -8.89 -3.63 -0.65
CA THR A 156 -10.07 -2.97 -1.21
C THR A 156 -10.84 -2.20 -0.13
N GLU A 157 -11.02 -2.84 1.02
CA GLU A 157 -11.73 -2.23 2.12
C GLU A 157 -10.90 -1.12 2.76
N ALA A 158 -9.58 -1.28 2.71
CA ALA A 158 -8.66 -0.28 3.27
C ALA A 158 -8.55 0.90 2.33
N VAL A 159 -8.76 0.63 1.05
CA VAL A 159 -8.80 1.67 0.02
C VAL A 159 -9.87 2.69 0.36
N GLU A 160 -11.07 2.21 0.64
CA GLU A 160 -12.16 3.07 1.08
C GLU A 160 -11.82 3.70 2.41
N ASP A 161 -11.18 2.91 3.26
CA ASP A 161 -10.85 3.31 4.62
C ASP A 161 -9.96 4.55 4.65
N LEU A 162 -8.81 4.47 4.00
CA LEU A 162 -7.87 5.60 3.96
C LEU A 162 -8.51 6.78 3.22
N THR A 163 -9.13 6.48 2.09
CA THR A 163 -9.80 7.49 1.28
C THR A 163 -10.79 8.30 2.10
N THR A 164 -11.49 7.63 3.02
CA THR A 164 -12.45 8.31 3.89
C THR A 164 -11.78 9.43 4.67
N THR A 165 -10.70 9.11 5.38
CA THR A 165 -9.97 10.09 6.17
C THR A 165 -9.46 11.23 5.30
N LEU A 166 -8.96 10.88 4.12
CA LEU A 166 -8.44 11.84 3.17
C LEU A 166 -9.55 12.77 2.67
N ASN A 167 -10.69 12.19 2.34
CA ASN A 167 -11.80 12.94 1.80
C ASN A 167 -12.48 13.78 2.88
N GLU A 168 -12.35 13.37 4.13
CA GLU A 168 -12.84 14.16 5.25
C GLU A 168 -11.89 15.30 5.50
N ALA A 169 -10.60 15.02 5.28
CA ALA A 169 -9.53 15.99 5.47
C ALA A 169 -9.73 17.24 4.62
N ALA A 170 -10.60 17.15 3.62
CA ALA A 170 -10.95 18.31 2.82
C ALA A 170 -11.49 19.42 3.72
N SER A 171 -12.53 19.12 4.48
CA SER A 171 -13.07 20.07 5.43
C SER A 171 -12.40 19.90 6.80
N ALA A 172 -11.82 18.73 7.02
CA ALA A 172 -11.18 18.41 8.29
C ALA A 172 -9.87 19.16 8.48
N ALA A 173 -9.00 19.09 7.48
CA ALA A 173 -7.66 19.67 7.60
C ALA A 173 -7.53 20.99 6.85
N GLY A 174 -8.36 21.18 5.84
CA GLY A 174 -8.26 22.39 5.04
C GLY A 174 -9.17 23.49 5.54
N GLY A 1 8.02 -21.93 5.65
CA GLY A 1 8.67 -22.83 4.67
C GLY A 1 9.70 -22.12 3.82
N ILE A 2 10.16 -22.77 2.77
CA ILE A 2 11.14 -22.19 1.85
C ILE A 2 10.43 -21.40 0.76
N ASP A 3 11.09 -21.22 -0.38
CA ASP A 3 10.46 -20.55 -1.52
C ASP A 3 9.60 -21.55 -2.30
N PRO A 4 8.28 -21.40 -2.21
CA PRO A 4 7.33 -22.29 -2.85
C PRO A 4 6.89 -21.77 -4.22
N PHE A 5 7.55 -20.73 -4.68
CA PHE A 5 7.16 -20.06 -5.90
C PHE A 5 8.16 -20.34 -7.00
N THR A 6 7.66 -20.41 -8.21
CA THR A 6 8.48 -20.56 -9.40
C THR A 6 7.70 -20.08 -10.62
N ALA A 7 7.85 -18.79 -10.95
CA ALA A 7 7.10 -18.20 -12.05
C ALA A 7 7.65 -16.83 -12.41
N PRO A 8 7.48 -16.43 -13.68
CA PRO A 8 7.82 -15.08 -14.15
C PRO A 8 7.01 -14.02 -13.43
N GLY A 9 7.64 -13.29 -12.54
CA GLY A 9 6.93 -12.27 -11.80
C GLY A 9 7.23 -12.34 -10.33
N GLN A 10 7.67 -13.50 -9.88
CA GLN A 10 7.92 -13.73 -8.46
C GLN A 10 9.11 -12.90 -7.98
N LEU A 11 10.06 -12.68 -8.88
CA LEU A 11 11.18 -11.80 -8.58
C LEU A 11 10.66 -10.39 -8.28
N GLU A 12 9.84 -9.88 -9.19
CA GLU A 12 9.24 -8.55 -9.05
C GLU A 12 8.42 -8.47 -7.76
N CYS A 13 7.76 -9.56 -7.43
CA CYS A 13 6.95 -9.63 -6.22
C CYS A 13 7.81 -9.48 -4.98
N GLU A 14 8.84 -10.31 -4.87
CA GLU A 14 9.68 -10.33 -3.68
C GLU A 14 10.49 -9.05 -3.54
N THR A 15 11.04 -8.56 -4.65
CA THR A 15 11.85 -7.36 -4.60
C THR A 15 10.98 -6.13 -4.28
N ALA A 16 9.73 -6.16 -4.70
CA ALA A 16 8.78 -5.09 -4.37
C ALA A 16 8.42 -5.15 -2.90
N ILE A 17 8.34 -6.37 -2.37
CA ILE A 17 8.09 -6.58 -0.96
C ILE A 17 9.14 -5.89 -0.10
N ALA A 18 10.40 -5.99 -0.51
CA ALA A 18 11.49 -5.38 0.22
C ALA A 18 11.36 -3.86 0.24
N ALA A 19 10.88 -3.29 -0.86
CA ALA A 19 10.71 -1.85 -0.97
C ALA A 19 9.47 -1.42 -0.22
N LEU A 20 8.40 -2.19 -0.36
CA LEU A 20 7.14 -1.93 0.33
C LEU A 20 7.33 -2.07 1.83
N ASN A 21 8.20 -3.00 2.22
CA ASN A 21 8.56 -3.19 3.62
C ASN A 21 9.17 -1.92 4.16
N SER A 22 10.04 -1.31 3.36
CA SER A 22 10.66 -0.05 3.71
C SER A 22 9.61 1.04 3.88
N CYS A 23 8.64 1.10 2.98
CA CYS A 23 7.58 2.09 3.06
C CYS A 23 6.77 1.89 4.34
N LEU A 24 6.56 0.62 4.67
CA LEU A 24 5.87 0.26 5.91
C LEU A 24 6.67 0.77 7.12
N ARG A 25 7.98 0.60 7.07
CA ARG A 25 8.84 1.03 8.17
C ARG A 25 8.90 2.55 8.23
N ASP A 26 9.01 3.19 7.06
CA ASP A 26 9.04 4.65 6.99
C ASP A 26 7.76 5.24 7.57
N LEU A 27 6.62 4.63 7.23
CA LEU A 27 5.33 5.06 7.75
C LEU A 27 5.23 4.82 9.25
N ASP A 28 5.72 3.68 9.70
CA ASP A 28 5.70 3.33 11.11
C ASP A 28 6.55 4.31 11.92
N GLN A 29 7.70 4.66 11.36
CA GLN A 29 8.59 5.60 12.02
C GLN A 29 8.06 7.03 11.91
N ALA A 30 7.34 7.30 10.83
CA ALA A 30 6.65 8.59 10.67
C ALA A 30 5.63 8.78 11.77
N SER A 31 4.84 7.73 12.04
CA SER A 31 3.87 7.74 13.11
C SER A 31 4.53 8.15 14.43
N LEU A 32 5.64 7.48 14.74
CA LEU A 32 6.41 7.79 15.95
C LEU A 32 6.89 9.24 15.94
N ALA A 33 7.54 9.62 14.84
CA ALA A 33 8.12 10.95 14.72
C ALA A 33 7.04 12.04 14.75
N ALA A 34 5.86 11.73 14.24
CA ALA A 34 4.75 12.68 14.23
C ALA A 34 4.30 12.98 15.65
N VAL A 35 4.28 11.95 16.49
CA VAL A 35 3.86 12.11 17.88
C VAL A 35 4.82 13.03 18.64
N SER A 36 6.11 12.79 18.49
CA SER A 36 7.11 13.58 19.18
C SER A 36 7.47 14.83 18.37
N GLN A 37 6.79 15.02 17.24
CA GLN A 37 6.98 16.18 16.39
C GLN A 37 8.43 16.29 15.92
N GLN A 38 8.89 15.26 15.24
CA GLN A 38 10.26 15.18 14.76
C GLN A 38 10.31 15.31 13.24
N LEU A 39 9.15 15.23 12.60
CA LEU A 39 9.10 15.22 11.15
C LEU A 39 9.33 16.60 10.56
N ALA A 40 10.24 16.67 9.60
CA ALA A 40 10.47 17.88 8.82
C ALA A 40 9.31 18.07 7.85
N PRO A 41 9.13 19.30 7.30
CA PRO A 41 8.01 19.61 6.40
C PRO A 41 7.79 18.57 5.30
N ARG A 42 6.55 18.48 4.83
CA ARG A 42 6.13 17.49 3.84
C ARG A 42 6.98 17.52 2.56
N GLU A 43 6.74 16.54 1.70
CA GLU A 43 7.45 16.42 0.42
C GLU A 43 6.95 17.42 -0.61
N GLY A 44 7.19 18.71 -0.34
CA GLY A 44 6.82 19.79 -1.25
C GLY A 44 5.40 19.67 -1.80
N ILE A 45 4.42 19.70 -0.91
CA ILE A 45 3.04 19.50 -1.30
C ILE A 45 2.08 20.31 -0.42
N SER A 46 1.03 20.84 -1.02
CA SER A 46 0.04 21.61 -0.30
C SER A 46 -0.97 20.67 0.38
N GLN A 47 -1.79 21.22 1.27
CA GLN A 47 -2.69 20.42 2.09
C GLN A 47 -3.78 19.75 1.25
N GLU A 48 -4.38 20.49 0.33
CA GLU A 48 -5.41 19.93 -0.54
C GLU A 48 -4.80 18.95 -1.51
N ALA A 49 -3.59 19.25 -1.98
CA ALA A 49 -2.87 18.36 -2.86
C ALA A 49 -2.56 17.05 -2.14
N LEU A 50 -2.28 17.15 -0.84
CA LEU A 50 -2.12 15.98 0.01
C LEU A 50 -3.37 15.13 -0.01
N HIS A 51 -4.52 15.78 0.08
CA HIS A 51 -5.81 15.08 0.08
C HIS A 51 -6.01 14.37 -1.26
N THR A 52 -5.68 15.07 -2.34
CA THR A 52 -5.88 14.54 -3.68
C THR A 52 -4.84 13.47 -4.03
N GLN A 53 -3.56 13.76 -3.81
CA GLN A 53 -2.48 12.84 -4.19
C GLN A 53 -2.70 11.47 -3.57
N MET A 54 -3.06 11.47 -2.30
CA MET A 54 -3.36 10.24 -1.59
C MET A 54 -4.54 9.53 -2.24
N LEU A 55 -5.64 10.27 -2.40
CA LEU A 55 -6.88 9.71 -2.95
C LEU A 55 -6.64 9.10 -4.34
N THR A 56 -6.01 9.85 -5.22
CA THR A 56 -5.77 9.41 -6.59
C THR A 56 -4.98 8.09 -6.62
N ALA A 57 -3.91 8.03 -5.84
CA ALA A 57 -3.07 6.84 -5.80
C ALA A 57 -3.84 5.63 -5.29
N VAL A 58 -4.56 5.82 -4.18
CA VAL A 58 -5.32 4.74 -3.56
C VAL A 58 -6.30 4.11 -4.56
N GLN A 59 -7.01 4.94 -5.30
CA GLN A 59 -7.95 4.46 -6.31
C GLN A 59 -7.22 3.68 -7.39
N GLU A 60 -6.11 4.23 -7.87
CA GLU A 60 -5.31 3.59 -8.90
C GLU A 60 -4.82 2.22 -8.44
N ILE A 61 -4.43 2.15 -7.16
CA ILE A 61 -4.02 0.90 -6.57
C ILE A 61 -5.17 -0.08 -6.55
N SER A 62 -6.30 0.33 -5.99
CA SER A 62 -7.49 -0.52 -5.89
C SER A 62 -7.84 -1.12 -7.25
N HIS A 63 -7.75 -0.30 -8.28
CA HIS A 63 -8.06 -0.73 -9.63
C HIS A 63 -7.13 -1.82 -10.11
N LEU A 64 -5.88 -1.81 -9.63
CA LEU A 64 -4.92 -2.83 -10.02
C LEU A 64 -4.92 -4.01 -9.05
N ILE A 65 -5.45 -3.79 -7.84
CA ILE A 65 -5.48 -4.83 -6.81
C ILE A 65 -6.30 -6.02 -7.27
N GLU A 66 -7.46 -5.74 -7.84
CA GLU A 66 -8.36 -6.79 -8.33
C GLU A 66 -7.68 -7.64 -9.41
N PRO A 67 -7.18 -7.03 -10.52
CA PRO A 67 -6.48 -7.77 -11.57
C PRO A 67 -5.21 -8.45 -11.07
N LEU A 68 -4.56 -7.88 -10.06
CA LEU A 68 -3.36 -8.47 -9.49
C LEU A 68 -3.70 -9.80 -8.83
N ALA A 69 -4.73 -9.79 -7.98
CA ALA A 69 -5.19 -11.01 -7.33
C ALA A 69 -5.59 -12.05 -8.38
N SER A 70 -6.32 -11.59 -9.38
CA SER A 70 -6.71 -12.42 -10.51
C SER A 70 -5.50 -13.05 -11.19
N ALA A 71 -4.52 -12.23 -11.51
CA ALA A 71 -3.32 -12.70 -12.18
C ALA A 71 -2.53 -13.64 -11.27
N ALA A 72 -2.26 -13.20 -10.06
CA ALA A 72 -1.40 -13.93 -9.13
C ALA A 72 -1.84 -15.38 -8.93
N ARG A 73 -3.13 -15.60 -8.78
CA ARG A 73 -3.66 -16.92 -8.44
C ARG A 73 -3.57 -17.91 -9.60
N ALA A 74 -3.30 -17.42 -10.81
CA ALA A 74 -3.27 -18.30 -11.99
C ALA A 74 -2.15 -17.93 -12.94
N GLU A 75 -2.20 -16.70 -13.46
CA GLU A 75 -1.21 -16.22 -14.43
C GLU A 75 0.07 -15.78 -13.74
N ALA A 76 1.05 -15.36 -14.53
CA ALA A 76 2.34 -14.95 -13.97
C ALA A 76 2.93 -13.78 -14.73
N SER A 77 3.03 -13.92 -16.05
CA SER A 77 3.73 -12.94 -16.87
C SER A 77 3.13 -11.54 -16.73
N GLN A 78 1.81 -11.47 -16.53
CA GLN A 78 1.14 -10.17 -16.41
C GLN A 78 1.11 -9.74 -14.96
N LEU A 79 1.24 -10.72 -14.08
CA LEU A 79 1.23 -10.50 -12.63
C LEU A 79 2.36 -9.56 -12.21
N GLY A 80 3.55 -9.83 -12.72
CA GLY A 80 4.70 -8.98 -12.42
C GLY A 80 4.45 -7.52 -12.70
N HIS A 81 3.67 -7.24 -13.73
CA HIS A 81 3.35 -5.87 -14.12
C HIS A 81 2.43 -5.22 -13.08
N LYS A 82 1.50 -6.02 -12.55
CA LYS A 82 0.59 -5.55 -11.52
C LYS A 82 1.39 -5.12 -10.29
N VAL A 83 2.26 -6.02 -9.84
CA VAL A 83 3.08 -5.80 -8.66
C VAL A 83 3.95 -4.55 -8.80
N SER A 84 4.61 -4.43 -9.95
CA SER A 84 5.46 -3.29 -10.22
C SER A 84 4.70 -1.97 -10.09
N GLN A 85 3.44 -1.98 -10.52
CA GLN A 85 2.61 -0.78 -10.43
C GLN A 85 2.16 -0.52 -9.00
N MET A 86 1.71 -1.57 -8.31
CA MET A 86 1.18 -1.42 -6.96
C MET A 86 2.20 -0.82 -6.01
N ALA A 87 3.43 -1.34 -6.06
CA ALA A 87 4.48 -0.91 -5.16
C ALA A 87 4.91 0.52 -5.49
N GLN A 88 4.72 0.85 -6.75
CA GLN A 88 5.08 2.17 -7.27
C GLN A 88 4.16 3.25 -6.70
N TYR A 89 2.87 2.94 -6.52
CA TYR A 89 1.92 3.91 -6.00
C TYR A 89 2.04 4.08 -4.50
N PHE A 90 2.54 3.05 -3.83
CA PHE A 90 2.69 3.09 -2.39
C PHE A 90 3.83 4.01 -1.96
N GLU A 91 4.77 4.25 -2.86
CA GLU A 91 5.87 5.16 -2.57
C GLU A 91 5.36 6.59 -2.28
N PRO A 92 4.63 7.24 -3.23
CA PRO A 92 4.05 8.56 -2.99
C PRO A 92 3.08 8.55 -1.82
N LEU A 93 2.28 7.49 -1.69
CA LEU A 93 1.33 7.40 -0.58
C LEU A 93 2.03 7.48 0.76
N THR A 94 3.10 6.71 0.90
CA THR A 94 3.93 6.78 2.08
C THR A 94 4.40 8.22 2.32
N LEU A 95 5.01 8.83 1.32
CA LEU A 95 5.55 10.18 1.44
C LEU A 95 4.44 11.20 1.67
N ALA A 96 3.32 11.02 1.00
CA ALA A 96 2.18 11.92 1.12
C ALA A 96 1.56 11.80 2.52
N ALA A 97 1.48 10.57 3.03
CA ALA A 97 0.97 10.34 4.37
C ALA A 97 1.91 10.93 5.42
N VAL A 98 3.21 10.70 5.25
CA VAL A 98 4.19 11.29 6.16
C VAL A 98 4.19 12.81 6.02
N GLY A 99 3.88 13.28 4.82
CA GLY A 99 3.71 14.69 4.59
C GLY A 99 2.55 15.25 5.38
N ALA A 100 1.41 14.57 5.32
CA ALA A 100 0.25 14.95 6.12
C ALA A 100 0.54 14.86 7.61
N ALA A 101 1.32 13.85 7.99
CA ALA A 101 1.74 13.69 9.37
C ALA A 101 2.48 14.92 9.86
N SER A 102 3.36 15.43 9.02
CA SER A 102 4.19 16.54 9.40
C SER A 102 3.46 17.88 9.24
N LYS A 103 2.65 17.97 8.19
CA LYS A 103 2.03 19.23 7.79
C LYS A 103 0.66 19.46 8.42
N THR A 104 -0.13 18.42 8.53
CA THR A 104 -1.48 18.53 9.04
C THR A 104 -1.48 18.68 10.56
N LEU A 105 -1.88 19.85 11.05
CA LEU A 105 -1.93 20.10 12.49
C LEU A 105 -3.11 19.38 13.12
N SER A 106 -4.10 19.04 12.30
CA SER A 106 -5.23 18.27 12.76
C SER A 106 -4.78 16.85 13.11
N HIS A 107 -4.41 16.66 14.37
CA HIS A 107 -3.75 15.43 14.82
C HIS A 107 -4.55 14.16 14.50
N PRO A 108 -5.86 14.09 14.82
CA PRO A 108 -6.69 12.91 14.51
C PRO A 108 -6.56 12.48 13.06
N GLN A 109 -6.91 13.38 12.13
CA GLN A 109 -6.87 13.06 10.71
C GLN A 109 -5.45 12.77 10.26
N GLN A 110 -4.52 13.59 10.74
CA GLN A 110 -3.10 13.46 10.46
C GLN A 110 -2.63 12.04 10.76
N MET A 111 -2.83 11.62 12.00
CA MET A 111 -2.35 10.32 12.45
C MET A 111 -3.19 9.19 11.86
N ALA A 112 -4.46 9.46 11.62
CA ALA A 112 -5.34 8.44 11.09
C ALA A 112 -4.93 8.02 9.69
N LEU A 113 -4.80 8.97 8.78
CA LEU A 113 -4.47 8.63 7.40
C LEU A 113 -3.02 8.15 7.33
N LEU A 114 -2.20 8.68 8.22
CA LEU A 114 -0.81 8.23 8.34
C LEU A 114 -0.76 6.74 8.69
N ASP A 115 -1.44 6.39 9.76
CA ASP A 115 -1.47 5.01 10.25
C ASP A 115 -2.19 4.09 9.27
N GLN A 116 -3.28 4.58 8.69
CA GLN A 116 -4.07 3.79 7.76
C GLN A 116 -3.34 3.55 6.44
N THR A 117 -2.48 4.49 6.04
CA THR A 117 -1.62 4.27 4.87
C THR A 117 -0.64 3.15 5.17
N LYS A 118 -0.12 3.18 6.38
CA LYS A 118 0.75 2.13 6.88
C LYS A 118 0.01 0.79 6.94
N THR A 119 -1.25 0.85 7.39
CA THR A 119 -2.11 -0.32 7.39
C THR A 119 -2.32 -0.84 5.97
N LEU A 120 -2.51 0.08 5.02
CA LEU A 120 -2.66 -0.28 3.63
C LEU A 120 -1.35 -0.88 3.11
N ALA A 121 -0.23 -0.37 3.61
CA ALA A 121 1.08 -0.92 3.27
C ALA A 121 1.20 -2.34 3.79
N GLU A 122 0.74 -2.57 5.03
CA GLU A 122 0.70 -3.92 5.59
C GLU A 122 -0.20 -4.82 4.75
N SER A 123 -1.32 -4.25 4.31
CA SER A 123 -2.26 -4.98 3.46
C SER A 123 -1.61 -5.34 2.13
N ALA A 124 -0.92 -4.37 1.53
CA ALA A 124 -0.24 -4.59 0.27
C ALA A 124 0.92 -5.55 0.43
N LEU A 125 1.59 -5.48 1.58
CA LEU A 125 2.71 -6.37 1.85
C LEU A 125 2.22 -7.81 1.90
N GLN A 126 1.14 -8.02 2.62
CA GLN A 126 0.51 -9.34 2.70
C GLN A 126 0.01 -9.76 1.32
N LEU A 127 -0.46 -8.78 0.57
CA LEU A 127 -0.93 -9.02 -0.79
C LEU A 127 0.24 -9.45 -1.67
N LEU A 128 1.32 -8.67 -1.68
CA LEU A 128 2.49 -9.02 -2.47
C LEU A 128 3.09 -10.35 -1.99
N TYR A 129 2.99 -10.61 -0.70
CA TYR A 129 3.45 -11.88 -0.13
C TYR A 129 2.66 -13.06 -0.68
N THR A 130 1.34 -12.99 -0.55
CA THR A 130 0.47 -14.05 -1.03
C THR A 130 0.54 -14.18 -2.55
N ALA A 131 0.70 -13.05 -3.23
CA ALA A 131 0.86 -13.04 -4.68
C ALA A 131 2.22 -13.62 -5.07
N LYS A 132 3.17 -13.56 -4.16
CA LYS A 132 4.50 -14.10 -4.40
C LYS A 132 4.48 -15.62 -4.25
N GLU A 133 3.70 -16.09 -3.31
CA GLU A 133 3.57 -17.52 -3.07
C GLU A 133 2.73 -18.19 -4.17
N ALA A 134 1.57 -17.63 -4.46
CA ALA A 134 0.64 -18.22 -5.41
C ALA A 134 0.96 -17.85 -6.84
N GLY A 135 1.77 -16.80 -6.99
CA GLY A 135 1.99 -16.18 -8.29
C GLY A 135 2.40 -17.15 -9.37
N GLY A 136 1.44 -17.44 -10.24
CA GLY A 136 1.72 -18.27 -11.40
C GLY A 136 1.96 -19.70 -11.04
N ASN A 137 1.58 -20.07 -9.83
CA ASN A 137 1.82 -21.41 -9.32
C ASN A 137 0.69 -21.85 -8.40
N PRO A 138 -0.37 -22.43 -8.99
CA PRO A 138 -1.54 -22.92 -8.24
C PRO A 138 -1.20 -24.14 -7.38
N LYS A 139 -0.02 -24.71 -7.61
CA LYS A 139 0.45 -25.87 -6.87
C LYS A 139 0.53 -25.53 -5.38
N GLN A 140 1.18 -24.42 -5.06
CA GLN A 140 1.32 -23.98 -3.68
C GLN A 140 0.39 -22.79 -3.46
N ALA A 141 -0.86 -22.96 -3.82
CA ALA A 141 -1.80 -21.86 -3.76
C ALA A 141 -3.15 -22.26 -3.18
N ALA A 142 -3.23 -23.43 -2.57
CA ALA A 142 -4.51 -23.87 -2.01
C ALA A 142 -4.90 -22.96 -0.84
N HIS A 143 -4.08 -22.96 0.19
CA HIS A 143 -4.26 -22.05 1.32
C HIS A 143 -3.86 -20.64 0.91
N THR A 144 -3.05 -20.56 -0.14
CA THR A 144 -2.50 -19.29 -0.58
C THR A 144 -3.56 -18.45 -1.30
N GLN A 145 -4.34 -19.09 -2.18
CA GLN A 145 -5.42 -18.41 -2.88
C GLN A 145 -6.47 -17.93 -1.90
N GLU A 146 -6.71 -18.72 -0.86
CA GLU A 146 -7.66 -18.36 0.19
C GLU A 146 -7.22 -17.06 0.88
N ALA A 147 -5.94 -17.01 1.23
CA ALA A 147 -5.38 -15.84 1.89
C ALA A 147 -5.23 -14.68 0.93
N LEU A 148 -4.99 -15.01 -0.33
CA LEU A 148 -4.90 -14.02 -1.40
C LEU A 148 -6.25 -13.31 -1.56
N GLU A 149 -7.33 -14.01 -1.20
CA GLU A 149 -8.67 -13.44 -1.26
C GLU A 149 -8.88 -12.49 -0.11
N GLU A 150 -8.38 -12.85 1.05
CA GLU A 150 -8.47 -11.99 2.22
C GLU A 150 -7.55 -10.80 2.06
N ALA A 151 -6.45 -10.99 1.34
CA ALA A 151 -5.49 -9.93 1.07
C ALA A 151 -6.09 -8.87 0.15
N VAL A 152 -6.70 -9.30 -0.95
CA VAL A 152 -7.32 -8.37 -1.89
C VAL A 152 -8.46 -7.61 -1.20
N GLN A 153 -9.21 -8.31 -0.35
CA GLN A 153 -10.27 -7.69 0.42
C GLN A 153 -9.70 -6.70 1.44
N MET A 154 -8.62 -7.10 2.09
CA MET A 154 -7.98 -6.26 3.09
C MET A 154 -7.55 -4.93 2.49
N MET A 155 -6.90 -4.97 1.32
CA MET A 155 -6.53 -3.75 0.63
C MET A 155 -7.75 -2.96 0.25
N THR A 156 -8.71 -3.63 -0.36
CA THR A 156 -9.94 -2.99 -0.80
C THR A 156 -10.64 -2.26 0.34
N GLU A 157 -10.75 -2.92 1.49
CA GLU A 157 -11.36 -2.33 2.66
C GLU A 157 -10.54 -1.13 3.13
N ALA A 158 -9.22 -1.26 3.04
CA ALA A 158 -8.32 -0.21 3.49
C ALA A 158 -8.32 0.95 2.50
N VAL A 159 -8.61 0.62 1.25
CA VAL A 159 -8.79 1.63 0.20
C VAL A 159 -9.93 2.55 0.59
N GLU A 160 -11.07 1.96 0.94
CA GLU A 160 -12.23 2.72 1.39
C GLU A 160 -11.90 3.42 2.71
N ASP A 161 -11.13 2.71 3.53
CA ASP A 161 -10.76 3.18 4.87
C ASP A 161 -9.94 4.47 4.79
N LEU A 162 -8.83 4.42 4.06
CA LEU A 162 -7.94 5.56 3.93
C LEU A 162 -8.62 6.70 3.18
N THR A 163 -9.32 6.35 2.09
CA THR A 163 -10.03 7.33 1.29
C THR A 163 -10.99 8.18 2.13
N THR A 164 -11.65 7.54 3.09
CA THR A 164 -12.57 8.25 3.97
C THR A 164 -11.84 9.35 4.74
N THR A 165 -10.76 8.99 5.43
CA THR A 165 -9.99 9.94 6.21
C THR A 165 -9.43 11.04 5.31
N LEU A 166 -9.01 10.66 4.11
CA LEU A 166 -8.43 11.59 3.16
C LEU A 166 -9.47 12.59 2.66
N ASN A 167 -10.65 12.09 2.30
CA ASN A 167 -11.69 12.93 1.74
C ASN A 167 -12.35 13.78 2.81
N GLU A 168 -12.35 13.29 4.05
CA GLU A 168 -12.84 14.08 5.16
C GLU A 168 -11.82 15.15 5.50
N ALA A 169 -10.54 14.76 5.43
CA ALA A 169 -9.43 15.65 5.75
C ALA A 169 -9.48 16.92 4.91
N ALA A 170 -10.20 16.91 3.80
CA ALA A 170 -10.38 18.10 2.99
C ALA A 170 -10.89 19.25 3.85
N SER A 171 -11.96 19.00 4.59
CA SER A 171 -12.50 20.00 5.50
C SER A 171 -12.14 19.69 6.96
N ALA A 172 -11.77 18.44 7.21
CA ALA A 172 -11.48 17.98 8.56
C ALA A 172 -10.03 18.24 8.95
N ALA A 173 -9.15 18.40 7.95
CA ALA A 173 -7.74 18.59 8.21
C ALA A 173 -7.10 19.51 7.18
N GLY A 174 -7.24 20.80 7.39
CA GLY A 174 -6.65 21.77 6.49
C GLY A 174 -7.44 23.06 6.49
N GLY A 1 15.44 -14.54 -6.48
CA GLY A 1 16.00 -14.71 -7.84
C GLY A 1 15.46 -15.95 -8.52
N ILE A 2 15.64 -16.02 -9.85
CA ILE A 2 15.27 -17.18 -10.69
C ILE A 2 13.79 -17.57 -10.59
N ASP A 3 12.99 -16.72 -9.96
CA ASP A 3 11.54 -16.97 -9.78
C ASP A 3 11.30 -18.41 -9.30
N PRO A 4 11.62 -18.71 -8.04
CA PRO A 4 11.60 -20.08 -7.51
C PRO A 4 10.24 -20.48 -6.95
N PHE A 5 9.93 -21.79 -7.00
CA PHE A 5 8.68 -22.39 -6.49
C PHE A 5 7.42 -21.70 -7.02
N THR A 6 7.59 -20.80 -7.97
CA THR A 6 6.48 -20.06 -8.55
C THR A 6 6.79 -19.65 -9.98
N ALA A 7 5.88 -18.90 -10.59
CA ALA A 7 5.98 -18.53 -11.98
C ALA A 7 6.72 -17.20 -12.19
N PRO A 8 7.01 -16.85 -13.46
CA PRO A 8 7.52 -15.54 -13.83
C PRO A 8 6.67 -14.39 -13.28
N GLY A 9 7.30 -13.25 -13.08
CA GLY A 9 6.62 -12.13 -12.46
C GLY A 9 6.95 -12.04 -10.99
N GLN A 10 7.43 -13.16 -10.47
CA GLN A 10 7.76 -13.29 -9.06
C GLN A 10 8.98 -12.44 -8.70
N LEU A 11 9.83 -12.21 -9.70
CA LEU A 11 10.95 -11.30 -9.55
C LEU A 11 10.47 -9.92 -9.10
N GLU A 12 9.41 -9.44 -9.76
CA GLU A 12 8.85 -8.12 -9.47
C GLU A 12 8.20 -8.10 -8.10
N CYS A 13 7.75 -9.26 -7.65
CA CYS A 13 7.16 -9.38 -6.33
C CYS A 13 8.24 -9.20 -5.27
N GLU A 14 9.42 -9.72 -5.55
CA GLU A 14 10.54 -9.65 -4.62
C GLU A 14 11.05 -8.22 -4.52
N THR A 15 11.11 -7.54 -5.66
CA THR A 15 11.61 -6.19 -5.72
C THR A 15 10.59 -5.21 -5.11
N ALA A 16 9.31 -5.50 -5.30
CA ALA A 16 8.26 -4.67 -4.75
C ALA A 16 8.18 -4.81 -3.23
N ILE A 17 8.23 -6.05 -2.75
CA ILE A 17 8.17 -6.31 -1.31
C ILE A 17 9.29 -5.60 -0.57
N ALA A 18 10.49 -5.63 -1.12
CA ALA A 18 11.64 -4.95 -0.51
C ALA A 18 11.37 -3.46 -0.34
N ALA A 19 10.74 -2.86 -1.34
CA ALA A 19 10.47 -1.43 -1.32
C ALA A 19 9.31 -1.12 -0.39
N LEU A 20 8.28 -1.96 -0.48
CA LEU A 20 7.09 -1.80 0.35
C LEU A 20 7.43 -2.00 1.82
N ASN A 21 8.38 -2.90 2.07
CA ASN A 21 8.85 -3.16 3.43
C ASN A 21 9.51 -1.91 3.99
N SER A 22 10.23 -1.21 3.13
CA SER A 22 10.87 0.04 3.49
C SER A 22 9.82 1.09 3.87
N CYS A 23 8.69 1.07 3.16
CA CYS A 23 7.59 1.98 3.46
C CYS A 23 7.04 1.71 4.86
N LEU A 24 6.91 0.43 5.19
CA LEU A 24 6.45 0.02 6.50
C LEU A 24 7.39 0.51 7.60
N ARG A 25 8.68 0.46 7.32
CA ARG A 25 9.69 0.93 8.27
C ARG A 25 9.59 2.43 8.47
N ASP A 26 9.35 3.16 7.39
CA ASP A 26 9.31 4.61 7.44
C ASP A 26 8.02 5.10 8.09
N LEU A 27 6.89 4.56 7.65
CA LEU A 27 5.59 4.94 8.20
C LEU A 27 5.52 4.65 9.69
N ASP A 28 6.18 3.58 10.10
CA ASP A 28 6.25 3.21 11.51
C ASP A 28 6.92 4.32 12.31
N GLN A 29 8.00 4.84 11.76
CA GLN A 29 8.78 5.87 12.43
C GLN A 29 8.11 7.22 12.28
N ALA A 30 7.40 7.41 11.17
CA ALA A 30 6.60 8.61 10.97
C ALA A 30 5.56 8.74 12.07
N SER A 31 4.84 7.66 12.32
CA SER A 31 3.84 7.63 13.38
C SER A 31 4.50 7.83 14.75
N LEU A 32 5.66 7.22 14.94
CA LEU A 32 6.40 7.31 16.19
C LEU A 32 6.90 8.74 16.41
N ALA A 33 7.25 9.42 15.34
CA ALA A 33 7.68 10.80 15.42
C ALA A 33 6.49 11.74 15.55
N ALA A 34 5.45 11.48 14.77
CA ALA A 34 4.27 12.34 14.71
C ALA A 34 3.49 12.31 16.03
N VAL A 35 3.59 11.20 16.75
CA VAL A 35 2.89 11.07 18.03
C VAL A 35 3.50 12.03 19.06
N SER A 36 4.74 12.45 18.82
CA SER A 36 5.38 13.44 19.66
C SER A 36 5.63 14.72 18.87
N GLN A 37 5.12 14.73 17.63
CA GLN A 37 5.27 15.86 16.71
C GLN A 37 6.74 16.21 16.45
N GLN A 38 7.59 15.18 16.45
CA GLN A 38 9.01 15.35 16.18
C GLN A 38 9.30 15.10 14.71
N LEU A 39 8.24 14.89 13.94
CA LEU A 39 8.35 14.47 12.55
C LEU A 39 8.75 15.63 11.65
N ALA A 40 9.59 15.32 10.66
CA ALA A 40 10.01 16.30 9.67
C ALA A 40 8.83 16.68 8.77
N PRO A 41 8.87 17.89 8.17
CA PRO A 41 7.79 18.39 7.31
C PRO A 41 7.55 17.53 6.07
N ARG A 42 6.42 17.76 5.40
CA ARG A 42 6.07 17.05 4.19
C ARG A 42 7.16 17.19 3.12
N GLU A 43 7.21 16.22 2.21
CA GLU A 43 8.20 16.22 1.14
C GLU A 43 8.16 17.52 0.33
N GLY A 44 7.04 17.75 -0.33
CA GLY A 44 6.87 18.97 -1.09
C GLY A 44 5.48 19.02 -1.69
N ILE A 45 4.49 19.22 -0.83
CA ILE A 45 3.11 19.05 -1.21
C ILE A 45 2.19 19.85 -0.28
N SER A 46 1.13 20.43 -0.85
CA SER A 46 0.19 21.23 -0.09
C SER A 46 -0.83 20.34 0.62
N GLN A 47 -1.69 20.94 1.45
CA GLN A 47 -2.66 20.17 2.23
C GLN A 47 -3.74 19.58 1.35
N GLU A 48 -4.40 20.42 0.56
CA GLU A 48 -5.42 19.95 -0.37
C GLU A 48 -4.79 19.01 -1.38
N ALA A 49 -3.56 19.32 -1.74
CA ALA A 49 -2.81 18.53 -2.70
C ALA A 49 -2.46 17.16 -2.13
N LEU A 50 -2.35 17.07 -0.81
CA LEU A 50 -2.15 15.78 -0.14
C LEU A 50 -3.38 14.91 -0.34
N HIS A 51 -4.55 15.50 -0.13
CA HIS A 51 -5.81 14.81 -0.37
C HIS A 51 -5.84 14.28 -1.80
N THR A 52 -5.48 15.13 -2.75
CA THR A 52 -5.42 14.72 -4.15
C THR A 52 -4.34 13.65 -4.37
N GLN A 53 -3.13 13.93 -3.90
CA GLN A 53 -1.99 13.03 -4.06
C GLN A 53 -2.34 11.61 -3.64
N MET A 54 -2.79 11.48 -2.41
CA MET A 54 -3.05 10.18 -1.83
C MET A 54 -4.28 9.53 -2.45
N LEU A 55 -5.38 10.28 -2.53
CA LEU A 55 -6.64 9.76 -3.07
C LEU A 55 -6.45 9.26 -4.51
N THR A 56 -5.64 9.96 -5.30
CA THR A 56 -5.37 9.53 -6.67
C THR A 56 -4.63 8.19 -6.69
N ALA A 57 -3.61 8.07 -5.85
CA ALA A 57 -2.80 6.86 -5.82
C ALA A 57 -3.62 5.66 -5.34
N VAL A 58 -4.40 5.87 -4.29
CA VAL A 58 -5.20 4.80 -3.69
C VAL A 58 -6.13 4.17 -4.72
N GLN A 59 -6.79 5.01 -5.54
CA GLN A 59 -7.66 4.52 -6.61
C GLN A 59 -6.89 3.66 -7.59
N GLU A 60 -5.75 4.18 -8.03
CA GLU A 60 -4.91 3.49 -9.01
C GLU A 60 -4.46 2.13 -8.48
N ILE A 61 -4.27 2.05 -7.17
CA ILE A 61 -3.92 0.79 -6.54
C ILE A 61 -5.09 -0.19 -6.62
N SER A 62 -6.25 0.23 -6.12
CA SER A 62 -7.43 -0.62 -6.09
C SER A 62 -7.77 -1.12 -7.49
N HIS A 63 -7.52 -0.26 -8.48
CA HIS A 63 -7.74 -0.57 -9.88
C HIS A 63 -6.99 -1.83 -10.27
N LEU A 64 -5.75 -1.95 -9.80
CA LEU A 64 -4.92 -3.08 -10.16
C LEU A 64 -5.03 -4.23 -9.14
N ILE A 65 -5.57 -3.94 -7.95
CA ILE A 65 -5.66 -4.95 -6.90
C ILE A 65 -6.53 -6.13 -7.35
N GLU A 66 -7.68 -5.82 -7.93
CA GLU A 66 -8.60 -6.86 -8.40
C GLU A 66 -7.93 -7.78 -9.44
N PRO A 67 -7.40 -7.24 -10.56
CA PRO A 67 -6.71 -8.04 -11.57
C PRO A 67 -5.50 -8.79 -11.02
N LEU A 68 -4.80 -8.16 -10.06
CA LEU A 68 -3.61 -8.77 -9.48
C LEU A 68 -3.97 -10.06 -8.76
N ALA A 69 -5.03 -10.03 -7.96
CA ALA A 69 -5.47 -11.22 -7.23
C ALA A 69 -5.77 -12.36 -8.19
N SER A 70 -6.49 -12.05 -9.25
CA SER A 70 -6.82 -13.02 -10.28
C SER A 70 -5.56 -13.54 -10.97
N ALA A 71 -4.65 -12.63 -11.29
CA ALA A 71 -3.43 -12.98 -12.01
C ALA A 71 -2.48 -13.76 -11.10
N ALA A 72 -2.38 -13.35 -9.85
CA ALA A 72 -1.43 -13.95 -8.91
C ALA A 72 -1.66 -15.44 -8.75
N ARG A 73 -2.90 -15.88 -8.86
CA ARG A 73 -3.20 -17.30 -8.67
C ARG A 73 -3.02 -18.11 -9.95
N ALA A 74 -2.91 -17.45 -11.09
CA ALA A 74 -2.84 -18.17 -12.36
C ALA A 74 -2.10 -17.40 -13.45
N GLU A 75 -2.60 -16.23 -13.81
CA GLU A 75 -2.01 -15.44 -14.91
C GLU A 75 -0.68 -14.82 -14.49
N ALA A 76 0.39 -15.57 -14.71
CA ALA A 76 1.71 -15.17 -14.25
C ALA A 76 2.31 -14.03 -15.08
N SER A 77 2.14 -14.13 -16.38
CA SER A 77 2.74 -13.17 -17.30
C SER A 77 2.17 -11.76 -17.10
N GLN A 78 0.97 -11.69 -16.54
CA GLN A 78 0.32 -10.40 -16.29
C GLN A 78 0.60 -9.96 -14.86
N LEU A 79 0.69 -10.95 -13.98
CA LEU A 79 0.95 -10.74 -12.56
C LEU A 79 2.13 -9.80 -12.32
N GLY A 80 3.24 -10.10 -12.97
CA GLY A 80 4.45 -9.30 -12.80
C GLY A 80 4.20 -7.82 -13.07
N HIS A 81 3.32 -7.53 -14.02
CA HIS A 81 3.03 -6.15 -14.38
C HIS A 81 2.12 -5.49 -13.34
N LYS A 82 1.32 -6.31 -12.65
CA LYS A 82 0.42 -5.78 -11.62
C LYS A 82 1.24 -5.34 -10.41
N VAL A 83 2.12 -6.23 -9.98
CA VAL A 83 2.93 -6.01 -8.78
C VAL A 83 3.77 -4.75 -8.92
N SER A 84 4.42 -4.59 -10.06
CA SER A 84 5.22 -3.41 -10.35
C SER A 84 4.40 -2.15 -10.13
N GLN A 85 3.19 -2.13 -10.70
CA GLN A 85 2.30 -0.98 -10.60
C GLN A 85 1.91 -0.68 -9.16
N MET A 86 1.54 -1.71 -8.42
CA MET A 86 1.06 -1.56 -7.05
C MET A 86 2.13 -0.89 -6.18
N ALA A 87 3.37 -1.32 -6.36
CA ALA A 87 4.47 -0.83 -5.55
C ALA A 87 4.75 0.64 -5.83
N GLN A 88 4.44 1.06 -7.06
CA GLN A 88 4.68 2.42 -7.49
C GLN A 88 3.89 3.42 -6.65
N TYR A 89 2.60 3.16 -6.52
CA TYR A 89 1.69 4.11 -5.90
C TYR A 89 1.87 4.19 -4.39
N PHE A 90 2.37 3.10 -3.80
CA PHE A 90 2.57 3.06 -2.35
C PHE A 90 3.74 3.92 -1.92
N GLU A 91 4.68 4.16 -2.83
CA GLU A 91 5.84 4.99 -2.50
C GLU A 91 5.41 6.43 -2.18
N PRO A 92 4.74 7.15 -3.11
CA PRO A 92 4.23 8.50 -2.81
C PRO A 92 3.23 8.49 -1.67
N LEU A 93 2.41 7.45 -1.57
CA LEU A 93 1.43 7.35 -0.48
C LEU A 93 2.11 7.42 0.86
N THR A 94 3.17 6.65 1.02
CA THR A 94 3.97 6.67 2.23
C THR A 94 4.44 8.10 2.53
N LEU A 95 5.12 8.72 1.56
CA LEU A 95 5.67 10.05 1.74
C LEU A 95 4.56 11.09 1.95
N ALA A 96 3.46 10.92 1.24
CA ALA A 96 2.32 11.83 1.33
C ALA A 96 1.66 11.71 2.71
N ALA A 97 1.58 10.49 3.22
CA ALA A 97 1.01 10.24 4.54
C ALA A 97 1.87 10.87 5.62
N VAL A 98 3.18 10.71 5.50
CA VAL A 98 4.12 11.32 6.43
C VAL A 98 4.03 12.84 6.31
N GLY A 99 3.71 13.31 5.12
CA GLY A 99 3.47 14.72 4.90
C GLY A 99 2.25 15.22 5.63
N ALA A 100 1.15 14.49 5.52
CA ALA A 100 -0.07 14.82 6.25
C ALA A 100 0.18 14.79 7.75
N ALA A 101 1.02 13.86 8.18
CA ALA A 101 1.36 13.71 9.59
C ALA A 101 2.05 14.95 10.14
N SER A 102 2.87 15.58 9.34
CA SER A 102 3.66 16.68 9.82
C SER A 102 2.88 17.99 9.85
N LYS A 103 2.08 18.23 8.81
CA LYS A 103 1.38 19.52 8.68
C LYS A 103 -0.01 19.53 9.32
N THR A 104 -0.73 18.41 9.23
CA THR A 104 -2.08 18.36 9.77
C THR A 104 -2.04 18.35 11.30
N LEU A 105 -2.82 19.24 11.91
CA LEU A 105 -2.80 19.41 13.36
C LEU A 105 -3.81 18.49 14.03
N SER A 106 -4.89 18.19 13.32
CA SER A 106 -5.90 17.27 13.83
C SER A 106 -5.33 15.86 13.93
N HIS A 107 -4.89 15.50 15.13
CA HIS A 107 -4.23 14.21 15.35
C HIS A 107 -5.11 13.01 14.95
N PRO A 108 -6.41 12.97 15.33
CA PRO A 108 -7.31 11.86 14.97
C PRO A 108 -7.50 11.69 13.46
N GLN A 109 -6.90 12.57 12.68
CA GLN A 109 -6.93 12.48 11.22
C GLN A 109 -5.52 12.36 10.66
N GLN A 110 -4.66 13.28 11.08
CA GLN A 110 -3.25 13.28 10.73
C GLN A 110 -2.61 11.92 10.99
N MET A 111 -2.71 11.46 12.22
CA MET A 111 -2.11 10.19 12.63
C MET A 111 -2.92 9.04 12.09
N ALA A 112 -4.23 9.26 11.92
CA ALA A 112 -5.13 8.20 11.47
C ALA A 112 -4.80 7.78 10.04
N LEU A 113 -4.76 8.73 9.11
CA LEU A 113 -4.49 8.39 7.72
C LEU A 113 -3.04 7.94 7.56
N LEU A 114 -2.18 8.49 8.40
CA LEU A 114 -0.79 8.05 8.49
C LEU A 114 -0.73 6.56 8.82
N ASP A 115 -1.49 6.18 9.83
CA ASP A 115 -1.56 4.79 10.26
C ASP A 115 -2.28 3.93 9.23
N GLN A 116 -3.34 4.48 8.64
CA GLN A 116 -4.13 3.75 7.66
C GLN A 116 -3.35 3.53 6.37
N THR A 117 -2.49 4.48 6.01
CA THR A 117 -1.58 4.30 4.87
C THR A 117 -0.64 3.14 5.15
N LYS A 118 -0.11 3.12 6.36
CA LYS A 118 0.74 2.02 6.80
C LYS A 118 -0.05 0.72 6.80
N THR A 119 -1.29 0.79 7.27
CA THR A 119 -2.18 -0.36 7.27
C THR A 119 -2.39 -0.89 5.85
N LEU A 120 -2.72 0.01 4.93
CA LEU A 120 -2.90 -0.37 3.53
C LEU A 120 -1.59 -0.90 2.96
N ALA A 121 -0.47 -0.35 3.43
CA ALA A 121 0.84 -0.82 3.03
C ALA A 121 1.07 -2.25 3.54
N GLU A 122 0.62 -2.53 4.77
CA GLU A 122 0.69 -3.88 5.31
C GLU A 122 -0.23 -4.80 4.54
N SER A 123 -1.42 -4.31 4.22
CA SER A 123 -2.37 -5.05 3.41
C SER A 123 -1.76 -5.37 2.05
N ALA A 124 -1.04 -4.41 1.49
CA ALA A 124 -0.35 -4.59 0.22
C ALA A 124 0.82 -5.54 0.39
N LEU A 125 1.51 -5.44 1.51
CA LEU A 125 2.64 -6.31 1.76
C LEU A 125 2.17 -7.74 1.93
N GLN A 126 1.07 -7.90 2.64
CA GLN A 126 0.42 -9.20 2.79
C GLN A 126 -0.02 -9.70 1.42
N LEU A 127 -0.51 -8.77 0.61
CA LEU A 127 -0.92 -9.07 -0.76
C LEU A 127 0.29 -9.52 -1.58
N LEU A 128 1.37 -8.72 -1.57
CA LEU A 128 2.57 -9.08 -2.30
C LEU A 128 3.17 -10.38 -1.76
N TYR A 129 3.06 -10.59 -0.45
CA TYR A 129 3.55 -11.83 0.17
C TYR A 129 2.77 -13.03 -0.34
N THR A 130 1.45 -12.98 -0.24
CA THR A 130 0.61 -14.09 -0.68
C THR A 130 0.73 -14.29 -2.18
N ALA A 131 0.94 -13.20 -2.91
CA ALA A 131 1.15 -13.26 -4.35
C ALA A 131 2.52 -13.88 -4.66
N LYS A 132 3.44 -13.79 -3.72
CA LYS A 132 4.77 -14.35 -3.91
C LYS A 132 4.77 -15.86 -3.64
N GLU A 133 3.85 -16.31 -2.81
CA GLU A 133 3.63 -17.75 -2.63
C GLU A 133 2.83 -18.34 -3.78
N ALA A 134 1.71 -17.70 -4.12
CA ALA A 134 0.77 -18.23 -5.13
C ALA A 134 1.16 -17.88 -6.56
N GLY A 135 2.04 -16.89 -6.72
CA GLY A 135 2.23 -16.22 -8.01
C GLY A 135 2.38 -17.12 -9.22
N GLY A 136 1.29 -17.20 -9.99
CA GLY A 136 1.30 -17.89 -11.27
C GLY A 136 1.40 -19.39 -11.13
N ASN A 137 1.37 -19.87 -9.90
CA ASN A 137 1.55 -21.29 -9.65
C ASN A 137 0.66 -21.74 -8.50
N PRO A 138 -0.58 -22.15 -8.80
CA PRO A 138 -1.53 -22.64 -7.81
C PRO A 138 -1.15 -24.02 -7.28
N LYS A 139 -0.14 -24.61 -7.92
CA LYS A 139 0.36 -25.93 -7.54
C LYS A 139 1.04 -25.89 -6.18
N GLN A 140 1.63 -24.75 -5.86
CA GLN A 140 2.25 -24.54 -4.57
C GLN A 140 1.65 -23.29 -3.94
N ALA A 141 0.50 -23.45 -3.29
CA ALA A 141 -0.22 -22.34 -2.70
C ALA A 141 -1.26 -22.83 -1.70
N ALA A 142 -2.34 -23.44 -2.22
CA ALA A 142 -3.43 -23.99 -1.40
C ALA A 142 -3.98 -22.99 -0.38
N HIS A 143 -3.43 -23.01 0.83
CA HIS A 143 -3.90 -22.12 1.89
C HIS A 143 -3.52 -20.68 1.59
N THR A 144 -2.56 -20.52 0.68
CA THR A 144 -2.16 -19.20 0.22
C THR A 144 -3.28 -18.57 -0.60
N GLN A 145 -4.04 -19.41 -1.29
CA GLN A 145 -5.16 -18.95 -2.08
C GLN A 145 -6.24 -18.35 -1.18
N GLU A 146 -6.37 -18.92 0.01
CA GLU A 146 -7.34 -18.46 0.99
C GLU A 146 -6.97 -17.07 1.50
N ALA A 147 -5.68 -16.89 1.78
CA ALA A 147 -5.20 -15.63 2.33
C ALA A 147 -5.06 -14.56 1.26
N LEU A 148 -4.82 -14.97 0.02
CA LEU A 148 -4.77 -14.04 -1.10
C LEU A 148 -6.13 -13.37 -1.29
N GLU A 149 -7.17 -14.07 -0.85
CA GLU A 149 -8.54 -13.54 -0.90
C GLU A 149 -8.74 -12.50 0.19
N GLU A 150 -8.22 -12.80 1.36
CA GLU A 150 -8.29 -11.87 2.48
C GLU A 150 -7.47 -10.63 2.19
N ALA A 151 -6.34 -10.82 1.52
CA ALA A 151 -5.44 -9.73 1.18
C ALA A 151 -6.09 -8.76 0.20
N VAL A 152 -6.67 -9.28 -0.87
CA VAL A 152 -7.32 -8.44 -1.88
C VAL A 152 -8.48 -7.65 -1.29
N GLN A 153 -9.28 -8.31 -0.46
CA GLN A 153 -10.42 -7.67 0.18
C GLN A 153 -9.95 -6.66 1.22
N MET A 154 -8.89 -7.01 1.93
CA MET A 154 -8.31 -6.13 2.94
C MET A 154 -7.86 -4.82 2.31
N MET A 155 -7.13 -4.91 1.19
CA MET A 155 -6.73 -3.72 0.46
C MET A 155 -7.95 -2.96 -0.02
N THR A 156 -8.84 -3.66 -0.68
CA THR A 156 -10.05 -3.06 -1.24
C THR A 156 -10.78 -2.20 -0.21
N GLU A 157 -10.97 -2.75 0.98
CA GLU A 157 -11.66 -2.05 2.04
C GLU A 157 -10.81 -0.91 2.59
N ALA A 158 -9.51 -1.16 2.67
CA ALA A 158 -8.57 -0.17 3.20
C ALA A 158 -8.44 0.99 2.23
N VAL A 159 -8.67 0.70 0.96
CA VAL A 159 -8.72 1.72 -0.08
C VAL A 159 -9.76 2.78 0.26
N GLU A 160 -10.96 2.35 0.58
CA GLU A 160 -12.03 3.27 0.94
C GLU A 160 -11.77 3.83 2.35
N ASP A 161 -11.09 3.02 3.16
CA ASP A 161 -10.74 3.41 4.53
C ASP A 161 -9.87 4.67 4.53
N LEU A 162 -8.73 4.60 3.86
CA LEU A 162 -7.82 5.75 3.78
C LEU A 162 -8.49 6.89 3.04
N THR A 163 -9.19 6.56 1.96
CA THR A 163 -9.89 7.54 1.15
C THR A 163 -10.85 8.39 1.99
N THR A 164 -11.50 7.77 2.97
CA THR A 164 -12.40 8.49 3.87
C THR A 164 -11.65 9.60 4.60
N THR A 165 -10.58 9.24 5.30
CA THR A 165 -9.79 10.21 6.06
C THR A 165 -9.22 11.29 5.15
N LEU A 166 -8.85 10.90 3.94
CA LEU A 166 -8.30 11.82 2.97
C LEU A 166 -9.35 12.78 2.45
N ASN A 167 -10.54 12.26 2.19
CA ASN A 167 -11.63 13.06 1.66
C ASN A 167 -12.21 13.97 2.74
N GLU A 168 -12.02 13.60 3.99
CA GLU A 168 -12.41 14.43 5.10
C GLU A 168 -11.41 15.56 5.25
N ALA A 169 -10.13 15.20 5.09
CA ALA A 169 -9.02 16.14 5.18
C ALA A 169 -9.16 17.31 4.20
N ALA A 170 -10.05 17.17 3.23
CA ALA A 170 -10.34 18.24 2.29
C ALA A 170 -10.76 19.50 3.04
N SER A 171 -11.76 19.38 3.90
CA SER A 171 -12.21 20.50 4.71
C SER A 171 -11.72 20.36 6.15
N ALA A 172 -11.38 19.13 6.54
CA ALA A 172 -10.97 18.85 7.91
C ALA A 172 -9.51 19.23 8.16
N ALA A 173 -8.73 19.37 7.09
CA ALA A 173 -7.33 19.73 7.21
C ALA A 173 -7.02 20.94 6.33
N GLY A 174 -6.06 21.75 6.76
CA GLY A 174 -5.72 22.95 6.01
C GLY A 174 -4.29 23.39 6.30
N GLY A 1 16.31 -12.76 -7.23
CA GLY A 1 16.83 -13.38 -5.99
C GLY A 1 17.23 -14.82 -6.19
N ILE A 2 16.51 -15.73 -5.56
CA ILE A 2 16.81 -17.15 -5.66
C ILE A 2 15.77 -17.83 -6.56
N ASP A 3 14.68 -17.11 -6.81
CA ASP A 3 13.56 -17.62 -7.60
C ASP A 3 12.83 -18.72 -6.84
N PRO A 4 11.82 -18.34 -6.05
CA PRO A 4 11.00 -19.29 -5.31
C PRO A 4 9.79 -19.75 -6.13
N PHE A 5 9.35 -20.97 -5.89
CA PHE A 5 8.19 -21.54 -6.56
C PHE A 5 8.42 -21.65 -8.07
N THR A 6 8.03 -20.61 -8.83
CA THR A 6 8.13 -20.63 -10.28
C THR A 6 7.47 -19.39 -10.89
N ALA A 7 7.76 -19.16 -12.17
CA ALA A 7 7.02 -18.23 -13.04
C ALA A 7 7.52 -16.78 -12.96
N PRO A 8 7.18 -15.95 -13.97
CA PRO A 8 7.47 -14.52 -13.96
C PRO A 8 6.58 -13.79 -12.95
N GLY A 9 6.86 -12.51 -12.70
CA GLY A 9 6.12 -11.79 -11.69
C GLY A 9 6.60 -12.13 -10.30
N GLN A 10 6.75 -13.43 -10.09
CA GLN A 10 7.35 -14.02 -8.89
C GLN A 10 8.57 -13.21 -8.42
N LEU A 11 9.43 -12.82 -9.34
CA LEU A 11 10.58 -11.99 -9.03
C LEU A 11 10.16 -10.62 -8.52
N GLU A 12 9.30 -9.95 -9.29
CA GLU A 12 8.86 -8.59 -8.97
C GLU A 12 8.09 -8.54 -7.65
N CYS A 13 7.45 -9.64 -7.30
CA CYS A 13 6.70 -9.73 -6.06
C CYS A 13 7.63 -9.62 -4.85
N GLU A 14 8.71 -10.39 -4.87
CA GLU A 14 9.63 -10.42 -3.73
C GLU A 14 10.40 -9.12 -3.63
N THR A 15 10.77 -8.57 -4.77
CA THR A 15 11.52 -7.32 -4.81
C THR A 15 10.65 -6.16 -4.35
N ALA A 16 9.37 -6.21 -4.69
CA ALA A 16 8.43 -5.18 -4.27
C ALA A 16 8.20 -5.25 -2.76
N ILE A 17 8.19 -6.46 -2.22
CA ILE A 17 8.04 -6.66 -0.78
C ILE A 17 9.14 -5.91 -0.01
N ALA A 18 10.36 -5.94 -0.55
CA ALA A 18 11.48 -5.26 0.09
C ALA A 18 11.24 -3.75 0.12
N ALA A 19 10.71 -3.21 -0.97
CA ALA A 19 10.46 -1.78 -1.09
C ALA A 19 9.25 -1.38 -0.25
N LEU A 20 8.22 -2.20 -0.30
CA LEU A 20 7.00 -1.97 0.45
C LEU A 20 7.29 -2.07 1.94
N ASN A 21 8.17 -2.98 2.31
CA ASN A 21 8.58 -3.15 3.71
C ASN A 21 9.26 -1.87 4.18
N SER A 22 10.05 -1.29 3.29
CA SER A 22 10.71 -0.03 3.55
C SER A 22 9.69 1.06 3.87
N CYS A 23 8.57 1.05 3.16
CA CYS A 23 7.50 2.02 3.38
C CYS A 23 6.85 1.80 4.76
N LEU A 24 6.71 0.54 5.14
CA LEU A 24 6.16 0.21 6.47
C LEU A 24 6.99 0.85 7.57
N ARG A 25 8.30 0.79 7.45
CA ARG A 25 9.19 1.38 8.43
C ARG A 25 8.99 2.88 8.47
N ASP A 26 9.05 3.49 7.29
CA ASP A 26 8.97 4.95 7.16
C ASP A 26 7.67 5.47 7.74
N LEU A 27 6.58 4.77 7.47
CA LEU A 27 5.26 5.15 7.96
C LEU A 27 5.17 4.99 9.48
N ASP A 28 5.78 3.93 10.01
CA ASP A 28 5.74 3.68 11.44
C ASP A 28 6.59 4.71 12.18
N GLN A 29 7.78 4.97 11.65
CA GLN A 29 8.67 5.97 12.21
C GLN A 29 8.03 7.35 12.09
N ALA A 30 7.28 7.55 11.02
CA ALA A 30 6.54 8.78 10.82
C ALA A 30 5.55 9.00 11.96
N SER A 31 4.78 7.97 12.29
CA SER A 31 3.84 8.05 13.39
C SER A 31 4.55 8.37 14.69
N LEU A 32 5.65 7.67 14.94
CA LEU A 32 6.43 7.83 16.16
C LEU A 32 7.04 9.24 16.24
N ALA A 33 7.53 9.74 15.12
CA ALA A 33 8.14 11.07 15.09
C ALA A 33 7.08 12.16 15.10
N ALA A 34 5.97 11.95 14.40
CA ALA A 34 4.90 12.94 14.32
C ALA A 34 4.21 13.09 15.68
N VAL A 35 4.04 11.97 16.39
CA VAL A 35 3.43 12.00 17.71
C VAL A 35 4.37 12.67 18.72
N SER A 36 5.60 12.89 18.28
CA SER A 36 6.61 13.53 19.10
C SER A 36 7.01 14.88 18.51
N GLN A 37 6.33 15.28 17.43
CA GLN A 37 6.60 16.53 16.72
C GLN A 37 8.07 16.63 16.30
N GLN A 38 8.61 15.51 15.85
CA GLN A 38 10.01 15.43 15.45
C GLN A 38 10.15 14.78 14.07
N LEU A 39 9.07 14.82 13.30
CA LEU A 39 9.07 14.21 11.98
C LEU A 39 9.39 15.24 10.90
N ALA A 40 9.86 14.76 9.75
CA ALA A 40 10.12 15.61 8.60
C ALA A 40 8.81 16.04 7.94
N PRO A 41 8.76 17.28 7.42
CA PRO A 41 7.59 17.80 6.72
C PRO A 41 7.28 17.05 5.43
N ARG A 42 6.17 17.39 4.79
CA ARG A 42 5.78 16.77 3.54
C ARG A 42 6.86 16.94 2.48
N GLU A 43 6.93 15.99 1.56
CA GLU A 43 7.88 16.01 0.46
C GLU A 43 7.80 17.35 -0.29
N GLY A 44 6.58 17.74 -0.65
CA GLY A 44 6.35 18.99 -1.34
C GLY A 44 4.96 19.04 -1.93
N ILE A 45 3.97 19.11 -1.06
CA ILE A 45 2.58 18.95 -1.48
C ILE A 45 1.65 19.71 -0.53
N SER A 46 0.59 20.32 -1.07
CA SER A 46 -0.37 21.07 -0.27
C SER A 46 -1.35 20.15 0.46
N GLN A 47 -2.22 20.74 1.28
CA GLN A 47 -3.13 19.96 2.13
C GLN A 47 -4.21 19.25 1.32
N GLU A 48 -4.88 20.00 0.45
CA GLU A 48 -5.90 19.40 -0.40
C GLU A 48 -5.23 18.62 -1.52
N ALA A 49 -4.02 19.04 -1.87
CA ALA A 49 -3.21 18.30 -2.83
C ALA A 49 -2.82 16.95 -2.25
N LEU A 50 -2.71 16.87 -0.93
CA LEU A 50 -2.53 15.61 -0.24
C LEU A 50 -3.71 14.70 -0.50
N HIS A 51 -4.92 15.25 -0.37
CA HIS A 51 -6.13 14.53 -0.74
C HIS A 51 -6.03 14.02 -2.18
N THR A 52 -5.55 14.89 -3.06
CA THR A 52 -5.37 14.53 -4.47
C THR A 52 -4.37 13.38 -4.62
N GLN A 53 -3.16 13.60 -4.14
CA GLN A 53 -2.07 12.64 -4.32
C GLN A 53 -2.39 11.30 -3.66
N MET A 54 -2.86 11.35 -2.43
CA MET A 54 -3.18 10.15 -1.67
C MET A 54 -4.34 9.39 -2.30
N LEU A 55 -5.49 10.07 -2.43
CA LEU A 55 -6.71 9.43 -2.91
C LEU A 55 -6.52 8.85 -4.31
N THR A 56 -5.91 9.62 -5.20
CA THR A 56 -5.68 9.17 -6.57
C THR A 56 -4.85 7.89 -6.60
N ALA A 57 -3.80 7.85 -5.77
CA ALA A 57 -2.94 6.68 -5.68
C ALA A 57 -3.72 5.47 -5.19
N VAL A 58 -4.49 5.65 -4.13
CA VAL A 58 -5.19 4.55 -3.48
C VAL A 58 -6.21 3.93 -4.41
N GLN A 59 -6.91 4.78 -5.15
CA GLN A 59 -7.90 4.32 -6.11
C GLN A 59 -7.24 3.51 -7.22
N GLU A 60 -6.15 4.03 -7.78
CA GLU A 60 -5.45 3.33 -8.84
C GLU A 60 -4.86 2.02 -8.34
N ILE A 61 -4.44 2.01 -7.08
CA ILE A 61 -4.03 0.77 -6.42
C ILE A 61 -5.19 -0.20 -6.40
N SER A 62 -6.32 0.25 -5.84
CA SER A 62 -7.53 -0.55 -5.74
C SER A 62 -7.90 -1.16 -7.08
N HIS A 63 -7.83 -0.34 -8.13
CA HIS A 63 -8.19 -0.78 -9.48
C HIS A 63 -7.30 -1.92 -9.95
N LEU A 64 -6.04 -1.92 -9.52
CA LEU A 64 -5.11 -2.95 -9.94
C LEU A 64 -5.11 -4.13 -8.95
N ILE A 65 -5.65 -3.91 -7.75
CA ILE A 65 -5.70 -4.96 -6.73
C ILE A 65 -6.51 -6.14 -7.23
N GLU A 66 -7.63 -5.85 -7.89
CA GLU A 66 -8.48 -6.90 -8.47
C GLU A 66 -7.70 -7.75 -9.48
N PRO A 67 -7.19 -7.16 -10.59
CA PRO A 67 -6.45 -7.90 -11.61
C PRO A 67 -5.18 -8.55 -11.07
N LEU A 68 -4.60 -7.99 -10.01
CA LEU A 68 -3.39 -8.56 -9.44
C LEU A 68 -3.71 -9.91 -8.79
N ALA A 69 -4.77 -9.94 -7.98
CA ALA A 69 -5.17 -11.18 -7.33
C ALA A 69 -5.57 -12.24 -8.35
N SER A 70 -6.30 -11.81 -9.36
CA SER A 70 -6.73 -12.71 -10.43
C SER A 70 -5.53 -13.23 -11.23
N ALA A 71 -4.54 -12.37 -11.46
CA ALA A 71 -3.36 -12.77 -12.22
C ALA A 71 -2.43 -13.62 -11.37
N ALA A 72 -2.28 -13.27 -10.10
CA ALA A 72 -1.37 -13.96 -9.20
C ALA A 72 -1.62 -15.46 -9.19
N ARG A 73 -2.89 -15.85 -9.25
CA ARG A 73 -3.25 -17.26 -9.14
C ARG A 73 -2.99 -18.03 -10.44
N ALA A 74 -2.75 -17.33 -11.54
CA ALA A 74 -2.70 -17.99 -12.84
C ALA A 74 -1.76 -17.28 -13.83
N GLU A 75 -2.04 -16.01 -14.09
CA GLU A 75 -1.30 -15.26 -15.10
C GLU A 75 -0.11 -14.52 -14.50
N ALA A 76 1.04 -15.18 -14.49
CA ALA A 76 2.24 -14.66 -13.86
C ALA A 76 2.87 -13.55 -14.69
N SER A 77 2.81 -13.69 -15.99
CA SER A 77 3.45 -12.77 -16.91
C SER A 77 2.87 -11.36 -16.77
N GLN A 78 1.59 -11.28 -16.45
CA GLN A 78 0.91 -10.00 -16.30
C GLN A 78 0.90 -9.61 -14.83
N LEU A 79 0.98 -10.61 -13.97
CA LEU A 79 1.05 -10.39 -12.53
C LEU A 79 2.17 -9.42 -12.16
N GLY A 80 3.33 -9.60 -12.77
CA GLY A 80 4.44 -8.69 -12.52
C GLY A 80 4.08 -7.26 -12.84
N HIS A 81 3.29 -7.06 -13.89
CA HIS A 81 2.89 -5.73 -14.32
C HIS A 81 1.98 -5.08 -13.27
N LYS A 82 1.17 -5.91 -12.61
CA LYS A 82 0.31 -5.42 -11.53
C LYS A 82 1.17 -4.97 -10.35
N VAL A 83 2.08 -5.86 -9.94
CA VAL A 83 2.93 -5.63 -8.78
C VAL A 83 3.75 -4.36 -8.93
N SER A 84 4.33 -4.18 -10.12
CA SER A 84 5.13 -2.99 -10.41
C SER A 84 4.35 -1.72 -10.10
N GLN A 85 3.10 -1.69 -10.53
CA GLN A 85 2.25 -0.51 -10.35
C GLN A 85 1.87 -0.32 -8.89
N MET A 86 1.43 -1.40 -8.23
CA MET A 86 0.95 -1.31 -6.86
C MET A 86 2.03 -0.79 -5.93
N ALA A 87 3.23 -1.34 -6.06
CA ALA A 87 4.35 -0.96 -5.21
C ALA A 87 4.80 0.46 -5.53
N GLN A 88 4.63 0.82 -6.79
CA GLN A 88 4.95 2.15 -7.27
C GLN A 88 4.10 3.21 -6.58
N TYR A 89 2.79 3.00 -6.50
CA TYR A 89 1.89 3.99 -5.91
C TYR A 89 2.11 4.12 -4.42
N PHE A 90 2.47 3.01 -3.77
CA PHE A 90 2.64 2.99 -2.33
C PHE A 90 3.81 3.85 -1.87
N GLU A 91 4.78 4.11 -2.76
CA GLU A 91 5.92 4.93 -2.37
C GLU A 91 5.49 6.38 -2.12
N PRO A 92 4.90 7.09 -3.12
CA PRO A 92 4.37 8.44 -2.89
C PRO A 92 3.25 8.43 -1.87
N LEU A 93 2.47 7.37 -1.84
CA LEU A 93 1.38 7.25 -0.86
C LEU A 93 1.94 7.31 0.55
N THR A 94 2.99 6.54 0.78
CA THR A 94 3.70 6.56 2.05
C THR A 94 4.22 7.97 2.35
N LEU A 95 4.98 8.53 1.42
CA LEU A 95 5.59 9.85 1.60
C LEU A 95 4.53 10.94 1.77
N ALA A 96 3.42 10.78 1.07
CA ALA A 96 2.31 11.73 1.14
C ALA A 96 1.66 11.68 2.52
N ALA A 97 1.48 10.47 3.05
CA ALA A 97 0.90 10.30 4.37
C ALA A 97 1.87 10.75 5.47
N VAL A 98 3.16 10.50 5.25
CA VAL A 98 4.19 11.00 6.16
C VAL A 98 4.17 12.52 6.16
N GLY A 99 3.97 13.10 4.98
CA GLY A 99 3.79 14.53 4.87
C GLY A 99 2.56 15.01 5.62
N ALA A 100 1.45 14.29 5.45
CA ALA A 100 0.21 14.59 6.16
C ALA A 100 0.42 14.62 7.66
N ALA A 101 1.30 13.77 8.15
CA ALA A 101 1.62 13.73 9.57
C ALA A 101 2.18 15.06 10.05
N SER A 102 3.23 15.52 9.41
CA SER A 102 3.91 16.72 9.87
C SER A 102 3.20 18.00 9.39
N LYS A 103 2.43 17.87 8.31
CA LYS A 103 1.77 19.03 7.71
C LYS A 103 0.40 19.28 8.34
N THR A 104 -0.33 18.22 8.60
CA THR A 104 -1.64 18.34 9.19
C THR A 104 -1.54 18.46 10.70
N LEU A 105 -1.70 19.68 11.19
CA LEU A 105 -1.70 19.93 12.62
C LEU A 105 -3.10 20.31 13.06
N SER A 106 -3.85 19.32 13.47
CA SER A 106 -5.25 19.48 13.79
C SER A 106 -5.71 18.27 14.62
N HIS A 107 -6.96 17.85 14.43
CA HIS A 107 -7.47 16.66 15.08
C HIS A 107 -6.77 15.41 14.53
N PRO A 108 -7.01 14.22 15.14
CA PRO A 108 -6.31 12.97 14.78
C PRO A 108 -6.45 12.53 13.32
N GLN A 109 -7.03 13.37 12.47
CA GLN A 109 -7.09 13.10 11.03
C GLN A 109 -5.69 12.88 10.47
N GLN A 110 -4.74 13.64 10.98
CA GLN A 110 -3.33 13.53 10.62
C GLN A 110 -2.78 12.15 10.95
N MET A 111 -3.18 11.61 12.09
CA MET A 111 -2.70 10.31 12.52
C MET A 111 -3.46 9.20 11.82
N ALA A 112 -4.72 9.48 11.48
CA ALA A 112 -5.58 8.48 10.89
C ALA A 112 -5.06 8.03 9.53
N LEU A 113 -4.84 8.96 8.59
CA LEU A 113 -4.37 8.57 7.28
C LEU A 113 -2.93 8.07 7.35
N LEU A 114 -2.19 8.58 8.31
CA LEU A 114 -0.81 8.14 8.51
C LEU A 114 -0.77 6.65 8.85
N ASP A 115 -1.46 6.28 9.92
CA ASP A 115 -1.48 4.90 10.37
C ASP A 115 -2.28 4.01 9.41
N GLN A 116 -3.35 4.55 8.83
CA GLN A 116 -4.18 3.79 7.91
C GLN A 116 -3.44 3.49 6.60
N THR A 117 -2.61 4.43 6.13
CA THR A 117 -1.78 4.18 4.95
C THR A 117 -0.81 3.05 5.25
N LYS A 118 -0.26 3.07 6.45
CA LYS A 118 0.64 2.02 6.90
C LYS A 118 -0.13 0.70 7.03
N THR A 119 -1.35 0.79 7.53
CA THR A 119 -2.23 -0.36 7.61
C THR A 119 -2.49 -0.94 6.20
N LEU A 120 -2.80 -0.05 5.26
CA LEU A 120 -2.99 -0.44 3.87
C LEU A 120 -1.70 -1.03 3.30
N ALA A 121 -0.57 -0.47 3.72
CA ALA A 121 0.74 -0.98 3.31
C ALA A 121 0.97 -2.38 3.87
N GLU A 122 0.50 -2.62 5.10
CA GLU A 122 0.57 -3.96 5.69
C GLU A 122 -0.29 -4.92 4.89
N SER A 123 -1.48 -4.48 4.53
CA SER A 123 -2.39 -5.26 3.70
C SER A 123 -1.77 -5.52 2.34
N ALA A 124 -1.10 -4.51 1.78
CA ALA A 124 -0.43 -4.65 0.51
C ALA A 124 0.76 -5.57 0.62
N LEU A 125 1.44 -5.52 1.76
CA LEU A 125 2.58 -6.38 1.98
C LEU A 125 2.13 -7.83 2.03
N GLN A 126 1.03 -8.06 2.74
CA GLN A 126 0.40 -9.38 2.79
C GLN A 126 -0.05 -9.79 1.39
N LEU A 127 -0.55 -8.81 0.64
CA LEU A 127 -0.97 -9.02 -0.73
C LEU A 127 0.23 -9.43 -1.59
N LEU A 128 1.30 -8.63 -1.56
CA LEU A 128 2.49 -8.94 -2.34
C LEU A 128 3.13 -10.24 -1.88
N TYR A 129 3.02 -10.54 -0.59
CA TYR A 129 3.52 -11.81 -0.05
C TYR A 129 2.78 -12.99 -0.65
N THR A 130 1.45 -12.92 -0.62
CA THR A 130 0.63 -14.00 -1.16
C THR A 130 0.72 -14.03 -2.69
N ALA A 131 0.78 -12.86 -3.31
CA ALA A 131 0.97 -12.76 -4.75
C ALA A 131 2.32 -13.32 -5.16
N LYS A 132 3.27 -13.31 -4.23
CA LYS A 132 4.57 -13.89 -4.45
C LYS A 132 4.48 -15.41 -4.48
N GLU A 133 3.99 -15.98 -3.39
CA GLU A 133 3.94 -17.44 -3.25
C GLU A 133 3.01 -18.07 -4.29
N ALA A 134 1.89 -17.40 -4.56
CA ALA A 134 0.90 -17.90 -5.50
C ALA A 134 1.28 -17.60 -6.95
N GLY A 135 2.24 -16.69 -7.13
CA GLY A 135 2.54 -16.11 -8.42
C GLY A 135 2.69 -17.12 -9.55
N GLY A 136 1.62 -17.29 -10.31
CA GLY A 136 1.64 -18.16 -11.48
C GLY A 136 1.67 -19.62 -11.11
N ASN A 137 1.43 -19.91 -9.84
CA ASN A 137 1.52 -21.25 -9.32
C ASN A 137 0.34 -21.54 -8.39
N PRO A 138 -0.74 -22.10 -8.94
CA PRO A 138 -1.92 -22.45 -8.16
C PRO A 138 -1.76 -23.78 -7.43
N LYS A 139 -0.74 -24.54 -7.83
CA LYS A 139 -0.55 -25.89 -7.34
C LYS A 139 0.12 -25.89 -5.97
N GLN A 140 1.23 -25.19 -5.87
CA GLN A 140 2.01 -25.17 -4.63
C GLN A 140 1.68 -23.92 -3.80
N ALA A 141 0.48 -23.39 -3.98
CA ALA A 141 0.05 -22.20 -3.27
C ALA A 141 -1.43 -22.26 -2.93
N ALA A 142 -1.90 -23.43 -2.53
CA ALA A 142 -3.31 -23.65 -2.22
C ALA A 142 -3.80 -22.68 -1.13
N HIS A 143 -3.19 -22.75 0.06
CA HIS A 143 -3.58 -21.89 1.16
C HIS A 143 -3.13 -20.46 0.92
N THR A 144 -2.21 -20.29 -0.02
CA THR A 144 -1.73 -18.98 -0.40
C THR A 144 -2.81 -18.23 -1.16
N GLN A 145 -3.48 -18.92 -2.06
CA GLN A 145 -4.56 -18.32 -2.83
C GLN A 145 -5.73 -17.96 -1.91
N GLU A 146 -5.90 -18.75 -0.85
CA GLU A 146 -6.91 -18.46 0.16
C GLU A 146 -6.62 -17.12 0.83
N ALA A 147 -5.39 -16.95 1.27
CA ALA A 147 -4.98 -15.71 1.92
C ALA A 147 -4.87 -14.57 0.92
N LEU A 148 -4.60 -14.91 -0.33
CA LEU A 148 -4.58 -13.94 -1.42
C LEU A 148 -5.95 -13.27 -1.53
N GLU A 149 -7.00 -14.02 -1.18
CA GLU A 149 -8.35 -13.49 -1.22
C GLU A 149 -8.59 -12.59 -0.03
N GLU A 150 -8.11 -13.02 1.13
CA GLU A 150 -8.15 -12.20 2.33
C GLU A 150 -7.43 -10.87 2.08
N ALA A 151 -6.30 -10.96 1.40
CA ALA A 151 -5.47 -9.79 1.10
C ALA A 151 -6.17 -8.81 0.16
N VAL A 152 -6.69 -9.32 -0.97
CA VAL A 152 -7.38 -8.45 -1.93
C VAL A 152 -8.57 -7.76 -1.28
N GLN A 153 -9.29 -8.50 -0.44
CA GLN A 153 -10.44 -7.95 0.27
C GLN A 153 -9.99 -6.93 1.30
N MET A 154 -8.93 -7.25 2.02
CA MET A 154 -8.40 -6.39 3.06
C MET A 154 -7.94 -5.05 2.49
N MET A 155 -7.20 -5.10 1.38
CA MET A 155 -6.78 -3.88 0.71
C MET A 155 -7.99 -3.07 0.29
N THR A 156 -8.92 -3.72 -0.38
CA THR A 156 -10.12 -3.07 -0.88
C THR A 156 -10.84 -2.28 0.21
N GLU A 157 -10.96 -2.88 1.39
CA GLU A 157 -11.65 -2.22 2.51
C GLU A 157 -10.78 -1.13 3.12
N ALA A 158 -9.48 -1.31 3.03
CA ALA A 158 -8.54 -0.32 3.55
C ALA A 158 -8.45 0.85 2.58
N VAL A 159 -8.71 0.56 1.32
CA VAL A 159 -8.79 1.59 0.29
C VAL A 159 -9.85 2.62 0.62
N GLU A 160 -11.07 2.14 0.84
CA GLU A 160 -12.17 3.02 1.23
C GLU A 160 -11.88 3.63 2.59
N ASP A 161 -11.29 2.82 3.47
CA ASP A 161 -10.92 3.25 4.82
C ASP A 161 -10.08 4.52 4.77
N LEU A 162 -8.95 4.45 4.07
CA LEU A 162 -8.06 5.59 3.94
C LEU A 162 -8.72 6.71 3.15
N THR A 163 -9.43 6.32 2.09
CA THR A 163 -10.13 7.27 1.23
C THR A 163 -11.04 8.21 2.03
N THR A 164 -11.73 7.65 3.03
CA THR A 164 -12.56 8.45 3.92
C THR A 164 -11.73 9.55 4.58
N THR A 165 -10.65 9.15 5.27
CA THR A 165 -9.80 10.10 5.98
C THR A 165 -9.19 11.12 5.01
N LEU A 166 -8.83 10.66 3.82
CA LEU A 166 -8.23 11.51 2.81
C LEU A 166 -9.21 12.56 2.33
N ASN A 167 -10.46 12.15 2.13
CA ASN A 167 -11.50 13.07 1.71
C ASN A 167 -11.87 14.03 2.83
N GLU A 168 -11.68 13.59 4.07
CA GLU A 168 -11.95 14.43 5.21
C GLU A 168 -10.84 15.48 5.33
N ALA A 169 -9.60 15.00 5.32
CA ALA A 169 -8.42 15.83 5.56
C ALA A 169 -8.36 17.07 4.67
N ALA A 170 -8.97 16.97 3.49
CA ALA A 170 -9.02 18.10 2.56
C ALA A 170 -9.54 19.36 3.24
N SER A 171 -10.66 19.23 3.95
CA SER A 171 -11.23 20.35 4.68
C SER A 171 -10.98 20.20 6.18
N ALA A 172 -10.70 18.96 6.60
CA ALA A 172 -10.44 18.65 8.01
C ALA A 172 -9.25 19.44 8.53
N ALA A 173 -8.26 19.65 7.68
CA ALA A 173 -7.07 20.39 8.05
C ALA A 173 -6.84 21.58 7.13
N GLY A 174 -7.80 21.82 6.25
CA GLY A 174 -7.67 22.89 5.29
C GLY A 174 -8.18 24.20 5.85
N GLY A 1 14.98 -13.69 -2.38
CA GLY A 1 14.70 -14.93 -1.62
C GLY A 1 15.12 -16.16 -2.38
N ILE A 2 14.90 -17.33 -1.81
CA ILE A 2 15.22 -18.58 -2.49
C ILE A 2 14.17 -18.88 -3.55
N ASP A 3 12.96 -18.37 -3.31
CA ASP A 3 11.83 -18.57 -4.21
C ASP A 3 11.57 -20.05 -4.49
N PRO A 4 10.87 -20.73 -3.56
CA PRO A 4 10.52 -22.15 -3.73
C PRO A 4 9.36 -22.33 -4.72
N PHE A 5 9.06 -21.27 -5.45
CA PHE A 5 7.98 -21.25 -6.42
C PHE A 5 8.56 -21.45 -7.81
N THR A 6 7.76 -21.20 -8.84
CA THR A 6 8.21 -21.46 -10.20
C THR A 6 7.26 -20.85 -11.24
N ALA A 7 7.53 -19.59 -11.58
CA ALA A 7 6.73 -18.86 -12.57
C ALA A 7 7.28 -17.45 -12.73
N PRO A 8 6.99 -16.82 -13.88
CA PRO A 8 7.29 -15.40 -14.09
C PRO A 8 6.55 -14.53 -13.08
N GLY A 9 7.16 -13.42 -12.69
CA GLY A 9 6.54 -12.55 -11.72
C GLY A 9 7.09 -12.73 -10.33
N GLN A 10 7.47 -13.96 -9.99
CA GLN A 10 8.02 -14.29 -8.66
C GLN A 10 9.10 -13.28 -8.24
N LEU A 11 10.04 -13.01 -9.15
CA LEU A 11 11.14 -12.09 -8.86
C LEU A 11 10.59 -10.70 -8.54
N GLU A 12 9.78 -10.18 -9.48
CA GLU A 12 9.19 -8.84 -9.34
C GLU A 12 8.44 -8.70 -8.03
N CYS A 13 7.93 -9.81 -7.51
CA CYS A 13 7.16 -9.81 -6.28
C CYS A 13 8.02 -9.34 -5.10
N GLU A 14 9.14 -10.02 -4.85
CA GLU A 14 9.98 -9.64 -3.72
C GLU A 14 10.70 -8.32 -4.02
N THR A 15 10.93 -8.04 -5.29
CA THR A 15 11.49 -6.77 -5.72
C THR A 15 10.62 -5.62 -5.20
N ALA A 16 9.32 -5.76 -5.38
CA ALA A 16 8.36 -4.77 -4.88
C ALA A 16 8.21 -4.90 -3.37
N ILE A 17 8.20 -6.12 -2.87
CA ILE A 17 8.11 -6.39 -1.44
C ILE A 17 9.21 -5.67 -0.67
N ALA A 18 10.42 -5.69 -1.20
CA ALA A 18 11.55 -5.03 -0.57
C ALA A 18 11.32 -3.52 -0.47
N ALA A 19 10.77 -2.94 -1.53
CA ALA A 19 10.52 -1.51 -1.58
C ALA A 19 9.33 -1.14 -0.71
N LEU A 20 8.34 -2.01 -0.72
CA LEU A 20 7.14 -1.80 0.06
C LEU A 20 7.43 -1.97 1.54
N ASN A 21 8.37 -2.85 1.84
CA ASN A 21 8.81 -3.06 3.22
C ASN A 21 9.46 -1.78 3.72
N SER A 22 10.25 -1.17 2.85
CA SER A 22 10.92 0.08 3.14
C SER A 22 9.91 1.17 3.47
N CYS A 23 8.86 1.31 2.65
CA CYS A 23 7.89 2.38 2.85
C CYS A 23 7.02 2.09 4.06
N LEU A 24 6.83 0.80 4.35
CA LEU A 24 6.08 0.39 5.52
C LEU A 24 6.81 0.83 6.79
N ARG A 25 8.12 0.64 6.80
CA ARG A 25 8.94 1.04 7.94
C ARG A 25 8.92 2.56 8.10
N ASP A 26 9.10 3.28 7.00
CA ASP A 26 9.09 4.75 7.04
C ASP A 26 7.76 5.28 7.54
N LEU A 27 6.67 4.60 7.17
CA LEU A 27 5.34 4.96 7.65
C LEU A 27 5.20 4.69 9.13
N ASP A 28 5.70 3.53 9.56
CA ASP A 28 5.63 3.14 10.96
C ASP A 28 6.46 4.10 11.81
N GLN A 29 7.57 4.55 11.25
CA GLN A 29 8.44 5.51 11.93
C GLN A 29 7.78 6.88 11.94
N ALA A 30 6.98 7.16 10.93
CA ALA A 30 6.22 8.41 10.89
C ALA A 30 5.18 8.43 12.00
N SER A 31 4.50 7.30 12.19
CA SER A 31 3.56 7.15 13.29
C SER A 31 4.28 7.36 14.63
N LEU A 32 5.45 6.74 14.77
CA LEU A 32 6.27 6.89 15.96
C LEU A 32 6.72 8.35 16.12
N ALA A 33 7.04 9.00 15.01
CA ALA A 33 7.44 10.39 15.04
C ALA A 33 6.29 11.28 15.50
N ALA A 34 5.11 11.04 14.95
CA ALA A 34 3.91 11.79 15.32
C ALA A 34 3.63 11.71 16.81
N VAL A 35 3.69 10.50 17.35
CA VAL A 35 3.38 10.27 18.76
C VAL A 35 4.49 10.79 19.68
N SER A 36 5.62 11.18 19.07
CA SER A 36 6.76 11.65 19.84
C SER A 36 7.15 13.08 19.47
N GLN A 37 6.33 13.72 18.64
CA GLN A 37 6.61 15.09 18.17
C GLN A 37 7.98 15.17 17.48
N GLN A 38 8.23 14.22 16.59
CA GLN A 38 9.49 14.16 15.85
C GLN A 38 9.23 14.05 14.35
N LEU A 39 8.07 14.51 13.93
CA LEU A 39 7.68 14.42 12.52
C LEU A 39 8.50 15.38 11.65
N ALA A 40 9.09 14.85 10.60
CA ALA A 40 9.79 15.67 9.63
C ALA A 40 8.79 16.34 8.70
N PRO A 41 9.04 17.61 8.32
CA PRO A 41 8.13 18.39 7.48
C PRO A 41 7.73 17.66 6.19
N ARG A 42 6.52 17.95 5.71
CA ARG A 42 5.97 17.31 4.52
C ARG A 42 6.87 17.48 3.31
N GLU A 43 6.62 16.67 2.29
CA GLU A 43 7.47 16.60 1.09
C GLU A 43 7.24 17.80 0.15
N GLY A 44 7.17 18.99 0.73
CA GLY A 44 6.93 20.19 -0.06
C GLY A 44 5.61 20.12 -0.80
N ILE A 45 4.52 20.12 -0.05
CA ILE A 45 3.21 19.86 -0.62
C ILE A 45 2.12 20.52 0.23
N SER A 46 1.07 20.99 -0.43
CA SER A 46 -0.03 21.67 0.26
C SER A 46 -1.07 20.66 0.75
N GLN A 47 -2.05 21.15 1.53
CA GLN A 47 -2.98 20.28 2.25
C GLN A 47 -3.94 19.55 1.31
N GLU A 48 -4.58 20.28 0.42
CA GLU A 48 -5.54 19.68 -0.50
C GLU A 48 -4.81 18.80 -1.51
N ALA A 49 -3.55 19.14 -1.77
CA ALA A 49 -2.71 18.36 -2.66
C ALA A 49 -2.35 17.03 -2.01
N LEU A 50 -2.13 17.05 -0.70
CA LEU A 50 -1.94 15.82 0.07
C LEU A 50 -3.16 14.91 -0.10
N HIS A 51 -4.33 15.52 -0.02
CA HIS A 51 -5.59 14.82 -0.26
C HIS A 51 -5.61 14.23 -1.66
N THR A 52 -5.35 15.06 -2.67
CA THR A 52 -5.40 14.65 -4.06
C THR A 52 -4.35 13.58 -4.38
N GLN A 53 -3.10 13.83 -3.98
CA GLN A 53 -2.00 12.91 -4.28
C GLN A 53 -2.27 11.53 -3.73
N MET A 54 -2.68 11.46 -2.46
CA MET A 54 -2.93 10.19 -1.82
C MET A 54 -4.18 9.52 -2.40
N LEU A 55 -5.27 10.28 -2.48
CA LEU A 55 -6.54 9.75 -2.99
C LEU A 55 -6.35 9.15 -4.39
N THR A 56 -5.69 9.88 -5.27
CA THR A 56 -5.46 9.42 -6.63
C THR A 56 -4.66 8.13 -6.65
N ALA A 57 -3.60 8.08 -5.84
CA ALA A 57 -2.75 6.90 -5.76
C ALA A 57 -3.55 5.69 -5.28
N VAL A 58 -4.30 5.87 -4.18
CA VAL A 58 -5.06 4.79 -3.57
C VAL A 58 -6.06 4.18 -4.57
N GLN A 59 -6.75 5.03 -5.31
CA GLN A 59 -7.70 4.57 -6.33
C GLN A 59 -6.99 3.73 -7.39
N GLU A 60 -5.88 4.25 -7.89
CA GLU A 60 -5.10 3.56 -8.92
C GLU A 60 -4.60 2.22 -8.41
N ILE A 61 -4.26 2.16 -7.13
CA ILE A 61 -3.85 0.92 -6.49
C ILE A 61 -5.03 -0.05 -6.47
N SER A 62 -6.13 0.38 -5.86
CA SER A 62 -7.32 -0.45 -5.69
C SER A 62 -7.77 -1.03 -7.03
N HIS A 63 -7.70 -0.19 -8.06
CA HIS A 63 -8.10 -0.59 -9.40
C HIS A 63 -7.28 -1.77 -9.90
N LEU A 64 -6.01 -1.82 -9.51
CA LEU A 64 -5.14 -2.91 -9.93
C LEU A 64 -5.12 -4.05 -8.90
N ILE A 65 -5.56 -3.78 -7.67
CA ILE A 65 -5.51 -4.77 -6.59
C ILE A 65 -6.33 -6.00 -6.94
N GLU A 66 -7.55 -5.79 -7.39
CA GLU A 66 -8.44 -6.91 -7.70
C GLU A 66 -7.91 -7.75 -8.87
N PRO A 67 -7.59 -7.12 -10.03
CA PRO A 67 -6.98 -7.83 -11.16
C PRO A 67 -5.69 -8.54 -10.77
N LEU A 68 -4.90 -7.94 -9.89
CA LEU A 68 -3.65 -8.55 -9.44
C LEU A 68 -3.94 -9.85 -8.71
N ALA A 69 -4.92 -9.82 -7.82
CA ALA A 69 -5.31 -11.01 -7.06
C ALA A 69 -5.79 -12.12 -7.99
N SER A 70 -6.58 -11.74 -8.98
CA SER A 70 -7.11 -12.69 -9.95
C SER A 70 -6.00 -13.19 -10.87
N ALA A 71 -5.01 -12.34 -11.12
CA ALA A 71 -3.86 -12.73 -11.91
C ALA A 71 -2.98 -13.68 -11.11
N ALA A 72 -2.57 -13.24 -9.92
CA ALA A 72 -1.62 -14.01 -9.10
C ALA A 72 -2.06 -15.45 -8.88
N ARG A 73 -3.35 -15.65 -8.62
CA ARG A 73 -3.87 -16.96 -8.24
C ARG A 73 -3.76 -18.00 -9.35
N ALA A 74 -3.46 -17.57 -10.58
CA ALA A 74 -3.33 -18.51 -11.71
C ALA A 74 -2.33 -18.03 -12.75
N GLU A 75 -2.41 -16.75 -13.10
CA GLU A 75 -1.54 -16.18 -14.13
C GLU A 75 -0.21 -15.73 -13.51
N ALA A 76 0.80 -15.54 -14.37
CA ALA A 76 2.13 -15.19 -13.90
C ALA A 76 2.75 -14.06 -14.72
N SER A 77 2.66 -14.19 -16.04
CA SER A 77 3.33 -13.26 -16.97
C SER A 77 2.89 -11.81 -16.78
N GLN A 78 1.62 -11.62 -16.46
CA GLN A 78 1.06 -10.28 -16.32
C GLN A 78 1.13 -9.83 -14.88
N LEU A 79 1.13 -10.82 -13.99
CA LEU A 79 1.16 -10.59 -12.56
C LEU A 79 2.35 -9.74 -12.14
N GLY A 80 3.52 -10.11 -12.65
CA GLY A 80 4.74 -9.37 -12.33
C GLY A 80 4.60 -7.88 -12.61
N HIS A 81 3.82 -7.55 -13.63
CA HIS A 81 3.63 -6.16 -14.03
C HIS A 81 2.60 -5.47 -13.13
N LYS A 82 1.75 -6.25 -12.49
CA LYS A 82 0.77 -5.71 -11.56
C LYS A 82 1.48 -5.31 -10.27
N VAL A 83 2.32 -6.23 -9.79
CA VAL A 83 3.04 -6.05 -8.53
C VAL A 83 3.89 -4.78 -8.55
N SER A 84 4.61 -4.57 -9.64
CA SER A 84 5.46 -3.41 -9.79
C SER A 84 4.64 -2.12 -9.72
N GLN A 85 3.50 -2.12 -10.40
CA GLN A 85 2.62 -0.95 -10.42
C GLN A 85 2.07 -0.64 -9.03
N MET A 86 1.62 -1.67 -8.32
CA MET A 86 1.00 -1.48 -7.01
C MET A 86 1.96 -0.85 -6.02
N ALA A 87 3.17 -1.42 -5.94
CA ALA A 87 4.17 -0.95 -4.99
C ALA A 87 4.66 0.45 -5.35
N GLN A 88 4.58 0.76 -6.63
CA GLN A 88 4.99 2.06 -7.15
C GLN A 88 4.15 3.19 -6.57
N TYR A 89 2.85 2.95 -6.40
CA TYR A 89 1.95 4.00 -5.89
C TYR A 89 2.13 4.19 -4.39
N PHE A 90 2.53 3.12 -3.72
CA PHE A 90 2.74 3.16 -2.28
C PHE A 90 3.94 4.02 -1.91
N GLU A 91 4.85 4.18 -2.85
CA GLU A 91 6.04 5.00 -2.64
C GLU A 91 5.64 6.47 -2.33
N PRO A 92 4.92 7.17 -3.23
CA PRO A 92 4.43 8.52 -2.93
C PRO A 92 3.35 8.50 -1.86
N LEU A 93 2.55 7.44 -1.81
CA LEU A 93 1.50 7.32 -0.80
C LEU A 93 2.10 7.46 0.58
N THR A 94 3.15 6.67 0.83
CA THR A 94 3.90 6.74 2.07
C THR A 94 4.40 8.16 2.33
N LEU A 95 5.14 8.71 1.38
CA LEU A 95 5.76 10.02 1.54
C LEU A 95 4.70 11.11 1.75
N ALA A 96 3.61 11.02 1.00
CA ALA A 96 2.52 11.97 1.11
C ALA A 96 1.83 11.84 2.47
N ALA A 97 1.71 10.61 2.95
CA ALA A 97 1.09 10.35 4.25
C ALA A 97 1.92 10.95 5.38
N VAL A 98 3.24 10.78 5.29
CA VAL A 98 4.14 11.35 6.29
C VAL A 98 4.08 12.88 6.22
N GLY A 99 3.79 13.39 5.03
CA GLY A 99 3.57 14.81 4.85
C GLY A 99 2.35 15.29 5.59
N ALA A 100 1.24 14.59 5.43
CA ALA A 100 -0.01 14.91 6.14
C ALA A 100 0.17 14.78 7.63
N ALA A 101 1.04 13.87 8.03
CA ALA A 101 1.38 13.72 9.44
C ALA A 101 1.93 15.02 10.00
N SER A 102 2.98 15.52 9.39
CA SER A 102 3.67 16.68 9.93
C SER A 102 2.96 17.99 9.56
N LYS A 103 2.13 17.93 8.53
CA LYS A 103 1.46 19.13 8.03
C LYS A 103 0.08 19.34 8.65
N THR A 104 -0.67 18.25 8.81
CA THR A 104 -2.04 18.35 9.26
C THR A 104 -2.14 18.41 10.77
N LEU A 105 -1.93 19.60 11.33
CA LEU A 105 -2.23 19.81 12.74
C LEU A 105 -3.63 20.39 12.84
N SER A 106 -4.61 19.49 12.90
CA SER A 106 -5.99 19.87 12.85
C SER A 106 -6.82 18.93 13.72
N HIS A 107 -6.76 17.65 13.38
CA HIS A 107 -7.57 16.62 14.02
C HIS A 107 -6.85 15.29 13.94
N PRO A 108 -7.37 14.25 14.63
CA PRO A 108 -6.81 12.88 14.53
C PRO A 108 -6.63 12.41 13.08
N GLN A 109 -7.32 13.09 12.15
CA GLN A 109 -7.21 12.80 10.72
C GLN A 109 -5.76 12.64 10.27
N GLN A 110 -4.90 13.51 10.80
CA GLN A 110 -3.46 13.49 10.52
C GLN A 110 -2.87 12.10 10.75
N MET A 111 -3.04 11.61 11.97
CA MET A 111 -2.46 10.34 12.36
C MET A 111 -3.29 9.18 11.84
N ALA A 112 -4.58 9.42 11.66
CA ALA A 112 -5.47 8.37 11.16
C ALA A 112 -5.05 7.94 9.76
N LEU A 113 -4.94 8.90 8.84
CA LEU A 113 -4.56 8.57 7.47
C LEU A 113 -3.11 8.09 7.43
N LEU A 114 -2.32 8.61 8.37
CA LEU A 114 -0.93 8.19 8.52
C LEU A 114 -0.86 6.68 8.82
N ASP A 115 -1.55 6.27 9.88
CA ASP A 115 -1.58 4.86 10.28
C ASP A 115 -2.29 4.01 9.24
N GLN A 116 -3.36 4.56 8.67
CA GLN A 116 -4.16 3.83 7.68
C GLN A 116 -3.38 3.61 6.38
N THR A 117 -2.53 4.57 6.00
CA THR A 117 -1.65 4.38 4.85
C THR A 117 -0.68 3.24 5.13
N LYS A 118 -0.15 3.24 6.34
CA LYS A 118 0.73 2.18 6.80
C LYS A 118 -0.02 0.85 6.84
N THR A 119 -1.26 0.90 7.32
CA THR A 119 -2.10 -0.28 7.35
C THR A 119 -2.34 -0.81 5.94
N LEU A 120 -2.60 0.09 5.00
CA LEU A 120 -2.78 -0.27 3.61
C LEU A 120 -1.47 -0.83 3.05
N ALA A 121 -0.35 -0.30 3.51
CA ALA A 121 0.95 -0.81 3.13
C ALA A 121 1.17 -2.22 3.67
N GLU A 122 0.73 -2.46 4.90
CA GLU A 122 0.77 -3.79 5.48
C GLU A 122 -0.13 -4.73 4.70
N SER A 123 -1.29 -4.21 4.31
CA SER A 123 -2.23 -4.96 3.50
C SER A 123 -1.61 -5.29 2.15
N ALA A 124 -0.94 -4.31 1.55
CA ALA A 124 -0.25 -4.50 0.28
C ALA A 124 0.90 -5.47 0.42
N LEU A 125 1.59 -5.40 1.54
CA LEU A 125 2.71 -6.30 1.78
C LEU A 125 2.20 -7.73 1.88
N GLN A 126 1.11 -7.92 2.61
CA GLN A 126 0.46 -9.22 2.71
C GLN A 126 0.01 -9.67 1.32
N LEU A 127 -0.50 -8.72 0.55
CA LEU A 127 -0.94 -8.97 -0.82
C LEU A 127 0.25 -9.40 -1.68
N LEU A 128 1.32 -8.60 -1.69
CA LEU A 128 2.49 -8.90 -2.50
C LEU A 128 3.17 -10.19 -2.05
N TYR A 129 3.14 -10.46 -0.74
CA TYR A 129 3.69 -11.70 -0.21
C TYR A 129 2.93 -12.90 -0.76
N THR A 130 1.61 -12.86 -0.66
CA THR A 130 0.78 -13.95 -1.14
C THR A 130 0.81 -14.01 -2.67
N ALA A 131 0.96 -12.86 -3.31
CA ALA A 131 1.09 -12.79 -4.76
C ALA A 131 2.41 -13.42 -5.20
N LYS A 132 3.42 -13.33 -4.35
CA LYS A 132 4.70 -13.97 -4.62
C LYS A 132 4.58 -15.49 -4.52
N GLU A 133 3.85 -15.94 -3.52
CA GLU A 133 3.70 -17.37 -3.28
C GLU A 133 2.75 -18.02 -4.29
N ALA A 134 1.59 -17.41 -4.48
CA ALA A 134 0.56 -17.96 -5.33
C ALA A 134 0.80 -17.62 -6.80
N GLY A 135 1.61 -16.60 -7.03
CA GLY A 135 1.78 -16.02 -8.35
C GLY A 135 2.12 -17.03 -9.43
N GLY A 136 1.10 -17.47 -10.15
CA GLY A 136 1.30 -18.43 -11.22
C GLY A 136 1.80 -19.74 -10.70
N ASN A 137 1.56 -20.00 -9.43
CA ASN A 137 2.07 -21.18 -8.77
C ASN A 137 1.00 -21.78 -7.86
N PRO A 138 -0.02 -22.41 -8.45
CA PRO A 138 -1.15 -22.98 -7.70
C PRO A 138 -0.75 -24.26 -6.96
N LYS A 139 0.38 -24.85 -7.36
CA LYS A 139 0.83 -26.10 -6.78
C LYS A 139 1.40 -25.91 -5.37
N GLN A 140 2.17 -24.85 -5.16
CA GLN A 140 2.70 -24.56 -3.82
C GLN A 140 1.77 -23.61 -3.06
N ALA A 141 0.71 -23.19 -3.72
CA ALA A 141 -0.25 -22.29 -3.10
C ALA A 141 -1.51 -23.04 -2.70
N ALA A 142 -1.69 -23.21 -1.40
CA ALA A 142 -2.91 -23.81 -0.87
C ALA A 142 -3.60 -22.81 0.03
N HIS A 143 -2.97 -22.52 1.16
CA HIS A 143 -3.49 -21.51 2.08
C HIS A 143 -3.25 -20.13 1.50
N THR A 144 -2.24 -20.03 0.65
CA THR A 144 -1.90 -18.78 -0.01
C THR A 144 -3.04 -18.33 -0.91
N GLN A 145 -3.70 -19.31 -1.54
CA GLN A 145 -4.83 -19.03 -2.39
C GLN A 145 -5.92 -18.30 -1.62
N GLU A 146 -6.21 -18.81 -0.43
CA GLU A 146 -7.24 -18.23 0.43
C GLU A 146 -6.79 -16.87 0.95
N ALA A 147 -5.52 -16.80 1.37
CA ALA A 147 -4.97 -15.57 1.95
C ALA A 147 -4.84 -14.47 0.93
N LEU A 148 -4.62 -14.84 -0.32
CA LEU A 148 -4.56 -13.86 -1.40
C LEU A 148 -5.93 -13.18 -1.53
N GLU A 149 -6.97 -13.92 -1.19
CA GLU A 149 -8.33 -13.42 -1.29
C GLU A 149 -8.67 -12.52 -0.10
N GLU A 150 -8.15 -12.84 1.06
CA GLU A 150 -8.38 -11.99 2.23
C GLU A 150 -7.51 -10.73 2.14
N ALA A 151 -6.40 -10.84 1.43
CA ALA A 151 -5.49 -9.72 1.23
C ALA A 151 -6.10 -8.68 0.29
N VAL A 152 -6.71 -9.14 -0.80
CA VAL A 152 -7.37 -8.22 -1.73
C VAL A 152 -8.52 -7.50 -1.05
N GLN A 153 -9.26 -8.23 -0.20
CA GLN A 153 -10.33 -7.63 0.59
C GLN A 153 -9.76 -6.62 1.56
N MET A 154 -8.66 -7.01 2.23
CA MET A 154 -8.00 -6.17 3.21
C MET A 154 -7.60 -4.83 2.59
N MET A 155 -6.93 -4.88 1.43
CA MET A 155 -6.55 -3.66 0.73
C MET A 155 -7.77 -2.85 0.33
N THR A 156 -8.70 -3.52 -0.35
CA THR A 156 -9.90 -2.84 -0.85
C THR A 156 -10.61 -2.03 0.23
N GLU A 157 -10.80 -2.66 1.39
CA GLU A 157 -11.45 -2.01 2.51
C GLU A 157 -10.60 -0.85 3.03
N ALA A 158 -9.29 -1.04 3.02
CA ALA A 158 -8.37 -0.02 3.54
C ALA A 158 -8.24 1.12 2.54
N VAL A 159 -8.47 0.79 1.28
CA VAL A 159 -8.53 1.79 0.22
C VAL A 159 -9.62 2.81 0.50
N GLU A 160 -10.83 2.32 0.75
CA GLU A 160 -11.94 3.18 1.09
C GLU A 160 -11.71 3.82 2.45
N ASP A 161 -11.04 3.08 3.32
CA ASP A 161 -10.74 3.55 4.67
C ASP A 161 -9.88 4.80 4.63
N LEU A 162 -8.74 4.71 3.95
CA LEU A 162 -7.83 5.83 3.81
C LEU A 162 -8.49 6.95 3.01
N THR A 163 -9.16 6.58 1.94
CA THR A 163 -9.87 7.53 1.09
C THR A 163 -10.86 8.37 1.90
N THR A 164 -11.56 7.73 2.84
CA THR A 164 -12.48 8.44 3.71
C THR A 164 -11.75 9.56 4.46
N THR A 165 -10.67 9.20 5.14
CA THR A 165 -9.89 10.17 5.91
C THR A 165 -9.37 11.28 5.01
N LEU A 166 -8.88 10.91 3.84
CA LEU A 166 -8.37 11.86 2.87
C LEU A 166 -9.47 12.81 2.40
N ASN A 167 -10.62 12.25 2.08
CA ASN A 167 -11.74 13.01 1.54
C ASN A 167 -12.37 13.89 2.62
N GLU A 168 -12.29 13.47 3.88
CA GLU A 168 -12.75 14.30 4.98
C GLU A 168 -11.75 15.41 5.22
N ALA A 169 -10.47 15.09 5.02
CA ALA A 169 -9.37 16.03 5.25
C ALA A 169 -9.52 17.31 4.42
N ALA A 170 -10.38 17.27 3.42
CA ALA A 170 -10.72 18.46 2.66
C ALA A 170 -11.13 19.59 3.61
N SER A 171 -12.03 19.28 4.54
CA SER A 171 -12.45 20.23 5.56
C SER A 171 -11.83 19.88 6.92
N ALA A 172 -11.56 18.59 7.12
CA ALA A 172 -11.13 18.07 8.41
C ALA A 172 -9.64 18.30 8.66
N ALA A 173 -8.94 18.81 7.66
CA ALA A 173 -7.51 19.07 7.77
C ALA A 173 -7.18 20.48 7.34
N GLY A 174 -5.98 20.93 7.67
CA GLY A 174 -5.56 22.27 7.32
C GLY A 174 -4.09 22.48 7.62
N GLY A 1 17.75 -14.86 -1.34
CA GLY A 1 16.83 -14.60 -2.48
C GLY A 1 16.82 -15.72 -3.49
N ILE A 2 15.80 -16.57 -3.41
CA ILE A 2 15.65 -17.67 -4.35
C ILE A 2 14.21 -17.72 -4.87
N ASP A 3 13.96 -18.58 -5.84
CA ASP A 3 12.61 -18.79 -6.33
C ASP A 3 12.18 -20.25 -6.11
N PRO A 4 11.42 -20.51 -5.04
CA PRO A 4 10.92 -21.85 -4.72
C PRO A 4 9.73 -22.23 -5.59
N PHE A 5 9.10 -21.22 -6.16
CA PHE A 5 7.98 -21.43 -7.07
C PHE A 5 8.46 -21.19 -8.49
N THR A 6 7.57 -21.21 -9.46
CA THR A 6 7.99 -21.11 -10.85
C THR A 6 6.97 -20.38 -11.72
N ALA A 7 7.28 -19.12 -12.00
CA ALA A 7 6.46 -18.27 -12.86
C ALA A 7 7.07 -16.88 -12.95
N PRO A 8 6.93 -16.21 -14.11
CA PRO A 8 7.35 -14.82 -14.26
C PRO A 8 6.53 -13.91 -13.35
N GLY A 9 7.20 -13.05 -12.60
CA GLY A 9 6.51 -12.22 -11.65
C GLY A 9 6.78 -12.69 -10.24
N GLN A 10 7.25 -13.92 -10.11
CA GLN A 10 7.64 -14.50 -8.84
C GLN A 10 8.65 -13.58 -8.14
N LEU A 11 9.65 -13.16 -8.89
CA LEU A 11 10.68 -12.29 -8.34
C LEU A 11 10.12 -10.88 -8.14
N GLU A 12 9.33 -10.43 -9.10
CA GLU A 12 8.76 -9.08 -9.10
C GLU A 12 7.96 -8.84 -7.82
N CYS A 13 7.41 -9.90 -7.27
CA CYS A 13 6.65 -9.80 -6.04
C CYS A 13 7.58 -9.64 -4.85
N GLU A 14 8.66 -10.42 -4.83
CA GLU A 14 9.57 -10.41 -3.70
C GLU A 14 10.42 -9.14 -3.69
N THR A 15 10.80 -8.67 -4.87
CA THR A 15 11.51 -7.41 -5.00
C THR A 15 10.66 -6.26 -4.46
N ALA A 16 9.38 -6.24 -4.86
CA ALA A 16 8.45 -5.22 -4.41
C ALA A 16 8.23 -5.29 -2.91
N ILE A 17 8.24 -6.51 -2.36
CA ILE A 17 8.08 -6.71 -0.93
C ILE A 17 9.16 -5.97 -0.15
N ALA A 18 10.40 -6.02 -0.64
CA ALA A 18 11.51 -5.35 0.03
C ALA A 18 11.34 -3.83 0.01
N ALA A 19 10.78 -3.32 -1.09
CA ALA A 19 10.58 -1.88 -1.24
C ALA A 19 9.39 -1.44 -0.41
N LEU A 20 8.32 -2.22 -0.46
CA LEU A 20 7.11 -1.94 0.30
C LEU A 20 7.40 -2.07 1.79
N ASN A 21 8.28 -2.99 2.13
CA ASN A 21 8.73 -3.17 3.50
C ASN A 21 9.37 -1.89 4.00
N SER A 22 10.15 -1.28 3.13
CA SER A 22 10.88 -0.06 3.46
C SER A 22 9.92 1.11 3.72
N CYS A 23 8.84 1.20 2.94
CA CYS A 23 7.89 2.30 3.13
C CYS A 23 7.02 2.01 4.35
N LEU A 24 6.86 0.73 4.66
CA LEU A 24 6.14 0.32 5.86
C LEU A 24 6.88 0.83 7.10
N ARG A 25 8.20 0.67 7.10
CA ARG A 25 9.02 1.14 8.21
C ARG A 25 8.99 2.66 8.28
N ASP A 26 9.04 3.30 7.12
CA ASP A 26 9.02 4.76 7.05
C ASP A 26 7.71 5.30 7.63
N LEU A 27 6.61 4.68 7.23
CA LEU A 27 5.29 5.05 7.72
C LEU A 27 5.14 4.75 9.21
N ASP A 28 5.67 3.61 9.63
CA ASP A 28 5.58 3.18 11.01
C ASP A 28 6.30 4.16 11.94
N GLN A 29 7.44 4.63 11.49
CA GLN A 29 8.23 5.58 12.25
C GLN A 29 7.62 6.98 12.16
N ALA A 30 7.04 7.30 11.01
CA ALA A 30 6.34 8.56 10.83
C ALA A 30 5.21 8.70 11.84
N SER A 31 4.48 7.61 12.05
CA SER A 31 3.39 7.57 13.01
C SER A 31 3.89 7.93 14.41
N LEU A 32 5.04 7.36 14.77
CA LEU A 32 5.61 7.60 16.10
C LEU A 32 6.16 9.02 16.20
N ALA A 33 6.81 9.48 15.15
CA ALA A 33 7.37 10.83 15.11
C ALA A 33 6.26 11.88 15.12
N ALA A 34 5.09 11.50 14.61
CA ALA A 34 3.95 12.40 14.59
C ALA A 34 3.37 12.60 15.98
N VAL A 35 3.64 11.65 16.88
CA VAL A 35 3.20 11.75 18.26
C VAL A 35 3.97 12.85 18.98
N SER A 36 5.27 12.90 18.73
CA SER A 36 6.14 13.87 19.36
C SER A 36 6.25 15.14 18.52
N GLN A 37 5.65 15.10 17.33
CA GLN A 37 5.67 16.23 16.39
C GLN A 37 7.10 16.56 15.95
N GLN A 38 7.97 15.57 16.01
CA GLN A 38 9.37 15.74 15.61
C GLN A 38 9.57 15.31 14.16
N LEU A 39 8.48 14.90 13.53
CA LEU A 39 8.52 14.41 12.16
C LEU A 39 8.75 15.55 11.18
N ALA A 40 9.67 15.32 10.23
CA ALA A 40 9.96 16.28 9.18
C ALA A 40 8.72 16.53 8.31
N PRO A 41 8.63 17.74 7.70
CA PRO A 41 7.44 18.15 6.92
C PRO A 41 7.21 17.31 5.67
N ARG A 42 6.19 17.70 4.91
CA ARG A 42 5.79 16.98 3.69
C ARG A 42 6.91 16.91 2.66
N GLU A 43 6.72 16.05 1.66
CA GLU A 43 7.69 15.85 0.60
C GLU A 43 7.90 17.12 -0.22
N GLY A 44 6.83 17.86 -0.45
CA GLY A 44 6.93 19.14 -1.13
C GLY A 44 5.68 19.51 -1.89
N ILE A 45 4.54 19.49 -1.21
CA ILE A 45 3.29 19.87 -1.85
C ILE A 45 2.32 20.45 -0.80
N SER A 46 1.23 21.05 -1.28
CA SER A 46 0.25 21.69 -0.41
C SER A 46 -0.66 20.65 0.28
N GLN A 47 -1.44 21.12 1.24
CA GLN A 47 -2.23 20.23 2.10
C GLN A 47 -3.32 19.50 1.31
N GLU A 48 -4.05 20.22 0.49
CA GLU A 48 -5.11 19.62 -0.31
C GLU A 48 -4.51 18.69 -1.35
N ALA A 49 -3.35 19.06 -1.85
CA ALA A 49 -2.66 18.27 -2.84
C ALA A 49 -2.23 16.94 -2.24
N LEU A 50 -1.81 16.98 -0.98
CA LEU A 50 -1.51 15.76 -0.23
C LEU A 50 -2.72 14.84 -0.20
N HIS A 51 -3.87 15.42 0.09
CA HIS A 51 -5.12 14.66 0.15
C HIS A 51 -5.40 14.00 -1.19
N THR A 52 -5.37 14.81 -2.24
CA THR A 52 -5.64 14.34 -3.60
C THR A 52 -4.58 13.34 -4.04
N GLN A 53 -3.30 13.65 -3.78
CA GLN A 53 -2.19 12.79 -4.19
C GLN A 53 -2.36 11.38 -3.61
N MET A 54 -2.66 11.31 -2.33
CA MET A 54 -2.85 10.03 -1.67
C MET A 54 -4.05 9.30 -2.24
N LEU A 55 -5.14 10.03 -2.44
CA LEU A 55 -6.36 9.46 -3.01
C LEU A 55 -6.11 8.97 -4.43
N THR A 56 -5.42 9.76 -5.23
CA THR A 56 -5.08 9.36 -6.58
C THR A 56 -4.30 8.05 -6.56
N ALA A 57 -3.30 7.99 -5.70
CA ALA A 57 -2.48 6.79 -5.57
C ALA A 57 -3.32 5.60 -5.09
N VAL A 58 -4.10 5.82 -4.04
CA VAL A 58 -4.83 4.75 -3.39
C VAL A 58 -5.89 4.16 -4.33
N GLN A 59 -6.48 5.03 -5.11
CA GLN A 59 -7.48 4.63 -6.09
C GLN A 59 -6.84 3.84 -7.24
N GLU A 60 -5.70 4.32 -7.73
CA GLU A 60 -4.97 3.61 -8.78
C GLU A 60 -4.54 2.23 -8.30
N ILE A 61 -4.14 2.15 -7.04
CA ILE A 61 -3.81 0.88 -6.42
C ILE A 61 -5.01 -0.05 -6.46
N SER A 62 -6.15 0.45 -5.97
CA SER A 62 -7.38 -0.33 -5.92
C SER A 62 -7.74 -0.88 -7.31
N HIS A 63 -7.54 -0.06 -8.33
CA HIS A 63 -7.85 -0.45 -9.70
C HIS A 63 -7.07 -1.67 -10.13
N LEU A 64 -5.83 -1.77 -9.66
CA LEU A 64 -4.97 -2.89 -10.04
C LEU A 64 -5.09 -4.04 -9.03
N ILE A 65 -5.63 -3.75 -7.85
CA ILE A 65 -5.76 -4.75 -6.79
C ILE A 65 -6.64 -5.91 -7.26
N GLU A 66 -7.77 -5.59 -7.88
CA GLU A 66 -8.69 -6.61 -8.36
C GLU A 66 -8.02 -7.54 -9.41
N PRO A 67 -7.48 -6.99 -10.53
CA PRO A 67 -6.82 -7.79 -11.55
C PRO A 67 -5.61 -8.55 -11.04
N LEU A 68 -4.88 -7.95 -10.09
CA LEU A 68 -3.68 -8.58 -9.55
C LEU A 68 -4.02 -9.88 -8.85
N ALA A 69 -5.07 -9.85 -8.03
CA ALA A 69 -5.50 -11.05 -7.31
C ALA A 69 -5.85 -12.16 -8.28
N SER A 70 -6.55 -11.81 -9.35
CA SER A 70 -6.93 -12.78 -10.37
C SER A 70 -5.72 -13.23 -11.18
N ALA A 71 -4.75 -12.33 -11.36
CA ALA A 71 -3.54 -12.66 -12.11
C ALA A 71 -2.61 -13.55 -11.29
N ALA A 72 -2.44 -13.21 -10.02
CA ALA A 72 -1.53 -13.94 -9.15
C ALA A 72 -1.88 -15.43 -9.10
N ARG A 73 -3.16 -15.73 -9.08
CA ARG A 73 -3.61 -17.11 -8.95
C ARG A 73 -3.42 -17.91 -10.24
N ALA A 74 -3.14 -17.23 -11.36
CA ALA A 74 -3.03 -17.93 -12.64
C ALA A 74 -2.11 -17.22 -13.63
N GLU A 75 -2.47 -16.01 -14.01
CA GLU A 75 -1.77 -15.27 -15.05
C GLU A 75 -0.49 -14.63 -14.56
N ALA A 76 0.62 -15.32 -14.73
CA ALA A 76 1.92 -14.82 -14.32
C ALA A 76 2.39 -13.71 -15.26
N SER A 77 2.00 -13.81 -16.53
CA SER A 77 2.47 -12.89 -17.56
C SER A 77 2.01 -11.46 -17.31
N GLN A 78 0.83 -11.29 -16.74
CA GLN A 78 0.31 -9.95 -16.48
C GLN A 78 0.62 -9.55 -15.04
N LEU A 79 0.69 -10.57 -14.19
CA LEU A 79 0.91 -10.38 -12.75
C LEU A 79 2.15 -9.55 -12.46
N GLY A 80 3.27 -9.90 -13.10
CA GLY A 80 4.51 -9.18 -12.88
C GLY A 80 4.36 -7.67 -12.98
N HIS A 81 3.59 -7.22 -13.96
CA HIS A 81 3.37 -5.80 -14.16
C HIS A 81 2.47 -5.21 -13.08
N LYS A 82 1.49 -5.98 -12.62
CA LYS A 82 0.55 -5.53 -11.59
C LYS A 82 1.32 -5.16 -10.33
N VAL A 83 2.18 -6.09 -9.91
CA VAL A 83 2.95 -5.94 -8.69
C VAL A 83 3.84 -4.70 -8.74
N SER A 84 4.47 -4.47 -9.89
CA SER A 84 5.31 -3.30 -10.07
C SER A 84 4.49 -2.03 -9.94
N GLN A 85 3.31 -2.02 -10.56
CA GLN A 85 2.42 -0.86 -10.53
C GLN A 85 1.98 -0.55 -9.10
N MET A 86 1.61 -1.58 -8.35
CA MET A 86 1.12 -1.40 -6.99
C MET A 86 2.17 -0.74 -6.12
N ALA A 87 3.42 -1.14 -6.32
CA ALA A 87 4.53 -0.62 -5.53
C ALA A 87 4.78 0.85 -5.85
N GLN A 88 4.47 1.23 -7.09
CA GLN A 88 4.69 2.60 -7.55
C GLN A 88 3.90 3.58 -6.71
N TYR A 89 2.62 3.31 -6.55
CA TYR A 89 1.71 4.26 -5.93
C TYR A 89 1.93 4.35 -4.42
N PHE A 90 2.43 3.28 -3.82
CA PHE A 90 2.71 3.29 -2.39
C PHE A 90 3.86 4.23 -2.05
N GLU A 91 4.73 4.49 -3.02
CA GLU A 91 5.86 5.40 -2.80
C GLU A 91 5.37 6.82 -2.45
N PRO A 92 4.59 7.51 -3.32
CA PRO A 92 4.06 8.83 -2.98
C PRO A 92 3.02 8.76 -1.87
N LEU A 93 2.26 7.66 -1.83
CA LEU A 93 1.24 7.49 -0.80
C LEU A 93 1.88 7.55 0.58
N THR A 94 3.00 6.85 0.73
CA THR A 94 3.79 6.90 1.95
C THR A 94 4.27 8.33 2.24
N LEU A 95 4.96 8.92 1.28
CA LEU A 95 5.56 10.25 1.46
C LEU A 95 4.50 11.30 1.75
N ALA A 96 3.40 11.24 1.02
CA ALA A 96 2.31 12.19 1.18
C ALA A 96 1.64 12.02 2.54
N ALA A 97 1.53 10.78 3.00
CA ALA A 97 0.93 10.49 4.30
C ALA A 97 1.83 11.00 5.42
N VAL A 98 3.12 10.78 5.29
CA VAL A 98 4.09 11.26 6.27
C VAL A 98 4.06 12.79 6.30
N GLY A 99 3.90 13.39 5.12
CA GLY A 99 3.77 14.83 5.04
C GLY A 99 2.53 15.35 5.74
N ALA A 100 1.44 14.61 5.60
CA ALA A 100 0.17 14.97 6.25
C ALA A 100 0.33 15.03 7.76
N ALA A 101 1.13 14.13 8.31
CA ALA A 101 1.38 14.13 9.74
C ALA A 101 1.94 15.46 10.20
N SER A 102 3.05 15.86 9.61
CA SER A 102 3.75 17.05 10.07
C SER A 102 3.04 18.33 9.62
N LYS A 103 2.33 18.25 8.50
CA LYS A 103 1.74 19.43 7.87
C LYS A 103 0.31 19.69 8.37
N THR A 104 -0.45 18.64 8.59
CA THR A 104 -1.83 18.78 9.04
C THR A 104 -1.87 19.22 10.49
N LEU A 105 -2.69 20.23 10.78
CA LEU A 105 -2.77 20.81 12.11
C LEU A 105 -3.71 20.00 13.01
N SER A 106 -4.51 19.15 12.39
CA SER A 106 -5.41 18.28 13.13
C SER A 106 -4.69 16.97 13.45
N HIS A 107 -4.21 16.87 14.69
CA HIS A 107 -3.34 15.76 15.10
C HIS A 107 -4.01 14.39 14.94
N PRO A 108 -5.20 14.17 15.51
CA PRO A 108 -5.90 12.88 15.38
C PRO A 108 -6.23 12.53 13.92
N GLN A 109 -6.31 13.55 13.08
CA GLN A 109 -6.68 13.36 11.68
C GLN A 109 -5.43 13.10 10.83
N GLN A 110 -4.36 13.84 11.12
CA GLN A 110 -3.09 13.68 10.40
C GLN A 110 -2.56 12.26 10.61
N MET A 111 -2.71 11.77 11.84
CA MET A 111 -2.20 10.47 12.21
C MET A 111 -3.12 9.37 11.70
N ALA A 112 -4.41 9.68 11.59
CA ALA A 112 -5.37 8.69 11.16
C ALA A 112 -5.03 8.19 9.76
N LEU A 113 -4.90 9.10 8.81
CA LEU A 113 -4.62 8.69 7.43
C LEU A 113 -3.18 8.20 7.31
N LEU A 114 -2.33 8.72 8.18
CA LEU A 114 -0.94 8.28 8.25
C LEU A 114 -0.86 6.79 8.62
N ASP A 115 -1.50 6.43 9.72
CA ASP A 115 -1.53 5.05 10.18
C ASP A 115 -2.31 4.18 9.19
N GLN A 116 -3.37 4.74 8.64
CA GLN A 116 -4.18 4.03 7.64
C GLN A 116 -3.35 3.68 6.41
N THR A 117 -2.49 4.59 5.99
CA THR A 117 -1.59 4.34 4.86
C THR A 117 -0.63 3.21 5.20
N LYS A 118 -0.09 3.27 6.40
CA LYS A 118 0.81 2.24 6.89
C LYS A 118 0.08 0.91 7.04
N THR A 119 -1.16 0.97 7.50
CA THR A 119 -2.02 -0.19 7.57
C THR A 119 -2.25 -0.76 6.16
N LEU A 120 -2.47 0.14 5.21
CA LEU A 120 -2.62 -0.25 3.81
C LEU A 120 -1.33 -0.88 3.29
N ALA A 121 -0.20 -0.36 3.75
CA ALA A 121 1.10 -0.92 3.40
C ALA A 121 1.23 -2.34 3.94
N GLU A 122 0.77 -2.54 5.18
CA GLU A 122 0.75 -3.89 5.76
C GLU A 122 -0.16 -4.80 4.95
N SER A 123 -1.30 -4.25 4.53
CA SER A 123 -2.26 -4.98 3.72
C SER A 123 -1.61 -5.36 2.38
N ALA A 124 -0.92 -4.40 1.77
CA ALA A 124 -0.27 -4.62 0.49
C ALA A 124 0.92 -5.56 0.63
N LEU A 125 1.59 -5.50 1.78
CA LEU A 125 2.73 -6.37 2.01
C LEU A 125 2.25 -7.82 2.06
N GLN A 126 1.13 -8.03 2.74
CA GLN A 126 0.50 -9.34 2.77
C GLN A 126 0.02 -9.72 1.38
N LEU A 127 -0.45 -8.72 0.63
CA LEU A 127 -0.88 -8.92 -0.74
C LEU A 127 0.30 -9.39 -1.59
N LEU A 128 1.40 -8.63 -1.56
CA LEU A 128 2.59 -9.00 -2.32
C LEU A 128 3.13 -10.35 -1.83
N TYR A 129 3.01 -10.60 -0.54
CA TYR A 129 3.43 -11.88 0.04
C TYR A 129 2.66 -13.05 -0.54
N THR A 130 1.34 -12.94 -0.53
CA THR A 130 0.49 -14.01 -1.03
C THR A 130 0.56 -14.10 -2.55
N ALA A 131 0.59 -12.96 -3.22
CA ALA A 131 0.71 -12.89 -4.66
C ALA A 131 2.04 -13.45 -5.14
N LYS A 132 3.04 -13.38 -4.26
CA LYS A 132 4.36 -13.92 -4.57
C LYS A 132 4.29 -15.44 -4.69
N GLU A 133 3.86 -16.08 -3.62
CA GLU A 133 3.90 -17.53 -3.53
C GLU A 133 2.86 -18.19 -4.43
N ALA A 134 1.71 -17.54 -4.59
CA ALA A 134 0.67 -18.06 -5.47
C ALA A 134 0.95 -17.69 -6.92
N GLY A 135 1.84 -16.71 -7.09
CA GLY A 135 2.05 -16.04 -8.36
C GLY A 135 2.33 -16.95 -9.54
N GLY A 136 1.26 -17.28 -10.27
CA GLY A 136 1.40 -17.92 -11.55
C GLY A 136 1.39 -19.42 -11.45
N ASN A 137 1.25 -19.92 -10.24
CA ASN A 137 1.24 -21.35 -10.01
C ASN A 137 0.24 -21.76 -8.93
N PRO A 138 -1.03 -21.98 -9.33
CA PRO A 138 -2.06 -22.46 -8.42
C PRO A 138 -1.78 -23.88 -7.96
N LYS A 139 -0.96 -24.59 -8.75
CA LYS A 139 -0.60 -25.96 -8.45
C LYS A 139 0.51 -26.02 -7.41
N GLN A 140 1.02 -24.86 -7.02
CA GLN A 140 2.08 -24.79 -6.02
C GLN A 140 1.61 -24.05 -4.77
N ALA A 141 0.34 -23.63 -4.79
CA ALA A 141 -0.21 -22.87 -3.69
C ALA A 141 -1.64 -23.29 -3.41
N ALA A 142 -1.91 -23.69 -2.17
CA ALA A 142 -3.24 -24.11 -1.76
C ALA A 142 -3.81 -23.14 -0.73
N HIS A 143 -3.18 -23.07 0.43
CA HIS A 143 -3.61 -22.15 1.48
C HIS A 143 -3.24 -20.72 1.09
N THR A 144 -2.27 -20.58 0.20
CA THR A 144 -1.88 -19.28 -0.31
C THR A 144 -3.01 -18.67 -1.11
N GLN A 145 -3.78 -19.52 -1.78
CA GLN A 145 -4.91 -19.07 -2.56
C GLN A 145 -5.96 -18.44 -1.65
N GLU A 146 -6.19 -19.09 -0.52
CA GLU A 146 -7.16 -18.60 0.46
C GLU A 146 -6.71 -17.28 1.06
N ALA A 147 -5.44 -17.22 1.45
CA ALA A 147 -4.88 -16.03 2.08
C ALA A 147 -4.73 -14.88 1.10
N LEU A 148 -4.56 -15.22 -0.17
CA LEU A 148 -4.50 -14.22 -1.23
C LEU A 148 -5.81 -13.44 -1.27
N GLU A 149 -6.89 -14.13 -0.91
CA GLU A 149 -8.22 -13.53 -0.92
C GLU A 149 -8.40 -12.62 0.29
N GLU A 150 -7.74 -12.97 1.38
CA GLU A 150 -7.77 -12.15 2.57
C GLU A 150 -7.00 -10.87 2.34
N ALA A 151 -5.93 -10.97 1.55
CA ALA A 151 -5.08 -9.82 1.24
C ALA A 151 -5.80 -8.84 0.31
N VAL A 152 -6.43 -9.36 -0.74
CA VAL A 152 -7.11 -8.50 -1.71
C VAL A 152 -8.25 -7.72 -1.06
N GLN A 153 -9.05 -8.39 -0.22
CA GLN A 153 -10.15 -7.73 0.45
C GLN A 153 -9.63 -6.75 1.52
N MET A 154 -8.51 -7.11 2.14
CA MET A 154 -7.90 -6.27 3.16
C MET A 154 -7.49 -4.93 2.55
N MET A 155 -6.80 -4.99 1.42
CA MET A 155 -6.45 -3.77 0.69
C MET A 155 -7.70 -3.04 0.24
N THR A 156 -8.61 -3.78 -0.37
CA THR A 156 -9.86 -3.22 -0.86
C THR A 156 -10.55 -2.37 0.20
N GLU A 157 -10.69 -2.92 1.39
CA GLU A 157 -11.33 -2.24 2.49
C GLU A 157 -10.49 -1.07 2.96
N ALA A 158 -9.18 -1.28 3.05
CA ALA A 158 -8.27 -0.27 3.57
C ALA A 158 -8.15 0.90 2.59
N VAL A 159 -8.31 0.60 1.31
CA VAL A 159 -8.31 1.61 0.27
C VAL A 159 -9.43 2.63 0.52
N GLU A 160 -10.65 2.12 0.64
CA GLU A 160 -11.80 2.96 0.93
C GLU A 160 -11.69 3.57 2.32
N ASP A 161 -11.03 2.84 3.21
CA ASP A 161 -10.89 3.25 4.59
C ASP A 161 -9.97 4.47 4.69
N LEU A 162 -8.83 4.41 4.02
CA LEU A 162 -7.92 5.54 3.92
C LEU A 162 -8.59 6.66 3.15
N THR A 163 -9.21 6.31 2.02
CA THR A 163 -9.91 7.26 1.17
C THR A 163 -10.91 8.08 1.99
N THR A 164 -11.61 7.44 2.92
CA THR A 164 -12.55 8.13 3.78
C THR A 164 -11.84 9.23 4.58
N THR A 165 -10.75 8.86 5.25
CA THR A 165 -9.99 9.81 6.05
C THR A 165 -9.43 10.94 5.18
N LEU A 166 -8.96 10.58 4.00
CA LEU A 166 -8.42 11.54 3.05
C LEU A 166 -9.50 12.52 2.57
N ASN A 167 -10.61 11.96 2.13
CA ASN A 167 -11.69 12.74 1.57
C ASN A 167 -12.37 13.61 2.63
N GLU A 168 -12.28 13.18 3.90
CA GLU A 168 -12.74 14.01 5.00
C GLU A 168 -11.73 15.10 5.23
N ALA A 169 -10.45 14.69 5.33
CA ALA A 169 -9.35 15.60 5.63
C ALA A 169 -9.28 16.79 4.67
N ALA A 170 -9.92 16.66 3.51
CA ALA A 170 -10.03 17.76 2.56
C ALA A 170 -10.52 19.03 3.27
N SER A 171 -11.65 18.93 3.95
CA SER A 171 -12.17 20.03 4.73
C SER A 171 -11.90 19.82 6.23
N ALA A 172 -11.76 18.56 6.62
CA ALA A 172 -11.60 18.20 8.03
C ALA A 172 -10.20 18.50 8.54
N ALA A 173 -9.22 18.51 7.65
CA ALA A 173 -7.83 18.67 8.06
C ALA A 173 -7.04 19.49 7.05
N GLY A 174 -7.73 20.36 6.34
CA GLY A 174 -7.08 21.21 5.37
C GLY A 174 -7.74 22.55 5.27
N GLY A 1 17.69 -13.05 -3.11
CA GLY A 1 16.72 -14.16 -2.93
C GLY A 1 16.86 -15.22 -4.00
N ILE A 2 15.89 -16.12 -4.07
CA ILE A 2 15.88 -17.18 -5.07
C ILE A 2 14.64 -17.06 -5.94
N ASP A 3 14.45 -18.03 -6.83
CA ASP A 3 13.28 -18.04 -7.71
C ASP A 3 12.45 -19.30 -7.48
N PRO A 4 11.59 -19.30 -6.44
CA PRO A 4 10.64 -20.36 -6.19
C PRO A 4 9.30 -20.05 -6.83
N PHE A 5 8.39 -21.03 -6.86
CA PHE A 5 7.07 -20.84 -7.47
C PHE A 5 7.27 -20.35 -8.91
N THR A 6 8.30 -20.92 -9.55
CA THR A 6 8.88 -20.41 -10.79
C THR A 6 7.85 -19.87 -11.78
N ALA A 7 7.83 -18.55 -11.90
CA ALA A 7 6.97 -17.85 -12.83
C ALA A 7 7.35 -16.38 -12.88
N PRO A 8 7.09 -15.71 -14.01
CA PRO A 8 7.29 -14.26 -14.11
C PRO A 8 6.41 -13.51 -13.11
N GLY A 9 6.96 -12.48 -12.51
CA GLY A 9 6.25 -11.78 -11.46
C GLY A 9 6.74 -12.19 -10.09
N GLN A 10 7.31 -13.38 -10.00
CA GLN A 10 7.85 -13.91 -8.75
C GLN A 10 8.92 -12.97 -8.19
N LEU A 11 9.92 -12.69 -9.00
CA LEU A 11 10.99 -11.77 -8.62
C LEU A 11 10.44 -10.37 -8.41
N GLU A 12 9.57 -9.94 -9.32
CA GLU A 12 8.97 -8.62 -9.27
C GLU A 12 8.20 -8.41 -7.96
N CYS A 13 7.68 -9.50 -7.40
CA CYS A 13 6.99 -9.43 -6.12
C CYS A 13 7.99 -9.26 -4.99
N GLU A 14 9.11 -9.97 -5.07
CA GLU A 14 10.12 -9.94 -4.02
C GLU A 14 10.76 -8.56 -3.92
N THR A 15 11.13 -7.99 -5.06
CA THR A 15 11.74 -6.68 -5.09
C THR A 15 10.75 -5.62 -4.62
N ALA A 16 9.47 -5.83 -4.89
CA ALA A 16 8.43 -4.94 -4.43
C ALA A 16 8.23 -5.07 -2.93
N ILE A 17 8.21 -6.30 -2.44
CA ILE A 17 8.08 -6.59 -1.02
C ILE A 17 9.19 -5.91 -0.22
N ALA A 18 10.40 -5.92 -0.76
CA ALA A 18 11.54 -5.28 -0.10
C ALA A 18 11.31 -3.77 0.03
N ALA A 19 10.80 -3.16 -1.02
CA ALA A 19 10.58 -1.72 -1.04
C ALA A 19 9.36 -1.35 -0.21
N LEU A 20 8.33 -2.17 -0.32
CA LEU A 20 7.10 -1.97 0.42
C LEU A 20 7.34 -2.16 1.92
N ASN A 21 8.26 -3.04 2.24
CA ASN A 21 8.67 -3.25 3.63
C ASN A 21 9.30 -1.97 4.15
N SER A 22 10.10 -1.34 3.30
CA SER A 22 10.77 -0.10 3.62
C SER A 22 9.77 1.03 3.86
N CYS A 23 8.74 1.12 3.02
CA CYS A 23 7.76 2.19 3.18
C CYS A 23 6.87 1.93 4.37
N LEU A 24 6.68 0.66 4.69
CA LEU A 24 5.93 0.27 5.88
C LEU A 24 6.67 0.74 7.12
N ARG A 25 7.98 0.49 7.15
CA ARG A 25 8.82 0.94 8.25
C ARG A 25 8.86 2.46 8.31
N ASP A 26 8.97 3.09 7.16
CA ASP A 26 9.03 4.56 7.08
C ASP A 26 7.79 5.18 7.69
N LEU A 27 6.62 4.65 7.34
CA LEU A 27 5.36 5.11 7.89
C LEU A 27 5.30 4.90 9.39
N ASP A 28 5.81 3.76 9.84
CA ASP A 28 5.84 3.44 11.25
C ASP A 28 6.66 4.45 12.03
N GLN A 29 7.81 4.83 11.48
CA GLN A 29 8.68 5.80 12.12
C GLN A 29 8.04 7.18 12.05
N ALA A 30 7.31 7.43 10.96
CA ALA A 30 6.60 8.69 10.79
C ALA A 30 5.58 8.89 11.90
N SER A 31 4.78 7.86 12.16
CA SER A 31 3.83 7.87 13.26
C SER A 31 4.53 8.22 14.58
N LEU A 32 5.65 7.57 14.82
CA LEU A 32 6.43 7.79 16.03
C LEU A 32 6.97 9.22 16.10
N ALA A 33 7.43 9.73 14.96
CA ALA A 33 7.95 11.09 14.90
C ALA A 33 6.82 12.12 14.96
N ALA A 34 5.65 11.74 14.45
CA ALA A 34 4.49 12.63 14.48
C ALA A 34 3.94 12.76 15.89
N VAL A 35 3.87 11.64 16.60
CA VAL A 35 3.34 11.63 17.96
C VAL A 35 4.29 12.36 18.92
N SER A 36 5.53 12.56 18.47
CA SER A 36 6.51 13.29 19.26
C SER A 36 6.72 14.68 18.68
N GLN A 37 6.01 14.99 17.58
CA GLN A 37 6.10 16.28 16.90
C GLN A 37 7.51 16.55 16.38
N GLN A 38 8.29 15.49 16.19
CA GLN A 38 9.67 15.61 15.72
C GLN A 38 9.75 15.36 14.22
N LEU A 39 8.61 15.13 13.60
CA LEU A 39 8.56 14.78 12.19
C LEU A 39 8.67 16.01 11.30
N ALA A 40 9.40 15.86 10.20
CA ALA A 40 9.61 16.94 9.26
C ALA A 40 8.64 16.83 8.08
N PRO A 41 8.39 17.94 7.35
CA PRO A 41 7.50 17.95 6.18
C PRO A 41 7.92 16.95 5.11
N ARG A 42 6.99 16.61 4.21
CA ARG A 42 7.24 15.59 3.19
C ARG A 42 7.89 16.17 1.94
N GLU A 43 7.77 15.43 0.83
CA GLU A 43 8.22 15.85 -0.49
C GLU A 43 7.85 17.31 -0.77
N GLY A 44 6.68 17.73 -0.28
CA GLY A 44 6.29 19.12 -0.39
C GLY A 44 5.09 19.32 -1.29
N ILE A 45 3.93 19.57 -0.68
CA ILE A 45 2.71 19.84 -1.44
C ILE A 45 1.64 20.41 -0.51
N SER A 46 0.65 21.09 -1.09
CA SER A 46 -0.42 21.71 -0.33
C SER A 46 -1.26 20.67 0.40
N GLN A 47 -1.96 21.11 1.45
CA GLN A 47 -2.75 20.21 2.29
C GLN A 47 -3.86 19.52 1.50
N GLU A 48 -4.62 20.29 0.74
CA GLU A 48 -5.70 19.73 -0.06
C GLU A 48 -5.14 18.90 -1.20
N ALA A 49 -3.94 19.24 -1.62
CA ALA A 49 -3.26 18.53 -2.68
C ALA A 49 -2.81 17.16 -2.21
N LEU A 50 -2.62 17.01 -0.90
CA LEU A 50 -2.34 15.71 -0.30
C LEU A 50 -3.51 14.77 -0.54
N HIS A 51 -4.72 15.30 -0.38
CA HIS A 51 -5.93 14.57 -0.73
C HIS A 51 -5.83 14.07 -2.17
N THR A 52 -5.47 14.98 -3.07
CA THR A 52 -5.33 14.65 -4.47
C THR A 52 -4.25 13.57 -4.67
N GLN A 53 -3.07 13.82 -4.12
CA GLN A 53 -1.92 12.92 -4.28
C GLN A 53 -2.27 11.52 -3.81
N MET A 54 -2.79 11.44 -2.59
CA MET A 54 -3.03 10.15 -1.97
C MET A 54 -4.24 9.44 -2.57
N LEU A 55 -5.34 10.18 -2.72
CA LEU A 55 -6.59 9.59 -3.23
C LEU A 55 -6.39 8.99 -4.62
N THR A 56 -5.72 9.73 -5.50
CA THR A 56 -5.51 9.28 -6.87
C THR A 56 -4.70 7.98 -6.90
N ALA A 57 -3.73 7.88 -6.01
CA ALA A 57 -2.90 6.68 -5.93
C ALA A 57 -3.71 5.51 -5.37
N VAL A 58 -4.40 5.75 -4.26
CA VAL A 58 -5.18 4.70 -3.60
C VAL A 58 -6.21 4.07 -4.54
N GLN A 59 -6.92 4.91 -5.29
CA GLN A 59 -7.90 4.41 -6.26
C GLN A 59 -7.23 3.56 -7.33
N GLU A 60 -6.13 4.07 -7.89
CA GLU A 60 -5.38 3.34 -8.91
C GLU A 60 -4.83 2.03 -8.35
N ILE A 61 -4.59 2.00 -7.05
CA ILE A 61 -4.18 0.77 -6.38
C ILE A 61 -5.31 -0.24 -6.41
N SER A 62 -6.46 0.12 -5.85
CA SER A 62 -7.61 -0.79 -5.82
C SER A 62 -7.99 -1.21 -7.24
N HIS A 63 -7.87 -0.26 -8.15
CA HIS A 63 -8.10 -0.49 -9.58
C HIS A 63 -7.23 -1.64 -10.08
N LEU A 64 -6.00 -1.73 -9.58
CA LEU A 64 -5.09 -2.79 -10.00
C LEU A 64 -5.17 -4.01 -9.07
N ILE A 65 -5.73 -3.84 -7.87
CA ILE A 65 -5.76 -4.91 -6.88
C ILE A 65 -6.54 -6.12 -7.39
N GLU A 66 -7.73 -5.87 -7.94
CA GLU A 66 -8.57 -6.96 -8.44
C GLU A 66 -7.87 -7.75 -9.54
N PRO A 67 -7.38 -7.10 -10.61
CA PRO A 67 -6.63 -7.78 -11.67
C PRO A 67 -5.36 -8.45 -11.14
N LEU A 68 -4.73 -7.86 -10.12
CA LEU A 68 -3.51 -8.43 -9.56
C LEU A 68 -3.81 -9.76 -8.90
N ALA A 69 -4.85 -9.80 -8.08
CA ALA A 69 -5.21 -11.02 -7.36
C ALA A 69 -5.62 -12.10 -8.35
N SER A 70 -6.44 -11.69 -9.31
CA SER A 70 -6.89 -12.58 -10.37
C SER A 70 -5.73 -13.07 -11.23
N ALA A 71 -4.73 -12.23 -11.42
CA ALA A 71 -3.55 -12.60 -12.19
C ALA A 71 -2.63 -13.49 -11.38
N ALA A 72 -2.35 -13.08 -10.15
CA ALA A 72 -1.41 -13.79 -9.28
C ALA A 72 -1.74 -15.28 -9.19
N ARG A 73 -3.02 -15.59 -9.11
CA ARG A 73 -3.46 -16.96 -8.92
C ARG A 73 -3.30 -17.81 -10.19
N ALA A 74 -3.03 -17.17 -11.33
CA ALA A 74 -2.96 -17.90 -12.60
C ALA A 74 -2.02 -17.25 -13.62
N GLU A 75 -2.37 -16.05 -14.06
CA GLU A 75 -1.63 -15.38 -15.14
C GLU A 75 -0.44 -14.57 -14.61
N ALA A 76 0.75 -15.12 -14.80
CA ALA A 76 1.97 -14.52 -14.27
C ALA A 76 2.46 -13.36 -15.14
N SER A 77 2.35 -13.53 -16.45
CA SER A 77 2.85 -12.56 -17.41
C SER A 77 2.26 -11.17 -17.17
N GLN A 78 1.04 -11.13 -16.69
CA GLN A 78 0.33 -9.88 -16.46
C GLN A 78 0.51 -9.42 -15.02
N LEU A 79 0.60 -10.40 -14.14
CA LEU A 79 0.79 -10.15 -12.72
C LEU A 79 2.01 -9.29 -12.45
N GLY A 80 3.10 -9.61 -13.11
CA GLY A 80 4.33 -8.84 -12.97
C GLY A 80 4.13 -7.35 -13.18
N HIS A 81 3.18 -7.01 -14.05
CA HIS A 81 2.89 -5.61 -14.34
C HIS A 81 2.09 -4.99 -13.20
N LYS A 82 1.21 -5.79 -12.61
CA LYS A 82 0.33 -5.32 -11.54
C LYS A 82 1.17 -4.94 -10.31
N VAL A 83 2.05 -5.85 -9.92
CA VAL A 83 2.89 -5.67 -8.75
C VAL A 83 3.75 -4.42 -8.88
N SER A 84 4.35 -4.24 -10.05
CA SER A 84 5.20 -3.09 -10.33
C SER A 84 4.42 -1.79 -10.13
N GLN A 85 3.15 -1.80 -10.49
CA GLN A 85 2.30 -0.63 -10.36
C GLN A 85 1.91 -0.38 -8.90
N MET A 86 1.52 -1.44 -8.20
CA MET A 86 1.02 -1.32 -6.84
C MET A 86 2.08 -0.75 -5.91
N ALA A 87 3.28 -1.32 -5.97
CA ALA A 87 4.37 -0.90 -5.10
C ALA A 87 4.77 0.54 -5.41
N GLN A 88 4.65 0.89 -6.68
CA GLN A 88 4.97 2.22 -7.17
C GLN A 88 4.13 3.30 -6.48
N TYR A 89 2.87 2.99 -6.19
CA TYR A 89 1.96 3.96 -5.60
C TYR A 89 2.21 4.12 -4.11
N PHE A 90 2.72 3.08 -3.49
CA PHE A 90 2.90 3.07 -2.04
C PHE A 90 4.05 3.96 -1.60
N GLU A 91 5.01 4.22 -2.49
CA GLU A 91 6.09 5.14 -2.12
C GLU A 91 5.55 6.55 -1.91
N PRO A 92 4.92 7.19 -2.92
CA PRO A 92 4.33 8.52 -2.75
C PRO A 92 3.31 8.54 -1.63
N LEU A 93 2.49 7.49 -1.52
CA LEU A 93 1.50 7.40 -0.46
C LEU A 93 2.16 7.48 0.90
N THR A 94 3.22 6.72 1.09
CA THR A 94 3.98 6.74 2.32
C THR A 94 4.47 8.17 2.61
N LEU A 95 5.22 8.75 1.67
CA LEU A 95 5.77 10.08 1.85
C LEU A 95 4.65 11.13 1.94
N ALA A 96 3.52 10.87 1.29
CA ALA A 96 2.38 11.77 1.34
C ALA A 96 1.73 11.73 2.72
N ALA A 97 1.60 10.52 3.27
CA ALA A 97 1.02 10.33 4.59
C ALA A 97 1.97 10.85 5.67
N VAL A 98 3.26 10.59 5.51
CA VAL A 98 4.27 11.12 6.42
C VAL A 98 4.22 12.65 6.40
N GLY A 99 3.90 13.20 5.23
CA GLY A 99 3.73 14.63 5.11
C GLY A 99 2.53 15.12 5.86
N ALA A 100 1.39 14.48 5.66
CA ALA A 100 0.16 14.85 6.35
C ALA A 100 0.32 14.73 7.85
N ALA A 101 1.20 13.84 8.27
CA ALA A 101 1.52 13.68 9.68
C ALA A 101 2.13 14.95 10.26
N SER A 102 3.19 15.42 9.63
CA SER A 102 3.91 16.57 10.14
C SER A 102 3.23 17.88 9.74
N LYS A 103 2.45 17.83 8.68
CA LYS A 103 1.84 19.01 8.10
C LYS A 103 0.46 19.30 8.70
N THR A 104 -0.37 18.27 8.81
CA THR A 104 -1.72 18.43 9.28
C THR A 104 -1.76 18.70 10.78
N LEU A 105 -2.42 19.78 11.16
CA LEU A 105 -2.54 20.16 12.55
C LEU A 105 -3.71 19.44 13.20
N SER A 106 -4.70 19.11 12.37
CA SER A 106 -5.83 18.32 12.81
C SER A 106 -5.38 16.89 13.06
N HIS A 107 -4.90 16.64 14.28
CA HIS A 107 -4.27 15.37 14.62
C HIS A 107 -5.18 14.17 14.37
N PRO A 108 -6.48 14.20 14.77
CA PRO A 108 -7.42 13.10 14.49
C PRO A 108 -7.43 12.67 13.03
N GLN A 109 -7.32 13.63 12.12
CA GLN A 109 -7.31 13.32 10.68
C GLN A 109 -5.89 12.94 10.24
N GLN A 110 -4.92 13.68 10.75
CA GLN A 110 -3.50 13.45 10.48
C GLN A 110 -3.10 12.02 10.82
N MET A 111 -3.33 11.65 12.08
CA MET A 111 -2.93 10.34 12.58
C MET A 111 -3.67 9.22 11.89
N ALA A 112 -4.94 9.47 11.58
CA ALA A 112 -5.78 8.45 10.98
C ALA A 112 -5.22 8.03 9.64
N LEU A 113 -5.00 8.97 8.73
CA LEU A 113 -4.56 8.61 7.40
C LEU A 113 -3.10 8.16 7.42
N LEU A 114 -2.33 8.69 8.37
CA LEU A 114 -0.94 8.26 8.53
C LEU A 114 -0.89 6.78 8.87
N ASP A 115 -1.61 6.39 9.91
CA ASP A 115 -1.62 5.00 10.36
C ASP A 115 -2.36 4.12 9.36
N GLN A 116 -3.43 4.63 8.79
CA GLN A 116 -4.22 3.87 7.81
C GLN A 116 -3.43 3.60 6.54
N THR A 117 -2.55 4.53 6.15
CA THR A 117 -1.67 4.29 5.01
C THR A 117 -0.71 3.15 5.33
N LYS A 118 -0.19 3.17 6.55
CA LYS A 118 0.68 2.10 7.03
C LYS A 118 -0.09 0.79 7.11
N THR A 119 -1.33 0.87 7.58
CA THR A 119 -2.21 -0.29 7.66
C THR A 119 -2.46 -0.84 6.25
N LEU A 120 -2.66 0.06 5.30
CA LEU A 120 -2.82 -0.32 3.90
C LEU A 120 -1.52 -0.92 3.37
N ALA A 121 -0.39 -0.39 3.83
CA ALA A 121 0.92 -0.93 3.46
C ALA A 121 1.08 -2.35 3.97
N GLU A 122 0.62 -2.61 5.19
CA GLU A 122 0.63 -3.96 5.74
C GLU A 122 -0.29 -4.87 4.93
N SER A 123 -1.41 -4.31 4.49
CA SER A 123 -2.37 -5.03 3.67
C SER A 123 -1.75 -5.34 2.31
N ALA A 124 -1.01 -4.37 1.78
CA ALA A 124 -0.31 -4.53 0.51
C ALA A 124 0.83 -5.52 0.65
N LEU A 125 1.51 -5.49 1.79
CA LEU A 125 2.61 -6.41 2.02
C LEU A 125 2.08 -7.83 2.03
N GLN A 126 0.96 -8.05 2.72
CA GLN A 126 0.30 -9.35 2.71
C GLN A 126 -0.18 -9.67 1.29
N LEU A 127 -0.65 -8.65 0.59
CA LEU A 127 -1.08 -8.79 -0.79
C LEU A 127 0.08 -9.32 -1.64
N LEU A 128 1.20 -8.62 -1.60
CA LEU A 128 2.38 -9.01 -2.39
C LEU A 128 2.95 -10.33 -1.89
N TYR A 129 2.87 -10.58 -0.59
CA TYR A 129 3.38 -11.83 -0.01
C TYR A 129 2.58 -13.03 -0.50
N THR A 130 1.27 -12.90 -0.52
CA THR A 130 0.41 -13.99 -0.96
C THR A 130 0.45 -14.13 -2.48
N ALA A 131 0.45 -12.99 -3.17
CA ALA A 131 0.57 -12.97 -4.62
C ALA A 131 1.92 -13.50 -5.06
N LYS A 132 2.90 -13.43 -4.18
CA LYS A 132 4.23 -13.94 -4.47
C LYS A 132 4.23 -15.46 -4.52
N GLU A 133 3.71 -16.10 -3.47
CA GLU A 133 3.73 -17.56 -3.39
C GLU A 133 2.80 -18.19 -4.44
N ALA A 134 1.66 -17.54 -4.69
CA ALA A 134 0.71 -18.02 -5.66
C ALA A 134 1.08 -17.61 -7.08
N GLY A 135 1.98 -16.63 -7.18
CA GLY A 135 2.25 -15.92 -8.43
C GLY A 135 2.49 -16.81 -9.63
N GLY A 136 1.42 -17.04 -10.39
CA GLY A 136 1.51 -17.81 -11.61
C GLY A 136 1.88 -19.25 -11.35
N ASN A 137 1.72 -19.68 -10.11
CA ASN A 137 2.14 -21.01 -9.70
C ASN A 137 1.02 -21.66 -8.89
N PRO A 138 0.06 -22.29 -9.58
CA PRO A 138 -1.11 -22.92 -8.96
C PRO A 138 -0.75 -24.19 -8.19
N LYS A 139 0.50 -24.62 -8.30
CA LYS A 139 0.97 -25.77 -7.58
C LYS A 139 1.09 -25.44 -6.10
N GLN A 140 1.39 -24.18 -5.82
CA GLN A 140 1.36 -23.68 -4.46
C GLN A 140 0.00 -23.04 -4.22
N ALA A 141 -0.91 -23.81 -3.62
CA ALA A 141 -2.29 -23.40 -3.50
C ALA A 141 -2.83 -23.66 -2.10
N ALA A 142 -4.14 -23.85 -2.00
CA ALA A 142 -4.82 -24.09 -0.73
C ALA A 142 -4.72 -22.87 0.18
N HIS A 143 -3.73 -22.86 1.06
CA HIS A 143 -3.58 -21.78 2.04
C HIS A 143 -3.18 -20.50 1.33
N THR A 144 -2.35 -20.63 0.30
CA THR A 144 -1.89 -19.47 -0.44
C THR A 144 -3.04 -18.86 -1.23
N GLN A 145 -3.91 -19.73 -1.73
CA GLN A 145 -5.05 -19.29 -2.51
C GLN A 145 -6.06 -18.56 -1.63
N GLU A 146 -6.34 -19.12 -0.46
CA GLU A 146 -7.24 -18.50 0.48
C GLU A 146 -6.70 -17.15 0.94
N ALA A 147 -5.44 -17.15 1.37
CA ALA A 147 -4.84 -15.95 1.92
C ALA A 147 -4.63 -14.87 0.87
N LEU A 148 -4.44 -15.29 -0.37
CA LEU A 148 -4.38 -14.34 -1.48
C LEU A 148 -5.70 -13.56 -1.53
N GLU A 149 -6.79 -14.25 -1.24
CA GLU A 149 -8.11 -13.65 -1.28
C GLU A 149 -8.35 -12.84 -0.02
N GLU A 150 -7.90 -13.36 1.10
CA GLU A 150 -7.98 -12.64 2.36
C GLU A 150 -7.20 -11.32 2.25
N ALA A 151 -6.14 -11.33 1.45
CA ALA A 151 -5.33 -10.15 1.21
C ALA A 151 -6.07 -9.12 0.37
N VAL A 152 -6.64 -9.55 -0.76
CA VAL A 152 -7.36 -8.63 -1.65
C VAL A 152 -8.55 -8.01 -0.92
N GLN A 153 -9.20 -8.79 -0.06
CA GLN A 153 -10.29 -8.29 0.77
C GLN A 153 -9.78 -7.29 1.79
N MET A 154 -8.74 -7.69 2.51
CA MET A 154 -8.14 -6.86 3.56
C MET A 154 -7.69 -5.51 3.01
N MET A 155 -7.07 -5.54 1.83
CA MET A 155 -6.60 -4.31 1.21
C MET A 155 -7.77 -3.43 0.85
N THR A 156 -8.73 -4.00 0.13
CA THR A 156 -9.87 -3.26 -0.38
C THR A 156 -10.60 -2.47 0.71
N GLU A 157 -10.87 -3.11 1.84
CA GLU A 157 -11.57 -2.45 2.94
C GLU A 157 -10.68 -1.38 3.58
N ALA A 158 -9.36 -1.57 3.50
CA ALA A 158 -8.41 -0.59 3.99
C ALA A 158 -8.28 0.57 3.00
N VAL A 159 -8.39 0.22 1.73
CA VAL A 159 -8.35 1.18 0.63
C VAL A 159 -9.46 2.23 0.81
N GLU A 160 -10.69 1.76 0.92
CA GLU A 160 -11.84 2.64 1.09
C GLU A 160 -11.75 3.38 2.43
N ASP A 161 -11.06 2.77 3.38
CA ASP A 161 -10.91 3.35 4.71
C ASP A 161 -10.03 4.59 4.67
N LEU A 162 -8.85 4.46 4.06
CA LEU A 162 -7.92 5.58 3.93
C LEU A 162 -8.52 6.68 3.07
N THR A 163 -9.16 6.26 1.97
CA THR A 163 -9.77 7.18 1.04
C THR A 163 -10.75 8.15 1.73
N THR A 164 -11.51 7.65 2.71
CA THR A 164 -12.41 8.50 3.48
C THR A 164 -11.63 9.60 4.19
N THR A 165 -10.62 9.22 4.96
CA THR A 165 -9.83 10.18 5.70
C THR A 165 -9.14 11.18 4.76
N LEU A 166 -8.74 10.70 3.60
CA LEU A 166 -8.10 11.52 2.60
C LEU A 166 -9.09 12.53 2.01
N ASN A 167 -10.29 12.07 1.72
CA ASN A 167 -11.33 12.92 1.17
C ASN A 167 -11.77 13.95 2.21
N GLU A 168 -11.77 13.54 3.47
CA GLU A 168 -12.07 14.44 4.56
C GLU A 168 -10.97 15.48 4.69
N ALA A 169 -9.72 15.01 4.64
CA ALA A 169 -8.55 15.86 4.85
C ALA A 169 -8.52 17.10 3.96
N ALA A 170 -9.23 17.06 2.83
CA ALA A 170 -9.32 18.21 1.94
C ALA A 170 -9.84 19.43 2.70
N SER A 171 -10.86 19.22 3.53
CA SER A 171 -11.40 20.27 4.37
C SER A 171 -10.97 20.06 5.83
N ALA A 172 -10.99 18.78 6.26
CA ALA A 172 -10.77 18.41 7.65
C ALA A 172 -9.35 18.69 8.12
N ALA A 173 -8.44 18.89 7.18
CA ALA A 173 -7.06 19.18 7.51
C ALA A 173 -6.69 20.60 7.10
N GLY A 174 -7.69 21.38 6.72
CA GLY A 174 -7.46 22.74 6.30
C GLY A 174 -7.76 23.72 7.41
N GLY A 1 10.73 -21.78 8.11
CA GLY A 1 11.09 -20.79 7.08
C GLY A 1 11.25 -21.42 5.71
N ILE A 2 10.13 -21.65 5.04
CA ILE A 2 10.14 -22.18 3.68
C ILE A 2 9.74 -21.09 2.70
N ASP A 3 10.49 -20.97 1.62
CA ASP A 3 10.21 -19.93 0.63
C ASP A 3 10.08 -20.56 -0.75
N PRO A 4 8.83 -20.75 -1.20
CA PRO A 4 8.52 -21.40 -2.47
C PRO A 4 8.37 -20.40 -3.62
N PHE A 5 9.30 -20.44 -4.56
CA PHE A 5 9.26 -19.56 -5.71
C PHE A 5 10.05 -20.15 -6.88
N THR A 6 9.51 -20.03 -8.09
CA THR A 6 10.17 -20.55 -9.28
C THR A 6 9.40 -20.18 -10.56
N ALA A 7 8.70 -19.07 -10.53
CA ALA A 7 7.85 -18.67 -11.65
C ALA A 7 8.06 -17.20 -12.02
N PRO A 8 7.64 -16.80 -13.23
CA PRO A 8 7.68 -15.39 -13.65
C PRO A 8 6.69 -14.54 -12.86
N GLY A 9 7.05 -13.30 -12.58
CA GLY A 9 6.20 -12.43 -11.77
C GLY A 9 6.39 -12.70 -10.30
N GLN A 10 6.59 -13.97 -9.97
CA GLN A 10 6.91 -14.42 -8.63
C GLN A 10 8.15 -13.69 -8.10
N LEU A 11 9.06 -13.36 -9.02
CA LEU A 11 10.24 -12.57 -8.68
C LEU A 11 9.86 -11.12 -8.42
N GLU A 12 8.99 -10.58 -9.27
CA GLU A 12 8.53 -9.19 -9.14
C GLU A 12 7.86 -8.95 -7.81
N CYS A 13 7.21 -10.00 -7.30
CA CYS A 13 6.55 -9.92 -6.01
C CYS A 13 7.57 -9.77 -4.89
N GLU A 14 8.66 -10.52 -4.97
CA GLU A 14 9.69 -10.49 -3.94
C GLU A 14 10.41 -9.14 -3.93
N THR A 15 10.71 -8.65 -5.12
CA THR A 15 11.43 -7.40 -5.27
C THR A 15 10.59 -6.21 -4.78
N ALA A 16 9.30 -6.22 -5.11
CA ALA A 16 8.40 -5.16 -4.68
C ALA A 16 8.22 -5.15 -3.16
N ILE A 17 8.18 -6.34 -2.57
CA ILE A 17 8.05 -6.47 -1.11
C ILE A 17 9.16 -5.70 -0.40
N ALA A 18 10.37 -5.77 -0.94
CA ALA A 18 11.51 -5.07 -0.35
C ALA A 18 11.30 -3.56 -0.34
N ALA A 19 10.75 -3.04 -1.43
CA ALA A 19 10.52 -1.61 -1.56
C ALA A 19 9.34 -1.17 -0.72
N LEU A 20 8.32 -2.01 -0.70
CA LEU A 20 7.12 -1.75 0.08
C LEU A 20 7.44 -1.79 1.57
N ASN A 21 8.35 -2.69 1.93
CA ASN A 21 8.79 -2.81 3.33
C ASN A 21 9.49 -1.54 3.75
N SER A 22 10.28 -1.01 2.83
CA SER A 22 10.99 0.24 3.07
C SER A 22 10.01 1.38 3.34
N CYS A 23 8.89 1.40 2.62
CA CYS A 23 7.88 2.43 2.82
C CYS A 23 7.15 2.20 4.14
N LEU A 24 6.84 0.94 4.41
CA LEU A 24 6.23 0.56 5.68
C LEU A 24 7.13 0.95 6.84
N ARG A 25 8.42 0.77 6.66
CA ARG A 25 9.43 1.12 7.65
C ARG A 25 9.35 2.61 8.01
N ASP A 26 9.37 3.47 7.00
CA ASP A 26 9.35 4.91 7.24
C ASP A 26 7.99 5.34 7.74
N LEU A 27 6.93 4.66 7.27
CA LEU A 27 5.59 4.91 7.77
C LEU A 27 5.51 4.62 9.28
N ASP A 28 6.15 3.53 9.67
CA ASP A 28 6.27 3.17 11.08
C ASP A 28 6.97 4.27 11.86
N GLN A 29 8.02 4.80 11.25
CA GLN A 29 8.82 5.85 11.85
C GLN A 29 8.07 7.16 11.87
N ALA A 30 7.25 7.37 10.85
CA ALA A 30 6.42 8.55 10.76
C ALA A 30 5.44 8.62 11.92
N SER A 31 4.67 7.56 12.11
CA SER A 31 3.71 7.48 13.22
C SER A 31 4.42 7.70 14.56
N LEU A 32 5.57 7.05 14.72
CA LEU A 32 6.34 7.15 15.95
C LEU A 32 6.80 8.59 16.18
N ALA A 33 7.32 9.21 15.13
CA ALA A 33 7.75 10.60 15.23
C ALA A 33 6.55 11.53 15.41
N ALA A 34 5.43 11.19 14.78
CA ALA A 34 4.22 11.99 14.88
C ALA A 34 3.64 11.94 16.30
N VAL A 35 3.57 10.75 16.87
CA VAL A 35 3.06 10.57 18.23
C VAL A 35 4.03 11.21 19.23
N SER A 36 5.29 11.35 18.82
CA SER A 36 6.30 11.98 19.65
C SER A 36 6.44 13.47 19.28
N GLN A 37 5.57 13.93 18.38
CA GLN A 37 5.50 15.34 17.98
C GLN A 37 6.84 15.85 17.40
N GLN A 38 7.57 14.96 16.75
CA GLN A 38 8.87 15.29 16.19
C GLN A 38 8.91 15.02 14.69
N LEU A 39 7.74 14.85 14.09
CA LEU A 39 7.64 14.50 12.68
C LEU A 39 8.03 15.69 11.79
N ALA A 40 8.90 15.43 10.82
CA ALA A 40 9.41 16.48 9.94
C ALA A 40 8.43 16.78 8.80
N PRO A 41 8.38 18.06 8.36
CA PRO A 41 7.46 18.53 7.31
C PRO A 41 7.42 17.66 6.05
N ARG A 42 6.32 17.77 5.31
CA ARG A 42 6.12 17.03 4.06
C ARG A 42 7.30 17.16 3.09
N GLU A 43 7.35 16.26 2.12
CA GLU A 43 8.38 16.27 1.08
C GLU A 43 8.34 17.59 0.31
N GLY A 44 7.12 18.01 -0.04
CA GLY A 44 6.93 19.26 -0.76
C GLY A 44 5.58 19.30 -1.41
N ILE A 45 4.54 19.41 -0.59
CA ILE A 45 3.18 19.26 -1.07
C ILE A 45 2.19 19.96 -0.13
N SER A 46 1.16 20.55 -0.70
CA SER A 46 0.15 21.27 0.07
C SER A 46 -0.91 20.32 0.62
N GLN A 47 -1.74 20.82 1.53
CA GLN A 47 -2.76 20.01 2.17
C GLN A 47 -3.80 19.53 1.17
N GLU A 48 -4.29 20.44 0.33
CA GLU A 48 -5.26 20.08 -0.70
C GLU A 48 -4.63 19.12 -1.71
N ALA A 49 -3.34 19.29 -1.93
CA ALA A 49 -2.61 18.46 -2.87
C ALA A 49 -2.46 17.05 -2.31
N LEU A 50 -2.34 16.94 -0.99
CA LEU A 50 -2.27 15.65 -0.33
C LEU A 50 -3.54 14.86 -0.56
N HIS A 51 -4.68 15.53 -0.49
CA HIS A 51 -5.97 14.91 -0.78
C HIS A 51 -5.96 14.32 -2.18
N THR A 52 -5.43 15.05 -3.13
CA THR A 52 -5.32 14.58 -4.51
C THR A 52 -4.29 13.46 -4.63
N GLN A 53 -3.11 13.70 -4.06
CA GLN A 53 -1.98 12.77 -4.12
C GLN A 53 -2.36 11.41 -3.56
N MET A 54 -2.83 11.42 -2.32
CA MET A 54 -3.14 10.20 -1.60
C MET A 54 -4.31 9.48 -2.24
N LEU A 55 -5.45 10.16 -2.33
CA LEU A 55 -6.68 9.56 -2.81
C LEU A 55 -6.52 8.94 -4.19
N THR A 56 -5.98 9.69 -5.13
CA THR A 56 -5.85 9.21 -6.51
C THR A 56 -4.91 8.00 -6.60
N ALA A 57 -3.84 8.01 -5.79
CA ALA A 57 -2.93 6.88 -5.75
C ALA A 57 -3.66 5.63 -5.26
N VAL A 58 -4.42 5.80 -4.19
CA VAL A 58 -5.18 4.70 -3.60
C VAL A 58 -6.15 4.09 -4.62
N GLN A 59 -6.79 4.96 -5.40
CA GLN A 59 -7.66 4.53 -6.48
C GLN A 59 -6.92 3.59 -7.42
N GLU A 60 -5.82 4.10 -7.98
CA GLU A 60 -5.03 3.37 -8.95
C GLU A 60 -4.52 2.05 -8.37
N ILE A 61 -4.21 2.05 -7.08
CA ILE A 61 -3.81 0.84 -6.39
C ILE A 61 -4.95 -0.16 -6.38
N SER A 62 -6.07 0.24 -5.79
CA SER A 62 -7.21 -0.66 -5.63
C SER A 62 -7.69 -1.15 -7.00
N HIS A 63 -7.59 -0.28 -7.99
CA HIS A 63 -7.95 -0.61 -9.36
C HIS A 63 -7.09 -1.75 -9.89
N LEU A 64 -5.84 -1.82 -9.45
CA LEU A 64 -4.94 -2.87 -9.89
C LEU A 64 -4.95 -4.07 -8.93
N ILE A 65 -5.40 -3.86 -7.68
CA ILE A 65 -5.40 -4.94 -6.69
C ILE A 65 -6.28 -6.10 -7.14
N GLU A 66 -7.48 -5.78 -7.61
CA GLU A 66 -8.42 -6.80 -8.05
C GLU A 66 -7.83 -7.67 -9.17
N PRO A 67 -7.36 -7.08 -10.31
CA PRO A 67 -6.71 -7.84 -11.38
C PRO A 67 -5.44 -8.55 -10.91
N LEU A 68 -4.69 -7.93 -10.01
CA LEU A 68 -3.45 -8.53 -9.51
C LEU A 68 -3.75 -9.85 -8.81
N ALA A 69 -4.73 -9.83 -7.91
CA ALA A 69 -5.10 -11.02 -7.16
C ALA A 69 -5.57 -12.14 -8.09
N SER A 70 -6.28 -11.77 -9.14
CA SER A 70 -6.80 -12.71 -10.11
C SER A 70 -5.69 -13.20 -11.03
N ALA A 71 -4.71 -12.34 -11.27
CA ALA A 71 -3.57 -12.72 -12.08
C ALA A 71 -2.63 -13.61 -11.28
N ALA A 72 -2.20 -13.14 -10.12
CA ALA A 72 -1.19 -13.83 -9.30
C ALA A 72 -1.54 -15.29 -9.06
N ARG A 73 -2.82 -15.57 -8.85
CA ARG A 73 -3.26 -16.90 -8.45
C ARG A 73 -3.17 -17.92 -9.57
N ALA A 74 -2.97 -17.48 -10.81
CA ALA A 74 -2.93 -18.40 -11.94
C ALA A 74 -1.99 -17.92 -13.05
N GLU A 75 -2.07 -16.64 -13.37
CA GLU A 75 -1.26 -16.06 -14.43
C GLU A 75 0.05 -15.53 -13.86
N ALA A 76 1.04 -15.31 -14.73
CA ALA A 76 2.35 -14.85 -14.28
C ALA A 76 2.82 -13.64 -15.08
N SER A 77 2.58 -13.67 -16.39
CA SER A 77 3.11 -12.64 -17.28
C SER A 77 2.47 -11.28 -17.01
N GLN A 78 1.17 -11.29 -16.73
CA GLN A 78 0.45 -10.05 -16.46
C GLN A 78 0.72 -9.61 -15.05
N LEU A 79 0.83 -10.61 -14.19
CA LEU A 79 1.04 -10.42 -12.77
C LEU A 79 2.28 -9.58 -12.47
N GLY A 80 3.40 -9.95 -13.09
CA GLY A 80 4.64 -9.22 -12.87
C GLY A 80 4.48 -7.72 -13.09
N HIS A 81 3.66 -7.37 -14.06
CA HIS A 81 3.43 -5.97 -14.40
C HIS A 81 2.54 -5.30 -13.34
N LYS A 82 1.65 -6.08 -12.73
CA LYS A 82 0.74 -5.54 -11.72
C LYS A 82 1.52 -5.14 -10.47
N VAL A 83 2.40 -6.03 -10.04
CA VAL A 83 3.15 -5.87 -8.79
C VAL A 83 4.00 -4.60 -8.84
N SER A 84 4.64 -4.37 -9.97
CA SER A 84 5.49 -3.20 -10.17
C SER A 84 4.69 -1.91 -9.92
N GLN A 85 3.44 -1.90 -10.35
CA GLN A 85 2.59 -0.72 -10.23
C GLN A 85 2.22 -0.47 -8.77
N MET A 86 1.71 -1.51 -8.11
CA MET A 86 1.17 -1.37 -6.76
C MET A 86 2.23 -0.83 -5.80
N ALA A 87 3.44 -1.35 -5.91
CA ALA A 87 4.51 -0.98 -4.99
C ALA A 87 4.92 0.46 -5.23
N GLN A 88 4.83 0.86 -6.49
CA GLN A 88 5.18 2.20 -6.92
C GLN A 88 4.28 3.25 -6.26
N TYR A 89 2.98 3.01 -6.24
CA TYR A 89 2.03 3.99 -5.72
C TYR A 89 2.17 4.16 -4.21
N PHE A 90 2.64 3.12 -3.55
CA PHE A 90 2.78 3.16 -2.10
C PHE A 90 3.95 4.04 -1.68
N GLU A 91 4.90 4.26 -2.57
CA GLU A 91 6.03 5.14 -2.27
C GLU A 91 5.54 6.58 -2.01
N PRO A 92 4.86 7.23 -2.98
CA PRO A 92 4.29 8.56 -2.75
C PRO A 92 3.28 8.57 -1.62
N LEU A 93 2.48 7.51 -1.50
CA LEU A 93 1.51 7.41 -0.41
C LEU A 93 2.20 7.52 0.94
N THR A 94 3.28 6.76 1.10
CA THR A 94 4.09 6.86 2.29
C THR A 94 4.57 8.29 2.50
N LEU A 95 5.23 8.85 1.49
CA LEU A 95 5.78 10.20 1.56
C LEU A 95 4.68 11.24 1.82
N ALA A 96 3.52 11.03 1.19
CA ALA A 96 2.39 11.92 1.32
C ALA A 96 1.75 11.80 2.69
N ALA A 97 1.61 10.56 3.18
CA ALA A 97 1.04 10.31 4.51
C ALA A 97 1.95 10.86 5.59
N VAL A 98 3.25 10.58 5.47
CA VAL A 98 4.23 11.12 6.42
C VAL A 98 4.20 12.63 6.33
N GLY A 99 4.02 13.14 5.11
CA GLY A 99 3.86 14.56 4.92
C GLY A 99 2.66 15.10 5.67
N ALA A 100 1.51 14.44 5.51
CA ALA A 100 0.27 14.85 6.17
C ALA A 100 0.39 14.79 7.68
N ALA A 101 1.28 13.94 8.19
CA ALA A 101 1.55 13.90 9.61
C ALA A 101 2.02 15.25 10.11
N SER A 102 2.97 15.82 9.38
CA SER A 102 3.47 17.14 9.74
C SER A 102 2.53 18.23 9.21
N LYS A 103 1.94 17.95 8.05
CA LYS A 103 1.16 18.92 7.31
C LYS A 103 -0.18 19.21 7.98
N THR A 104 -0.83 18.15 8.42
CA THR A 104 -2.15 18.27 9.02
C THR A 104 -2.05 18.56 10.52
N LEU A 105 -2.86 19.49 10.99
CA LEU A 105 -2.91 19.83 12.40
C LEU A 105 -4.04 19.07 13.08
N SER A 106 -5.10 18.81 12.31
CA SER A 106 -6.21 18.02 12.79
C SER A 106 -5.77 16.57 13.03
N HIS A 107 -5.61 16.23 14.30
CA HIS A 107 -5.02 14.95 14.70
C HIS A 107 -5.83 13.73 14.22
N PRO A 108 -7.18 13.73 14.36
CA PRO A 108 -8.02 12.59 13.92
C PRO A 108 -7.91 12.27 12.44
N GLN A 109 -7.31 13.18 11.66
CA GLN A 109 -7.07 12.93 10.26
C GLN A 109 -5.60 12.66 10.03
N GLN A 110 -4.77 13.59 10.51
CA GLN A 110 -3.32 13.50 10.45
C GLN A 110 -2.81 12.12 10.82
N MET A 111 -3.16 11.68 12.03
CA MET A 111 -2.62 10.43 12.56
C MET A 111 -3.37 9.23 11.98
N ALA A 112 -4.63 9.43 11.65
CA ALA A 112 -5.44 8.34 11.14
C ALA A 112 -4.98 7.94 9.74
N LEU A 113 -4.90 8.90 8.83
CA LEU A 113 -4.51 8.57 7.46
C LEU A 113 -3.05 8.13 7.43
N LEU A 114 -2.27 8.66 8.34
CA LEU A 114 -0.87 8.25 8.48
C LEU A 114 -0.79 6.76 8.82
N ASP A 115 -1.43 6.39 9.92
CA ASP A 115 -1.46 5.00 10.38
C ASP A 115 -2.18 4.10 9.37
N GLN A 116 -3.23 4.60 8.77
CA GLN A 116 -4.01 3.82 7.81
C GLN A 116 -3.25 3.59 6.50
N THR A 117 -2.40 4.54 6.11
CA THR A 117 -1.52 4.33 4.96
C THR A 117 -0.54 3.22 5.29
N LYS A 118 -0.03 3.24 6.50
CA LYS A 118 0.85 2.19 7.00
C LYS A 118 0.10 0.86 7.05
N THR A 119 -1.14 0.92 7.52
CA THR A 119 -2.01 -0.25 7.55
C THR A 119 -2.22 -0.79 6.14
N LEU A 120 -2.50 0.11 5.20
CA LEU A 120 -2.69 -0.27 3.80
C LEU A 120 -1.38 -0.83 3.23
N ALA A 121 -0.26 -0.29 3.69
CA ALA A 121 1.05 -0.79 3.28
C ALA A 121 1.27 -2.20 3.82
N GLU A 122 0.87 -2.43 5.06
CA GLU A 122 0.94 -3.78 5.64
C GLU A 122 0.01 -4.73 4.90
N SER A 123 -1.16 -4.23 4.54
CA SER A 123 -2.11 -5.01 3.78
C SER A 123 -1.54 -5.32 2.40
N ALA A 124 -0.95 -4.31 1.76
CA ALA A 124 -0.30 -4.50 0.47
C ALA A 124 0.86 -5.45 0.59
N LEU A 125 1.57 -5.37 1.70
CA LEU A 125 2.70 -6.26 1.94
C LEU A 125 2.20 -7.69 2.02
N GLN A 126 1.13 -7.90 2.77
CA GLN A 126 0.49 -9.21 2.85
C GLN A 126 0.01 -9.65 1.48
N LEU A 127 -0.54 -8.70 0.73
CA LEU A 127 -1.01 -8.95 -0.63
C LEU A 127 0.17 -9.39 -1.50
N LEU A 128 1.23 -8.58 -1.54
CA LEU A 128 2.40 -8.90 -2.35
C LEU A 128 3.06 -10.20 -1.88
N TYR A 129 2.93 -10.49 -0.58
CA TYR A 129 3.41 -11.75 -0.04
C TYR A 129 2.62 -12.93 -0.62
N THR A 130 1.31 -12.87 -0.50
CA THR A 130 0.46 -13.92 -1.04
C THR A 130 0.57 -13.98 -2.57
N ALA A 131 0.84 -12.82 -3.17
CA ALA A 131 1.08 -12.74 -4.59
C ALA A 131 2.44 -13.33 -4.95
N LYS A 132 3.34 -13.36 -3.96
CA LYS A 132 4.66 -13.92 -4.18
C LYS A 132 4.60 -15.44 -4.21
N GLU A 133 4.09 -16.04 -3.13
CA GLU A 133 3.96 -17.50 -3.06
C GLU A 133 3.17 -18.06 -4.24
N ALA A 134 2.02 -17.45 -4.50
CA ALA A 134 1.12 -17.94 -5.54
C ALA A 134 1.51 -17.46 -6.93
N GLY A 135 2.35 -16.43 -6.98
CA GLY A 135 2.65 -15.71 -8.22
C GLY A 135 2.99 -16.60 -9.40
N GLY A 136 1.98 -16.87 -10.23
CA GLY A 136 2.17 -17.68 -11.41
C GLY A 136 2.51 -19.12 -11.09
N ASN A 137 2.26 -19.49 -9.86
CA ASN A 137 2.63 -20.81 -9.37
C ASN A 137 1.62 -21.30 -8.34
N PRO A 138 0.48 -21.84 -8.80
CA PRO A 138 -0.54 -22.41 -7.93
C PRO A 138 -0.09 -23.71 -7.27
N LYS A 139 1.04 -24.25 -7.72
CA LYS A 139 1.56 -25.50 -7.20
C LYS A 139 2.05 -25.33 -5.77
N GLN A 140 2.90 -24.35 -5.55
CA GLN A 140 3.45 -24.10 -4.22
C GLN A 140 2.57 -23.14 -3.43
N ALA A 141 1.33 -23.01 -3.86
CA ALA A 141 0.40 -22.09 -3.21
C ALA A 141 -1.03 -22.61 -3.29
N ALA A 142 -1.43 -23.36 -2.28
CA ALA A 142 -2.79 -23.86 -2.19
C ALA A 142 -3.57 -23.09 -1.15
N HIS A 143 -3.03 -23.01 0.07
CA HIS A 143 -3.67 -22.25 1.14
C HIS A 143 -3.42 -20.75 0.92
N THR A 144 -2.49 -20.45 0.03
CA THR A 144 -2.23 -19.08 -0.36
C THR A 144 -3.40 -18.52 -1.16
N GLN A 145 -4.09 -19.40 -1.86
CA GLN A 145 -5.26 -19.01 -2.64
C GLN A 145 -6.32 -18.41 -1.73
N GLU A 146 -6.42 -18.97 -0.53
CA GLU A 146 -7.32 -18.46 0.50
C GLU A 146 -6.94 -17.04 0.87
N ALA A 147 -5.67 -16.83 1.19
CA ALA A 147 -5.20 -15.56 1.70
C ALA A 147 -5.09 -14.51 0.63
N LEU A 148 -4.86 -14.94 -0.59
CA LEU A 148 -4.81 -14.02 -1.72
C LEU A 148 -6.16 -13.30 -1.86
N GLU A 149 -7.23 -14.01 -1.53
CA GLU A 149 -8.57 -13.44 -1.66
C GLU A 149 -8.92 -12.56 -0.47
N GLU A 150 -8.37 -12.85 0.70
CA GLU A 150 -8.63 -12.02 1.87
C GLU A 150 -7.79 -10.75 1.81
N ALA A 151 -6.59 -10.87 1.26
CA ALA A 151 -5.68 -9.74 1.14
C ALA A 151 -6.23 -8.68 0.19
N VAL A 152 -6.80 -9.12 -0.93
CA VAL A 152 -7.38 -8.20 -1.90
C VAL A 152 -8.56 -7.45 -1.28
N GLN A 153 -9.31 -8.12 -0.42
CA GLN A 153 -10.43 -7.50 0.27
C GLN A 153 -9.93 -6.63 1.41
N MET A 154 -8.84 -7.06 2.04
CA MET A 154 -8.22 -6.29 3.10
C MET A 154 -7.71 -4.96 2.57
N MET A 155 -7.11 -4.99 1.38
CA MET A 155 -6.63 -3.77 0.75
C MET A 155 -7.78 -2.85 0.41
N THR A 156 -8.78 -3.36 -0.31
CA THR A 156 -9.91 -2.54 -0.74
C THR A 156 -10.63 -1.94 0.47
N GLU A 157 -10.57 -2.65 1.60
CA GLU A 157 -11.11 -2.17 2.85
C GLU A 157 -10.34 -0.92 3.31
N ALA A 158 -9.03 -1.07 3.43
CA ALA A 158 -8.17 0.04 3.84
C ALA A 158 -8.17 1.15 2.78
N VAL A 159 -8.41 0.76 1.53
CA VAL A 159 -8.54 1.70 0.44
C VAL A 159 -9.65 2.70 0.71
N GLU A 160 -10.85 2.19 0.96
CA GLU A 160 -11.99 3.06 1.24
C GLU A 160 -11.85 3.67 2.63
N ASP A 161 -11.13 2.97 3.50
CA ASP A 161 -10.87 3.46 4.86
C ASP A 161 -10.01 4.71 4.81
N LEU A 162 -8.84 4.60 4.17
CA LEU A 162 -7.92 5.72 4.03
C LEU A 162 -8.58 6.84 3.24
N THR A 163 -9.25 6.47 2.15
CA THR A 163 -9.93 7.43 1.29
C THR A 163 -10.92 8.28 2.09
N THR A 164 -11.63 7.67 3.03
CA THR A 164 -12.55 8.39 3.88
C THR A 164 -11.83 9.47 4.67
N THR A 165 -10.78 9.09 5.39
CA THR A 165 -10.01 10.04 6.18
C THR A 165 -9.45 11.16 5.31
N LEU A 166 -9.01 10.79 4.11
CA LEU A 166 -8.48 11.74 3.15
C LEU A 166 -9.57 12.70 2.67
N ASN A 167 -10.73 12.14 2.34
CA ASN A 167 -11.83 12.93 1.81
C ASN A 167 -12.46 13.82 2.87
N GLU A 168 -12.40 13.39 4.14
CA GLU A 168 -12.88 14.23 5.21
C GLU A 168 -11.89 15.35 5.42
N ALA A 169 -10.61 15.00 5.33
CA ALA A 169 -9.51 15.96 5.52
C ALA A 169 -9.61 17.13 4.53
N ALA A 170 -10.35 16.95 3.44
CA ALA A 170 -10.58 18.01 2.49
C ALA A 170 -11.18 19.22 3.17
N SER A 171 -12.07 18.97 4.13
CA SER A 171 -12.63 20.01 4.97
C SER A 171 -12.02 19.96 6.37
N ALA A 172 -11.78 18.73 6.84
CA ALA A 172 -11.33 18.47 8.19
C ALA A 172 -9.91 18.98 8.45
N ALA A 173 -9.05 18.89 7.44
CA ALA A 173 -7.66 19.28 7.60
C ALA A 173 -7.43 20.69 7.10
N GLY A 174 -7.78 20.95 5.86
CA GLY A 174 -7.59 22.27 5.30
C GLY A 174 -8.24 22.42 3.94
N GLY A 1 15.18 -23.84 -0.05
CA GLY A 1 14.10 -24.23 0.88
C GLY A 1 12.91 -24.80 0.13
N ILE A 2 11.82 -24.05 0.13
CA ILE A 2 10.62 -24.44 -0.59
C ILE A 2 10.06 -23.24 -1.36
N ASP A 3 9.68 -23.46 -2.60
CA ASP A 3 9.06 -22.41 -3.40
C ASP A 3 7.75 -22.91 -3.99
N PRO A 4 6.62 -22.42 -3.46
CA PRO A 4 5.29 -22.78 -3.96
C PRO A 4 4.88 -21.93 -5.16
N PHE A 5 5.63 -20.88 -5.43
CA PHE A 5 5.33 -20.00 -6.55
C PHE A 5 5.79 -20.63 -7.86
N THR A 6 7.10 -20.70 -8.08
CA THR A 6 7.61 -21.47 -9.20
C THR A 6 7.15 -20.86 -10.55
N ALA A 7 7.27 -19.54 -10.68
CA ALA A 7 6.78 -18.86 -11.88
C ALA A 7 7.46 -17.51 -12.06
N PRO A 8 7.41 -16.96 -13.29
CA PRO A 8 7.90 -15.61 -13.59
C PRO A 8 7.13 -14.54 -12.83
N GLY A 9 7.66 -13.33 -12.80
CA GLY A 9 7.06 -12.25 -12.04
C GLY A 9 7.50 -12.29 -10.59
N GLN A 10 8.00 -13.44 -10.16
CA GLN A 10 8.36 -13.67 -8.78
C GLN A 10 9.52 -12.79 -8.33
N LEU A 11 10.35 -12.36 -9.26
CA LEU A 11 11.42 -11.42 -8.95
C LEU A 11 10.84 -10.04 -8.67
N GLU A 12 9.97 -9.59 -9.56
CA GLU A 12 9.30 -8.31 -9.41
C GLU A 12 8.49 -8.27 -8.11
N CYS A 13 7.95 -9.42 -7.75
CA CYS A 13 7.16 -9.54 -6.54
C CYS A 13 8.03 -9.41 -5.29
N GLU A 14 9.12 -10.19 -5.23
CA GLU A 14 9.97 -10.22 -4.05
C GLU A 14 10.69 -8.89 -3.84
N THR A 15 11.06 -8.22 -4.92
CA THR A 15 11.75 -6.95 -4.83
C THR A 15 10.78 -5.83 -4.42
N ALA A 16 9.52 -5.98 -4.81
CA ALA A 16 8.50 -5.00 -4.45
C ALA A 16 8.14 -5.14 -2.98
N ILE A 17 8.13 -6.37 -2.49
CA ILE A 17 7.88 -6.65 -1.09
C ILE A 17 8.87 -5.91 -0.20
N ALA A 18 10.14 -5.88 -0.61
CA ALA A 18 11.17 -5.20 0.15
C ALA A 18 10.97 -3.69 0.12
N ALA A 19 10.43 -3.20 -1.00
CA ALA A 19 10.17 -1.77 -1.16
C ALA A 19 8.97 -1.37 -0.32
N LEU A 20 7.96 -2.22 -0.33
CA LEU A 20 6.76 -2.01 0.47
C LEU A 20 7.08 -2.15 1.95
N ASN A 21 8.02 -3.04 2.25
CA ASN A 21 8.51 -3.22 3.62
C ASN A 21 9.17 -1.94 4.09
N SER A 22 9.91 -1.31 3.19
CA SER A 22 10.57 -0.05 3.45
C SER A 22 9.54 1.04 3.72
N CYS A 23 8.45 1.03 2.97
CA CYS A 23 7.38 2.01 3.15
C CYS A 23 6.68 1.78 4.49
N LEU A 24 6.45 0.52 4.80
CA LEU A 24 5.82 0.13 6.05
C LEU A 24 6.64 0.65 7.24
N ARG A 25 7.95 0.42 7.20
CA ARG A 25 8.84 0.88 8.24
C ARG A 25 8.83 2.41 8.34
N ASP A 26 8.94 3.07 7.19
CA ASP A 26 8.97 4.53 7.13
C ASP A 26 7.70 5.13 7.74
N LEU A 27 6.56 4.57 7.37
CA LEU A 27 5.26 5.02 7.87
C LEU A 27 5.17 4.89 9.38
N ASP A 28 5.65 3.77 9.91
CA ASP A 28 5.57 3.52 11.34
C ASP A 28 6.45 4.49 12.10
N GLN A 29 7.63 4.77 11.55
CA GLN A 29 8.56 5.70 12.18
C GLN A 29 8.10 7.13 11.96
N ALA A 30 7.34 7.36 10.90
CA ALA A 30 6.69 8.64 10.68
C ALA A 30 5.68 8.90 11.78
N SER A 31 4.85 7.90 12.04
CA SER A 31 3.91 7.94 13.16
C SER A 31 4.64 8.24 14.46
N LEU A 32 5.77 7.57 14.65
CA LEU A 32 6.61 7.76 15.81
C LEU A 32 7.17 9.19 15.87
N ALA A 33 7.64 9.67 14.73
CA ALA A 33 8.20 11.02 14.66
C ALA A 33 7.13 12.08 14.84
N ALA A 34 5.94 11.81 14.33
CA ALA A 34 4.83 12.75 14.44
C ALA A 34 4.36 12.87 15.89
N VAL A 35 4.28 11.74 16.58
CA VAL A 35 3.86 11.73 17.97
C VAL A 35 4.96 12.31 18.87
N SER A 36 6.18 12.34 18.34
CA SER A 36 7.32 12.88 19.06
C SER A 36 7.62 14.31 18.60
N GLN A 37 6.80 14.82 17.68
CA GLN A 37 6.94 16.19 17.16
C GLN A 37 8.29 16.40 16.46
N GLN A 38 8.81 15.34 15.85
CA GLN A 38 10.09 15.41 15.14
C GLN A 38 9.89 15.20 13.64
N LEU A 39 8.64 15.06 13.23
CA LEU A 39 8.29 14.79 11.84
C LEU A 39 8.63 16.00 10.97
N ALA A 40 9.45 15.77 9.95
CA ALA A 40 9.89 16.84 9.04
C ALA A 40 8.76 17.26 8.11
N PRO A 41 8.84 18.48 7.53
CA PRO A 41 7.83 18.97 6.59
C PRO A 41 7.62 18.03 5.40
N ARG A 42 6.42 18.07 4.84
CA ARG A 42 6.02 17.18 3.75
C ARG A 42 6.96 17.27 2.54
N GLU A 43 6.79 16.32 1.62
CA GLU A 43 7.59 16.22 0.40
C GLU A 43 7.29 17.34 -0.59
N GLY A 44 7.42 18.59 -0.13
CA GLY A 44 7.22 19.75 -0.98
C GLY A 44 5.90 19.73 -1.72
N ILE A 45 4.81 19.54 -0.97
CA ILE A 45 3.49 19.40 -1.58
C ILE A 45 2.43 20.07 -0.70
N SER A 46 1.34 20.50 -1.32
CA SER A 46 0.25 21.14 -0.59
C SER A 46 -0.70 20.10 -0.02
N GLN A 47 -1.57 20.51 0.90
CA GLN A 47 -2.47 19.59 1.58
C GLN A 47 -3.57 19.12 0.64
N GLU A 48 -4.10 20.04 -0.15
CA GLU A 48 -5.08 19.70 -1.17
C GLU A 48 -4.49 18.66 -2.11
N ALA A 49 -3.20 18.81 -2.40
CA ALA A 49 -2.50 17.86 -3.25
C ALA A 49 -2.20 16.56 -2.51
N LEU A 50 -2.11 16.63 -1.19
CA LEU A 50 -2.00 15.43 -0.36
C LEU A 50 -3.26 14.61 -0.48
N HIS A 51 -4.40 15.26 -0.25
CA HIS A 51 -5.71 14.64 -0.47
C HIS A 51 -5.80 14.07 -1.88
N THR A 52 -5.35 14.85 -2.85
CA THR A 52 -5.40 14.45 -4.24
C THR A 52 -4.46 13.26 -4.51
N GLN A 53 -3.21 13.37 -4.08
CA GLN A 53 -2.19 12.36 -4.33
C GLN A 53 -2.56 11.02 -3.69
N MET A 54 -2.79 11.04 -2.38
CA MET A 54 -3.06 9.82 -1.65
C MET A 54 -4.32 9.14 -2.13
N LEU A 55 -5.36 9.94 -2.40
CA LEU A 55 -6.65 9.39 -2.82
C LEU A 55 -6.55 8.82 -4.24
N THR A 56 -5.92 9.56 -5.15
CA THR A 56 -5.77 9.07 -6.51
C THR A 56 -4.98 7.76 -6.52
N ALA A 57 -3.86 7.75 -5.79
CA ALA A 57 -3.03 6.57 -5.68
C ALA A 57 -3.81 5.41 -5.07
N VAL A 58 -4.43 5.66 -3.92
CA VAL A 58 -5.12 4.62 -3.17
C VAL A 58 -6.22 3.96 -4.01
N GLN A 59 -6.96 4.77 -4.76
CA GLN A 59 -7.98 4.25 -5.66
C GLN A 59 -7.38 3.41 -6.76
N GLU A 60 -6.39 3.96 -7.46
CA GLU A 60 -5.72 3.27 -8.55
C GLU A 60 -5.19 1.92 -8.08
N ILE A 61 -4.68 1.90 -6.86
CA ILE A 61 -4.22 0.69 -6.22
C ILE A 61 -5.36 -0.33 -6.13
N SER A 62 -6.45 0.05 -5.47
CA SER A 62 -7.57 -0.88 -5.25
C SER A 62 -8.06 -1.46 -6.58
N HIS A 63 -8.17 -0.59 -7.58
CA HIS A 63 -8.62 -1.02 -8.90
C HIS A 63 -7.69 -2.09 -9.48
N LEU A 64 -6.41 -2.03 -9.14
CA LEU A 64 -5.45 -2.99 -9.66
C LEU A 64 -5.30 -4.19 -8.72
N ILE A 65 -5.71 -4.04 -7.46
CA ILE A 65 -5.56 -5.12 -6.46
C ILE A 65 -6.33 -6.36 -6.89
N GLU A 66 -7.56 -6.17 -7.33
CA GLU A 66 -8.40 -7.29 -7.73
C GLU A 66 -7.85 -8.02 -8.97
N PRO A 67 -7.53 -7.31 -10.07
CA PRO A 67 -6.87 -7.92 -11.23
C PRO A 67 -5.49 -8.49 -10.89
N LEU A 68 -4.84 -7.93 -9.87
CA LEU A 68 -3.56 -8.46 -9.41
C LEU A 68 -3.77 -9.82 -8.78
N ALA A 69 -4.85 -9.96 -8.02
CA ALA A 69 -5.20 -11.25 -7.42
C ALA A 69 -5.42 -12.27 -8.52
N SER A 70 -6.11 -11.83 -9.56
CA SER A 70 -6.34 -12.66 -10.74
C SER A 70 -5.01 -13.04 -11.38
N ALA A 71 -4.11 -12.06 -11.51
CA ALA A 71 -2.80 -12.29 -12.10
C ALA A 71 -1.96 -13.22 -11.23
N ALA A 72 -2.06 -13.03 -9.92
CA ALA A 72 -1.30 -13.84 -8.99
C ALA A 72 -1.62 -15.32 -9.11
N ARG A 73 -2.89 -15.64 -9.21
CA ARG A 73 -3.29 -17.05 -9.30
C ARG A 73 -3.28 -17.59 -10.73
N ALA A 74 -3.16 -16.71 -11.72
CA ALA A 74 -3.26 -17.16 -13.11
C ALA A 74 -2.27 -16.46 -14.05
N GLU A 75 -2.36 -15.14 -14.14
CA GLU A 75 -1.59 -14.39 -15.13
C GLU A 75 -0.14 -14.23 -14.69
N ALA A 76 0.68 -15.24 -14.95
CA ALA A 76 2.08 -15.23 -14.56
C ALA A 76 2.87 -14.15 -15.31
N SER A 77 2.45 -13.84 -16.53
CA SER A 77 3.17 -12.91 -17.37
C SER A 77 2.79 -11.46 -17.07
N GLN A 78 1.57 -11.25 -16.59
CA GLN A 78 1.08 -9.88 -16.37
C GLN A 78 1.25 -9.49 -14.92
N LEU A 79 1.40 -10.50 -14.08
CA LEU A 79 1.52 -10.33 -12.64
C LEU A 79 2.62 -9.36 -12.25
N GLY A 80 3.78 -9.54 -12.86
CA GLY A 80 4.93 -8.68 -12.57
C GLY A 80 4.59 -7.20 -12.65
N HIS A 81 3.86 -6.82 -13.70
CA HIS A 81 3.46 -5.44 -13.89
C HIS A 81 2.48 -4.99 -12.80
N LYS A 82 1.56 -5.87 -12.40
CA LYS A 82 0.57 -5.50 -11.39
C LYS A 82 1.28 -5.13 -10.09
N VAL A 83 2.19 -5.99 -9.66
CA VAL A 83 2.94 -5.80 -8.43
C VAL A 83 3.77 -4.52 -8.51
N SER A 84 4.42 -4.33 -9.65
CA SER A 84 5.24 -3.14 -9.87
C SER A 84 4.40 -1.88 -9.77
N GLN A 85 3.22 -1.90 -10.37
CA GLN A 85 2.32 -0.74 -10.36
C GLN A 85 1.80 -0.47 -8.95
N MET A 86 1.44 -1.51 -8.23
CA MET A 86 0.90 -1.34 -6.88
C MET A 86 1.96 -0.74 -5.96
N ALA A 87 3.18 -1.24 -6.08
CA ALA A 87 4.27 -0.81 -5.22
C ALA A 87 4.69 0.63 -5.53
N GLN A 88 4.56 1.01 -6.80
CA GLN A 88 4.97 2.34 -7.23
C GLN A 88 4.04 3.41 -6.65
N TYR A 89 2.78 3.05 -6.42
CA TYR A 89 1.82 3.97 -5.80
C TYR A 89 2.06 4.10 -4.31
N PHE A 90 2.43 2.99 -3.68
CA PHE A 90 2.60 2.96 -2.23
C PHE A 90 3.77 3.82 -1.77
N GLU A 91 4.74 4.05 -2.64
CA GLU A 91 5.90 4.85 -2.29
C GLU A 91 5.50 6.32 -2.01
N PRO A 92 4.89 7.03 -2.99
CA PRO A 92 4.38 8.39 -2.75
C PRO A 92 3.25 8.40 -1.73
N LEU A 93 2.43 7.35 -1.73
CA LEU A 93 1.34 7.24 -0.76
C LEU A 93 1.90 7.31 0.65
N THR A 94 2.97 6.57 0.88
CA THR A 94 3.71 6.61 2.13
C THR A 94 4.21 8.02 2.42
N LEU A 95 4.99 8.58 1.48
CA LEU A 95 5.59 9.90 1.65
C LEU A 95 4.52 10.97 1.88
N ALA A 96 3.47 10.93 1.06
CA ALA A 96 2.38 11.88 1.15
C ALA A 96 1.68 11.77 2.51
N ALA A 97 1.55 10.54 3.01
CA ALA A 97 0.96 10.32 4.33
C ALA A 97 1.85 10.88 5.42
N VAL A 98 3.17 10.67 5.28
CA VAL A 98 4.12 11.23 6.22
C VAL A 98 4.09 12.75 6.14
N GLY A 99 3.92 13.26 4.94
CA GLY A 99 3.78 14.70 4.75
C GLY A 99 2.56 15.26 5.45
N ALA A 100 1.45 14.52 5.38
CA ALA A 100 0.23 14.89 6.09
C ALA A 100 0.48 15.01 7.58
N ALA A 101 1.34 14.13 8.10
CA ALA A 101 1.63 14.09 9.54
C ALA A 101 2.06 15.44 10.09
N SER A 102 3.10 16.01 9.53
CA SER A 102 3.62 17.26 10.06
C SER A 102 2.84 18.46 9.55
N LYS A 103 2.15 18.30 8.43
CA LYS A 103 1.46 19.40 7.78
C LYS A 103 0.08 19.64 8.38
N THR A 104 -0.70 18.58 8.47
CA THR A 104 -2.04 18.68 9.00
C THR A 104 -2.02 18.69 10.53
N LEU A 105 -2.06 19.88 11.10
CA LEU A 105 -2.05 20.04 12.55
C LEU A 105 -3.48 20.30 13.04
N SER A 106 -4.44 20.01 12.18
CA SER A 106 -5.84 20.22 12.50
C SER A 106 -6.39 19.00 13.24
N HIS A 107 -5.83 18.73 14.43
CA HIS A 107 -6.18 17.55 15.22
C HIS A 107 -5.59 16.29 14.56
N PRO A 108 -5.62 15.13 15.25
CA PRO A 108 -4.97 13.88 14.79
C PRO A 108 -5.60 13.27 13.52
N GLN A 109 -6.17 14.09 12.66
CA GLN A 109 -6.69 13.64 11.39
C GLN A 109 -5.54 13.13 10.51
N GLN A 110 -4.42 13.83 10.60
CA GLN A 110 -3.24 13.47 9.84
C GLN A 110 -2.67 12.15 10.35
N MET A 111 -2.72 11.98 11.67
CA MET A 111 -2.22 10.77 12.30
C MET A 111 -3.04 9.58 11.89
N ALA A 112 -4.35 9.78 11.75
CA ALA A 112 -5.24 8.70 11.37
C ALA A 112 -4.90 8.18 9.98
N LEU A 113 -4.83 9.07 8.99
CA LEU A 113 -4.56 8.63 7.63
C LEU A 113 -3.12 8.18 7.48
N LEU A 114 -2.24 8.77 8.29
CA LEU A 114 -0.84 8.35 8.31
C LEU A 114 -0.71 6.89 8.72
N ASP A 115 -1.26 6.57 9.88
CA ASP A 115 -1.20 5.21 10.41
C ASP A 115 -2.04 4.26 9.56
N GLN A 116 -3.17 4.76 9.05
CA GLN A 116 -4.03 3.95 8.18
C GLN A 116 -3.33 3.59 6.88
N THR A 117 -2.49 4.49 6.37
CA THR A 117 -1.68 4.20 5.20
C THR A 117 -0.74 3.04 5.50
N LYS A 118 -0.21 3.05 6.70
CA LYS A 118 0.68 2.01 7.17
C LYS A 118 -0.09 0.70 7.35
N THR A 119 -1.30 0.79 7.86
CA THR A 119 -2.22 -0.34 7.92
C THR A 119 -2.45 -0.91 6.51
N LEU A 120 -2.66 -0.01 5.56
CA LEU A 120 -2.83 -0.38 4.16
C LEU A 120 -1.55 -1.04 3.64
N ALA A 121 -0.40 -0.54 4.09
CA ALA A 121 0.88 -1.11 3.72
C ALA A 121 1.01 -2.55 4.22
N GLU A 122 0.56 -2.80 5.45
CA GLU A 122 0.54 -4.14 6.00
C GLU A 122 -0.41 -5.03 5.20
N SER A 123 -1.54 -4.47 4.82
CA SER A 123 -2.52 -5.18 4.01
C SER A 123 -1.92 -5.51 2.64
N ALA A 124 -1.24 -4.53 2.06
CA ALA A 124 -0.61 -4.69 0.76
C ALA A 124 0.55 -5.66 0.82
N LEU A 125 1.26 -5.66 1.94
CA LEU A 125 2.41 -6.54 2.09
C LEU A 125 1.95 -7.99 2.09
N GLN A 126 0.85 -8.26 2.78
CA GLN A 126 0.25 -9.59 2.78
C GLN A 126 -0.23 -9.93 1.37
N LEU A 127 -0.73 -8.92 0.67
CA LEU A 127 -1.17 -9.08 -0.71
C LEU A 127 0.01 -9.44 -1.60
N LEU A 128 1.08 -8.64 -1.56
CA LEU A 128 2.26 -8.92 -2.37
C LEU A 128 2.89 -10.26 -1.96
N TYR A 129 2.81 -10.58 -0.67
CA TYR A 129 3.32 -11.85 -0.17
C TYR A 129 2.56 -13.03 -0.77
N THR A 130 1.24 -12.96 -0.74
CA THR A 130 0.41 -14.03 -1.29
C THR A 130 0.46 -14.04 -2.81
N ALA A 131 0.56 -12.85 -3.40
CA ALA A 131 0.66 -12.70 -4.84
C ALA A 131 1.97 -13.27 -5.36
N LYS A 132 3.02 -13.15 -4.55
CA LYS A 132 4.31 -13.73 -4.90
C LYS A 132 4.29 -15.23 -4.70
N GLU A 133 3.63 -15.66 -3.64
CA GLU A 133 3.58 -17.07 -3.28
C GLU A 133 2.73 -17.86 -4.27
N ALA A 134 1.58 -17.30 -4.64
CA ALA A 134 0.69 -17.92 -5.61
C ALA A 134 1.09 -17.59 -7.04
N GLY A 135 1.97 -16.61 -7.17
CA GLY A 135 2.22 -15.94 -8.44
C GLY A 135 2.37 -16.85 -9.64
N GLY A 136 1.35 -16.82 -10.50
CA GLY A 136 1.39 -17.53 -11.76
C GLY A 136 1.24 -19.02 -11.61
N ASN A 137 0.85 -19.47 -10.43
CA ASN A 137 0.74 -20.88 -10.14
C ASN A 137 -0.33 -21.17 -9.10
N PRO A 138 -1.53 -21.55 -9.56
CA PRO A 138 -2.68 -21.81 -8.69
C PRO A 138 -2.61 -23.18 -8.02
N LYS A 139 -1.65 -24.01 -8.45
CA LYS A 139 -1.61 -25.40 -8.03
C LYS A 139 -0.72 -25.62 -6.82
N GLN A 140 0.56 -25.29 -6.93
CA GLN A 140 1.50 -25.52 -5.83
C GLN A 140 1.23 -24.56 -4.67
N ALA A 141 0.53 -23.47 -4.97
CA ALA A 141 0.11 -22.53 -3.95
C ALA A 141 -1.38 -22.70 -3.65
N ALA A 142 -1.75 -23.93 -3.29
CA ALA A 142 -3.15 -24.30 -3.09
C ALA A 142 -3.82 -23.48 -2.00
N HIS A 143 -3.23 -23.47 -0.81
CA HIS A 143 -3.79 -22.73 0.32
C HIS A 143 -3.56 -21.24 0.13
N THR A 144 -2.61 -20.89 -0.71
CA THR A 144 -2.31 -19.50 -0.99
C THR A 144 -3.45 -18.87 -1.78
N GLN A 145 -4.16 -19.70 -2.55
CA GLN A 145 -5.33 -19.24 -3.29
C GLN A 145 -6.35 -18.63 -2.33
N GLU A 146 -6.47 -19.26 -1.17
CA GLU A 146 -7.41 -18.84 -0.15
C GLU A 146 -6.94 -17.55 0.51
N ALA A 147 -5.66 -17.52 0.88
CA ALA A 147 -5.09 -16.37 1.57
C ALA A 147 -5.00 -15.17 0.65
N LEU A 148 -4.88 -15.44 -0.64
CA LEU A 148 -4.86 -14.40 -1.66
C LEU A 148 -6.19 -13.64 -1.64
N GLU A 149 -7.26 -14.35 -1.26
CA GLU A 149 -8.59 -13.75 -1.21
C GLU A 149 -8.72 -12.82 -0.01
N GLU A 150 -8.04 -13.19 1.06
CA GLU A 150 -8.07 -12.41 2.28
C GLU A 150 -7.36 -11.08 2.10
N ALA A 151 -6.25 -11.12 1.37
CA ALA A 151 -5.43 -9.95 1.16
C ALA A 151 -6.08 -8.95 0.20
N VAL A 152 -6.66 -9.45 -0.89
CA VAL A 152 -7.28 -8.59 -1.89
C VAL A 152 -8.47 -7.82 -1.30
N GLN A 153 -9.15 -8.44 -0.34
CA GLN A 153 -10.26 -7.79 0.35
C GLN A 153 -9.74 -6.88 1.45
N MET A 154 -8.70 -7.32 2.13
CA MET A 154 -8.09 -6.55 3.22
C MET A 154 -7.61 -5.19 2.72
N MET A 155 -7.07 -5.16 1.51
CA MET A 155 -6.62 -3.91 0.92
C MET A 155 -7.77 -2.99 0.58
N THR A 156 -8.74 -3.51 -0.16
CA THR A 156 -9.81 -2.68 -0.70
C THR A 156 -10.59 -1.97 0.40
N GLU A 157 -10.73 -2.61 1.56
CA GLU A 157 -11.45 -1.99 2.67
C GLU A 157 -10.59 -0.92 3.34
N ALA A 158 -9.28 -1.14 3.33
CA ALA A 158 -8.34 -0.15 3.88
C ALA A 158 -8.21 1.02 2.92
N VAL A 159 -8.42 0.74 1.64
CA VAL A 159 -8.46 1.76 0.61
C VAL A 159 -9.56 2.77 0.89
N GLU A 160 -10.78 2.26 1.07
CA GLU A 160 -11.92 3.11 1.40
C GLU A 160 -11.73 3.73 2.79
N ASP A 161 -11.09 2.96 3.67
CA ASP A 161 -10.78 3.42 5.02
C ASP A 161 -9.93 4.69 4.96
N LEU A 162 -8.81 4.59 4.26
CA LEU A 162 -7.90 5.72 4.08
C LEU A 162 -8.58 6.83 3.31
N THR A 163 -9.26 6.45 2.22
CA THR A 163 -9.98 7.39 1.37
C THR A 163 -10.90 8.30 2.18
N THR A 164 -11.62 7.73 3.13
CA THR A 164 -12.53 8.50 3.97
C THR A 164 -11.78 9.60 4.71
N THR A 165 -10.72 9.25 5.42
CA THR A 165 -9.92 10.23 6.15
C THR A 165 -9.36 11.29 5.21
N LEU A 166 -8.90 10.84 4.05
CA LEU A 166 -8.33 11.72 3.05
C LEU A 166 -9.35 12.70 2.52
N ASN A 167 -10.54 12.20 2.19
CA ASN A 167 -11.58 13.00 1.59
C ASN A 167 -12.18 13.96 2.59
N GLU A 168 -12.07 13.63 3.87
CA GLU A 168 -12.48 14.55 4.92
C GLU A 168 -11.47 15.66 5.01
N ALA A 169 -10.19 15.27 5.05
CA ALA A 169 -9.07 16.19 5.23
C ALA A 169 -9.06 17.34 4.21
N ALA A 170 -9.74 17.16 3.09
CA ALA A 170 -9.84 18.21 2.07
C ALA A 170 -10.38 19.50 2.69
N SER A 171 -11.50 19.39 3.40
CA SER A 171 -12.09 20.54 4.08
C SER A 171 -11.83 20.47 5.58
N ALA A 172 -11.59 19.25 6.08
CA ALA A 172 -11.42 19.02 7.51
C ALA A 172 -10.00 19.35 7.96
N ALA A 173 -9.05 19.36 7.02
CA ALA A 173 -7.67 19.65 7.34
C ALA A 173 -7.14 20.80 6.50
N GLY A 174 -8.05 21.50 5.83
CA GLY A 174 -7.67 22.60 4.98
C GLY A 174 -8.74 23.66 4.92
N GLY A 1 16.60 -13.15 -9.56
CA GLY A 1 17.57 -14.23 -9.29
C GLY A 1 16.91 -15.60 -9.27
N ILE A 2 16.77 -16.16 -8.09
CA ILE A 2 16.11 -17.45 -7.94
C ILE A 2 14.63 -17.26 -7.67
N ASP A 3 13.81 -17.90 -8.49
CA ASP A 3 12.36 -17.83 -8.33
C ASP A 3 11.91 -18.72 -7.18
N PRO A 4 11.38 -18.10 -6.11
CA PRO A 4 10.97 -18.84 -4.91
C PRO A 4 9.87 -19.86 -5.18
N PHE A 5 8.86 -19.49 -5.97
CA PHE A 5 7.71 -20.36 -6.15
C PHE A 5 7.41 -20.66 -7.62
N THR A 6 8.46 -20.93 -8.39
CA THR A 6 8.32 -21.66 -9.66
C THR A 6 7.56 -20.89 -10.76
N ALA A 7 7.69 -19.57 -10.80
CA ALA A 7 6.94 -18.80 -11.80
C ALA A 7 7.59 -17.45 -12.13
N PRO A 8 7.18 -16.84 -13.25
CA PRO A 8 7.52 -15.45 -13.60
C PRO A 8 6.64 -14.44 -12.88
N GLY A 9 7.20 -13.72 -11.92
CA GLY A 9 6.43 -12.75 -11.17
C GLY A 9 6.90 -12.67 -9.74
N GLN A 10 7.31 -13.82 -9.22
CA GLN A 10 7.90 -13.94 -7.89
C GLN A 10 9.01 -12.92 -7.69
N LEU A 11 9.82 -12.73 -8.71
CA LEU A 11 10.92 -11.76 -8.66
C LEU A 11 10.38 -10.35 -8.46
N GLU A 12 9.46 -9.93 -9.32
CA GLU A 12 8.88 -8.60 -9.25
C GLU A 12 8.16 -8.39 -7.93
N CYS A 13 7.63 -9.47 -7.37
CA CYS A 13 6.97 -9.40 -6.08
C CYS A 13 8.00 -9.23 -4.97
N GLU A 14 9.09 -9.98 -5.08
CA GLU A 14 10.13 -9.97 -4.06
C GLU A 14 10.83 -8.62 -4.02
N THR A 15 11.06 -8.06 -5.19
CA THR A 15 11.73 -6.77 -5.31
C THR A 15 10.83 -5.65 -4.78
N ALA A 16 9.53 -5.75 -5.07
CA ALA A 16 8.57 -4.75 -4.62
C ALA A 16 8.35 -4.85 -3.12
N ILE A 17 8.32 -6.07 -2.59
CA ILE A 17 8.13 -6.30 -1.16
C ILE A 17 9.18 -5.57 -0.33
N ALA A 18 10.43 -5.59 -0.80
CA ALA A 18 11.51 -4.92 -0.10
C ALA A 18 11.29 -3.41 -0.07
N ALA A 19 10.79 -2.86 -1.17
CA ALA A 19 10.56 -1.42 -1.27
C ALA A 19 9.31 -1.03 -0.48
N LEU A 20 8.31 -1.89 -0.55
CA LEU A 20 7.08 -1.71 0.20
C LEU A 20 7.35 -1.85 1.70
N ASN A 21 8.29 -2.72 2.03
CA ASN A 21 8.72 -2.91 3.41
C ASN A 21 9.33 -1.63 3.95
N SER A 22 10.11 -0.99 3.11
CA SER A 22 10.75 0.27 3.43
C SER A 22 9.69 1.37 3.63
N CYS A 23 8.64 1.32 2.83
CA CYS A 23 7.54 2.26 2.96
C CYS A 23 6.79 2.01 4.26
N LEU A 24 6.57 0.74 4.56
CA LEU A 24 5.97 0.33 5.82
C LEU A 24 6.79 0.86 6.98
N ARG A 25 8.11 0.71 6.87
CA ARG A 25 9.04 1.23 7.87
C ARG A 25 8.85 2.72 8.07
N ASP A 26 8.89 3.48 6.97
CA ASP A 26 8.75 4.93 7.02
C ASP A 26 7.42 5.34 7.62
N LEU A 27 6.37 4.65 7.22
CA LEU A 27 5.03 4.94 7.70
C LEU A 27 4.90 4.65 9.19
N ASP A 28 5.45 3.52 9.61
CA ASP A 28 5.42 3.11 11.01
C ASP A 28 6.15 4.13 11.88
N GLN A 29 7.36 4.46 11.47
CA GLN A 29 8.18 5.40 12.23
C GLN A 29 7.61 6.80 12.16
N ALA A 30 6.88 7.10 11.09
CA ALA A 30 6.22 8.38 10.95
C ALA A 30 5.25 8.63 12.10
N SER A 31 4.45 7.62 12.42
CA SER A 31 3.50 7.72 13.52
C SER A 31 4.26 7.88 14.85
N LEU A 32 5.32 7.11 15.01
CA LEU A 32 6.12 7.13 16.23
C LEU A 32 6.82 8.47 16.41
N ALA A 33 7.30 9.05 15.31
CA ALA A 33 7.95 10.34 15.37
C ALA A 33 6.93 11.47 15.45
N ALA A 34 5.77 11.28 14.84
CA ALA A 34 4.72 12.29 14.84
C ALA A 34 4.15 12.47 16.25
N VAL A 35 4.02 11.36 16.96
CA VAL A 35 3.49 11.39 18.32
C VAL A 35 4.48 12.09 19.27
N SER A 36 5.75 12.12 18.87
CA SER A 36 6.77 12.79 19.66
C SER A 36 7.10 14.16 19.07
N GLN A 37 6.37 14.53 18.02
CA GLN A 37 6.55 15.82 17.34
C GLN A 37 7.89 15.93 16.62
N GLN A 38 8.56 14.79 16.44
CA GLN A 38 9.88 14.74 15.81
C GLN A 38 9.76 14.32 14.35
N LEU A 39 8.55 14.35 13.82
CA LEU A 39 8.31 13.90 12.46
C LEU A 39 8.52 15.05 11.47
N ALA A 40 9.30 14.78 10.44
CA ALA A 40 9.59 15.78 9.41
C ALA A 40 8.37 16.08 8.56
N PRO A 41 8.17 17.35 8.19
CA PRO A 41 7.02 17.79 7.38
C PRO A 41 6.95 17.12 6.00
N ARG A 42 5.93 17.48 5.24
CA ARG A 42 5.71 16.92 3.91
C ARG A 42 6.91 17.18 3.00
N GLU A 43 7.23 16.18 2.17
CA GLU A 43 8.31 16.27 1.18
C GLU A 43 8.26 17.57 0.37
N GLY A 44 7.07 18.14 0.22
CA GLY A 44 6.95 19.44 -0.42
C GLY A 44 5.70 19.59 -1.27
N ILE A 45 4.54 19.69 -0.62
CA ILE A 45 3.30 19.94 -1.35
C ILE A 45 2.22 20.50 -0.42
N SER A 46 1.18 21.09 -0.99
CA SER A 46 0.11 21.71 -0.23
C SER A 46 -0.70 20.68 0.56
N GLN A 47 -1.45 21.17 1.55
CA GLN A 47 -2.26 20.31 2.41
C GLN A 47 -3.41 19.68 1.62
N GLU A 48 -4.10 20.49 0.84
CA GLU A 48 -5.21 20.04 0.01
C GLU A 48 -4.68 19.12 -1.09
N ALA A 49 -3.43 19.35 -1.49
CA ALA A 49 -2.81 18.56 -2.54
C ALA A 49 -2.48 17.16 -2.03
N LEU A 50 -2.32 17.03 -0.72
CA LEU A 50 -2.12 15.72 -0.11
C LEU A 50 -3.36 14.86 -0.29
N HIS A 51 -4.52 15.47 -0.11
CA HIS A 51 -5.80 14.82 -0.37
C HIS A 51 -5.84 14.30 -1.81
N THR A 52 -5.49 15.16 -2.75
CA THR A 52 -5.49 14.81 -4.15
C THR A 52 -4.49 13.70 -4.47
N GLN A 53 -3.24 13.89 -4.05
CA GLN A 53 -2.15 12.95 -4.36
C GLN A 53 -2.51 11.54 -3.89
N MET A 54 -2.87 11.42 -2.63
CA MET A 54 -3.23 10.13 -2.06
C MET A 54 -4.44 9.53 -2.77
N LEU A 55 -5.52 10.30 -2.82
CA LEU A 55 -6.78 9.83 -3.38
C LEU A 55 -6.60 9.36 -4.83
N THR A 56 -5.78 10.06 -5.59
CA THR A 56 -5.47 9.67 -6.96
C THR A 56 -4.88 8.25 -7.00
N ALA A 57 -3.84 8.02 -6.20
CA ALA A 57 -3.14 6.75 -6.21
C ALA A 57 -3.98 5.63 -5.62
N VAL A 58 -4.59 5.90 -4.48
CA VAL A 58 -5.33 4.88 -3.73
C VAL A 58 -6.40 4.19 -4.59
N GLN A 59 -7.13 4.97 -5.38
CA GLN A 59 -8.16 4.40 -6.24
C GLN A 59 -7.54 3.53 -7.33
N GLU A 60 -6.46 4.02 -7.93
CA GLU A 60 -5.78 3.28 -8.98
C GLU A 60 -5.13 2.01 -8.43
N ILE A 61 -4.79 2.03 -7.15
CA ILE A 61 -4.29 0.84 -6.49
C ILE A 61 -5.39 -0.22 -6.43
N SER A 62 -6.52 0.13 -5.83
CA SER A 62 -7.65 -0.79 -5.72
C SER A 62 -8.05 -1.30 -7.09
N HIS A 63 -7.97 -0.41 -8.08
CA HIS A 63 -8.26 -0.74 -9.46
C HIS A 63 -7.36 -1.88 -9.94
N LEU A 64 -6.11 -1.89 -9.51
CA LEU A 64 -5.16 -2.92 -9.92
C LEU A 64 -5.15 -4.11 -8.95
N ILE A 65 -5.65 -3.91 -7.73
CA ILE A 65 -5.63 -4.96 -6.71
C ILE A 65 -6.44 -6.17 -7.17
N GLU A 66 -7.63 -5.91 -7.70
CA GLU A 66 -8.52 -6.99 -8.15
C GLU A 66 -7.88 -7.83 -9.27
N PRO A 67 -7.41 -7.20 -10.38
CA PRO A 67 -6.73 -7.92 -11.46
C PRO A 67 -5.44 -8.59 -10.98
N LEU A 68 -4.78 -8.01 -9.99
CA LEU A 68 -3.54 -8.58 -9.46
C LEU A 68 -3.83 -9.92 -8.79
N ALA A 69 -4.86 -9.94 -7.95
CA ALA A 69 -5.25 -11.16 -7.26
C ALA A 69 -5.68 -12.22 -8.26
N SER A 70 -6.42 -11.77 -9.27
CA SER A 70 -6.89 -12.64 -10.33
C SER A 70 -5.72 -13.19 -11.14
N ALA A 71 -4.70 -12.36 -11.36
CA ALA A 71 -3.52 -12.79 -12.09
C ALA A 71 -2.63 -13.68 -11.23
N ALA A 72 -2.49 -13.33 -9.97
CA ALA A 72 -1.63 -14.08 -9.05
C ALA A 72 -2.02 -15.55 -9.02
N ARG A 73 -3.30 -15.82 -8.93
CA ARG A 73 -3.77 -17.20 -8.81
C ARG A 73 -3.62 -17.97 -10.12
N ALA A 74 -3.34 -17.29 -11.23
CA ALA A 74 -3.28 -17.97 -12.52
C ALA A 74 -2.23 -17.38 -13.47
N GLU A 75 -2.45 -16.15 -13.93
CA GLU A 75 -1.61 -15.55 -14.97
C GLU A 75 -0.37 -14.86 -14.40
N ALA A 76 0.76 -15.52 -14.53
CA ALA A 76 2.03 -14.99 -14.06
C ALA A 76 2.47 -13.78 -14.89
N SER A 77 2.29 -13.89 -16.21
CA SER A 77 2.80 -12.90 -17.15
C SER A 77 2.21 -11.51 -16.92
N GLN A 78 1.02 -11.46 -16.33
CA GLN A 78 0.33 -10.20 -16.11
C GLN A 78 0.63 -9.68 -14.72
N LEU A 79 0.79 -10.65 -13.80
CA LEU A 79 1.00 -10.38 -12.39
C LEU A 79 2.19 -9.46 -12.14
N GLY A 80 3.32 -9.78 -12.76
CA GLY A 80 4.53 -9.01 -12.58
C GLY A 80 4.33 -7.52 -12.81
N HIS A 81 3.49 -7.18 -13.78
CA HIS A 81 3.21 -5.78 -14.09
C HIS A 81 2.28 -5.16 -13.05
N LYS A 82 1.40 -5.97 -12.49
CA LYS A 82 0.48 -5.49 -11.45
C LYS A 82 1.27 -5.04 -10.23
N VAL A 83 2.21 -5.90 -9.84
CA VAL A 83 3.06 -5.64 -8.68
C VAL A 83 3.86 -4.36 -8.87
N SER A 84 4.40 -4.19 -10.07
CA SER A 84 5.13 -2.97 -10.42
C SER A 84 4.25 -1.74 -10.21
N GLN A 85 3.00 -1.85 -10.63
CA GLN A 85 2.06 -0.75 -10.50
C GLN A 85 1.71 -0.49 -9.03
N MET A 86 1.36 -1.55 -8.31
CA MET A 86 0.94 -1.40 -6.93
C MET A 86 2.04 -0.78 -6.07
N ALA A 87 3.27 -1.22 -6.30
CA ALA A 87 4.40 -0.77 -5.50
C ALA A 87 4.72 0.69 -5.77
N GLN A 88 4.54 1.12 -7.02
CA GLN A 88 4.91 2.47 -7.43
C GLN A 88 4.00 3.51 -6.79
N TYR A 89 2.76 3.13 -6.49
CA TYR A 89 1.81 4.04 -5.88
C TYR A 89 2.04 4.18 -4.38
N PHE A 90 2.47 3.11 -3.74
CA PHE A 90 2.65 3.11 -2.30
C PHE A 90 3.83 3.96 -1.85
N GLU A 91 4.79 4.17 -2.73
CA GLU A 91 5.95 4.98 -2.39
C GLU A 91 5.54 6.44 -2.11
N PRO A 92 4.90 7.15 -3.07
CA PRO A 92 4.40 8.49 -2.82
C PRO A 92 3.37 8.54 -1.71
N LEU A 93 2.52 7.52 -1.62
CA LEU A 93 1.51 7.46 -0.56
C LEU A 93 2.16 7.52 0.80
N THR A 94 3.21 6.75 0.97
CA THR A 94 4.00 6.79 2.19
C THR A 94 4.45 8.22 2.49
N LEU A 95 5.14 8.85 1.53
CA LEU A 95 5.68 10.19 1.73
C LEU A 95 4.56 11.23 1.85
N ALA A 96 3.45 10.97 1.19
CA ALA A 96 2.30 11.86 1.24
C ALA A 96 1.60 11.76 2.59
N ALA A 97 1.50 10.54 3.11
CA ALA A 97 0.90 10.31 4.43
C ALA A 97 1.82 10.79 5.54
N VAL A 98 3.12 10.49 5.42
CA VAL A 98 4.10 10.97 6.39
C VAL A 98 4.14 12.50 6.35
N GLY A 99 3.90 13.06 5.16
CA GLY A 99 3.75 14.49 5.04
C GLY A 99 2.58 14.99 5.88
N ALA A 100 1.43 14.33 5.72
CA ALA A 100 0.23 14.67 6.48
C ALA A 100 0.44 14.48 7.97
N ALA A 101 1.33 13.57 8.34
CA ALA A 101 1.63 13.34 9.74
C ALA A 101 2.12 14.61 10.41
N SER A 102 3.15 15.22 9.85
CA SER A 102 3.72 16.39 10.47
C SER A 102 2.94 17.65 10.10
N LYS A 103 2.38 17.65 8.89
CA LYS A 103 1.73 18.83 8.34
C LYS A 103 0.32 19.01 8.90
N THR A 104 -0.36 17.89 9.13
CA THR A 104 -1.73 17.92 9.62
C THR A 104 -1.77 17.70 11.13
N LEU A 105 -2.43 18.60 11.84
CA LEU A 105 -2.64 18.46 13.27
C LEU A 105 -4.12 18.53 13.60
N SER A 106 -4.92 18.83 12.59
CA SER A 106 -6.35 19.06 12.76
C SER A 106 -7.08 17.76 13.10
N HIS A 107 -7.42 17.58 14.39
CA HIS A 107 -8.23 16.44 14.82
C HIS A 107 -7.46 15.12 14.55
N PRO A 108 -8.08 13.92 14.67
CA PRO A 108 -7.38 12.66 14.39
C PRO A 108 -7.21 12.35 12.90
N GLN A 109 -7.32 13.36 12.04
CA GLN A 109 -7.21 13.17 10.60
C GLN A 109 -5.81 12.66 10.22
N GLN A 110 -4.80 13.32 10.77
CA GLN A 110 -3.41 13.00 10.53
C GLN A 110 -3.11 11.53 10.81
N MET A 111 -3.37 11.11 12.04
CA MET A 111 -3.00 9.77 12.48
C MET A 111 -3.86 8.71 11.81
N ALA A 112 -5.09 9.07 11.47
CA ALA A 112 -5.99 8.12 10.84
C ALA A 112 -5.47 7.72 9.46
N LEU A 113 -5.17 8.70 8.61
CA LEU A 113 -4.72 8.38 7.27
C LEU A 113 -3.25 7.92 7.28
N LEU A 114 -2.47 8.47 8.19
CA LEU A 114 -1.07 8.06 8.35
C LEU A 114 -0.99 6.58 8.67
N ASP A 115 -1.68 6.19 9.75
CA ASP A 115 -1.66 4.81 10.20
C ASP A 115 -2.29 3.88 9.16
N GLN A 116 -3.37 4.34 8.54
CA GLN A 116 -4.05 3.51 7.53
C GLN A 116 -3.20 3.32 6.29
N THR A 117 -2.41 4.32 5.91
CA THR A 117 -1.51 4.17 4.77
C THR A 117 -0.49 3.08 5.10
N LYS A 118 -0.08 3.05 6.35
CA LYS A 118 0.82 2.04 6.86
C LYS A 118 0.12 0.68 6.91
N THR A 119 -1.11 0.67 7.42
CA THR A 119 -1.93 -0.53 7.42
C THR A 119 -2.15 -1.04 6.00
N LEU A 120 -2.48 -0.12 5.10
CA LEU A 120 -2.68 -0.47 3.69
C LEU A 120 -1.38 -0.99 3.10
N ALA A 121 -0.25 -0.49 3.60
CA ALA A 121 1.06 -1.00 3.20
C ALA A 121 1.24 -2.43 3.68
N GLU A 122 0.74 -2.72 4.89
CA GLU A 122 0.74 -4.08 5.41
C GLU A 122 -0.18 -4.96 4.56
N SER A 123 -1.34 -4.41 4.20
CA SER A 123 -2.28 -5.09 3.34
C SER A 123 -1.63 -5.40 2.00
N ALA A 124 -0.96 -4.40 1.42
CA ALA A 124 -0.27 -4.56 0.16
C ALA A 124 0.90 -5.51 0.30
N LEU A 125 1.57 -5.45 1.44
CA LEU A 125 2.70 -6.32 1.70
C LEU A 125 2.21 -7.76 1.75
N GLN A 126 1.16 -7.98 2.53
CA GLN A 126 0.52 -9.29 2.60
C GLN A 126 0.04 -9.72 1.22
N LEU A 127 -0.43 -8.75 0.45
CA LEU A 127 -0.87 -8.99 -0.92
C LEU A 127 0.31 -9.42 -1.78
N LEU A 128 1.37 -8.62 -1.80
CA LEU A 128 2.55 -8.94 -2.59
C LEU A 128 3.19 -10.24 -2.12
N TYR A 129 3.10 -10.52 -0.82
CA TYR A 129 3.59 -11.78 -0.27
C TYR A 129 2.80 -12.96 -0.84
N THR A 130 1.48 -12.89 -0.75
CA THR A 130 0.64 -13.97 -1.23
C THR A 130 0.72 -14.09 -2.75
N ALA A 131 0.79 -12.96 -3.43
CA ALA A 131 0.95 -12.94 -4.88
C ALA A 131 2.31 -13.48 -5.28
N LYS A 132 3.28 -13.40 -4.36
CA LYS A 132 4.61 -13.92 -4.61
C LYS A 132 4.59 -15.45 -4.60
N GLU A 133 3.92 -16.01 -3.61
CA GLU A 133 3.80 -17.46 -3.50
C GLU A 133 2.91 -18.05 -4.60
N ALA A 134 1.69 -17.53 -4.74
CA ALA A 134 0.71 -18.10 -5.64
C ALA A 134 0.93 -17.66 -7.09
N GLY A 135 1.62 -16.53 -7.24
CA GLY A 135 1.68 -15.84 -8.52
C GLY A 135 2.11 -16.68 -9.71
N GLY A 136 1.12 -17.18 -10.43
CA GLY A 136 1.38 -17.82 -11.70
C GLY A 136 1.12 -19.31 -11.68
N ASN A 137 0.92 -19.86 -10.51
CA ASN A 137 0.72 -21.28 -10.37
C ASN A 137 -0.07 -21.63 -9.12
N PRO A 138 -1.36 -21.95 -9.29
CA PRO A 138 -2.24 -22.34 -8.19
C PRO A 138 -1.79 -23.65 -7.53
N LYS A 139 -1.10 -24.49 -8.31
CA LYS A 139 -0.69 -25.80 -7.84
C LYS A 139 0.58 -25.73 -7.01
N GLN A 140 1.17 -24.55 -6.91
CA GLN A 140 2.38 -24.36 -6.13
C GLN A 140 2.09 -23.60 -4.84
N ALA A 141 0.82 -23.31 -4.61
CA ALA A 141 0.41 -22.57 -3.42
C ALA A 141 -0.94 -23.05 -2.91
N ALA A 142 -1.01 -23.37 -1.63
CA ALA A 142 -2.25 -23.87 -1.03
C ALA A 142 -2.84 -22.86 -0.06
N HIS A 143 -2.27 -22.75 1.14
CA HIS A 143 -2.77 -21.80 2.13
C HIS A 143 -2.50 -20.36 1.67
N THR A 144 -1.76 -20.23 0.60
CA THR A 144 -1.53 -18.95 -0.03
C THR A 144 -2.81 -18.46 -0.70
N GLN A 145 -3.60 -19.41 -1.21
CA GLN A 145 -4.82 -19.09 -1.93
C GLN A 145 -5.84 -18.43 -1.02
N GLU A 146 -5.98 -18.96 0.19
CA GLU A 146 -6.91 -18.42 1.16
C GLU A 146 -6.51 -17.00 1.56
N ALA A 147 -5.24 -16.87 1.87
CA ALA A 147 -4.68 -15.61 2.32
C ALA A 147 -4.60 -14.58 1.20
N LEU A 148 -4.48 -15.04 -0.04
CA LEU A 148 -4.47 -14.14 -1.19
C LEU A 148 -5.79 -13.37 -1.24
N GLU A 149 -6.85 -14.03 -0.80
CA GLU A 149 -8.18 -13.42 -0.82
C GLU A 149 -8.33 -12.46 0.34
N GLU A 150 -7.86 -12.87 1.50
CA GLU A 150 -7.83 -12.00 2.67
C GLU A 150 -7.06 -10.72 2.36
N ALA A 151 -5.99 -10.86 1.60
CA ALA A 151 -5.16 -9.72 1.24
C ALA A 151 -5.89 -8.76 0.31
N VAL A 152 -6.48 -9.29 -0.76
CA VAL A 152 -7.20 -8.45 -1.71
C VAL A 152 -8.38 -7.75 -1.05
N GLN A 153 -9.09 -8.47 -0.18
CA GLN A 153 -10.22 -7.90 0.54
C GLN A 153 -9.75 -6.84 1.53
N MET A 154 -8.65 -7.12 2.20
CA MET A 154 -8.10 -6.22 3.21
C MET A 154 -7.72 -4.89 2.57
N MET A 155 -6.96 -4.95 1.47
CA MET A 155 -6.60 -3.74 0.74
C MET A 155 -7.84 -2.98 0.33
N THR A 156 -8.76 -3.68 -0.32
CA THR A 156 -9.98 -3.08 -0.84
C THR A 156 -10.70 -2.25 0.23
N GLU A 157 -10.88 -2.82 1.40
CA GLU A 157 -11.56 -2.14 2.49
C GLU A 157 -10.72 -0.99 3.03
N ALA A 158 -9.42 -1.21 3.10
CA ALA A 158 -8.49 -0.22 3.65
C ALA A 158 -8.40 0.96 2.70
N VAL A 159 -8.46 0.67 1.41
CA VAL A 159 -8.49 1.67 0.36
C VAL A 159 -9.64 2.64 0.55
N GLU A 160 -10.83 2.08 0.72
CA GLU A 160 -12.04 2.87 0.88
C GLU A 160 -11.96 3.72 2.14
N ASP A 161 -11.37 3.16 3.19
CA ASP A 161 -11.37 3.82 4.49
C ASP A 161 -10.36 4.95 4.52
N LEU A 162 -9.15 4.67 4.01
CA LEU A 162 -8.12 5.69 3.87
C LEU A 162 -8.63 6.83 3.02
N THR A 163 -9.31 6.46 1.94
CA THR A 163 -9.88 7.42 1.01
C THR A 163 -10.81 8.40 1.72
N THR A 164 -11.66 7.90 2.61
CA THR A 164 -12.54 8.74 3.40
C THR A 164 -11.73 9.76 4.19
N THR A 165 -10.77 9.28 4.99
CA THR A 165 -9.94 10.16 5.81
C THR A 165 -9.22 11.21 4.94
N LEU A 166 -8.77 10.77 3.77
CA LEU A 166 -8.08 11.63 2.84
C LEU A 166 -9.01 12.70 2.27
N ASN A 167 -10.23 12.29 1.95
CA ASN A 167 -11.20 13.20 1.37
C ASN A 167 -11.69 14.21 2.40
N GLU A 168 -11.69 13.80 3.67
CA GLU A 168 -12.01 14.70 4.75
C GLU A 168 -10.87 15.69 4.93
N ALA A 169 -9.65 15.18 4.81
CA ALA A 169 -8.43 15.97 5.01
C ALA A 169 -8.38 17.22 4.13
N ALA A 170 -9.20 17.25 3.09
CA ALA A 170 -9.32 18.44 2.25
C ALA A 170 -9.70 19.66 3.10
N SER A 171 -10.80 19.53 3.85
CA SER A 171 -11.27 20.61 4.71
C SER A 171 -10.97 20.32 6.18
N ALA A 172 -11.03 19.04 6.54
CA ALA A 172 -10.92 18.61 7.94
C ALA A 172 -9.48 18.64 8.44
N ALA A 173 -8.53 18.87 7.54
CA ALA A 173 -7.12 18.89 7.91
C ALA A 173 -6.50 20.26 7.66
N GLY A 174 -7.35 21.27 7.52
CA GLY A 174 -6.86 22.62 7.30
C GLY A 174 -7.06 23.50 8.52
N GLY A 1 17.60 -12.58 -10.47
CA GLY A 1 17.78 -13.37 -9.23
C GLY A 1 17.27 -14.78 -9.39
N ILE A 2 16.30 -15.15 -8.58
CA ILE A 2 15.69 -16.48 -8.66
C ILE A 2 14.21 -16.39 -8.33
N ASP A 3 13.41 -17.19 -9.02
CA ASP A 3 11.98 -17.26 -8.77
C ASP A 3 11.65 -18.64 -8.20
N PRO A 4 11.82 -18.83 -6.88
CA PRO A 4 11.77 -20.15 -6.25
C PRO A 4 10.37 -20.73 -6.18
N PHE A 5 9.37 -19.92 -6.50
CA PHE A 5 7.99 -20.37 -6.40
C PHE A 5 7.46 -20.87 -7.73
N THR A 6 8.38 -21.24 -8.62
CA THR A 6 8.03 -22.03 -9.80
C THR A 6 7.21 -21.23 -10.82
N ALA A 7 7.51 -19.95 -11.01
CA ALA A 7 6.73 -19.13 -11.93
C ALA A 7 7.42 -17.80 -12.24
N PRO A 8 6.91 -17.08 -13.26
CA PRO A 8 7.27 -15.69 -13.53
C PRO A 8 6.48 -14.74 -12.65
N GLY A 9 7.11 -13.68 -12.18
CA GLY A 9 6.42 -12.71 -11.36
C GLY A 9 6.91 -12.72 -9.93
N GLN A 10 7.44 -13.86 -9.51
CA GLN A 10 8.01 -14.00 -8.17
C GLN A 10 9.07 -12.94 -7.91
N LEU A 11 9.99 -12.78 -8.85
CA LEU A 11 11.00 -11.74 -8.79
C LEU A 11 10.37 -10.36 -8.60
N GLU A 12 9.39 -10.05 -9.44
CA GLU A 12 8.70 -8.76 -9.41
C GLU A 12 8.05 -8.53 -8.04
N CYS A 13 7.53 -9.60 -7.47
CA CYS A 13 6.88 -9.51 -6.16
C CYS A 13 7.92 -9.28 -5.08
N GLU A 14 9.01 -10.03 -5.15
CA GLU A 14 10.09 -9.95 -4.18
C GLU A 14 10.71 -8.56 -4.14
N THR A 15 11.02 -8.01 -5.31
CA THR A 15 11.65 -6.71 -5.39
C THR A 15 10.70 -5.61 -4.90
N ALA A 16 9.41 -5.80 -5.14
CA ALA A 16 8.41 -4.86 -4.67
C ALA A 16 8.25 -4.94 -3.16
N ILE A 17 8.31 -6.16 -2.63
CA ILE A 17 8.21 -6.39 -1.20
C ILE A 17 9.30 -5.62 -0.44
N ALA A 18 10.52 -5.64 -0.97
CA ALA A 18 11.64 -4.96 -0.34
C ALA A 18 11.43 -3.45 -0.33
N ALA A 19 10.81 -2.93 -1.38
CA ALA A 19 10.55 -1.49 -1.48
C ALA A 19 9.38 -1.11 -0.59
N LEU A 20 8.35 -1.93 -0.63
CA LEU A 20 7.16 -1.73 0.17
C LEU A 20 7.50 -1.87 1.65
N ASN A 21 8.43 -2.77 1.94
CA ASN A 21 8.91 -2.98 3.31
C ASN A 21 9.52 -1.70 3.84
N SER A 22 10.32 -1.06 2.99
CA SER A 22 10.98 0.18 3.36
C SER A 22 9.97 1.30 3.55
N CYS A 23 8.95 1.36 2.69
CA CYS A 23 7.92 2.38 2.81
C CYS A 23 7.09 2.14 4.06
N LEU A 24 6.92 0.88 4.39
CA LEU A 24 6.22 0.50 5.61
C LEU A 24 6.99 1.01 6.83
N ARG A 25 8.30 0.83 6.81
CA ARG A 25 9.15 1.27 7.90
C ARG A 25 9.16 2.79 8.00
N ASP A 26 9.23 3.46 6.86
CA ASP A 26 9.16 4.92 6.83
C ASP A 26 7.85 5.38 7.45
N LEU A 27 6.76 4.74 7.07
CA LEU A 27 5.44 5.06 7.61
C LEU A 27 5.36 4.79 9.11
N ASP A 28 5.88 3.65 9.52
CA ASP A 28 5.80 3.21 10.91
C ASP A 28 6.56 4.16 11.81
N GLN A 29 7.74 4.56 11.37
CA GLN A 29 8.55 5.51 12.13
C GLN A 29 7.96 6.90 12.05
N ALA A 30 7.30 7.19 10.93
CA ALA A 30 6.59 8.46 10.76
C ALA A 30 5.52 8.60 11.82
N SER A 31 4.73 7.55 12.03
CA SER A 31 3.69 7.54 13.05
C SER A 31 4.31 7.79 14.43
N LEU A 32 5.38 7.06 14.72
CA LEU A 32 6.09 7.17 15.99
C LEU A 32 6.66 8.58 16.17
N ALA A 33 7.13 9.18 15.09
CA ALA A 33 7.66 10.53 15.13
C ALA A 33 6.55 11.56 15.12
N ALA A 34 5.40 11.21 14.55
CA ALA A 34 4.26 12.12 14.49
C ALA A 34 3.60 12.26 15.85
N VAL A 35 3.43 11.14 16.53
CA VAL A 35 2.83 11.13 17.85
C VAL A 35 3.68 11.93 18.84
N SER A 36 4.98 12.01 18.55
CA SER A 36 5.90 12.76 19.38
C SER A 36 6.31 14.07 18.71
N GLN A 37 5.60 14.40 17.62
CA GLN A 37 5.81 15.62 16.83
C GLN A 37 7.29 15.92 16.57
N GLN A 38 8.05 14.87 16.29
CA GLN A 38 9.48 14.99 15.99
C GLN A 38 9.71 15.02 14.47
N LEU A 39 8.63 14.90 13.71
CA LEU A 39 8.72 14.86 12.26
C LEU A 39 9.10 16.20 11.66
N ALA A 40 9.69 16.14 10.47
CA ALA A 40 10.00 17.32 9.70
C ALA A 40 8.86 17.58 8.70
N PRO A 41 8.73 18.82 8.20
CA PRO A 41 7.65 19.20 7.29
C PRO A 41 7.48 18.24 6.11
N ARG A 42 6.26 18.20 5.56
CA ARG A 42 5.96 17.37 4.40
C ARG A 42 6.99 17.52 3.28
N GLU A 43 7.06 16.51 2.42
CA GLU A 43 7.97 16.51 1.27
C GLU A 43 7.94 17.84 0.54
N GLY A 44 6.75 18.26 0.16
CA GLY A 44 6.57 19.52 -0.52
C GLY A 44 5.23 19.58 -1.20
N ILE A 45 4.19 19.74 -0.40
CA ILE A 45 2.83 19.62 -0.91
C ILE A 45 1.85 20.41 -0.03
N SER A 46 0.71 20.77 -0.60
CA SER A 46 -0.32 21.50 0.12
C SER A 46 -1.27 20.53 0.84
N GLN A 47 -2.15 21.07 1.67
CA GLN A 47 -3.06 20.25 2.48
C GLN A 47 -4.10 19.56 1.61
N GLU A 48 -4.78 20.32 0.76
CA GLU A 48 -5.78 19.74 -0.13
C GLU A 48 -5.07 18.95 -1.23
N ALA A 49 -3.82 19.29 -1.46
CA ALA A 49 -3.00 18.58 -2.42
C ALA A 49 -2.67 17.20 -1.88
N LEU A 50 -2.51 17.09 -0.56
CA LEU A 50 -2.35 15.79 0.10
C LEU A 50 -3.58 14.92 -0.16
N HIS A 51 -4.76 15.55 -0.10
CA HIS A 51 -6.01 14.88 -0.43
C HIS A 51 -5.95 14.32 -1.85
N THR A 52 -5.53 15.15 -2.79
CA THR A 52 -5.46 14.76 -4.19
C THR A 52 -4.34 13.75 -4.44
N GLN A 53 -3.14 14.04 -3.94
CA GLN A 53 -1.97 13.20 -4.15
C GLN A 53 -2.25 11.76 -3.72
N MET A 54 -2.70 11.61 -2.49
CA MET A 54 -3.00 10.29 -1.94
C MET A 54 -4.16 9.63 -2.67
N LEU A 55 -5.31 10.32 -2.70
CA LEU A 55 -6.53 9.74 -3.25
C LEU A 55 -6.34 9.26 -4.70
N THR A 56 -5.60 10.02 -5.50
CA THR A 56 -5.35 9.65 -6.89
C THR A 56 -4.62 8.31 -6.98
N ALA A 57 -3.60 8.12 -6.15
CA ALA A 57 -2.83 6.89 -6.14
C ALA A 57 -3.68 5.74 -5.61
N VAL A 58 -4.38 5.99 -4.50
CA VAL A 58 -5.20 4.97 -3.84
C VAL A 58 -6.20 4.34 -4.81
N GLN A 59 -6.83 5.17 -5.65
CA GLN A 59 -7.76 4.68 -6.65
C GLN A 59 -7.10 3.66 -7.57
N GLU A 60 -5.97 4.04 -8.16
CA GLU A 60 -5.28 3.18 -9.12
C GLU A 60 -4.72 1.92 -8.45
N ILE A 61 -4.44 2.01 -7.15
CA ILE A 61 -4.03 0.84 -6.41
C ILE A 61 -5.14 -0.18 -6.40
N SER A 62 -6.30 0.22 -5.86
CA SER A 62 -7.46 -0.67 -5.77
C SER A 62 -7.85 -1.17 -7.16
N HIS A 63 -7.71 -0.28 -8.12
CA HIS A 63 -7.97 -0.59 -9.53
C HIS A 63 -7.19 -1.83 -9.95
N LEU A 64 -5.92 -1.90 -9.57
CA LEU A 64 -5.08 -3.02 -9.96
C LEU A 64 -5.12 -4.17 -8.94
N ILE A 65 -5.60 -3.90 -7.73
CA ILE A 65 -5.62 -4.90 -6.67
C ILE A 65 -6.47 -6.11 -7.09
N GLU A 66 -7.65 -5.84 -7.62
CA GLU A 66 -8.56 -6.91 -8.02
C GLU A 66 -7.96 -7.78 -9.14
N PRO A 67 -7.53 -7.17 -10.28
CA PRO A 67 -6.86 -7.92 -11.35
C PRO A 67 -5.61 -8.65 -10.85
N LEU A 68 -4.88 -8.02 -9.93
CA LEU A 68 -3.67 -8.63 -9.39
C LEU A 68 -4.02 -9.92 -8.67
N ALA A 69 -5.06 -9.88 -7.83
CA ALA A 69 -5.50 -11.07 -7.10
C ALA A 69 -5.91 -12.18 -8.07
N SER A 70 -6.57 -11.79 -9.15
CA SER A 70 -7.01 -12.73 -10.17
C SER A 70 -5.80 -13.31 -10.92
N ALA A 71 -4.83 -12.46 -11.21
CA ALA A 71 -3.64 -12.86 -11.94
C ALA A 71 -2.69 -13.67 -11.05
N ALA A 72 -2.48 -13.19 -9.84
CA ALA A 72 -1.53 -13.80 -8.92
C ALA A 72 -1.84 -15.27 -8.69
N ARG A 73 -3.11 -15.61 -8.57
CA ARG A 73 -3.48 -16.97 -8.24
C ARG A 73 -3.32 -17.94 -9.41
N ALA A 74 -3.09 -17.42 -10.62
CA ALA A 74 -2.95 -18.29 -11.79
C ALA A 74 -2.15 -17.62 -12.92
N GLU A 75 -2.65 -16.51 -13.42
CA GLU A 75 -2.05 -15.84 -14.58
C GLU A 75 -0.86 -14.97 -14.17
N ALA A 76 0.31 -15.60 -14.05
CA ALA A 76 1.51 -14.93 -13.56
C ALA A 76 2.11 -14.00 -14.61
N SER A 77 1.71 -14.18 -15.86
CA SER A 77 2.25 -13.39 -16.96
C SER A 77 1.82 -11.91 -16.83
N GLN A 78 0.70 -11.68 -16.17
CA GLN A 78 0.19 -10.33 -15.98
C GLN A 78 0.62 -9.80 -14.63
N LEU A 79 0.78 -10.74 -13.71
CA LEU A 79 1.03 -10.46 -12.31
C LEU A 79 2.24 -9.55 -12.06
N GLY A 80 3.35 -9.88 -12.72
CA GLY A 80 4.56 -9.09 -12.54
C GLY A 80 4.34 -7.61 -12.77
N HIS A 81 3.53 -7.29 -13.76
CA HIS A 81 3.20 -5.91 -14.10
C HIS A 81 2.29 -5.30 -13.04
N LYS A 82 1.35 -6.11 -12.53
CA LYS A 82 0.44 -5.66 -11.48
C LYS A 82 1.23 -5.19 -10.26
N VAL A 83 2.09 -6.09 -9.77
CA VAL A 83 2.85 -5.85 -8.55
C VAL A 83 3.73 -4.61 -8.68
N SER A 84 4.42 -4.49 -9.81
CA SER A 84 5.29 -3.36 -10.07
C SER A 84 4.51 -2.05 -9.97
N GLN A 85 3.26 -2.07 -10.42
CA GLN A 85 2.40 -0.91 -10.37
C GLN A 85 1.97 -0.61 -8.94
N MET A 86 1.54 -1.63 -8.22
CA MET A 86 1.03 -1.46 -6.87
C MET A 86 2.10 -0.89 -5.94
N ALA A 87 3.34 -1.33 -6.13
CA ALA A 87 4.43 -0.97 -5.23
C ALA A 87 4.80 0.50 -5.39
N GLN A 88 4.79 0.97 -6.62
CA GLN A 88 5.21 2.34 -6.90
C GLN A 88 4.17 3.35 -6.41
N TYR A 89 2.89 2.96 -6.47
CA TYR A 89 1.82 3.82 -5.97
C TYR A 89 1.96 4.08 -4.47
N PHE A 90 2.46 3.09 -3.75
CA PHE A 90 2.61 3.21 -2.30
C PHE A 90 3.75 4.13 -1.91
N GLU A 91 4.71 4.31 -2.82
CA GLU A 91 5.85 5.18 -2.55
C GLU A 91 5.41 6.62 -2.21
N PRO A 92 4.67 7.33 -3.11
CA PRO A 92 4.17 8.67 -2.80
C PRO A 92 3.22 8.66 -1.62
N LEU A 93 2.38 7.63 -1.50
CA LEU A 93 1.43 7.56 -0.41
C LEU A 93 2.13 7.56 0.93
N THR A 94 3.21 6.80 1.02
CA THR A 94 4.04 6.79 2.20
C THR A 94 4.50 8.21 2.54
N LEU A 95 5.14 8.86 1.57
CA LEU A 95 5.69 10.19 1.77
C LEU A 95 4.58 11.22 2.01
N ALA A 96 3.49 11.09 1.28
CA ALA A 96 2.35 11.99 1.40
C ALA A 96 1.69 11.85 2.78
N ALA A 97 1.58 10.61 3.26
CA ALA A 97 1.02 10.36 4.58
C ALA A 97 1.91 10.95 5.68
N VAL A 98 3.22 10.74 5.54
CA VAL A 98 4.18 11.31 6.49
C VAL A 98 4.10 12.84 6.44
N GLY A 99 3.76 13.36 5.27
CA GLY A 99 3.56 14.78 5.10
C GLY A 99 2.38 15.28 5.92
N ALA A 100 1.24 14.60 5.79
CA ALA A 100 0.04 14.94 6.56
C ALA A 100 0.28 14.81 8.04
N ALA A 101 1.14 13.87 8.42
CA ALA A 101 1.52 13.67 9.81
C ALA A 101 2.10 14.94 10.41
N SER A 102 3.06 15.52 9.72
CA SER A 102 3.72 16.70 10.23
C SER A 102 2.88 17.96 9.96
N LYS A 103 2.20 17.97 8.82
CA LYS A 103 1.49 19.15 8.36
C LYS A 103 0.15 19.34 9.06
N THR A 104 -0.68 18.30 9.06
CA THR A 104 -2.03 18.41 9.57
C THR A 104 -2.05 18.53 11.09
N LEU A 105 -2.18 19.76 11.58
CA LEU A 105 -2.31 20.01 13.00
C LEU A 105 -3.78 20.17 13.37
N SER A 106 -4.45 19.06 13.59
CA SER A 106 -5.87 19.06 13.92
C SER A 106 -6.16 17.86 14.81
N HIS A 107 -7.42 17.46 14.86
CA HIS A 107 -7.78 16.21 15.53
C HIS A 107 -7.08 15.05 14.80
N PRO A 108 -6.99 13.86 15.43
CA PRO A 108 -6.11 12.74 14.99
C PRO A 108 -6.32 12.18 13.57
N GLN A 109 -6.98 12.93 12.69
CA GLN A 109 -7.08 12.54 11.28
C GLN A 109 -5.68 12.47 10.66
N GLN A 110 -4.80 13.34 11.16
CA GLN A 110 -3.40 13.34 10.78
C GLN A 110 -2.77 11.97 10.98
N MET A 111 -2.85 11.46 12.20
CA MET A 111 -2.29 10.16 12.52
C MET A 111 -3.14 9.05 11.94
N ALA A 112 -4.43 9.31 11.78
CA ALA A 112 -5.34 8.31 11.26
C ALA A 112 -4.95 7.90 9.85
N LEU A 113 -4.83 8.86 8.93
CA LEU A 113 -4.50 8.53 7.56
C LEU A 113 -3.06 8.04 7.47
N LEU A 114 -2.22 8.57 8.34
CA LEU A 114 -0.84 8.14 8.45
C LEU A 114 -0.77 6.65 8.79
N ASP A 115 -1.49 6.26 9.84
CA ASP A 115 -1.52 4.88 10.29
C ASP A 115 -2.27 3.99 9.28
N GLN A 116 -3.34 4.53 8.70
CA GLN A 116 -4.12 3.81 7.70
C GLN A 116 -3.29 3.53 6.44
N THR A 117 -2.46 4.49 6.04
CA THR A 117 -1.57 4.30 4.89
C THR A 117 -0.62 3.15 5.18
N LYS A 118 -0.11 3.12 6.40
CA LYS A 118 0.77 2.05 6.83
C LYS A 118 0.01 0.73 6.91
N THR A 119 -1.19 0.79 7.45
CA THR A 119 -2.09 -0.36 7.49
C THR A 119 -2.33 -0.90 6.08
N LEU A 120 -2.60 -0.01 5.14
CA LEU A 120 -2.78 -0.39 3.75
C LEU A 120 -1.47 -0.94 3.17
N ALA A 121 -0.35 -0.40 3.62
CA ALA A 121 0.96 -0.88 3.21
C ALA A 121 1.23 -2.28 3.75
N GLU A 122 0.82 -2.52 4.98
CA GLU A 122 0.95 -3.85 5.58
C GLU A 122 0.03 -4.83 4.88
N SER A 123 -1.15 -4.34 4.50
CA SER A 123 -2.08 -5.13 3.73
C SER A 123 -1.51 -5.43 2.34
N ALA A 124 -0.90 -4.41 1.73
CA ALA A 124 -0.24 -4.58 0.43
C ALA A 124 0.93 -5.52 0.56
N LEU A 125 1.64 -5.45 1.68
CA LEU A 125 2.77 -6.33 1.91
C LEU A 125 2.28 -7.76 2.03
N GLN A 126 1.18 -7.93 2.75
CA GLN A 126 0.52 -9.22 2.86
C GLN A 126 0.09 -9.69 1.47
N LEU A 127 -0.43 -8.76 0.69
CA LEU A 127 -0.85 -9.02 -0.67
C LEU A 127 0.33 -9.46 -1.52
N LEU A 128 1.40 -8.65 -1.54
CA LEU A 128 2.57 -8.98 -2.34
C LEU A 128 3.25 -10.26 -1.85
N TYR A 129 3.18 -10.51 -0.55
CA TYR A 129 3.73 -11.74 0.03
C TYR A 129 2.98 -12.96 -0.48
N THR A 130 1.66 -12.91 -0.41
CA THR A 130 0.84 -14.03 -0.87
C THR A 130 0.91 -14.15 -2.39
N ALA A 131 0.98 -13.02 -3.08
CA ALA A 131 1.10 -12.99 -4.53
C ALA A 131 2.43 -13.56 -4.99
N LYS A 132 3.44 -13.48 -4.13
CA LYS A 132 4.75 -14.01 -4.44
C LYS A 132 4.75 -15.54 -4.39
N GLU A 133 4.10 -16.07 -3.37
CA GLU A 133 4.00 -17.52 -3.20
C GLU A 133 3.04 -18.14 -4.22
N ALA A 134 1.85 -17.56 -4.34
CA ALA A 134 0.79 -18.11 -5.18
C ALA A 134 0.97 -17.73 -6.63
N GLY A 135 1.81 -16.72 -6.88
CA GLY A 135 1.95 -16.12 -8.21
C GLY A 135 2.12 -17.13 -9.32
N GLY A 136 1.02 -17.46 -9.98
CA GLY A 136 1.04 -18.40 -11.08
C GLY A 136 1.44 -19.79 -10.63
N ASN A 137 1.27 -20.04 -9.34
CA ASN A 137 1.69 -21.30 -8.75
C ASN A 137 0.60 -21.82 -7.81
N PRO A 138 -0.39 -22.51 -8.37
CA PRO A 138 -1.44 -23.13 -7.58
C PRO A 138 -1.06 -24.54 -7.12
N LYS A 139 0.19 -24.91 -7.38
CA LYS A 139 0.68 -26.24 -7.06
C LYS A 139 1.43 -26.22 -5.73
N GLN A 140 2.49 -25.43 -5.68
CA GLN A 140 3.28 -25.31 -4.46
C GLN A 140 2.62 -24.35 -3.47
N ALA A 141 1.57 -23.70 -3.92
CA ALA A 141 0.79 -22.81 -3.07
C ALA A 141 -0.71 -23.08 -3.28
N ALA A 142 -1.38 -23.53 -2.24
CA ALA A 142 -2.79 -23.87 -2.33
C ALA A 142 -3.61 -22.98 -1.41
N HIS A 143 -3.28 -23.00 -0.13
CA HIS A 143 -3.98 -22.16 0.84
C HIS A 143 -3.56 -20.71 0.65
N THR A 144 -2.43 -20.51 -0.02
CA THR A 144 -1.94 -19.18 -0.34
C THR A 144 -2.92 -18.48 -1.26
N GLN A 145 -3.56 -19.25 -2.13
CA GLN A 145 -4.55 -18.71 -3.04
C GLN A 145 -5.75 -18.18 -2.26
N GLU A 146 -6.03 -18.81 -1.13
CA GLU A 146 -7.15 -18.44 -0.29
C GLU A 146 -6.81 -17.20 0.52
N ALA A 147 -5.61 -17.18 1.08
CA ALA A 147 -5.14 -16.03 1.85
C ALA A 147 -4.93 -14.83 0.94
N LEU A 148 -4.64 -15.11 -0.32
CA LEU A 148 -4.56 -14.08 -1.33
C LEU A 148 -5.92 -13.41 -1.50
N GLU A 149 -6.98 -14.17 -1.27
CA GLU A 149 -8.33 -13.65 -1.43
C GLU A 149 -8.74 -12.81 -0.23
N GLU A 150 -8.24 -13.13 0.95
CA GLU A 150 -8.52 -12.31 2.11
C GLU A 150 -7.70 -11.03 2.05
N ALA A 151 -6.52 -11.13 1.44
CA ALA A 151 -5.63 -9.98 1.29
C ALA A 151 -6.22 -8.93 0.36
N VAL A 152 -6.75 -9.38 -0.79
CA VAL A 152 -7.35 -8.46 -1.75
C VAL A 152 -8.52 -7.71 -1.11
N GLN A 153 -9.29 -8.39 -0.28
CA GLN A 153 -10.42 -7.78 0.43
C GLN A 153 -9.91 -6.74 1.43
N MET A 154 -8.85 -7.10 2.14
CA MET A 154 -8.26 -6.20 3.13
C MET A 154 -7.85 -4.88 2.50
N MET A 155 -7.12 -4.95 1.38
CA MET A 155 -6.73 -3.75 0.66
C MET A 155 -7.95 -3.00 0.15
N THR A 156 -8.85 -3.72 -0.49
CA THR A 156 -10.06 -3.13 -1.05
C THR A 156 -10.78 -2.26 -0.02
N GLU A 157 -10.96 -2.80 1.17
CA GLU A 157 -11.61 -2.08 2.26
C GLU A 157 -10.73 -0.93 2.73
N ALA A 158 -9.44 -1.21 2.90
CA ALA A 158 -8.50 -0.23 3.45
C ALA A 158 -8.30 0.95 2.48
N VAL A 159 -8.44 0.65 1.20
CA VAL A 159 -8.40 1.66 0.16
C VAL A 159 -9.46 2.71 0.38
N GLU A 160 -10.71 2.28 0.50
CA GLU A 160 -11.81 3.20 0.75
C GLU A 160 -11.68 3.80 2.13
N ASP A 161 -11.10 3.04 3.04
CA ASP A 161 -10.93 3.44 4.43
C ASP A 161 -10.01 4.66 4.52
N LEU A 162 -8.83 4.55 3.93
CA LEU A 162 -7.88 5.66 3.88
C LEU A 162 -8.48 6.81 3.08
N THR A 163 -9.15 6.45 1.99
CA THR A 163 -9.81 7.42 1.13
C THR A 163 -10.78 8.31 1.92
N THR A 164 -11.49 7.72 2.88
CA THR A 164 -12.38 8.48 3.75
C THR A 164 -11.62 9.61 4.44
N THR A 165 -10.55 9.25 5.14
CA THR A 165 -9.76 10.23 5.88
C THR A 165 -9.18 11.29 4.93
N LEU A 166 -8.72 10.85 3.77
CA LEU A 166 -8.15 11.73 2.78
C LEU A 166 -9.19 12.70 2.24
N ASN A 167 -10.37 12.20 1.96
CA ASN A 167 -11.45 13.02 1.43
C ASN A 167 -11.94 14.01 2.47
N GLU A 168 -12.04 13.57 3.72
CA GLU A 168 -12.41 14.46 4.80
C GLU A 168 -11.33 15.52 4.99
N ALA A 169 -10.08 15.08 4.89
CA ALA A 169 -8.91 15.94 5.11
C ALA A 169 -8.94 17.23 4.29
N ALA A 170 -9.67 17.21 3.18
CA ALA A 170 -9.80 18.40 2.33
C ALA A 170 -10.30 19.58 3.16
N SER A 171 -11.33 19.35 3.96
CA SER A 171 -11.85 20.37 4.86
C SER A 171 -11.44 20.09 6.30
N ALA A 172 -11.44 18.81 6.67
CA ALA A 172 -11.21 18.38 8.05
C ALA A 172 -9.79 18.65 8.52
N ALA A 173 -8.83 18.60 7.60
CA ALA A 173 -7.43 18.74 7.95
C ALA A 173 -6.89 20.10 7.53
N GLY A 174 -7.73 20.89 6.88
CA GLY A 174 -7.31 22.18 6.36
C GLY A 174 -7.04 23.18 7.47
N GLY A 1 16.05 -18.30 -0.24
CA GLY A 1 15.86 -19.49 -1.10
C GLY A 1 16.47 -19.31 -2.47
N ILE A 2 16.16 -20.22 -3.39
CA ILE A 2 16.64 -20.11 -4.75
C ILE A 2 15.72 -19.19 -5.55
N ASP A 3 14.43 -19.32 -5.29
CA ASP A 3 13.38 -18.51 -5.90
C ASP A 3 12.04 -19.10 -5.50
N PRO A 4 11.38 -18.51 -4.50
CA PRO A 4 10.17 -19.07 -3.88
C PRO A 4 9.07 -19.38 -4.88
N PHE A 5 8.86 -20.67 -5.15
CA PHE A 5 7.80 -21.11 -6.06
C PHE A 5 8.03 -20.49 -7.43
N THR A 6 9.30 -20.54 -7.84
CA THR A 6 9.84 -19.81 -8.98
C THR A 6 8.93 -19.83 -10.23
N ALA A 7 8.63 -18.62 -10.69
CA ALA A 7 7.88 -18.40 -11.92
C ALA A 7 8.05 -16.94 -12.32
N PRO A 8 7.60 -16.53 -13.52
CA PRO A 8 7.66 -15.13 -13.94
C PRO A 8 6.68 -14.26 -13.15
N GLY A 9 7.22 -13.46 -12.25
CA GLY A 9 6.39 -12.60 -11.43
C GLY A 9 6.79 -12.66 -9.97
N GLN A 10 7.34 -13.80 -9.58
CA GLN A 10 7.81 -14.02 -8.21
C GLN A 10 8.80 -12.95 -7.78
N LEU A 11 9.79 -12.67 -8.63
CA LEU A 11 10.82 -11.71 -8.28
C LEU A 11 10.24 -10.31 -8.17
N GLU A 12 9.34 -9.98 -9.10
CA GLU A 12 8.68 -8.69 -9.11
C GLU A 12 7.96 -8.45 -7.80
N CYS A 13 7.49 -9.53 -7.20
CA CYS A 13 6.79 -9.45 -5.93
C CYS A 13 7.76 -9.16 -4.79
N GLU A 14 8.87 -9.90 -4.73
CA GLU A 14 9.81 -9.77 -3.63
C GLU A 14 10.61 -8.47 -3.74
N THR A 15 10.97 -8.09 -4.97
CA THR A 15 11.62 -6.81 -5.19
C THR A 15 10.75 -5.67 -4.67
N ALA A 16 9.46 -5.73 -4.98
CA ALA A 16 8.50 -4.76 -4.49
C ALA A 16 8.33 -4.89 -2.98
N ILE A 17 8.34 -6.12 -2.49
CA ILE A 17 8.23 -6.39 -1.05
C ILE A 17 9.32 -5.67 -0.28
N ALA A 18 10.53 -5.71 -0.79
CA ALA A 18 11.66 -5.05 -0.12
C ALA A 18 11.47 -3.53 -0.08
N ALA A 19 10.88 -2.98 -1.13
CA ALA A 19 10.64 -1.54 -1.20
C ALA A 19 9.45 -1.16 -0.32
N LEU A 20 8.40 -1.97 -0.42
CA LEU A 20 7.19 -1.78 0.36
C LEU A 20 7.48 -1.95 1.84
N ASN A 21 8.41 -2.85 2.14
CA ASN A 21 8.85 -3.10 3.51
C ASN A 21 9.46 -1.84 4.10
N SER A 22 10.24 -1.16 3.26
CA SER A 22 10.87 0.09 3.65
C SER A 22 9.82 1.16 3.93
N CYS A 23 8.82 1.27 3.04
CA CYS A 23 7.79 2.29 3.17
C CYS A 23 6.92 2.01 4.39
N LEU A 24 6.72 0.74 4.67
CA LEU A 24 5.99 0.31 5.85
C LEU A 24 6.67 0.83 7.11
N ARG A 25 7.98 0.66 7.18
CA ARG A 25 8.74 1.08 8.34
C ARG A 25 8.82 2.60 8.43
N ASP A 26 9.02 3.26 7.28
CA ASP A 26 9.07 4.72 7.23
C ASP A 26 7.78 5.33 7.76
N LEU A 27 6.65 4.73 7.38
CA LEU A 27 5.35 5.18 7.85
C LEU A 27 5.20 5.00 9.36
N ASP A 28 5.68 3.86 9.86
CA ASP A 28 5.60 3.57 11.28
C ASP A 28 6.41 4.57 12.09
N GLN A 29 7.63 4.84 11.62
CA GLN A 29 8.50 5.79 12.27
C GLN A 29 7.97 7.21 12.13
N ALA A 30 7.23 7.46 11.07
CA ALA A 30 6.56 8.74 10.87
C ALA A 30 5.56 8.99 11.98
N SER A 31 4.80 7.96 12.34
CA SER A 31 3.85 8.06 13.44
C SER A 31 4.56 8.34 14.74
N LEU A 32 5.70 7.69 14.95
CA LEU A 32 6.52 7.89 16.14
C LEU A 32 7.07 9.32 16.17
N ALA A 33 7.59 9.78 15.03
CA ALA A 33 8.10 11.14 14.93
C ALA A 33 6.97 12.16 15.02
N ALA A 34 5.76 11.75 14.63
CA ALA A 34 4.60 12.62 14.72
C ALA A 34 4.17 12.80 16.18
N VAL A 35 4.08 11.70 16.91
CA VAL A 35 3.70 11.76 18.32
C VAL A 35 4.82 12.40 19.14
N SER A 36 6.04 12.38 18.60
CA SER A 36 7.18 13.00 19.23
C SER A 36 7.35 14.43 18.75
N GLN A 37 6.54 14.82 17.76
CA GLN A 37 6.57 16.17 17.18
C GLN A 37 7.97 16.50 16.63
N GLN A 38 8.49 15.60 15.82
CA GLN A 38 9.81 15.77 15.21
C GLN A 38 9.81 15.36 13.74
N LEU A 39 8.65 15.47 13.09
CA LEU A 39 8.52 15.06 11.70
C LEU A 39 9.04 16.11 10.72
N ALA A 40 9.39 15.64 9.54
CA ALA A 40 9.72 16.51 8.43
C ALA A 40 8.59 16.47 7.40
N PRO A 41 8.30 17.60 6.74
CA PRO A 41 7.18 17.69 5.78
C PRO A 41 7.33 16.76 4.58
N ARG A 42 6.31 16.73 3.73
CA ARG A 42 6.30 15.87 2.56
C ARG A 42 7.45 16.25 1.63
N GLU A 43 8.00 15.26 0.93
CA GLU A 43 9.08 15.45 -0.04
C GLU A 43 8.92 16.75 -0.84
N GLY A 44 7.69 17.07 -1.21
CA GLY A 44 7.43 18.31 -1.91
C GLY A 44 6.00 18.42 -2.40
N ILE A 45 5.08 18.74 -1.50
CA ILE A 45 3.69 18.93 -1.89
C ILE A 45 2.94 19.72 -0.80
N SER A 46 1.79 20.29 -1.16
CA SER A 46 1.01 21.10 -0.22
C SER A 46 -0.05 20.25 0.49
N GLN A 47 -0.92 20.91 1.25
CA GLN A 47 -1.87 20.20 2.13
C GLN A 47 -3.02 19.57 1.35
N GLU A 48 -3.71 20.35 0.53
CA GLU A 48 -4.88 19.83 -0.19
C GLU A 48 -4.41 18.87 -1.28
N ALA A 49 -3.19 19.09 -1.74
CA ALA A 49 -2.59 18.24 -2.75
C ALA A 49 -2.30 16.85 -2.20
N LEU A 50 -2.13 16.77 -0.88
CA LEU A 50 -1.97 15.48 -0.21
C LEU A 50 -3.19 14.61 -0.44
N HIS A 51 -4.38 15.18 -0.21
CA HIS A 51 -5.62 14.50 -0.49
C HIS A 51 -5.67 14.09 -1.95
N THR A 52 -5.30 15.00 -2.84
CA THR A 52 -5.30 14.72 -4.27
C THR A 52 -4.37 13.55 -4.60
N GLN A 53 -3.13 13.62 -4.14
CA GLN A 53 -2.12 12.60 -4.43
C GLN A 53 -2.55 11.25 -3.87
N MET A 54 -2.89 11.24 -2.59
CA MET A 54 -3.20 10.00 -1.91
C MET A 54 -4.47 9.35 -2.44
N LEU A 55 -5.53 10.14 -2.57
CA LEU A 55 -6.81 9.62 -3.05
C LEU A 55 -6.66 9.06 -4.47
N THR A 56 -5.90 9.76 -5.31
CA THR A 56 -5.64 9.29 -6.66
C THR A 56 -4.89 7.96 -6.63
N ALA A 57 -3.80 7.91 -5.86
CA ALA A 57 -2.98 6.71 -5.77
C ALA A 57 -3.81 5.52 -5.28
N VAL A 58 -4.57 5.73 -4.21
CA VAL A 58 -5.38 4.67 -3.62
C VAL A 58 -6.32 4.02 -4.64
N GLN A 59 -6.98 4.85 -5.44
CA GLN A 59 -7.88 4.34 -6.46
C GLN A 59 -7.12 3.57 -7.53
N GLU A 60 -6.00 4.11 -7.97
CA GLU A 60 -5.16 3.44 -8.96
C GLU A 60 -4.73 2.07 -8.45
N ILE A 61 -4.40 2.01 -7.17
CA ILE A 61 -4.04 0.77 -6.52
C ILE A 61 -5.23 -0.17 -6.50
N SER A 62 -6.33 0.29 -5.91
CA SER A 62 -7.55 -0.51 -5.76
C SER A 62 -7.95 -1.16 -7.09
N HIS A 63 -7.90 -0.37 -8.15
CA HIS A 63 -8.30 -0.85 -9.47
C HIS A 63 -7.38 -1.96 -9.96
N LEU A 64 -6.13 -1.96 -9.51
CA LEU A 64 -5.18 -3.00 -9.90
C LEU A 64 -5.18 -4.16 -8.89
N ILE A 65 -5.65 -3.90 -7.66
CA ILE A 65 -5.64 -4.91 -6.61
C ILE A 65 -6.50 -6.12 -7.00
N GLU A 66 -7.70 -5.85 -7.48
CA GLU A 66 -8.63 -6.89 -7.87
C GLU A 66 -8.05 -7.80 -8.96
N PRO A 67 -7.60 -7.25 -10.11
CA PRO A 67 -6.98 -8.04 -11.18
C PRO A 67 -5.69 -8.72 -10.74
N LEU A 68 -4.97 -8.10 -9.80
CA LEU A 68 -3.72 -8.67 -9.31
C LEU A 68 -3.98 -10.02 -8.67
N ALA A 69 -5.00 -10.10 -7.84
CA ALA A 69 -5.34 -11.35 -7.16
C ALA A 69 -5.67 -12.44 -8.18
N SER A 70 -6.34 -12.05 -9.26
CA SER A 70 -6.69 -13.01 -10.32
C SER A 70 -5.46 -13.38 -11.14
N ALA A 71 -4.58 -12.41 -11.36
CA ALA A 71 -3.35 -12.67 -12.09
C ALA A 71 -2.41 -13.53 -11.27
N ALA A 72 -2.28 -13.19 -10.00
CA ALA A 72 -1.41 -13.93 -9.10
C ALA A 72 -1.84 -15.40 -9.04
N ARG A 73 -3.14 -15.65 -9.06
CA ARG A 73 -3.64 -17.01 -8.93
C ARG A 73 -3.53 -17.78 -10.24
N ALA A 74 -3.25 -17.09 -11.36
CA ALA A 74 -3.22 -17.74 -12.66
C ALA A 74 -2.20 -17.12 -13.62
N GLU A 75 -2.46 -15.90 -14.07
CA GLU A 75 -1.63 -15.25 -15.09
C GLU A 75 -0.35 -14.63 -14.50
N ALA A 76 0.76 -15.36 -14.61
CA ALA A 76 2.04 -14.92 -14.08
C ALA A 76 2.53 -13.65 -14.76
N SER A 77 2.48 -13.65 -16.09
CA SER A 77 3.03 -12.56 -16.90
C SER A 77 2.44 -11.21 -16.52
N GLN A 78 1.16 -11.21 -16.16
CA GLN A 78 0.45 -9.97 -15.90
C GLN A 78 0.64 -9.57 -14.44
N LEU A 79 0.81 -10.59 -13.61
CA LEU A 79 1.01 -10.41 -12.18
C LEU A 79 2.16 -9.47 -11.89
N GLY A 80 3.32 -9.75 -12.47
CA GLY A 80 4.48 -8.90 -12.28
C GLY A 80 4.20 -7.45 -12.66
N HIS A 81 3.35 -7.28 -13.66
CA HIS A 81 2.95 -5.96 -14.12
C HIS A 81 2.06 -5.28 -13.08
N LYS A 82 1.23 -6.07 -12.40
CA LYS A 82 0.36 -5.55 -11.35
C LYS A 82 1.19 -5.07 -10.17
N VAL A 83 2.08 -5.96 -9.70
CA VAL A 83 2.90 -5.70 -8.53
C VAL A 83 3.73 -4.44 -8.69
N SER A 84 4.37 -4.32 -9.86
CA SER A 84 5.20 -3.15 -10.16
C SER A 84 4.39 -1.86 -10.02
N GLN A 85 3.15 -1.89 -10.50
CA GLN A 85 2.27 -0.73 -10.42
C GLN A 85 1.86 -0.46 -8.97
N MET A 86 1.46 -1.50 -8.26
CA MET A 86 0.94 -1.36 -6.90
C MET A 86 2.00 -0.76 -5.97
N ALA A 87 3.21 -1.28 -6.05
CA ALA A 87 4.30 -0.85 -5.18
C ALA A 87 4.72 0.57 -5.56
N GLN A 88 4.52 0.90 -6.81
CA GLN A 88 4.82 2.20 -7.34
C GLN A 88 3.94 3.30 -6.71
N TYR A 89 2.67 2.97 -6.46
CA TYR A 89 1.74 3.96 -5.90
C TYR A 89 1.88 4.09 -4.39
N PHE A 90 2.37 3.03 -3.75
CA PHE A 90 2.56 3.05 -2.31
C PHE A 90 3.72 3.96 -1.91
N GLU A 91 4.64 4.17 -2.85
CA GLU A 91 5.78 5.05 -2.61
C GLU A 91 5.31 6.48 -2.31
N PRO A 92 4.57 7.16 -3.21
CA PRO A 92 4.02 8.48 -2.93
C PRO A 92 3.09 8.49 -1.74
N LEU A 93 2.28 7.44 -1.59
CA LEU A 93 1.35 7.33 -0.48
C LEU A 93 2.08 7.43 0.86
N THR A 94 3.16 6.69 0.98
CA THR A 94 3.99 6.73 2.17
C THR A 94 4.47 8.16 2.44
N LEU A 95 5.14 8.75 1.46
CA LEU A 95 5.66 10.11 1.59
C LEU A 95 4.53 11.10 1.85
N ALA A 96 3.41 10.91 1.17
CA ALA A 96 2.25 11.78 1.30
C ALA A 96 1.66 11.68 2.69
N ALA A 97 1.57 10.46 3.22
CA ALA A 97 1.05 10.23 4.56
C ALA A 97 1.96 10.86 5.62
N VAL A 98 3.26 10.69 5.45
CA VAL A 98 4.22 11.30 6.37
C VAL A 98 4.14 12.82 6.27
N GLY A 99 3.90 13.31 5.05
CA GLY A 99 3.67 14.73 4.85
C GLY A 99 2.43 15.21 5.58
N ALA A 100 1.32 14.48 5.40
CA ALA A 100 0.07 14.79 6.08
C ALA A 100 0.25 14.78 7.58
N ALA A 101 1.07 13.86 8.06
CA ALA A 101 1.37 13.79 9.48
C ALA A 101 2.07 15.06 9.96
N SER A 102 2.94 15.59 9.12
CA SER A 102 3.72 16.74 9.50
C SER A 102 2.91 18.04 9.35
N LYS A 103 2.15 18.13 8.27
CA LYS A 103 1.42 19.35 7.94
C LYS A 103 0.12 19.46 8.73
N THR A 104 -0.66 18.39 8.71
CA THR A 104 -1.96 18.37 9.34
C THR A 104 -1.82 18.33 10.86
N LEU A 105 -2.56 19.21 11.54
CA LEU A 105 -2.51 19.29 12.99
C LEU A 105 -3.74 18.61 13.60
N SER A 106 -4.70 18.30 12.76
CA SER A 106 -5.88 17.57 13.19
C SER A 106 -5.52 16.11 13.47
N HIS A 107 -5.43 15.79 14.76
CA HIS A 107 -5.04 14.46 15.21
C HIS A 107 -5.86 13.34 14.56
N PRO A 108 -7.21 13.41 14.60
CA PRO A 108 -8.07 12.34 14.07
C PRO A 108 -7.97 12.15 12.55
N GLN A 109 -7.25 13.04 11.88
CA GLN A 109 -7.05 12.92 10.45
C GLN A 109 -5.59 12.62 10.13
N GLN A 110 -4.71 13.44 10.70
CA GLN A 110 -3.27 13.31 10.53
C GLN A 110 -2.80 11.91 10.89
N MET A 111 -3.09 11.50 12.13
CA MET A 111 -2.67 10.20 12.63
C MET A 111 -3.43 9.08 11.97
N ALA A 112 -4.68 9.36 11.58
CA ALA A 112 -5.53 8.33 11.02
C ALA A 112 -5.03 7.89 9.65
N LEU A 113 -4.85 8.83 8.74
CA LEU A 113 -4.45 8.48 7.38
C LEU A 113 -3.01 8.00 7.38
N LEU A 114 -2.22 8.53 8.31
CA LEU A 114 -0.84 8.09 8.48
C LEU A 114 -0.79 6.61 8.83
N ASP A 115 -1.54 6.24 9.86
CA ASP A 115 -1.59 4.85 10.31
C ASP A 115 -2.28 3.96 9.27
N GLN A 116 -3.37 4.46 8.69
CA GLN A 116 -4.15 3.70 7.73
C GLN A 116 -3.36 3.45 6.43
N THR A 117 -2.51 4.39 6.05
CA THR A 117 -1.63 4.18 4.89
C THR A 117 -0.66 3.04 5.19
N LYS A 118 -0.17 3.02 6.42
CA LYS A 118 0.73 1.97 6.87
C LYS A 118 -0.03 0.65 6.98
N THR A 119 -1.27 0.71 7.46
CA THR A 119 -2.15 -0.44 7.48
C THR A 119 -2.35 -0.99 6.07
N LEU A 120 -2.58 -0.10 5.12
CA LEU A 120 -2.72 -0.47 3.73
C LEU A 120 -1.41 -1.05 3.20
N ALA A 121 -0.29 -0.53 3.71
CA ALA A 121 1.03 -1.03 3.36
C ALA A 121 1.23 -2.44 3.92
N GLU A 122 0.79 -2.66 5.16
CA GLU A 122 0.85 -4.00 5.75
C GLU A 122 0.00 -4.96 4.94
N SER A 123 -1.17 -4.48 4.51
CA SER A 123 -2.06 -5.26 3.69
C SER A 123 -1.42 -5.57 2.35
N ALA A 124 -0.84 -4.55 1.71
CA ALA A 124 -0.17 -4.72 0.43
C ALA A 124 1.03 -5.62 0.57
N LEU A 125 1.71 -5.53 1.70
CA LEU A 125 2.86 -6.37 1.96
C LEU A 125 2.44 -7.82 2.00
N GLN A 126 1.39 -8.10 2.78
CA GLN A 126 0.80 -9.42 2.83
C GLN A 126 0.33 -9.84 1.44
N LEU A 127 -0.24 -8.88 0.72
CA LEU A 127 -0.69 -9.11 -0.65
C LEU A 127 0.48 -9.54 -1.52
N LEU A 128 1.56 -8.75 -1.53
CA LEU A 128 2.74 -9.09 -2.32
C LEU A 128 3.35 -10.41 -1.83
N TYR A 129 3.25 -10.66 -0.54
CA TYR A 129 3.72 -11.92 0.03
C TYR A 129 2.99 -13.11 -0.60
N THR A 130 1.65 -13.07 -0.57
CA THR A 130 0.85 -14.15 -1.12
C THR A 130 0.95 -14.20 -2.64
N ALA A 131 1.02 -13.04 -3.27
CA ALA A 131 1.12 -12.96 -4.73
C ALA A 131 2.45 -13.52 -5.20
N LYS A 132 3.45 -13.48 -4.32
CA LYS A 132 4.77 -14.00 -4.62
C LYS A 132 4.73 -15.52 -4.72
N GLU A 133 4.08 -16.15 -3.75
CA GLU A 133 4.03 -17.60 -3.69
C GLU A 133 3.08 -18.19 -4.73
N ALA A 134 1.90 -17.59 -4.87
CA ALA A 134 0.88 -18.10 -5.78
C ALA A 134 1.12 -17.64 -7.21
N GLY A 135 1.94 -16.61 -7.37
CA GLY A 135 2.06 -15.89 -8.64
C GLY A 135 2.24 -16.77 -9.86
N GLY A 136 1.13 -17.01 -10.56
CA GLY A 136 1.17 -17.80 -11.77
C GLY A 136 1.57 -19.22 -11.51
N ASN A 137 1.40 -19.63 -10.26
CA ASN A 137 1.83 -20.93 -9.79
C ASN A 137 0.70 -21.61 -9.05
N PRO A 138 -0.18 -22.33 -9.77
CA PRO A 138 -1.30 -23.04 -9.17
C PRO A 138 -0.84 -24.27 -8.38
N LYS A 139 0.44 -24.61 -8.53
CA LYS A 139 1.03 -25.73 -7.82
C LYS A 139 1.12 -25.39 -6.33
N GLN A 140 1.49 -24.15 -6.05
CA GLN A 140 1.48 -23.64 -4.69
C GLN A 140 0.36 -22.61 -4.57
N ALA A 141 -0.84 -23.12 -4.31
CA ALA A 141 -2.03 -22.31 -4.27
C ALA A 141 -2.98 -22.81 -3.19
N ALA A 142 -4.25 -23.04 -3.55
CA ALA A 142 -5.27 -23.50 -2.61
C ALA A 142 -5.39 -22.54 -1.42
N HIS A 143 -4.70 -22.87 -0.32
CA HIS A 143 -4.74 -22.03 0.87
C HIS A 143 -3.99 -20.73 0.62
N THR A 144 -3.05 -20.78 -0.31
CA THR A 144 -2.32 -19.60 -0.74
C THR A 144 -3.27 -18.65 -1.45
N GLN A 145 -4.18 -19.21 -2.24
CA GLN A 145 -5.16 -18.42 -2.96
C GLN A 145 -6.18 -17.84 -2.01
N GLU A 146 -6.58 -18.62 -1.00
CA GLU A 146 -7.52 -18.14 0.01
C GLU A 146 -6.96 -16.93 0.74
N ALA A 147 -5.69 -17.00 1.13
CA ALA A 147 -5.06 -15.89 1.82
C ALA A 147 -4.78 -14.74 0.86
N LEU A 148 -4.52 -15.09 -0.39
CA LEU A 148 -4.39 -14.10 -1.45
C LEU A 148 -5.70 -13.33 -1.58
N GLU A 149 -6.81 -14.01 -1.32
CA GLU A 149 -8.13 -13.41 -1.40
C GLU A 149 -8.41 -12.58 -0.17
N GLU A 150 -7.80 -12.94 0.94
CA GLU A 150 -7.87 -12.13 2.15
C GLU A 150 -7.19 -10.79 1.91
N ALA A 151 -6.03 -10.86 1.28
CA ALA A 151 -5.22 -9.68 1.01
C ALA A 151 -5.93 -8.71 0.05
N VAL A 152 -6.47 -9.22 -1.05
CA VAL A 152 -7.17 -8.38 -2.02
C VAL A 152 -8.34 -7.66 -1.35
N GLN A 153 -9.08 -8.39 -0.52
CA GLN A 153 -10.24 -7.83 0.17
C GLN A 153 -9.80 -6.85 1.24
N MET A 154 -8.74 -7.19 1.96
CA MET A 154 -8.22 -6.34 3.02
C MET A 154 -7.76 -5.00 2.46
N MET A 155 -7.01 -5.03 1.35
CA MET A 155 -6.63 -3.79 0.67
C MET A 155 -7.86 -3.03 0.25
N THR A 156 -8.77 -3.73 -0.39
CA THR A 156 -10.01 -3.15 -0.87
C THR A 156 -10.77 -2.44 0.26
N GLU A 157 -10.82 -3.07 1.42
CA GLU A 157 -11.47 -2.52 2.58
C GLU A 157 -10.71 -1.30 3.08
N ALA A 158 -9.40 -1.37 3.00
CA ALA A 158 -8.52 -0.30 3.48
C ALA A 158 -8.53 0.87 2.50
N VAL A 159 -8.81 0.56 1.24
CA VAL A 159 -8.95 1.56 0.20
C VAL A 159 -10.01 2.59 0.57
N GLU A 160 -11.21 2.12 0.90
CA GLU A 160 -12.28 3.00 1.33
C GLU A 160 -11.92 3.65 2.66
N ASP A 161 -11.16 2.91 3.47
CA ASP A 161 -10.77 3.37 4.80
C ASP A 161 -9.91 4.63 4.71
N LEU A 162 -8.80 4.54 3.99
CA LEU A 162 -7.90 5.66 3.83
C LEU A 162 -8.58 6.79 3.07
N THR A 163 -9.32 6.42 2.02
CA THR A 163 -10.06 7.39 1.21
C THR A 163 -10.98 8.26 2.06
N THR A 164 -11.62 7.67 3.06
CA THR A 164 -12.48 8.41 3.97
C THR A 164 -11.71 9.54 4.65
N THR A 165 -10.61 9.18 5.33
CA THR A 165 -9.81 10.16 6.03
C THR A 165 -9.26 11.21 5.08
N LEU A 166 -8.85 10.77 3.89
CA LEU A 166 -8.32 11.66 2.88
C LEU A 166 -9.37 12.64 2.37
N ASN A 167 -10.58 12.15 2.16
CA ASN A 167 -11.66 12.96 1.64
C ASN A 167 -12.17 13.95 2.69
N GLU A 168 -12.10 13.55 3.97
CA GLU A 168 -12.47 14.45 5.04
C GLU A 168 -11.39 15.51 5.20
N ALA A 169 -10.14 15.06 5.04
CA ALA A 169 -8.96 15.92 5.15
C ALA A 169 -9.02 17.12 4.20
N ALA A 170 -9.90 17.06 3.21
CA ALA A 170 -10.11 18.20 2.32
C ALA A 170 -10.37 19.47 3.13
N SER A 171 -11.30 19.38 4.07
CA SER A 171 -11.58 20.47 4.98
C SER A 171 -11.02 20.19 6.37
N ALA A 172 -10.97 18.91 6.71
CA ALA A 172 -10.61 18.47 8.06
C ALA A 172 -9.11 18.56 8.34
N ALA A 173 -8.31 18.75 7.30
CA ALA A 173 -6.87 18.85 7.48
C ALA A 173 -6.39 20.27 7.18
N GLY A 174 -6.65 20.74 5.97
CA GLY A 174 -6.25 22.08 5.60
C GLY A 174 -6.81 22.48 4.26
N GLY A 1 16.93 -11.46 -6.90
CA GLY A 1 16.62 -12.25 -8.13
C GLY A 1 16.57 -13.74 -7.86
N ILE A 2 15.44 -14.20 -7.34
CA ILE A 2 15.25 -15.61 -7.06
C ILE A 2 13.76 -15.93 -6.90
N ASP A 3 13.28 -16.93 -7.61
CA ASP A 3 11.89 -17.36 -7.50
C ASP A 3 11.77 -18.56 -6.58
N PRO A 4 11.21 -18.35 -5.38
CA PRO A 4 11.03 -19.41 -4.39
C PRO A 4 9.73 -20.18 -4.58
N PHE A 5 8.93 -19.78 -5.55
CA PHE A 5 7.63 -20.41 -5.76
C PHE A 5 7.33 -20.65 -7.25
N THR A 6 8.38 -20.77 -8.05
CA THR A 6 8.26 -21.28 -9.42
C THR A 6 7.35 -20.43 -10.32
N ALA A 7 7.90 -19.33 -10.87
CA ALA A 7 7.24 -18.49 -11.88
C ALA A 7 7.97 -17.16 -12.03
N PRO A 8 7.69 -16.40 -13.11
CA PRO A 8 8.26 -15.06 -13.33
C PRO A 8 7.64 -13.99 -12.43
N GLY A 9 6.71 -14.41 -11.60
CA GLY A 9 5.97 -13.48 -10.77
C GLY A 9 6.66 -13.24 -9.45
N GLN A 10 7.19 -14.32 -8.87
CA GLN A 10 7.86 -14.27 -7.58
C GLN A 10 8.95 -13.21 -7.54
N LEU A 11 9.66 -13.05 -8.66
CA LEU A 11 10.72 -12.06 -8.75
C LEU A 11 10.19 -10.66 -8.46
N GLU A 12 9.16 -10.26 -9.19
CA GLU A 12 8.59 -8.92 -9.05
C GLU A 12 7.97 -8.74 -7.68
N CYS A 13 7.39 -9.81 -7.15
CA CYS A 13 6.77 -9.76 -5.84
C CYS A 13 7.82 -9.63 -4.74
N GLU A 14 8.89 -10.41 -4.84
CA GLU A 14 9.94 -10.41 -3.84
C GLU A 14 10.68 -9.08 -3.83
N THR A 15 10.91 -8.55 -5.01
CA THR A 15 11.59 -7.27 -5.17
C THR A 15 10.73 -6.13 -4.63
N ALA A 16 9.45 -6.14 -4.97
CA ALA A 16 8.53 -5.09 -4.53
C ALA A 16 8.32 -5.14 -3.03
N ILE A 17 8.30 -6.35 -2.47
CA ILE A 17 8.15 -6.52 -1.03
C ILE A 17 9.27 -5.81 -0.27
N ALA A 18 10.46 -5.81 -0.84
CA ALA A 18 11.60 -5.14 -0.22
C ALA A 18 11.41 -3.63 -0.21
N ALA A 19 10.84 -3.10 -1.30
CA ALA A 19 10.60 -1.67 -1.42
C ALA A 19 9.42 -1.25 -0.56
N LEU A 20 8.38 -2.07 -0.59
CA LEU A 20 7.19 -1.84 0.21
C LEU A 20 7.52 -1.97 1.69
N ASN A 21 8.48 -2.82 1.99
CA ASN A 21 8.95 -2.98 3.36
C ASN A 21 9.59 -1.69 3.83
N SER A 22 10.34 -1.08 2.93
CA SER A 22 11.07 0.14 3.21
C SER A 22 10.11 1.31 3.48
N CYS A 23 8.99 1.35 2.75
CA CYS A 23 8.02 2.42 2.96
C CYS A 23 7.24 2.18 4.24
N LEU A 24 7.10 0.89 4.57
CA LEU A 24 6.42 0.51 5.79
C LEU A 24 7.25 0.91 7.01
N ARG A 25 8.57 0.83 6.88
CA ARG A 25 9.47 1.22 7.96
C ARG A 25 9.37 2.72 8.22
N ASP A 26 9.40 3.51 7.14
CA ASP A 26 9.33 4.96 7.26
C ASP A 26 7.95 5.41 7.74
N LEU A 27 6.91 4.76 7.25
CA LEU A 27 5.54 5.06 7.71
C LEU A 27 5.43 4.79 9.21
N ASP A 28 5.99 3.67 9.65
CA ASP A 28 5.99 3.30 11.06
C ASP A 28 6.76 4.34 11.88
N GLN A 29 7.87 4.79 11.30
CA GLN A 29 8.71 5.80 11.93
C GLN A 29 7.98 7.13 11.98
N ALA A 30 7.23 7.43 10.93
CA ALA A 30 6.45 8.65 10.86
C ALA A 30 5.39 8.68 11.95
N SER A 31 4.67 7.57 12.11
CA SER A 31 3.65 7.46 13.14
C SER A 31 4.24 7.75 14.52
N LEU A 32 5.37 7.10 14.81
CA LEU A 32 6.06 7.29 16.08
C LEU A 32 6.58 8.72 16.22
N ALA A 33 7.06 9.28 15.12
CA ALA A 33 7.59 10.64 15.13
C ALA A 33 6.47 11.66 15.27
N ALA A 34 5.35 11.40 14.63
CA ALA A 34 4.21 12.31 14.69
C ALA A 34 3.59 12.33 16.07
N VAL A 35 3.37 11.14 16.64
CA VAL A 35 2.76 11.02 17.96
C VAL A 35 3.66 11.61 19.04
N SER A 36 4.93 11.76 18.71
CA SER A 36 5.89 12.34 19.66
C SER A 36 6.39 13.68 19.14
N GLN A 37 5.63 14.26 18.21
CA GLN A 37 5.90 15.58 17.61
C GLN A 37 7.38 15.80 17.29
N GLN A 38 8.00 14.82 16.66
CA GLN A 38 9.39 14.92 16.22
C GLN A 38 9.47 14.88 14.70
N LEU A 39 8.32 14.86 14.04
CA LEU A 39 8.26 14.73 12.59
C LEU A 39 8.87 15.93 11.88
N ALA A 40 9.47 15.65 10.73
CA ALA A 40 9.98 16.68 9.86
C ALA A 40 9.08 16.80 8.63
N PRO A 41 9.18 17.90 7.87
CA PRO A 41 8.40 18.07 6.63
C PRO A 41 8.68 16.95 5.63
N ARG A 42 7.69 16.62 4.81
CA ARG A 42 7.85 15.57 3.81
C ARG A 42 8.66 16.06 2.61
N GLU A 43 8.56 15.31 1.51
CA GLU A 43 9.25 15.66 0.26
C GLU A 43 8.95 17.11 -0.16
N GLY A 44 7.77 17.62 0.16
CA GLY A 44 7.41 18.98 -0.21
C GLY A 44 6.23 19.02 -1.16
N ILE A 45 5.04 19.27 -0.62
CA ILE A 45 3.82 19.33 -1.41
C ILE A 45 2.75 20.14 -0.67
N SER A 46 1.74 20.60 -1.41
CA SER A 46 0.65 21.38 -0.82
C SER A 46 -0.28 20.49 0.02
N GLN A 47 -1.06 21.12 0.88
CA GLN A 47 -1.96 20.41 1.78
C GLN A 47 -3.12 19.77 1.01
N GLU A 48 -3.69 20.51 0.09
CA GLU A 48 -4.77 20.00 -0.75
C GLU A 48 -4.21 19.00 -1.75
N ALA A 49 -2.99 19.24 -2.18
CA ALA A 49 -2.30 18.32 -3.09
C ALA A 49 -2.10 16.98 -2.39
N LEU A 50 -1.81 17.04 -1.09
CA LEU A 50 -1.72 15.83 -0.27
C LEU A 50 -3.02 15.04 -0.34
N HIS A 51 -4.14 15.75 -0.22
CA HIS A 51 -5.45 15.11 -0.22
C HIS A 51 -5.67 14.39 -1.55
N THR A 52 -5.39 15.08 -2.64
CA THR A 52 -5.60 14.54 -3.97
C THR A 52 -4.57 13.47 -4.32
N GLN A 53 -3.30 13.72 -3.97
CA GLN A 53 -2.23 12.79 -4.30
C GLN A 53 -2.50 11.43 -3.68
N MET A 54 -2.87 11.45 -2.40
CA MET A 54 -3.22 10.23 -1.69
C MET A 54 -4.43 9.56 -2.34
N LEU A 55 -5.51 10.32 -2.47
CA LEU A 55 -6.76 9.81 -3.04
C LEU A 55 -6.53 9.18 -4.42
N THR A 56 -5.86 9.91 -5.31
CA THR A 56 -5.60 9.43 -6.66
C THR A 56 -4.85 8.09 -6.65
N ALA A 57 -3.81 8.00 -5.84
CA ALA A 57 -2.99 6.79 -5.79
C ALA A 57 -3.78 5.62 -5.22
N VAL A 58 -4.52 5.88 -4.14
CA VAL A 58 -5.24 4.81 -3.45
C VAL A 58 -6.31 4.21 -4.36
N GLN A 59 -6.99 5.06 -5.11
CA GLN A 59 -7.98 4.61 -6.08
C GLN A 59 -7.32 3.73 -7.14
N GLU A 60 -6.18 4.18 -7.65
CA GLU A 60 -5.45 3.45 -8.66
C GLU A 60 -4.95 2.11 -8.12
N ILE A 61 -4.65 2.08 -6.84
CA ILE A 61 -4.28 0.83 -6.19
C ILE A 61 -5.44 -0.14 -6.23
N SER A 62 -6.60 0.28 -5.72
CA SER A 62 -7.80 -0.54 -5.74
C SER A 62 -8.13 -0.98 -7.17
N HIS A 63 -7.90 -0.07 -8.10
CA HIS A 63 -8.11 -0.34 -9.53
C HIS A 63 -7.25 -1.52 -9.99
N LEU A 64 -6.03 -1.63 -9.48
CA LEU A 64 -5.13 -2.70 -9.90
C LEU A 64 -5.27 -3.93 -9.00
N ILE A 65 -5.79 -3.73 -7.79
CA ILE A 65 -5.93 -4.81 -6.80
C ILE A 65 -6.83 -5.93 -7.33
N GLU A 66 -7.97 -5.54 -7.91
CA GLU A 66 -8.92 -6.51 -8.44
C GLU A 66 -8.30 -7.38 -9.55
N PRO A 67 -7.73 -6.78 -10.62
CA PRO A 67 -7.05 -7.54 -11.67
C PRO A 67 -5.85 -8.33 -11.16
N LEU A 68 -5.14 -7.77 -10.16
CA LEU A 68 -3.97 -8.44 -9.60
C LEU A 68 -4.37 -9.77 -8.97
N ALA A 69 -5.47 -9.77 -8.24
CA ALA A 69 -5.95 -10.98 -7.58
C ALA A 69 -6.13 -12.12 -8.59
N SER A 70 -6.74 -11.81 -9.72
CA SER A 70 -6.97 -12.79 -10.76
C SER A 70 -5.67 -13.13 -11.48
N ALA A 71 -4.84 -12.14 -11.72
CA ALA A 71 -3.56 -12.36 -12.38
C ALA A 71 -2.67 -13.25 -11.51
N ALA A 72 -2.44 -12.84 -10.27
CA ALA A 72 -1.52 -13.52 -9.37
C ALA A 72 -1.84 -15.00 -9.23
N ARG A 73 -3.11 -15.33 -9.09
CA ARG A 73 -3.52 -16.70 -8.78
C ARG A 73 -3.28 -17.66 -9.95
N ALA A 74 -3.03 -17.14 -11.15
CA ALA A 74 -2.90 -17.99 -12.32
C ALA A 74 -1.78 -17.56 -13.26
N GLU A 75 -1.75 -16.28 -13.61
CA GLU A 75 -0.83 -15.79 -14.63
C GLU A 75 0.19 -14.83 -14.04
N ALA A 76 1.46 -15.22 -14.08
CA ALA A 76 2.53 -14.47 -13.42
C ALA A 76 3.04 -13.31 -14.29
N SER A 77 2.87 -13.42 -15.60
CA SER A 77 3.42 -12.41 -16.51
C SER A 77 2.65 -11.08 -16.38
N GLN A 78 1.36 -11.19 -16.14
CA GLN A 78 0.51 -10.01 -15.96
C GLN A 78 0.72 -9.50 -14.56
N LEU A 79 0.85 -10.45 -13.65
CA LEU A 79 1.12 -10.18 -12.25
C LEU A 79 2.35 -9.28 -12.09
N GLY A 80 3.39 -9.58 -12.85
CA GLY A 80 4.60 -8.78 -12.84
C GLY A 80 4.33 -7.30 -13.04
N HIS A 81 3.31 -6.98 -13.83
CA HIS A 81 2.92 -5.60 -14.07
C HIS A 81 2.10 -5.07 -12.90
N LYS A 82 1.24 -5.93 -12.35
CA LYS A 82 0.37 -5.54 -11.24
C LYS A 82 1.20 -5.12 -10.03
N VAL A 83 2.10 -6.01 -9.64
CA VAL A 83 2.94 -5.79 -8.46
C VAL A 83 3.77 -4.52 -8.61
N SER A 84 4.36 -4.34 -9.79
CA SER A 84 5.17 -3.17 -10.07
C SER A 84 4.34 -1.89 -9.87
N GLN A 85 3.13 -1.88 -10.41
CA GLN A 85 2.25 -0.72 -10.31
C GLN A 85 1.79 -0.50 -8.87
N MET A 86 1.47 -1.57 -8.17
CA MET A 86 0.98 -1.47 -6.81
C MET A 86 2.06 -0.90 -5.89
N ALA A 87 3.29 -1.35 -6.08
CA ALA A 87 4.38 -0.98 -5.20
C ALA A 87 4.75 0.49 -5.39
N GLN A 88 4.73 0.95 -6.63
CA GLN A 88 5.12 2.31 -6.94
C GLN A 88 4.12 3.32 -6.39
N TYR A 89 2.83 3.01 -6.48
CA TYR A 89 1.79 3.88 -5.90
C TYR A 89 1.99 4.12 -4.41
N PHE A 90 2.45 3.09 -3.72
CA PHE A 90 2.60 3.16 -2.27
C PHE A 90 3.75 4.07 -1.84
N GLU A 91 4.71 4.29 -2.72
CA GLU A 91 5.84 5.15 -2.39
C GLU A 91 5.38 6.60 -2.12
N PRO A 92 4.71 7.28 -3.08
CA PRO A 92 4.19 8.62 -2.85
C PRO A 92 3.19 8.65 -1.70
N LEU A 93 2.44 7.57 -1.51
CA LEU A 93 1.48 7.49 -0.41
C LEU A 93 2.19 7.60 0.92
N THR A 94 3.28 6.87 1.06
CA THR A 94 4.13 6.97 2.23
C THR A 94 4.60 8.42 2.43
N LEU A 95 5.17 8.99 1.37
CA LEU A 95 5.65 10.37 1.40
C LEU A 95 4.50 11.33 1.74
N ALA A 96 3.37 11.11 1.11
CA ALA A 96 2.20 11.97 1.26
C ALA A 96 1.59 11.85 2.65
N ALA A 97 1.46 10.62 3.13
CA ALA A 97 0.89 10.38 4.46
C ALA A 97 1.75 10.99 5.56
N VAL A 98 3.06 10.76 5.47
CA VAL A 98 4.00 11.33 6.43
C VAL A 98 3.96 12.85 6.37
N GLY A 99 3.72 13.37 5.17
CA GLY A 99 3.59 14.80 4.99
C GLY A 99 2.34 15.33 5.64
N ALA A 100 1.23 14.62 5.48
CA ALA A 100 -0.03 15.00 6.10
C ALA A 100 0.12 15.12 7.60
N ALA A 101 0.79 14.14 8.19
CA ALA A 101 1.05 14.15 9.63
C ALA A 101 1.79 15.42 10.04
N SER A 102 2.76 15.80 9.24
CA SER A 102 3.63 16.89 9.59
C SER A 102 2.97 18.25 9.32
N LYS A 103 2.18 18.32 8.24
CA LYS A 103 1.57 19.59 7.83
C LYS A 103 0.24 19.83 8.53
N THR A 104 -0.57 18.80 8.59
CA THR A 104 -1.94 18.89 9.08
C THR A 104 -1.97 19.06 10.60
N LEU A 105 -2.60 20.16 11.04
CA LEU A 105 -2.70 20.47 12.46
C LEU A 105 -3.80 19.63 13.10
N SER A 106 -4.64 19.03 12.26
CA SER A 106 -5.71 18.18 12.73
C SER A 106 -5.15 16.81 13.06
N HIS A 107 -4.78 16.62 14.32
CA HIS A 107 -4.06 15.42 14.73
C HIS A 107 -4.85 14.14 14.43
N PRO A 108 -6.11 14.01 14.90
CA PRO A 108 -6.95 12.83 14.62
C PRO A 108 -7.10 12.54 13.12
N GLN A 109 -6.93 13.56 12.28
CA GLN A 109 -6.99 13.36 10.83
C GLN A 109 -5.65 12.87 10.29
N GLN A 110 -4.59 13.65 10.51
CA GLN A 110 -3.27 13.32 9.98
C GLN A 110 -2.75 12.02 10.58
N MET A 111 -2.94 11.83 11.88
CA MET A 111 -2.47 10.63 12.57
C MET A 111 -3.20 9.40 12.06
N ALA A 112 -4.46 9.58 11.67
CA ALA A 112 -5.26 8.46 11.22
C ALA A 112 -4.83 8.02 9.83
N LEU A 113 -4.79 8.95 8.87
CA LEU A 113 -4.45 8.58 7.51
C LEU A 113 -2.98 8.16 7.44
N LEU A 114 -2.17 8.72 8.32
CA LEU A 114 -0.77 8.35 8.43
C LEU A 114 -0.63 6.85 8.72
N ASP A 115 -1.27 6.41 9.80
CA ASP A 115 -1.16 5.01 10.21
C ASP A 115 -1.94 4.12 9.26
N GLN A 116 -3.06 4.62 8.75
CA GLN A 116 -3.89 3.86 7.81
C GLN A 116 -3.17 3.62 6.49
N THR A 117 -2.32 4.55 6.08
CA THR A 117 -1.48 4.34 4.91
C THR A 117 -0.53 3.18 5.17
N LYS A 118 0.00 3.15 6.38
CA LYS A 118 0.83 2.05 6.83
C LYS A 118 0.02 0.77 6.91
N THR A 119 -1.21 0.87 7.42
CA THR A 119 -2.13 -0.24 7.44
C THR A 119 -2.33 -0.81 6.03
N LEU A 120 -2.59 0.08 5.08
CA LEU A 120 -2.75 -0.31 3.69
C LEU A 120 -1.44 -0.87 3.13
N ALA A 121 -0.33 -0.32 3.59
CA ALA A 121 0.99 -0.81 3.19
C ALA A 121 1.20 -2.25 3.69
N GLU A 122 0.80 -2.51 4.92
CA GLU A 122 0.88 -3.85 5.49
C GLU A 122 -0.10 -4.77 4.76
N SER A 123 -1.23 -4.22 4.36
CA SER A 123 -2.22 -4.96 3.58
C SER A 123 -1.66 -5.30 2.20
N ALA A 124 -0.96 -4.34 1.60
CA ALA A 124 -0.31 -4.56 0.32
C ALA A 124 0.84 -5.54 0.48
N LEU A 125 1.52 -5.45 1.62
CA LEU A 125 2.62 -6.36 1.91
C LEU A 125 2.06 -7.77 2.04
N GLN A 126 0.96 -7.89 2.78
CA GLN A 126 0.24 -9.16 2.91
C GLN A 126 -0.18 -9.65 1.51
N LEU A 127 -0.59 -8.71 0.67
CA LEU A 127 -0.97 -9.01 -0.69
C LEU A 127 0.24 -9.50 -1.48
N LEU A 128 1.32 -8.72 -1.48
CA LEU A 128 2.52 -9.10 -2.22
C LEU A 128 3.11 -10.41 -1.69
N TYR A 129 2.97 -10.64 -0.39
CA TYR A 129 3.42 -11.89 0.23
C TYR A 129 2.67 -13.09 -0.37
N THR A 130 1.35 -13.00 -0.42
CA THR A 130 0.53 -14.08 -0.94
C THR A 130 0.64 -14.18 -2.47
N ALA A 131 0.69 -13.03 -3.12
CA ALA A 131 0.85 -12.96 -4.57
C ALA A 131 2.22 -13.48 -4.99
N LYS A 132 3.18 -13.43 -4.08
CA LYS A 132 4.51 -13.96 -4.35
C LYS A 132 4.46 -15.48 -4.45
N GLU A 133 3.77 -16.10 -3.51
CA GLU A 133 3.67 -17.55 -3.46
C GLU A 133 2.83 -18.09 -4.61
N ALA A 134 1.63 -17.54 -4.77
CA ALA A 134 0.67 -18.03 -5.74
C ALA A 134 0.93 -17.51 -7.15
N GLY A 135 1.77 -16.48 -7.24
CA GLY A 135 2.01 -15.79 -8.50
C GLY A 135 2.29 -16.71 -9.67
N GLY A 136 1.24 -16.99 -10.43
CA GLY A 136 1.37 -17.84 -11.59
C GLY A 136 1.56 -19.30 -11.22
N ASN A 137 1.08 -19.65 -10.04
CA ASN A 137 1.29 -20.98 -9.49
C ASN A 137 0.05 -21.46 -8.74
N PRO A 138 -0.77 -22.31 -9.35
CA PRO A 138 -1.90 -22.93 -8.69
C PRO A 138 -1.56 -24.30 -8.11
N LYS A 139 -0.39 -24.83 -8.45
CA LYS A 139 0.00 -26.18 -8.05
C LYS A 139 0.75 -26.20 -6.72
N GLN A 140 1.75 -25.34 -6.60
CA GLN A 140 2.55 -25.27 -5.37
C GLN A 140 1.93 -24.31 -4.38
N ALA A 141 0.79 -23.75 -4.75
CA ALA A 141 0.07 -22.84 -3.88
C ALA A 141 -1.35 -23.33 -3.66
N ALA A 142 -1.60 -23.91 -2.50
CA ALA A 142 -2.92 -24.42 -2.17
C ALA A 142 -3.59 -23.50 -1.16
N HIS A 143 -3.03 -23.43 0.05
CA HIS A 143 -3.56 -22.53 1.08
C HIS A 143 -3.29 -21.08 0.67
N THR A 144 -2.31 -20.92 -0.22
CA THR A 144 -1.92 -19.61 -0.70
C THR A 144 -3.06 -18.99 -1.51
N GLN A 145 -3.74 -19.83 -2.28
CA GLN A 145 -4.87 -19.39 -3.09
C GLN A 145 -5.97 -18.84 -2.18
N GLU A 146 -6.16 -19.50 -1.06
CA GLU A 146 -7.17 -19.10 -0.08
C GLU A 146 -6.78 -17.79 0.59
N ALA A 147 -5.50 -17.66 0.94
CA ALA A 147 -4.99 -16.48 1.62
C ALA A 147 -4.89 -15.29 0.68
N LEU A 148 -4.69 -15.57 -0.60
CA LEU A 148 -4.64 -14.52 -1.61
C LEU A 148 -6.00 -13.83 -1.70
N GLU A 149 -7.05 -14.56 -1.33
CA GLU A 149 -8.39 -14.01 -1.34
C GLU A 149 -8.60 -13.11 -0.13
N GLU A 150 -7.87 -13.40 0.94
CA GLU A 150 -7.94 -12.60 2.15
C GLU A 150 -7.24 -11.27 1.90
N ALA A 151 -6.02 -11.34 1.38
CA ALA A 151 -5.19 -10.15 1.17
C ALA A 151 -5.86 -9.15 0.23
N VAL A 152 -6.43 -9.64 -0.86
CA VAL A 152 -7.07 -8.77 -1.85
C VAL A 152 -8.24 -8.00 -1.23
N GLN A 153 -8.95 -8.64 -0.31
CA GLN A 153 -10.08 -8.00 0.36
C GLN A 153 -9.58 -7.06 1.46
N MET A 154 -8.49 -7.45 2.12
CA MET A 154 -7.88 -6.61 3.16
C MET A 154 -7.48 -5.26 2.60
N MET A 155 -7.03 -5.24 1.35
CA MET A 155 -6.65 -4.00 0.70
C MET A 155 -7.85 -3.13 0.38
N THR A 156 -8.84 -3.70 -0.30
CA THR A 156 -9.97 -2.91 -0.78
C THR A 156 -10.69 -2.19 0.37
N GLU A 157 -10.77 -2.82 1.53
CA GLU A 157 -11.43 -2.20 2.67
C GLU A 157 -10.55 -1.10 3.27
N ALA A 158 -9.24 -1.31 3.25
CA ALA A 158 -8.30 -0.30 3.74
C ALA A 158 -8.20 0.85 2.74
N VAL A 159 -8.43 0.54 1.47
CA VAL A 159 -8.51 1.55 0.43
C VAL A 159 -9.64 2.52 0.72
N GLU A 160 -10.82 1.98 0.97
CA GLU A 160 -11.97 2.77 1.34
C GLU A 160 -11.72 3.50 2.65
N ASP A 161 -11.01 2.83 3.56
CA ASP A 161 -10.73 3.38 4.88
C ASP A 161 -9.86 4.63 4.79
N LEU A 162 -8.73 4.51 4.12
CA LEU A 162 -7.79 5.62 3.98
C LEU A 162 -8.42 6.75 3.18
N THR A 163 -9.08 6.40 2.08
CA THR A 163 -9.75 7.37 1.22
C THR A 163 -10.74 8.23 2.00
N THR A 164 -11.46 7.60 2.93
CA THR A 164 -12.41 8.32 3.77
C THR A 164 -11.69 9.42 4.56
N THR A 165 -10.64 9.06 5.28
CA THR A 165 -9.88 10.01 6.08
C THR A 165 -9.34 11.14 5.20
N LEU A 166 -8.88 10.76 4.02
CA LEU A 166 -8.32 11.71 3.07
C LEU A 166 -9.38 12.68 2.55
N ASN A 167 -10.55 12.17 2.22
CA ASN A 167 -11.62 12.98 1.66
C ASN A 167 -12.27 13.85 2.74
N GLU A 168 -12.14 13.46 4.00
CA GLU A 168 -12.63 14.26 5.09
C GLU A 168 -11.61 15.34 5.37
N ALA A 169 -10.35 14.91 5.45
CA ALA A 169 -9.23 15.81 5.69
C ALA A 169 -9.10 16.86 4.59
N ALA A 170 -9.77 16.63 3.46
CA ALA A 170 -9.83 17.62 2.40
C ALA A 170 -10.32 18.95 2.94
N SER A 171 -11.40 18.90 3.70
CA SER A 171 -11.95 20.08 4.35
C SER A 171 -11.62 20.09 5.83
N ALA A 172 -11.36 18.91 6.38
CA ALA A 172 -11.06 18.75 7.80
C ALA A 172 -9.65 19.27 8.10
N ALA A 173 -8.70 18.91 7.27
CA ALA A 173 -7.31 19.28 7.48
C ALA A 173 -6.92 20.43 6.56
N GLY A 174 -6.54 21.54 7.16
CA GLY A 174 -6.16 22.71 6.40
C GLY A 174 -5.98 23.91 7.28
N GLY A 1 8.74 -14.91 6.73
CA GLY A 1 8.17 -16.27 6.91
C GLY A 1 8.81 -17.27 5.98
N ILE A 2 8.03 -18.24 5.53
CA ILE A 2 8.50 -19.21 4.55
C ILE A 2 8.26 -18.66 3.15
N ASP A 3 9.11 -19.04 2.19
CA ASP A 3 9.00 -18.53 0.84
C ASP A 3 8.84 -19.65 -0.17
N PRO A 4 7.59 -19.98 -0.50
CA PRO A 4 7.28 -20.96 -1.54
C PRO A 4 7.17 -20.30 -2.92
N PHE A 5 8.14 -20.56 -3.78
CA PHE A 5 8.16 -19.94 -5.10
C PHE A 5 9.03 -20.74 -6.08
N THR A 6 8.58 -20.83 -7.32
CA THR A 6 9.29 -21.63 -8.32
C THR A 6 8.82 -21.28 -9.74
N ALA A 7 8.33 -20.06 -9.92
CA ALA A 7 7.73 -19.66 -11.18
C ALA A 7 7.99 -18.18 -11.49
N PRO A 8 7.65 -17.71 -12.71
CA PRO A 8 7.73 -16.29 -13.08
C PRO A 8 6.88 -15.39 -12.19
N GLY A 9 7.19 -14.10 -12.17
CA GLY A 9 6.41 -13.16 -11.40
C GLY A 9 6.83 -13.09 -9.95
N GLN A 10 7.32 -14.22 -9.43
CA GLN A 10 7.76 -14.31 -8.04
C GLN A 10 8.86 -13.29 -7.74
N LEU A 11 9.81 -13.14 -8.65
CA LEU A 11 10.89 -12.19 -8.48
C LEU A 11 10.35 -10.77 -8.39
N GLU A 12 9.40 -10.45 -9.26
CA GLU A 12 8.80 -9.12 -9.30
C GLU A 12 8.16 -8.80 -7.95
N CYS A 13 7.60 -9.81 -7.34
CA CYS A 13 6.93 -9.66 -6.05
C CYS A 13 7.97 -9.53 -4.94
N GLU A 14 9.00 -10.37 -5.02
CA GLU A 14 10.06 -10.40 -4.01
C GLU A 14 10.76 -9.04 -3.92
N THR A 15 11.08 -8.47 -5.07
CA THR A 15 11.79 -7.21 -5.12
C THR A 15 10.88 -6.05 -4.67
N ALA A 16 9.58 -6.19 -4.91
CA ALA A 16 8.62 -5.17 -4.52
C ALA A 16 8.37 -5.20 -3.02
N ILE A 17 8.31 -6.41 -2.46
CA ILE A 17 8.12 -6.58 -1.02
C ILE A 17 9.21 -5.85 -0.24
N ALA A 18 10.45 -5.92 -0.71
CA ALA A 18 11.55 -5.26 -0.05
C ALA A 18 11.35 -3.74 -0.01
N ALA A 19 10.88 -3.19 -1.12
CA ALA A 19 10.68 -1.75 -1.24
C ALA A 19 9.46 -1.32 -0.43
N LEU A 20 8.43 -2.16 -0.47
CA LEU A 20 7.20 -1.90 0.25
C LEU A 20 7.43 -1.98 1.76
N ASN A 21 8.35 -2.85 2.16
CA ASN A 21 8.71 -3.00 3.55
C ASN A 21 9.39 -1.72 4.02
N SER A 22 10.17 -1.14 3.11
CA SER A 22 10.87 0.10 3.38
C SER A 22 9.88 1.24 3.66
N CYS A 23 8.83 1.34 2.84
CA CYS A 23 7.85 2.41 3.01
C CYS A 23 6.98 2.12 4.24
N LEU A 24 6.84 0.84 4.55
CA LEU A 24 6.12 0.43 5.75
C LEU A 24 6.87 0.91 6.99
N ARG A 25 8.19 0.77 6.96
CA ARG A 25 9.04 1.22 8.04
C ARG A 25 9.08 2.75 8.11
N ASP A 26 9.09 3.39 6.95
CA ASP A 26 9.05 4.85 6.90
C ASP A 26 7.79 5.38 7.54
N LEU A 27 6.65 4.84 7.12
CA LEU A 27 5.36 5.21 7.68
C LEU A 27 5.32 4.94 9.18
N ASP A 28 5.93 3.83 9.58
CA ASP A 28 6.00 3.46 10.99
C ASP A 28 6.73 4.50 11.81
N GLN A 29 7.90 4.91 11.32
CA GLN A 29 8.72 5.89 12.01
C GLN A 29 8.07 7.27 11.92
N ALA A 30 7.35 7.50 10.84
CA ALA A 30 6.57 8.73 10.67
C ALA A 30 5.52 8.84 11.75
N SER A 31 4.78 7.75 11.97
CA SER A 31 3.78 7.69 13.02
C SER A 31 4.40 8.04 14.37
N LEU A 32 5.52 7.41 14.67
CA LEU A 32 6.24 7.63 15.92
C LEU A 32 6.69 9.08 16.05
N ALA A 33 7.09 9.68 14.94
CA ALA A 33 7.54 11.06 14.95
C ALA A 33 6.35 12.03 14.97
N ALA A 34 5.27 11.68 14.31
CA ALA A 34 4.08 12.53 14.24
C ALA A 34 3.40 12.63 15.59
N VAL A 35 3.36 11.50 16.30
CA VAL A 35 2.73 11.45 17.62
C VAL A 35 3.55 12.26 18.63
N SER A 36 4.76 12.64 18.24
CA SER A 36 5.63 13.42 19.09
C SER A 36 6.08 14.71 18.39
N GLN A 37 5.34 15.07 17.32
CA GLN A 37 5.61 16.27 16.52
C GLN A 37 7.10 16.46 16.19
N GLN A 38 7.78 15.36 15.88
CA GLN A 38 9.21 15.39 15.56
C GLN A 38 9.44 15.19 14.07
N LEU A 39 8.40 15.41 13.27
CA LEU A 39 8.53 15.27 11.82
C LEU A 39 9.06 16.53 11.18
N ALA A 40 9.41 16.43 9.90
CA ALA A 40 9.87 17.56 9.13
C ALA A 40 8.82 17.91 8.07
N PRO A 41 8.86 19.14 7.52
CA PRO A 41 7.93 19.59 6.48
C PRO A 41 7.77 18.58 5.35
N ARG A 42 6.55 18.52 4.80
CA ARG A 42 6.20 17.57 3.74
C ARG A 42 7.06 17.75 2.48
N GLU A 43 6.85 16.85 1.52
CA GLU A 43 7.58 16.82 0.24
C GLU A 43 7.21 18.00 -0.69
N GLY A 44 6.95 19.17 -0.11
CA GLY A 44 6.68 20.36 -0.91
C GLY A 44 5.24 20.47 -1.38
N ILE A 45 4.46 19.44 -1.12
CA ILE A 45 3.08 19.37 -1.57
C ILE A 45 2.14 20.08 -0.58
N SER A 46 1.09 20.71 -1.11
CA SER A 46 0.13 21.44 -0.28
C SER A 46 -0.82 20.49 0.45
N GLN A 47 -1.56 21.03 1.42
CA GLN A 47 -2.44 20.21 2.26
C GLN A 47 -3.56 19.58 1.45
N GLU A 48 -4.31 20.39 0.73
CA GLU A 48 -5.44 19.88 -0.05
C GLU A 48 -4.93 18.98 -1.18
N ALA A 49 -3.71 19.24 -1.62
CA ALA A 49 -3.08 18.44 -2.65
C ALA A 49 -2.69 17.08 -2.10
N LEU A 50 -2.49 17.00 -0.78
CA LEU A 50 -2.23 15.73 -0.11
C LEU A 50 -3.42 14.79 -0.31
N HIS A 51 -4.63 15.31 -0.07
CA HIS A 51 -5.85 14.60 -0.41
C HIS A 51 -5.81 14.12 -1.86
N THR A 52 -5.38 15.00 -2.75
CA THR A 52 -5.33 14.71 -4.17
C THR A 52 -4.37 13.56 -4.49
N GLN A 53 -3.10 13.70 -4.08
CA GLN A 53 -2.09 12.69 -4.38
C GLN A 53 -2.48 11.35 -3.79
N MET A 54 -2.88 11.35 -2.52
CA MET A 54 -3.25 10.13 -1.83
C MET A 54 -4.43 9.46 -2.52
N LEU A 55 -5.52 10.21 -2.68
CA LEU A 55 -6.75 9.69 -3.26
C LEU A 55 -6.50 9.11 -4.65
N THR A 56 -5.82 9.86 -5.50
CA THR A 56 -5.57 9.43 -6.87
C THR A 56 -4.78 8.11 -6.91
N ALA A 57 -3.73 8.03 -6.11
CA ALA A 57 -2.91 6.83 -6.07
C ALA A 57 -3.69 5.65 -5.53
N VAL A 58 -4.36 5.85 -4.39
CA VAL A 58 -5.12 4.78 -3.73
C VAL A 58 -6.15 4.16 -4.67
N GLN A 59 -6.89 5.00 -5.39
CA GLN A 59 -7.87 4.54 -6.35
C GLN A 59 -7.22 3.68 -7.44
N GLU A 60 -6.10 4.15 -7.98
CA GLU A 60 -5.40 3.40 -9.02
C GLU A 60 -4.80 2.11 -8.46
N ILE A 61 -4.46 2.12 -7.19
CA ILE A 61 -4.01 0.90 -6.53
C ILE A 61 -5.16 -0.10 -6.50
N SER A 62 -6.28 0.30 -5.91
CA SER A 62 -7.47 -0.55 -5.83
C SER A 62 -7.88 -1.01 -7.22
N HIS A 63 -7.74 -0.12 -8.19
CA HIS A 63 -8.04 -0.39 -9.58
C HIS A 63 -7.23 -1.61 -10.06
N LEU A 64 -5.97 -1.69 -9.65
CA LEU A 64 -5.10 -2.78 -10.07
C LEU A 64 -5.14 -3.96 -9.08
N ILE A 65 -5.65 -3.71 -7.87
CA ILE A 65 -5.70 -4.74 -6.82
C ILE A 65 -6.55 -5.93 -7.26
N GLU A 66 -7.73 -5.63 -7.79
CA GLU A 66 -8.65 -6.67 -8.25
C GLU A 66 -8.03 -7.52 -9.38
N PRO A 67 -7.55 -6.90 -10.48
CA PRO A 67 -6.88 -7.64 -11.56
C PRO A 67 -5.60 -8.33 -11.09
N LEU A 68 -4.96 -7.80 -10.04
CA LEU A 68 -3.77 -8.43 -9.51
C LEU A 68 -4.14 -9.74 -8.83
N ALA A 69 -5.26 -9.76 -8.12
CA ALA A 69 -5.74 -10.98 -7.47
C ALA A 69 -5.91 -12.09 -8.50
N SER A 70 -6.56 -11.77 -9.61
CA SER A 70 -6.73 -12.71 -10.71
C SER A 70 -5.37 -13.09 -11.31
N ALA A 71 -4.50 -12.11 -11.49
CA ALA A 71 -3.19 -12.35 -12.07
C ALA A 71 -2.34 -13.24 -11.17
N ALA A 72 -2.31 -12.92 -9.89
CA ALA A 72 -1.53 -13.66 -8.93
C ALA A 72 -2.02 -15.10 -8.83
N ARG A 73 -3.32 -15.29 -8.89
CA ARG A 73 -3.90 -16.61 -8.66
C ARG A 73 -3.77 -17.51 -9.90
N ALA A 74 -3.44 -16.94 -11.05
CA ALA A 74 -3.34 -17.74 -12.28
C ALA A 74 -2.52 -17.05 -13.38
N GLU A 75 -2.85 -15.81 -13.71
CA GLU A 75 -2.21 -15.11 -14.82
C GLU A 75 -0.79 -14.64 -14.46
N ALA A 76 0.17 -15.56 -14.58
CA ALA A 76 1.54 -15.32 -14.16
C ALA A 76 2.19 -14.14 -14.90
N SER A 77 1.99 -14.08 -16.20
CA SER A 77 2.69 -13.11 -17.04
C SER A 77 2.15 -11.70 -16.84
N GLN A 78 0.98 -11.60 -16.22
CA GLN A 78 0.32 -10.31 -16.04
C GLN A 78 0.67 -9.76 -14.68
N LEU A 79 0.85 -10.68 -13.75
CA LEU A 79 1.12 -10.37 -12.36
C LEU A 79 2.30 -9.42 -12.19
N GLY A 80 3.37 -9.68 -12.93
CA GLY A 80 4.57 -8.87 -12.84
C GLY A 80 4.30 -7.38 -12.98
N HIS A 81 3.41 -7.03 -13.91
CA HIS A 81 3.07 -5.63 -14.15
C HIS A 81 2.24 -5.06 -13.02
N LYS A 82 1.42 -5.90 -12.40
CA LYS A 82 0.52 -5.43 -11.34
C LYS A 82 1.34 -5.07 -10.11
N VAL A 83 2.21 -5.98 -9.71
CA VAL A 83 3.04 -5.81 -8.52
C VAL A 83 3.92 -4.57 -8.64
N SER A 84 4.56 -4.42 -9.79
CA SER A 84 5.45 -3.29 -10.04
C SER A 84 4.71 -1.97 -9.86
N GLN A 85 3.48 -1.90 -10.38
CA GLN A 85 2.69 -0.69 -10.31
C GLN A 85 2.14 -0.44 -8.91
N MET A 86 1.68 -1.50 -8.25
CA MET A 86 1.09 -1.37 -6.93
C MET A 86 2.09 -0.78 -5.93
N ALA A 87 3.29 -1.34 -5.94
CA ALA A 87 4.34 -0.90 -5.02
C ALA A 87 4.77 0.53 -5.35
N GLN A 88 4.70 0.84 -6.63
CA GLN A 88 5.06 2.16 -7.14
C GLN A 88 4.19 3.26 -6.54
N TYR A 89 2.92 2.97 -6.30
CA TYR A 89 1.99 3.97 -5.78
C TYR A 89 2.18 4.17 -4.28
N PHE A 90 2.66 3.14 -3.59
CA PHE A 90 2.82 3.21 -2.16
C PHE A 90 3.99 4.11 -1.75
N GLU A 91 4.94 4.30 -2.66
CA GLU A 91 6.07 5.18 -2.38
C GLU A 91 5.59 6.63 -2.12
N PRO A 92 4.89 7.27 -3.08
CA PRO A 92 4.34 8.61 -2.86
C PRO A 92 3.34 8.64 -1.72
N LEU A 93 2.52 7.60 -1.61
CA LEU A 93 1.52 7.54 -0.54
C LEU A 93 2.18 7.62 0.82
N THR A 94 3.25 6.88 1.00
CA THR A 94 4.03 6.95 2.21
C THR A 94 4.47 8.38 2.47
N LEU A 95 5.15 9.00 1.50
CA LEU A 95 5.65 10.35 1.65
C LEU A 95 4.51 11.34 1.84
N ALA A 96 3.42 11.11 1.11
CA ALA A 96 2.25 11.98 1.18
C ALA A 96 1.58 11.87 2.55
N ALA A 97 1.53 10.66 3.09
CA ALA A 97 0.95 10.42 4.41
C ALA A 97 1.82 11.02 5.50
N VAL A 98 3.13 10.85 5.38
CA VAL A 98 4.07 11.45 6.32
C VAL A 98 4.00 12.97 6.21
N GLY A 99 3.71 13.44 5.00
CA GLY A 99 3.48 14.85 4.78
C GLY A 99 2.24 15.33 5.50
N ALA A 100 1.15 14.59 5.34
CA ALA A 100 -0.08 14.88 6.06
C ALA A 100 0.17 14.88 7.56
N ALA A 101 0.97 13.92 8.01
CA ALA A 101 1.31 13.83 9.42
C ALA A 101 1.99 15.08 9.94
N SER A 102 2.85 15.66 9.12
CA SER A 102 3.67 16.77 9.59
C SER A 102 2.92 18.10 9.56
N LYS A 103 2.10 18.33 8.54
CA LYS A 103 1.38 19.59 8.41
C LYS A 103 -0.01 19.57 9.04
N THR A 104 -0.60 18.40 9.17
CA THR A 104 -1.95 18.31 9.74
C THR A 104 -1.91 18.39 11.25
N LEU A 105 -2.28 19.53 11.78
CA LEU A 105 -2.36 19.73 13.22
C LEU A 105 -3.80 19.97 13.63
N SER A 106 -4.70 19.91 12.65
CA SER A 106 -6.12 20.13 12.85
C SER A 106 -6.70 19.16 13.87
N HIS A 107 -6.67 17.87 13.55
CA HIS A 107 -7.28 16.83 14.36
C HIS A 107 -6.58 15.50 14.08
N PRO A 108 -6.96 14.40 14.77
CA PRO A 108 -6.34 13.07 14.60
C PRO A 108 -6.37 12.53 13.17
N GLN A 109 -6.97 13.28 12.24
CA GLN A 109 -6.92 12.94 10.82
C GLN A 109 -5.48 12.67 10.39
N GLN A 110 -4.57 13.48 10.95
CA GLN A 110 -3.14 13.34 10.75
C GLN A 110 -2.67 11.90 10.99
N MET A 111 -2.90 11.41 12.19
CA MET A 111 -2.41 10.10 12.58
C MET A 111 -3.25 8.99 11.97
N ALA A 112 -4.54 9.27 11.77
CA ALA A 112 -5.44 8.26 11.23
C ALA A 112 -5.01 7.87 9.82
N LEU A 113 -4.88 8.86 8.93
CA LEU A 113 -4.54 8.56 7.55
C LEU A 113 -3.09 8.09 7.48
N LEU A 114 -2.25 8.60 8.37
CA LEU A 114 -0.86 8.19 8.44
C LEU A 114 -0.76 6.70 8.76
N ASP A 115 -1.39 6.29 9.84
CA ASP A 115 -1.33 4.90 10.29
C ASP A 115 -2.10 4.01 9.32
N GLN A 116 -3.20 4.53 8.76
CA GLN A 116 -3.99 3.78 7.80
C GLN A 116 -3.24 3.54 6.49
N THR A 117 -2.40 4.51 6.10
CA THR A 117 -1.54 4.33 4.93
C THR A 117 -0.56 3.18 5.21
N LYS A 118 -0.08 3.14 6.44
CA LYS A 118 0.80 2.09 6.89
C LYS A 118 0.03 0.76 6.97
N THR A 119 -1.19 0.82 7.46
CA THR A 119 -2.08 -0.34 7.48
C THR A 119 -2.30 -0.86 6.06
N LEU A 120 -2.52 0.06 5.13
CA LEU A 120 -2.69 -0.31 3.73
C LEU A 120 -1.40 -0.87 3.17
N ALA A 121 -0.27 -0.34 3.64
CA ALA A 121 1.03 -0.86 3.26
C ALA A 121 1.23 -2.28 3.80
N GLU A 122 0.76 -2.52 5.02
CA GLU A 122 0.76 -3.85 5.61
C GLU A 122 -0.14 -4.78 4.81
N SER A 123 -1.29 -4.25 4.41
CA SER A 123 -2.24 -5.00 3.60
C SER A 123 -1.65 -5.31 2.23
N ALA A 124 -0.93 -4.34 1.68
CA ALA A 124 -0.25 -4.52 0.40
C ALA A 124 0.90 -5.50 0.55
N LEU A 125 1.60 -5.43 1.67
CA LEU A 125 2.69 -6.35 1.94
C LEU A 125 2.15 -7.76 2.05
N GLN A 126 1.04 -7.88 2.78
CA GLN A 126 0.32 -9.14 2.88
C GLN A 126 -0.07 -9.63 1.49
N LEU A 127 -0.58 -8.70 0.69
CA LEU A 127 -0.98 -8.99 -0.68
C LEU A 127 0.22 -9.43 -1.51
N LEU A 128 1.26 -8.63 -1.54
CA LEU A 128 2.45 -8.95 -2.33
C LEU A 128 3.08 -10.26 -1.88
N TYR A 129 3.00 -10.54 -0.59
CA TYR A 129 3.47 -11.83 -0.06
C TYR A 129 2.69 -12.98 -0.65
N THR A 130 1.37 -12.92 -0.54
CA THR A 130 0.52 -13.98 -1.08
C THR A 130 0.60 -14.04 -2.61
N ALA A 131 0.77 -12.88 -3.23
CA ALA A 131 0.91 -12.79 -4.68
C ALA A 131 2.26 -13.35 -5.12
N LYS A 132 3.23 -13.32 -4.22
CA LYS A 132 4.53 -13.88 -4.50
C LYS A 132 4.45 -15.40 -4.48
N GLU A 133 3.80 -15.92 -3.45
CA GLU A 133 3.62 -17.36 -3.28
C GLU A 133 2.75 -17.95 -4.39
N ALA A 134 1.56 -17.39 -4.54
CA ALA A 134 0.55 -17.93 -5.45
C ALA A 134 0.77 -17.48 -6.88
N GLY A 135 1.58 -16.44 -7.05
CA GLY A 135 1.71 -15.75 -8.33
C GLY A 135 1.93 -16.66 -9.52
N GLY A 136 0.84 -16.97 -10.23
CA GLY A 136 0.92 -17.82 -11.40
C GLY A 136 1.29 -19.23 -11.05
N ASN A 137 1.17 -19.55 -9.77
CA ASN A 137 1.55 -20.84 -9.24
C ASN A 137 0.45 -21.41 -8.35
N PRO A 138 -0.62 -21.93 -8.96
CA PRO A 138 -1.70 -22.59 -8.23
C PRO A 138 -1.29 -24.00 -7.83
N LYS A 139 -0.11 -24.41 -8.27
CA LYS A 139 0.39 -25.75 -8.04
C LYS A 139 0.98 -25.90 -6.65
N GLN A 140 2.02 -25.11 -6.36
CA GLN A 140 2.70 -25.20 -5.07
C GLN A 140 1.99 -24.35 -4.03
N ALA A 141 1.07 -23.52 -4.48
CA ALA A 141 0.31 -22.67 -3.57
C ALA A 141 -1.16 -23.06 -3.57
N ALA A 142 -1.61 -23.67 -2.48
CA ALA A 142 -3.01 -24.06 -2.34
C ALA A 142 -3.66 -23.27 -1.20
N HIS A 143 -3.04 -23.32 -0.03
CA HIS A 143 -3.49 -22.49 1.10
C HIS A 143 -3.36 -21.02 0.74
N THR A 144 -2.34 -20.72 -0.05
CA THR A 144 -2.04 -19.36 -0.45
C THR A 144 -3.15 -18.78 -1.29
N GLN A 145 -3.80 -19.63 -2.07
CA GLN A 145 -4.89 -19.20 -2.92
C GLN A 145 -6.04 -18.63 -2.09
N GLU A 146 -6.27 -19.24 -0.93
CA GLU A 146 -7.33 -18.79 -0.03
C GLU A 146 -6.93 -17.48 0.65
N ALA A 147 -5.66 -17.38 1.03
CA ALA A 147 -5.16 -16.20 1.72
C ALA A 147 -5.01 -15.03 0.75
N LEU A 148 -4.76 -15.34 -0.50
CA LEU A 148 -4.69 -14.33 -1.54
C LEU A 148 -6.02 -13.62 -1.67
N GLU A 149 -7.10 -14.34 -1.38
CA GLU A 149 -8.44 -13.79 -1.46
C GLU A 149 -8.71 -12.89 -0.26
N GLU A 150 -8.05 -13.18 0.84
CA GLU A 150 -8.16 -12.35 2.03
C GLU A 150 -7.35 -11.07 1.85
N ALA A 151 -6.11 -11.23 1.38
CA ALA A 151 -5.19 -10.11 1.20
C ALA A 151 -5.77 -9.05 0.26
N VAL A 152 -6.38 -9.49 -0.83
CA VAL A 152 -6.97 -8.56 -1.80
C VAL A 152 -8.11 -7.77 -1.16
N GLN A 153 -8.89 -8.43 -0.31
CA GLN A 153 -10.00 -7.78 0.37
C GLN A 153 -9.47 -6.83 1.45
N MET A 154 -8.36 -7.22 2.07
CA MET A 154 -7.71 -6.37 3.08
C MET A 154 -7.37 -5.01 2.49
N MET A 155 -6.75 -5.01 1.32
CA MET A 155 -6.44 -3.76 0.62
C MET A 155 -7.70 -3.05 0.23
N THR A 156 -8.59 -3.77 -0.43
CA THR A 156 -9.85 -3.22 -0.93
C THR A 156 -10.57 -2.40 0.14
N GLU A 157 -10.71 -2.97 1.33
CA GLU A 157 -11.39 -2.30 2.42
C GLU A 157 -10.58 -1.12 2.94
N ALA A 158 -9.26 -1.30 3.01
CA ALA A 158 -8.37 -0.28 3.55
C ALA A 158 -8.28 0.90 2.59
N VAL A 159 -8.46 0.60 1.31
CA VAL A 159 -8.51 1.62 0.28
C VAL A 159 -9.60 2.64 0.58
N GLU A 160 -10.82 2.15 0.77
CA GLU A 160 -11.94 3.03 1.08
C GLU A 160 -11.73 3.70 2.42
N ASP A 161 -11.06 2.99 3.31
CA ASP A 161 -10.84 3.44 4.68
C ASP A 161 -9.95 4.67 4.70
N LEU A 162 -8.81 4.58 4.01
CA LEU A 162 -7.86 5.68 3.93
C LEU A 162 -8.49 6.85 3.17
N THR A 163 -9.10 6.54 2.03
CA THR A 163 -9.77 7.53 1.20
C THR A 163 -10.76 8.38 2.01
N THR A 164 -11.48 7.73 2.94
CA THR A 164 -12.41 8.43 3.81
C THR A 164 -11.69 9.47 4.66
N THR A 165 -10.65 9.04 5.37
CA THR A 165 -9.88 9.96 6.21
C THR A 165 -9.33 11.12 5.39
N LEU A 166 -8.80 10.79 4.22
CA LEU A 166 -8.24 11.76 3.31
C LEU A 166 -9.28 12.78 2.85
N ASN A 167 -10.47 12.30 2.54
CA ASN A 167 -11.53 13.15 2.02
C ASN A 167 -12.24 13.93 3.11
N GLU A 168 -12.16 13.47 4.34
CA GLU A 168 -12.64 14.26 5.44
C GLU A 168 -11.61 15.35 5.69
N ALA A 169 -10.35 14.92 5.79
CA ALA A 169 -9.22 15.81 6.00
C ALA A 169 -9.08 16.83 4.87
N ALA A 170 -9.75 16.58 3.75
CA ALA A 170 -9.78 17.51 2.64
C ALA A 170 -10.22 18.88 3.14
N SER A 171 -11.27 18.90 3.95
CA SER A 171 -11.70 20.13 4.61
C SER A 171 -11.33 20.11 6.10
N ALA A 172 -11.29 18.90 6.67
CA ALA A 172 -11.03 18.71 8.09
C ALA A 172 -9.60 19.08 8.47
N ALA A 173 -8.68 18.94 7.53
CA ALA A 173 -7.28 19.23 7.79
C ALA A 173 -6.80 20.40 6.96
N GLY A 174 -6.03 21.27 7.59
CA GLY A 174 -5.49 22.42 6.89
C GLY A 174 -4.74 23.33 7.82
N GLY A 1 10.01 -27.55 5.19
CA GLY A 1 9.11 -26.40 4.95
C GLY A 1 8.63 -26.35 3.52
N ILE A 2 7.96 -25.27 3.15
CA ILE A 2 7.51 -25.08 1.79
C ILE A 2 7.48 -23.60 1.43
N ASP A 3 8.31 -23.23 0.45
CA ASP A 3 8.30 -21.88 -0.09
C ASP A 3 8.12 -21.94 -1.60
N PRO A 4 7.00 -21.41 -2.10
CA PRO A 4 6.66 -21.45 -3.52
C PRO A 4 7.42 -20.43 -4.35
N PHE A 5 8.10 -20.90 -5.39
CA PHE A 5 8.79 -20.00 -6.32
C PHE A 5 9.26 -20.78 -7.54
N THR A 6 8.63 -20.55 -8.69
CA THR A 6 9.01 -21.23 -9.92
C THR A 6 8.22 -20.70 -11.13
N ALA A 7 7.87 -19.42 -11.11
CA ALA A 7 7.08 -18.83 -12.18
C ALA A 7 7.45 -17.37 -12.42
N PRO A 8 7.03 -16.79 -13.56
CA PRO A 8 7.15 -15.35 -13.82
C PRO A 8 6.24 -14.55 -12.88
N GLY A 9 6.61 -13.30 -12.62
CA GLY A 9 5.86 -12.47 -11.69
C GLY A 9 6.25 -12.76 -10.25
N GLN A 10 6.42 -14.04 -9.97
CA GLN A 10 6.83 -14.54 -8.65
C GLN A 10 7.96 -13.69 -8.04
N LEU A 11 8.97 -13.39 -8.85
CA LEU A 11 10.14 -12.66 -8.37
C LEU A 11 9.84 -11.17 -8.22
N GLU A 12 9.05 -10.62 -9.15
CA GLU A 12 8.66 -9.22 -9.09
C GLU A 12 7.94 -8.93 -7.78
N CYS A 13 7.26 -9.93 -7.29
CA CYS A 13 6.54 -9.82 -6.04
C CYS A 13 7.50 -9.67 -4.88
N GLU A 14 8.59 -10.42 -4.90
CA GLU A 14 9.57 -10.40 -3.82
C GLU A 14 10.29 -9.06 -3.77
N THR A 15 10.72 -8.57 -4.93
CA THR A 15 11.45 -7.31 -4.99
C THR A 15 10.56 -6.13 -4.60
N ALA A 16 9.26 -6.27 -4.86
CA ALA A 16 8.30 -5.25 -4.47
C ALA A 16 8.09 -5.25 -2.97
N ILE A 17 8.12 -6.43 -2.37
CA ILE A 17 8.00 -6.58 -0.92
C ILE A 17 9.09 -5.77 -0.22
N ALA A 18 10.29 -5.79 -0.77
CA ALA A 18 11.42 -5.05 -0.20
C ALA A 18 11.15 -3.55 -0.24
N ALA A 19 10.51 -3.08 -1.29
CA ALA A 19 10.22 -1.66 -1.46
C ALA A 19 9.05 -1.25 -0.57
N LEU A 20 8.06 -2.13 -0.51
CA LEU A 20 6.88 -1.89 0.31
C LEU A 20 7.25 -1.94 1.79
N ASN A 21 8.20 -2.80 2.12
CA ASN A 21 8.70 -2.92 3.48
C ASN A 21 9.34 -1.61 3.89
N SER A 22 10.07 -1.02 2.95
CA SER A 22 10.72 0.27 3.16
C SER A 22 9.68 1.34 3.48
N CYS A 23 8.58 1.34 2.74
CA CYS A 23 7.52 2.33 2.94
C CYS A 23 6.81 2.07 4.25
N LEU A 24 6.61 0.80 4.57
CA LEU A 24 5.96 0.39 5.79
C LEU A 24 6.70 0.92 7.03
N ARG A 25 8.01 0.68 7.08
CA ARG A 25 8.79 1.12 8.21
C ARG A 25 8.97 2.63 8.23
N ASP A 26 8.98 3.25 7.05
CA ASP A 26 9.05 4.69 6.96
C ASP A 26 7.78 5.32 7.55
N LEU A 27 6.63 4.72 7.21
CA LEU A 27 5.35 5.14 7.76
C LEU A 27 5.30 4.90 9.27
N ASP A 28 5.81 3.75 9.68
CA ASP A 28 5.80 3.36 11.09
C ASP A 28 6.60 4.34 11.94
N GLN A 29 7.74 4.76 11.40
CA GLN A 29 8.59 5.71 12.09
C GLN A 29 8.03 7.12 12.00
N ALA A 30 7.31 7.40 10.92
CA ALA A 30 6.66 8.69 10.75
C ALA A 30 5.71 8.96 11.91
N SER A 31 4.90 7.97 12.25
CA SER A 31 3.99 8.07 13.38
C SER A 31 4.76 8.36 14.67
N LEU A 32 5.90 7.69 14.83
CA LEU A 32 6.72 7.84 16.01
C LEU A 32 7.38 9.22 16.06
N ALA A 33 7.74 9.74 14.89
CA ALA A 33 8.34 11.06 14.80
C ALA A 33 7.28 12.14 14.97
N ALA A 34 6.12 11.95 14.33
CA ALA A 34 5.05 12.93 14.36
C ALA A 34 4.46 13.10 15.76
N VAL A 35 4.40 12.00 16.51
CA VAL A 35 3.85 12.04 17.86
C VAL A 35 4.75 12.86 18.79
N SER A 36 6.04 12.86 18.50
CA SER A 36 6.99 13.67 19.27
C SER A 36 7.26 14.99 18.56
N GLN A 37 6.56 15.20 17.43
CA GLN A 37 6.68 16.41 16.63
C GLN A 37 8.11 16.62 16.13
N GLN A 38 8.82 15.52 15.92
CA GLN A 38 10.18 15.57 15.40
C GLN A 38 10.16 15.26 13.90
N LEU A 39 8.97 15.21 13.35
CA LEU A 39 8.78 14.91 11.93
C LEU A 39 8.76 16.20 11.13
N ALA A 40 9.68 16.30 10.18
CA ALA A 40 9.78 17.48 9.34
C ALA A 40 8.89 17.31 8.11
N PRO A 41 8.55 18.43 7.43
CA PRO A 41 7.75 18.41 6.20
C PRO A 41 8.27 17.39 5.18
N ARG A 42 7.33 16.76 4.49
CA ARG A 42 7.66 15.66 3.59
C ARG A 42 8.07 16.13 2.22
N GLU A 43 9.21 15.60 1.76
CA GLU A 43 9.77 15.85 0.44
C GLU A 43 9.48 17.28 -0.06
N GLY A 44 8.52 17.42 -0.96
CA GLY A 44 8.14 18.72 -1.46
C GLY A 44 6.72 18.72 -1.97
N ILE A 45 5.78 18.45 -1.07
CA ILE A 45 4.40 18.26 -1.46
C ILE A 45 3.45 19.02 -0.52
N SER A 46 2.48 19.71 -1.09
CA SER A 46 1.55 20.53 -0.33
C SER A 46 0.40 19.71 0.25
N GLN A 47 -0.31 20.28 1.22
CA GLN A 47 -1.32 19.57 2.00
C GLN A 47 -2.52 19.14 1.17
N GLU A 48 -3.08 20.08 0.40
CA GLU A 48 -4.21 19.77 -0.46
C GLU A 48 -3.78 18.83 -1.57
N ALA A 49 -2.58 19.07 -2.10
CA ALA A 49 -1.99 18.18 -3.09
C ALA A 49 -1.92 16.77 -2.56
N LEU A 50 -1.62 16.65 -1.27
CA LEU A 50 -1.59 15.36 -0.60
C LEU A 50 -2.97 14.71 -0.55
N HIS A 51 -3.98 15.50 -0.22
CA HIS A 51 -5.36 14.98 -0.17
C HIS A 51 -5.74 14.42 -1.52
N THR A 52 -5.40 15.16 -2.57
CA THR A 52 -5.67 14.74 -3.93
C THR A 52 -4.79 13.55 -4.32
N GLN A 53 -3.51 13.62 -3.95
CA GLN A 53 -2.54 12.59 -4.30
C GLN A 53 -2.94 11.25 -3.74
N MET A 54 -3.17 11.22 -2.43
CA MET A 54 -3.50 9.98 -1.74
C MET A 54 -4.80 9.41 -2.31
N LEU A 55 -5.80 10.27 -2.44
CA LEU A 55 -7.10 9.86 -2.99
C LEU A 55 -6.93 9.27 -4.40
N THR A 56 -6.04 9.83 -5.19
CA THR A 56 -5.79 9.33 -6.53
C THR A 56 -5.06 7.99 -6.50
N ALA A 57 -3.97 7.93 -5.75
CA ALA A 57 -3.14 6.73 -5.69
C ALA A 57 -3.92 5.55 -5.14
N VAL A 58 -4.74 5.78 -4.12
CA VAL A 58 -5.47 4.71 -3.45
C VAL A 58 -6.44 4.05 -4.42
N GLN A 59 -7.11 4.87 -5.22
CA GLN A 59 -8.02 4.36 -6.23
C GLN A 59 -7.26 3.61 -7.32
N GLU A 60 -6.13 4.18 -7.72
CA GLU A 60 -5.25 3.55 -8.70
C GLU A 60 -4.81 2.17 -8.23
N ILE A 61 -4.45 2.08 -6.95
CA ILE A 61 -4.09 0.82 -6.34
C ILE A 61 -5.26 -0.14 -6.40
N SER A 62 -6.40 0.28 -5.86
CA SER A 62 -7.62 -0.54 -5.82
C SER A 62 -7.92 -1.11 -7.21
N HIS A 63 -7.82 -0.25 -8.22
CA HIS A 63 -8.05 -0.63 -9.60
C HIS A 63 -7.18 -1.81 -10.00
N LEU A 64 -5.94 -1.82 -9.55
CA LEU A 64 -5.01 -2.87 -9.93
C LEU A 64 -5.00 -4.02 -8.92
N ILE A 65 -5.56 -3.80 -7.72
CA ILE A 65 -5.53 -4.83 -6.67
C ILE A 65 -6.29 -6.07 -7.14
N GLU A 66 -7.47 -5.87 -7.69
CA GLU A 66 -8.29 -6.99 -8.15
C GLU A 66 -7.59 -7.79 -9.27
N PRO A 67 -7.16 -7.13 -10.36
CA PRO A 67 -6.41 -7.81 -11.44
C PRO A 67 -5.08 -8.40 -10.94
N LEU A 68 -4.51 -7.84 -9.89
CA LEU A 68 -3.28 -8.38 -9.34
C LEU A 68 -3.57 -9.74 -8.72
N ALA A 69 -4.63 -9.82 -7.92
CA ALA A 69 -5.03 -11.07 -7.30
C ALA A 69 -5.37 -12.12 -8.36
N SER A 70 -6.04 -11.67 -9.42
CA SER A 70 -6.37 -12.54 -10.55
C SER A 70 -5.09 -13.05 -11.23
N ALA A 71 -4.13 -12.16 -11.40
CA ALA A 71 -2.88 -12.51 -12.07
C ALA A 71 -2.01 -13.37 -11.17
N ALA A 72 -1.94 -12.99 -9.90
CA ALA A 72 -1.10 -13.69 -8.93
C ALA A 72 -1.45 -15.17 -8.85
N ARG A 73 -2.73 -15.49 -9.00
CA ARG A 73 -3.17 -16.86 -8.87
C ARG A 73 -3.02 -17.64 -10.18
N ALA A 74 -2.76 -16.93 -11.28
CA ALA A 74 -2.73 -17.58 -12.58
C ALA A 74 -1.82 -16.85 -13.58
N GLU A 75 -2.20 -15.64 -13.97
CA GLU A 75 -1.48 -14.86 -14.98
C GLU A 75 -0.09 -14.46 -14.49
N ALA A 76 0.90 -15.27 -14.80
CA ALA A 76 2.26 -15.08 -14.30
C ALA A 76 2.95 -13.88 -14.94
N SER A 77 2.99 -13.86 -16.26
CA SER A 77 3.76 -12.86 -16.99
C SER A 77 3.09 -11.49 -16.93
N GLN A 78 1.83 -11.47 -16.54
CA GLN A 78 1.08 -10.22 -16.47
C GLN A 78 1.12 -9.68 -15.05
N LEU A 79 1.21 -10.61 -14.11
CA LEU A 79 1.25 -10.30 -12.69
C LEU A 79 2.38 -9.33 -12.35
N GLY A 80 3.55 -9.56 -12.95
CA GLY A 80 4.70 -8.69 -12.69
C GLY A 80 4.38 -7.22 -12.88
N HIS A 81 3.56 -6.93 -13.87
CA HIS A 81 3.09 -5.57 -14.13
C HIS A 81 2.34 -5.03 -12.92
N LYS A 82 1.35 -5.79 -12.45
CA LYS A 82 0.48 -5.34 -11.38
C LYS A 82 1.28 -5.05 -10.13
N VAL A 83 2.18 -5.97 -9.79
CA VAL A 83 2.96 -5.89 -8.58
C VAL A 83 3.80 -4.61 -8.54
N SER A 84 4.56 -4.37 -9.60
CA SER A 84 5.44 -3.22 -9.65
C SER A 84 4.62 -1.92 -9.64
N GLN A 85 3.44 -1.98 -10.25
CA GLN A 85 2.54 -0.82 -10.29
C GLN A 85 1.99 -0.51 -8.90
N MET A 86 1.62 -1.55 -8.16
CA MET A 86 1.04 -1.37 -6.83
C MET A 86 2.07 -0.79 -5.88
N ALA A 87 3.26 -1.36 -5.89
CA ALA A 87 4.34 -0.92 -4.99
C ALA A 87 4.77 0.50 -5.35
N GLN A 88 4.59 0.84 -6.62
CA GLN A 88 4.90 2.16 -7.14
C GLN A 88 4.01 3.22 -6.53
N TYR A 89 2.74 2.89 -6.27
CA TYR A 89 1.78 3.85 -5.73
C TYR A 89 1.94 4.02 -4.22
N PHE A 90 2.38 2.96 -3.56
CA PHE A 90 2.51 2.98 -2.11
C PHE A 90 3.65 3.88 -1.65
N GLU A 91 4.61 4.11 -2.52
CA GLU A 91 5.74 4.98 -2.20
C GLU A 91 5.26 6.44 -2.02
N PRO A 92 4.60 7.07 -3.02
CA PRO A 92 4.03 8.39 -2.86
C PRO A 92 3.03 8.44 -1.71
N LEU A 93 2.22 7.39 -1.56
CA LEU A 93 1.27 7.33 -0.45
C LEU A 93 1.97 7.49 0.88
N THR A 94 3.11 6.83 1.02
CA THR A 94 3.93 6.96 2.21
C THR A 94 4.38 8.42 2.40
N LEU A 95 5.04 9.00 1.39
CA LEU A 95 5.47 10.39 1.43
C LEU A 95 4.28 11.32 1.66
N ALA A 96 3.14 10.94 1.08
CA ALA A 96 1.93 11.73 1.18
C ALA A 96 1.32 11.66 2.58
N ALA A 97 1.22 10.45 3.13
CA ALA A 97 0.67 10.24 4.46
C ALA A 97 1.54 10.88 5.52
N VAL A 98 2.84 10.66 5.41
CA VAL A 98 3.79 11.28 6.33
C VAL A 98 3.78 12.80 6.13
N GLY A 99 3.43 13.21 4.92
CA GLY A 99 3.29 14.62 4.62
C GLY A 99 2.08 15.22 5.29
N ALA A 100 1.07 14.40 5.53
CA ALA A 100 -0.07 14.82 6.31
C ALA A 100 0.29 14.78 7.79
N ALA A 101 1.00 13.75 8.19
CA ALA A 101 1.46 13.61 9.56
C ALA A 101 2.24 14.84 10.02
N SER A 102 3.03 15.40 9.13
CA SER A 102 3.88 16.50 9.48
C SER A 102 3.14 17.83 9.51
N LYS A 103 2.45 18.13 8.43
CA LYS A 103 1.90 19.47 8.23
C LYS A 103 0.45 19.60 8.70
N THR A 104 -0.27 18.49 8.84
CA THR A 104 -1.68 18.54 9.21
C THR A 104 -1.86 18.85 10.69
N LEU A 105 -2.50 19.99 10.97
CA LEU A 105 -2.74 20.44 12.33
C LEU A 105 -3.83 19.61 12.99
N SER A 106 -4.78 19.13 12.18
CA SER A 106 -5.81 18.23 12.66
C SER A 106 -5.20 16.88 13.02
N HIS A 107 -4.75 16.76 14.26
CA HIS A 107 -3.99 15.60 14.72
C HIS A 107 -4.74 14.28 14.59
N PRO A 108 -6.04 14.20 14.98
CA PRO A 108 -6.83 12.98 14.84
C PRO A 108 -6.73 12.37 13.43
N GLN A 109 -6.97 13.19 12.41
CA GLN A 109 -6.95 12.72 11.03
C GLN A 109 -5.52 12.57 10.53
N GLN A 110 -4.65 13.45 10.99
CA GLN A 110 -3.23 13.40 10.69
C GLN A 110 -2.68 12.02 11.02
N MET A 111 -2.91 11.58 12.26
CA MET A 111 -2.46 10.28 12.71
C MET A 111 -3.25 9.16 12.06
N ALA A 112 -4.53 9.41 11.79
CA ALA A 112 -5.41 8.38 11.28
C ALA A 112 -4.99 7.96 9.87
N LEU A 113 -4.88 8.91 8.95
CA LEU A 113 -4.56 8.57 7.57
C LEU A 113 -3.11 8.09 7.49
N LEU A 114 -2.28 8.64 8.36
CA LEU A 114 -0.89 8.19 8.48
C LEU A 114 -0.84 6.71 8.81
N ASP A 115 -1.55 6.34 9.86
CA ASP A 115 -1.62 4.95 10.32
C ASP A 115 -2.32 4.08 9.29
N GLN A 116 -3.41 4.56 8.73
CA GLN A 116 -4.21 3.80 7.76
C GLN A 116 -3.42 3.52 6.48
N THR A 117 -2.59 4.47 6.05
CA THR A 117 -1.71 4.25 4.90
C THR A 117 -0.75 3.12 5.22
N LYS A 118 -0.27 3.12 6.44
CA LYS A 118 0.62 2.07 6.94
C LYS A 118 -0.12 0.74 7.04
N THR A 119 -1.34 0.79 7.56
CA THR A 119 -2.20 -0.39 7.62
C THR A 119 -2.45 -0.94 6.21
N LEU A 120 -2.68 -0.04 5.27
CA LEU A 120 -2.85 -0.42 3.87
C LEU A 120 -1.56 -1.02 3.32
N ALA A 121 -0.43 -0.47 3.77
CA ALA A 121 0.88 -0.99 3.38
C ALA A 121 1.07 -2.41 3.92
N GLU A 122 0.66 -2.64 5.16
CA GLU A 122 0.74 -3.97 5.76
C GLU A 122 -0.23 -4.92 5.06
N SER A 123 -1.38 -4.39 4.66
CA SER A 123 -2.35 -5.17 3.89
C SER A 123 -1.77 -5.51 2.52
N ALA A 124 -1.13 -4.54 1.89
CA ALA A 124 -0.50 -4.73 0.60
C ALA A 124 0.71 -5.64 0.71
N LEU A 125 1.39 -5.58 1.84
CA LEU A 125 2.55 -6.42 2.06
C LEU A 125 2.11 -7.88 2.12
N GLN A 126 1.05 -8.13 2.87
CA GLN A 126 0.44 -9.45 2.93
C GLN A 126 -0.06 -9.86 1.55
N LEU A 127 -0.56 -8.87 0.81
CA LEU A 127 -1.02 -9.09 -0.56
C LEU A 127 0.17 -9.47 -1.45
N LEU A 128 1.24 -8.68 -1.42
CA LEU A 128 2.42 -8.97 -2.22
C LEU A 128 3.07 -10.28 -1.77
N TYR A 129 2.95 -10.61 -0.49
CA TYR A 129 3.45 -11.88 0.04
C TYR A 129 2.72 -13.05 -0.60
N THR A 130 1.40 -13.04 -0.51
CA THR A 130 0.59 -14.11 -1.06
C THR A 130 0.68 -14.13 -2.59
N ALA A 131 0.73 -12.94 -3.18
CA ALA A 131 0.90 -12.80 -4.62
C ALA A 131 2.30 -13.27 -5.04
N LYS A 132 3.23 -13.24 -4.12
CA LYS A 132 4.58 -13.70 -4.39
C LYS A 132 4.60 -15.21 -4.49
N GLU A 133 4.07 -15.86 -3.48
CA GLU A 133 4.13 -17.30 -3.36
C GLU A 133 3.24 -18.00 -4.39
N ALA A 134 2.05 -17.46 -4.60
CA ALA A 134 1.12 -18.03 -5.58
C ALA A 134 1.44 -17.56 -6.99
N GLY A 135 2.24 -16.50 -7.06
CA GLY A 135 2.42 -15.71 -8.28
C GLY A 135 2.67 -16.52 -9.55
N GLY A 136 1.60 -16.69 -10.32
CA GLY A 136 1.71 -17.25 -11.65
C GLY A 136 1.81 -18.77 -11.64
N ASN A 137 1.83 -19.36 -10.47
CA ASN A 137 1.98 -20.80 -10.35
C ASN A 137 1.21 -21.32 -9.16
N PRO A 138 -0.10 -21.56 -9.35
CA PRO A 138 -1.02 -22.01 -8.31
C PRO A 138 -0.50 -23.20 -7.50
N LYS A 139 0.00 -24.22 -8.20
CA LYS A 139 0.26 -25.51 -7.57
C LYS A 139 1.52 -25.54 -6.72
N GLN A 140 2.24 -24.43 -6.62
CA GLN A 140 3.40 -24.38 -5.74
C GLN A 140 3.00 -23.76 -4.42
N ALA A 141 1.84 -23.11 -4.43
CA ALA A 141 1.34 -22.40 -3.25
C ALA A 141 0.06 -23.05 -2.72
N ALA A 142 -0.92 -23.21 -3.61
CA ALA A 142 -2.21 -23.84 -3.29
C ALA A 142 -2.98 -23.07 -2.22
N HIS A 143 -2.62 -23.28 -0.96
CA HIS A 143 -3.32 -22.64 0.16
C HIS A 143 -3.10 -21.13 0.14
N THR A 144 -2.03 -20.72 -0.50
CA THR A 144 -1.69 -19.31 -0.63
C THR A 144 -2.75 -18.60 -1.48
N GLN A 145 -3.34 -19.33 -2.40
CA GLN A 145 -4.33 -18.76 -3.31
C GLN A 145 -5.58 -18.37 -2.55
N GLU A 146 -5.95 -19.16 -1.54
CA GLU A 146 -7.12 -18.89 -0.73
C GLU A 146 -6.87 -17.67 0.16
N ALA A 147 -5.68 -17.60 0.72
CA ALA A 147 -5.30 -16.48 1.58
C ALA A 147 -5.11 -15.21 0.75
N LEU A 148 -4.75 -15.39 -0.51
CA LEU A 148 -4.63 -14.29 -1.46
C LEU A 148 -5.98 -13.60 -1.64
N GLU A 149 -7.06 -14.37 -1.49
CA GLU A 149 -8.39 -13.82 -1.65
C GLU A 149 -8.79 -12.99 -0.43
N GLU A 150 -8.21 -13.34 0.71
CA GLU A 150 -8.41 -12.55 1.91
C GLU A 150 -7.60 -11.26 1.84
N ALA A 151 -6.37 -11.38 1.33
CA ALA A 151 -5.47 -10.24 1.22
C ALA A 151 -6.03 -9.15 0.30
N VAL A 152 -6.59 -9.56 -0.83
CA VAL A 152 -7.17 -8.62 -1.78
C VAL A 152 -8.34 -7.85 -1.14
N GLN A 153 -9.09 -8.53 -0.29
CA GLN A 153 -10.21 -7.90 0.40
C GLN A 153 -9.71 -6.97 1.51
N MET A 154 -8.60 -7.35 2.13
CA MET A 154 -8.01 -6.53 3.19
C MET A 154 -7.60 -5.17 2.65
N MET A 155 -7.13 -5.14 1.40
CA MET A 155 -6.75 -3.89 0.78
C MET A 155 -7.95 -3.00 0.53
N THR A 156 -8.99 -3.54 -0.12
CA THR A 156 -10.16 -2.73 -0.45
C THR A 156 -10.80 -2.16 0.82
N GLU A 157 -10.66 -2.89 1.94
CA GLU A 157 -11.12 -2.41 3.22
C GLU A 157 -10.40 -1.11 3.60
N ALA A 158 -9.08 -1.16 3.58
CA ALA A 158 -8.27 0.00 3.93
C ALA A 158 -8.36 1.09 2.86
N VAL A 159 -8.61 0.68 1.63
CA VAL A 159 -8.76 1.60 0.51
C VAL A 159 -9.90 2.59 0.74
N GLU A 160 -11.09 2.07 1.00
CA GLU A 160 -12.24 2.93 1.30
C GLU A 160 -12.04 3.65 2.63
N ASP A 161 -11.31 3.00 3.55
CA ASP A 161 -11.09 3.54 4.88
C ASP A 161 -10.19 4.78 4.83
N LEU A 162 -9.04 4.63 4.19
CA LEU A 162 -8.09 5.74 4.07
C LEU A 162 -8.70 6.88 3.28
N THR A 163 -9.38 6.52 2.19
CA THR A 163 -9.99 7.51 1.30
C THR A 163 -10.96 8.43 2.05
N THR A 164 -11.69 7.88 3.02
CA THR A 164 -12.60 8.68 3.83
C THR A 164 -11.83 9.75 4.61
N THR A 165 -10.77 9.33 5.30
CA THR A 165 -9.95 10.25 6.08
C THR A 165 -9.37 11.33 5.18
N LEU A 166 -9.00 10.94 3.97
CA LEU A 166 -8.42 11.83 2.99
C LEU A 166 -9.43 12.85 2.49
N ASN A 167 -10.60 12.38 2.11
CA ASN A 167 -11.62 13.23 1.50
C ASN A 167 -12.20 14.21 2.51
N GLU A 168 -12.26 13.82 3.77
CA GLU A 168 -12.69 14.72 4.81
C GLU A 168 -11.60 15.74 5.05
N ALA A 169 -10.36 15.25 5.09
CA ALA A 169 -9.19 16.08 5.34
C ALA A 169 -9.08 17.25 4.37
N ALA A 170 -9.73 17.14 3.22
CA ALA A 170 -9.76 18.23 2.25
C ALA A 170 -10.19 19.54 2.93
N SER A 171 -11.29 19.47 3.67
CA SER A 171 -11.78 20.62 4.41
C SER A 171 -11.50 20.47 5.91
N ALA A 172 -11.40 19.22 6.36
CA ALA A 172 -11.31 18.91 7.79
C ALA A 172 -9.87 18.98 8.30
N ALA A 173 -8.90 18.68 7.45
CA ALA A 173 -7.51 18.61 7.88
C ALA A 173 -6.56 19.21 6.84
N GLY A 174 -6.43 20.52 6.87
CA GLY A 174 -5.55 21.20 5.94
C GLY A 174 -5.08 22.52 6.49
N GLY A 1 10.48 -28.41 3.69
CA GLY A 1 9.93 -27.72 2.50
C GLY A 1 9.58 -26.28 2.79
N ILE A 2 10.41 -25.37 2.30
CA ILE A 2 10.19 -23.94 2.53
C ILE A 2 9.17 -23.40 1.53
N ASP A 3 8.68 -22.20 1.79
CA ASP A 3 7.68 -21.58 0.93
C ASP A 3 8.10 -20.16 0.54
N PRO A 4 9.02 -20.04 -0.42
CA PRO A 4 9.50 -18.75 -0.90
C PRO A 4 8.80 -18.29 -2.17
N PHE A 5 9.25 -18.81 -3.32
CA PHE A 5 8.70 -18.43 -4.62
C PHE A 5 9.24 -19.39 -5.68
N THR A 6 8.40 -19.75 -6.65
CA THR A 6 8.78 -20.77 -7.63
C THR A 6 8.12 -20.57 -9.00
N ALA A 7 7.89 -19.32 -9.39
CA ALA A 7 7.24 -19.06 -10.69
C ALA A 7 7.65 -17.71 -11.25
N PRO A 8 7.39 -17.48 -12.55
CA PRO A 8 7.65 -16.18 -13.20
C PRO A 8 6.81 -15.06 -12.60
N GLY A 9 7.43 -13.91 -12.41
CA GLY A 9 6.74 -12.79 -11.80
C GLY A 9 7.12 -12.63 -10.34
N GLN A 10 7.51 -13.73 -9.73
CA GLN A 10 7.89 -13.77 -8.33
C GLN A 10 9.08 -12.85 -8.05
N LEU A 11 9.92 -12.63 -9.06
CA LEU A 11 11.04 -11.71 -8.92
C LEU A 11 10.54 -10.30 -8.62
N GLU A 12 9.55 -9.86 -9.40
CA GLU A 12 8.96 -8.55 -9.23
C GLU A 12 8.30 -8.45 -7.86
N CYS A 13 7.72 -9.56 -7.44
CA CYS A 13 7.04 -9.63 -6.14
C CYS A 13 8.05 -9.42 -5.01
N GLU A 14 9.13 -10.18 -5.06
CA GLU A 14 10.15 -10.13 -4.01
C GLU A 14 10.79 -8.74 -3.93
N THR A 15 11.17 -8.18 -5.08
CA THR A 15 11.85 -6.90 -5.09
C THR A 15 10.90 -5.78 -4.68
N ALA A 16 9.62 -5.90 -5.02
CA ALA A 16 8.62 -4.91 -4.63
C ALA A 16 8.35 -5.00 -3.14
N ILE A 17 8.35 -6.22 -2.61
CA ILE A 17 8.17 -6.43 -1.18
C ILE A 17 9.25 -5.69 -0.40
N ALA A 18 10.46 -5.69 -0.91
CA ALA A 18 11.57 -4.98 -0.27
C ALA A 18 11.34 -3.48 -0.29
N ALA A 19 10.76 -2.97 -1.36
CA ALA A 19 10.52 -1.54 -1.51
C ALA A 19 9.31 -1.12 -0.68
N LEU A 20 8.29 -1.94 -0.71
CA LEU A 20 7.08 -1.70 0.05
C LEU A 20 7.36 -1.78 1.54
N ASN A 21 8.26 -2.68 1.91
CA ASN A 21 8.67 -2.84 3.30
C ASN A 21 9.38 -1.58 3.76
N SER A 22 10.20 -1.02 2.87
CA SER A 22 10.91 0.22 3.13
C SER A 22 9.93 1.34 3.45
N CYS A 23 8.81 1.39 2.72
CA CYS A 23 7.79 2.41 2.93
C CYS A 23 7.02 2.12 4.21
N LEU A 24 6.71 0.84 4.41
CA LEU A 24 5.99 0.40 5.59
C LEU A 24 6.72 0.79 6.87
N ARG A 25 8.03 0.54 6.88
CA ARG A 25 8.84 0.84 8.05
C ARG A 25 8.95 2.34 8.29
N ASP A 26 9.01 3.12 7.21
CA ASP A 26 9.12 4.57 7.33
C ASP A 26 7.81 5.14 7.84
N LEU A 27 6.70 4.55 7.41
CA LEU A 27 5.38 4.94 7.88
C LEU A 27 5.26 4.75 9.38
N ASP A 28 5.82 3.64 9.88
CA ASP A 28 5.79 3.34 11.30
C ASP A 28 6.58 4.37 12.07
N GLN A 29 7.76 4.70 11.56
CA GLN A 29 8.63 5.67 12.21
C GLN A 29 8.03 7.07 12.11
N ALA A 30 7.26 7.32 11.06
CA ALA A 30 6.57 8.59 10.90
C ALA A 30 5.66 8.86 12.09
N SER A 31 4.87 7.85 12.47
CA SER A 31 3.98 7.95 13.61
C SER A 31 4.77 8.27 14.89
N LEU A 32 5.86 7.54 15.09
CA LEU A 32 6.70 7.72 16.28
C LEU A 32 7.33 9.11 16.32
N ALA A 33 7.65 9.65 15.15
CA ALA A 33 8.22 10.97 15.05
C ALA A 33 7.15 12.05 15.20
N ALA A 34 6.01 11.84 14.56
CA ALA A 34 4.90 12.79 14.59
C ALA A 34 4.34 12.94 16.00
N VAL A 35 4.25 11.82 16.71
CA VAL A 35 3.73 11.82 18.07
C VAL A 35 4.68 12.56 19.02
N SER A 36 5.91 12.77 18.56
CA SER A 36 6.92 13.45 19.36
C SER A 36 7.24 14.83 18.77
N GLN A 37 6.52 15.20 17.70
CA GLN A 37 6.75 16.46 16.99
C GLN A 37 8.17 16.56 16.45
N GLN A 38 8.70 15.45 15.98
CA GLN A 38 10.06 15.42 15.42
C GLN A 38 10.06 14.86 14.01
N LEU A 39 8.90 14.84 13.38
CA LEU A 39 8.77 14.23 12.05
C LEU A 39 9.27 15.19 10.96
N ALA A 40 9.93 14.63 9.96
CA ALA A 40 10.38 15.40 8.80
C ALA A 40 9.17 15.92 8.02
N PRO A 41 9.37 16.95 7.18
CA PRO A 41 8.28 17.55 6.39
C PRO A 41 7.73 16.62 5.31
N ARG A 42 6.71 17.09 4.59
CA ARG A 42 6.11 16.33 3.50
C ARG A 42 7.08 16.13 2.34
N GLU A 43 6.60 15.45 1.29
CA GLU A 43 7.42 15.15 0.13
C GLU A 43 7.71 16.41 -0.69
N GLY A 44 6.82 17.38 -0.63
CA GLY A 44 7.07 18.67 -1.25
C GLY A 44 5.81 19.38 -1.70
N ILE A 45 4.65 18.77 -1.49
CA ILE A 45 3.41 19.33 -1.96
C ILE A 45 2.64 20.00 -0.82
N SER A 46 1.59 20.76 -1.15
CA SER A 46 0.81 21.50 -0.16
C SER A 46 -0.27 20.61 0.47
N GLN A 47 -1.02 21.19 1.41
CA GLN A 47 -1.96 20.44 2.24
C GLN A 47 -3.10 19.83 1.42
N GLU A 48 -3.80 20.66 0.67
CA GLU A 48 -4.94 20.21 -0.13
C GLU A 48 -4.47 19.29 -1.24
N ALA A 49 -3.29 19.56 -1.77
CA ALA A 49 -2.71 18.74 -2.82
C ALA A 49 -2.44 17.34 -2.29
N LEU A 50 -1.99 17.25 -1.04
CA LEU A 50 -1.79 15.97 -0.37
C LEU A 50 -3.08 15.17 -0.31
N HIS A 51 -4.17 15.86 0.02
CA HIS A 51 -5.49 15.22 0.14
C HIS A 51 -5.82 14.49 -1.15
N THR A 52 -5.62 15.18 -2.26
CA THR A 52 -5.93 14.64 -3.57
C THR A 52 -4.83 13.66 -4.04
N GLN A 53 -3.58 13.93 -3.66
CA GLN A 53 -2.44 13.11 -4.07
C GLN A 53 -2.64 11.67 -3.61
N MET A 54 -2.84 11.50 -2.32
CA MET A 54 -3.04 10.18 -1.74
C MET A 54 -4.30 9.54 -2.31
N LEU A 55 -5.37 10.33 -2.32
CA LEU A 55 -6.67 9.91 -2.85
C LEU A 55 -6.53 9.35 -4.26
N THR A 56 -5.79 10.03 -5.12
CA THR A 56 -5.63 9.61 -6.51
C THR A 56 -4.81 8.32 -6.61
N ALA A 57 -3.75 8.23 -5.81
CA ALA A 57 -2.90 7.05 -5.83
C ALA A 57 -3.67 5.82 -5.39
N VAL A 58 -4.41 5.95 -4.31
CA VAL A 58 -5.18 4.84 -3.74
C VAL A 58 -6.16 4.27 -4.76
N GLN A 59 -6.78 5.16 -5.55
CA GLN A 59 -7.72 4.74 -6.58
C GLN A 59 -7.06 3.81 -7.59
N GLU A 60 -5.88 4.22 -8.07
CA GLU A 60 -5.16 3.42 -9.06
C GLU A 60 -4.64 2.12 -8.45
N ILE A 61 -4.37 2.15 -7.15
CA ILE A 61 -4.02 0.94 -6.43
C ILE A 61 -5.21 -0.02 -6.49
N SER A 62 -6.37 0.46 -6.05
CA SER A 62 -7.59 -0.32 -6.07
C SER A 62 -7.88 -0.83 -7.48
N HIS A 63 -7.64 0.04 -8.46
CA HIS A 63 -7.83 -0.28 -9.87
C HIS A 63 -7.13 -1.59 -10.24
N LEU A 64 -5.90 -1.75 -9.78
CA LEU A 64 -5.13 -2.94 -10.12
C LEU A 64 -5.30 -4.05 -9.07
N ILE A 65 -5.85 -3.71 -7.91
CA ILE A 65 -6.00 -4.68 -6.81
C ILE A 65 -6.89 -5.85 -7.22
N GLU A 66 -8.05 -5.55 -7.80
CA GLU A 66 -8.96 -6.61 -8.25
C GLU A 66 -8.29 -7.54 -9.28
N PRO A 67 -7.77 -7.01 -10.40
CA PRO A 67 -7.12 -7.82 -11.44
C PRO A 67 -5.89 -8.56 -10.92
N LEU A 68 -5.15 -7.94 -9.99
CA LEU A 68 -3.94 -8.56 -9.45
C LEU A 68 -4.29 -9.84 -8.72
N ALA A 69 -5.40 -9.84 -7.99
CA ALA A 69 -5.81 -11.02 -7.24
C ALA A 69 -6.08 -12.17 -8.20
N SER A 70 -6.73 -11.85 -9.30
CA SER A 70 -7.04 -12.82 -10.33
C SER A 70 -5.77 -13.35 -11.00
N ALA A 71 -4.84 -12.43 -11.28
CA ALA A 71 -3.61 -12.76 -11.95
C ALA A 71 -2.63 -13.50 -11.03
N ALA A 72 -2.50 -13.01 -9.81
CA ALA A 72 -1.52 -13.54 -8.87
C ALA A 72 -1.73 -15.02 -8.62
N ARG A 73 -2.98 -15.46 -8.59
CA ARG A 73 -3.27 -16.85 -8.25
C ARG A 73 -3.10 -17.79 -9.45
N ALA A 74 -2.99 -17.23 -10.66
CA ALA A 74 -2.93 -18.07 -11.85
C ALA A 74 -2.11 -17.45 -13.00
N GLU A 75 -2.46 -16.23 -13.40
CA GLU A 75 -1.76 -15.55 -14.50
C GLU A 75 -0.35 -15.11 -14.08
N ALA A 76 0.62 -16.00 -14.26
CA ALA A 76 2.00 -15.74 -13.86
C ALA A 76 2.63 -14.65 -14.72
N SER A 77 2.30 -14.62 -16.00
CA SER A 77 2.95 -13.73 -16.95
C SER A 77 2.48 -12.28 -16.79
N GLN A 78 1.30 -12.09 -16.23
CA GLN A 78 0.73 -10.75 -16.09
C GLN A 78 0.99 -10.20 -14.70
N LEU A 79 1.20 -11.12 -13.77
CA LEU A 79 1.31 -10.81 -12.35
C LEU A 79 2.41 -9.80 -12.03
N GLY A 80 3.61 -10.06 -12.50
CA GLY A 80 4.75 -9.20 -12.20
C GLY A 80 4.50 -7.76 -12.59
N HIS A 81 3.78 -7.57 -13.68
CA HIS A 81 3.46 -6.24 -14.18
C HIS A 81 2.48 -5.52 -13.24
N LYS A 82 1.65 -6.31 -12.55
CA LYS A 82 0.72 -5.76 -11.57
C LYS A 82 1.48 -5.29 -10.33
N VAL A 83 2.34 -6.17 -9.84
CA VAL A 83 3.10 -5.94 -8.61
C VAL A 83 3.92 -4.66 -8.72
N SER A 84 4.59 -4.49 -9.85
CA SER A 84 5.43 -3.33 -10.08
C SER A 84 4.58 -2.05 -10.02
N GLN A 85 3.35 -2.14 -10.53
CA GLN A 85 2.43 -1.01 -10.49
C GLN A 85 2.01 -0.70 -9.06
N MET A 86 1.55 -1.72 -8.35
CA MET A 86 1.03 -1.53 -7.00
C MET A 86 2.08 -0.89 -6.09
N ALA A 87 3.31 -1.37 -6.22
CA ALA A 87 4.40 -0.90 -5.37
C ALA A 87 4.77 0.55 -5.69
N GLN A 88 4.53 0.95 -6.93
CA GLN A 88 4.93 2.28 -7.37
C GLN A 88 4.00 3.35 -6.80
N TYR A 89 2.72 3.00 -6.61
CA TYR A 89 1.75 3.95 -6.07
C TYR A 89 1.95 4.15 -4.57
N PHE A 90 2.43 3.10 -3.90
CA PHE A 90 2.64 3.16 -2.47
C PHE A 90 3.84 4.02 -2.09
N GLU A 91 4.76 4.20 -3.03
CA GLU A 91 5.93 5.04 -2.80
C GLU A 91 5.51 6.48 -2.42
N PRO A 92 4.74 7.19 -3.28
CA PRO A 92 4.24 8.52 -2.93
C PRO A 92 3.21 8.48 -1.81
N LEU A 93 2.37 7.44 -1.81
CA LEU A 93 1.33 7.30 -0.79
C LEU A 93 1.94 7.40 0.61
N THR A 94 2.99 6.62 0.83
CA THR A 94 3.73 6.65 2.08
C THR A 94 4.25 8.07 2.38
N LEU A 95 4.95 8.66 1.42
CA LEU A 95 5.57 9.97 1.62
C LEU A 95 4.52 11.06 1.85
N ALA A 96 3.42 10.94 1.12
CA ALA A 96 2.31 11.88 1.25
C ALA A 96 1.65 11.73 2.61
N ALA A 97 1.53 10.48 3.07
CA ALA A 97 0.95 10.19 4.37
C ALA A 97 1.83 10.74 5.49
N VAL A 98 3.15 10.51 5.37
CA VAL A 98 4.10 11.05 6.34
C VAL A 98 4.04 12.57 6.32
N GLY A 99 3.84 13.12 5.12
CA GLY A 99 3.67 14.54 4.97
C GLY A 99 2.46 15.05 5.73
N ALA A 100 1.33 14.38 5.54
CA ALA A 100 0.09 14.70 6.26
C ALA A 100 0.32 14.72 7.76
N ALA A 101 0.97 13.68 8.27
CA ALA A 101 1.28 13.59 9.69
C ALA A 101 2.09 14.79 10.16
N SER A 102 2.94 15.29 9.30
CA SER A 102 3.89 16.31 9.68
C SER A 102 3.25 17.71 9.67
N LYS A 103 2.54 18.01 8.59
CA LYS A 103 1.98 19.35 8.41
C LYS A 103 0.56 19.48 8.96
N THR A 104 -0.21 18.40 8.87
CA THR A 104 -1.58 18.41 9.35
C THR A 104 -1.63 18.29 10.86
N LEU A 105 -2.30 19.23 11.50
CA LEU A 105 -2.49 19.20 12.93
C LEU A 105 -3.97 19.40 13.25
N SER A 106 -4.80 19.14 12.27
CA SER A 106 -6.24 19.34 12.41
C SER A 106 -6.92 18.03 12.76
N HIS A 107 -7.30 17.88 14.04
CA HIS A 107 -7.93 16.66 14.53
C HIS A 107 -7.00 15.46 14.38
N PRO A 108 -7.40 14.25 14.85
CA PRO A 108 -6.62 13.02 14.65
C PRO A 108 -6.63 12.54 13.19
N GLN A 109 -6.85 13.47 12.26
CA GLN A 109 -6.95 13.15 10.84
C GLN A 109 -5.62 12.64 10.30
N GLN A 110 -4.54 13.36 10.59
CA GLN A 110 -3.22 13.00 10.09
C GLN A 110 -2.78 11.67 10.68
N MET A 111 -3.01 11.49 11.98
CA MET A 111 -2.65 10.25 12.65
C MET A 111 -3.42 9.08 12.08
N ALA A 112 -4.70 9.31 11.80
CA ALA A 112 -5.55 8.26 11.28
C ALA A 112 -5.10 7.83 9.89
N LEU A 113 -4.96 8.79 8.97
CA LEU A 113 -4.61 8.44 7.60
C LEU A 113 -3.17 7.93 7.53
N LEU A 114 -2.33 8.44 8.41
CA LEU A 114 -0.94 7.98 8.51
C LEU A 114 -0.91 6.48 8.83
N ASP A 115 -1.60 6.12 9.89
CA ASP A 115 -1.63 4.73 10.35
C ASP A 115 -2.40 3.86 9.36
N GLN A 116 -3.46 4.43 8.77
CA GLN A 116 -4.26 3.71 7.78
C GLN A 116 -3.48 3.47 6.49
N THR A 117 -2.64 4.44 6.09
CA THR A 117 -1.76 4.24 4.93
C THR A 117 -0.82 3.08 5.21
N LYS A 118 -0.28 3.05 6.41
CA LYS A 118 0.57 1.98 6.86
C LYS A 118 -0.20 0.67 6.91
N THR A 119 -1.43 0.75 7.39
CA THR A 119 -2.34 -0.40 7.39
C THR A 119 -2.52 -0.93 5.97
N LEU A 120 -2.81 -0.04 5.03
CA LEU A 120 -2.97 -0.40 3.63
C LEU A 120 -1.64 -0.95 3.07
N ALA A 121 -0.54 -0.38 3.53
CA ALA A 121 0.79 -0.86 3.14
C ALA A 121 1.04 -2.26 3.67
N GLU A 122 0.58 -2.53 4.89
CA GLU A 122 0.68 -3.87 5.46
C GLU A 122 -0.22 -4.84 4.69
N SER A 123 -1.40 -4.36 4.33
CA SER A 123 -2.31 -5.15 3.51
C SER A 123 -1.69 -5.42 2.15
N ALA A 124 -1.04 -4.41 1.58
CA ALA A 124 -0.36 -4.54 0.31
C ALA A 124 0.84 -5.47 0.42
N LEU A 125 1.56 -5.38 1.53
CA LEU A 125 2.70 -6.24 1.76
C LEU A 125 2.24 -7.68 1.90
N GLN A 126 1.13 -7.87 2.59
CA GLN A 126 0.53 -9.19 2.72
C GLN A 126 0.07 -9.67 1.35
N LEU A 127 -0.41 -8.74 0.56
CA LEU A 127 -0.84 -9.01 -0.80
C LEU A 127 0.37 -9.42 -1.66
N LEU A 128 1.41 -8.58 -1.68
CA LEU A 128 2.60 -8.90 -2.46
C LEU A 128 3.25 -10.18 -1.97
N TYR A 129 3.17 -10.44 -0.66
CA TYR A 129 3.67 -11.68 -0.10
C TYR A 129 2.91 -12.88 -0.66
N THR A 130 1.58 -12.84 -0.53
CA THR A 130 0.75 -13.94 -1.02
C THR A 130 0.84 -14.05 -2.55
N ALA A 131 1.06 -12.92 -3.21
CA ALA A 131 1.26 -12.90 -4.65
C ALA A 131 2.56 -13.60 -5.04
N LYS A 132 3.49 -13.67 -4.09
CA LYS A 132 4.78 -14.31 -4.36
C LYS A 132 4.67 -15.83 -4.24
N GLU A 133 3.95 -16.30 -3.23
CA GLU A 133 3.76 -17.73 -3.07
C GLU A 133 2.74 -18.28 -4.08
N ALA A 134 1.65 -17.55 -4.26
CA ALA A 134 0.57 -18.00 -5.15
C ALA A 134 0.87 -17.68 -6.60
N GLY A 135 1.83 -16.78 -6.82
CA GLY A 135 2.07 -16.17 -8.13
C GLY A 135 2.14 -17.16 -9.27
N GLY A 136 1.02 -17.33 -9.95
CA GLY A 136 0.96 -18.17 -11.14
C GLY A 136 1.31 -19.62 -10.86
N ASN A 137 1.30 -19.99 -9.58
CA ASN A 137 1.70 -21.31 -9.18
C ASN A 137 0.90 -21.75 -7.95
N PRO A 138 -0.28 -22.34 -8.18
CA PRO A 138 -1.17 -22.79 -7.10
C PRO A 138 -0.51 -23.81 -6.17
N LYS A 139 0.47 -24.52 -6.71
CA LYS A 139 1.16 -25.59 -6.01
C LYS A 139 1.83 -25.10 -4.73
N GLN A 140 2.60 -24.01 -4.83
CA GLN A 140 3.32 -23.48 -3.67
C GLN A 140 2.38 -22.69 -2.78
N ALA A 141 1.24 -22.31 -3.34
CA ALA A 141 0.28 -21.48 -2.64
C ALA A 141 -0.57 -22.31 -1.67
N ALA A 142 -1.45 -23.14 -2.23
CA ALA A 142 -2.43 -23.90 -1.45
C ALA A 142 -3.28 -22.97 -0.58
N HIS A 143 -2.83 -22.74 0.65
CA HIS A 143 -3.54 -21.85 1.56
C HIS A 143 -3.30 -20.39 1.17
N THR A 144 -2.21 -20.16 0.45
CA THR A 144 -1.89 -18.84 -0.06
C THR A 144 -2.95 -18.40 -1.07
N GLN A 145 -3.50 -19.38 -1.79
CA GLN A 145 -4.58 -19.13 -2.72
C GLN A 145 -5.77 -18.53 -1.98
N GLU A 146 -6.08 -19.11 -0.83
CA GLU A 146 -7.18 -18.66 0.00
C GLU A 146 -6.87 -17.30 0.63
N ALA A 147 -5.64 -17.16 1.11
CA ALA A 147 -5.23 -15.95 1.80
C ALA A 147 -5.07 -14.78 0.84
N LEU A 148 -4.75 -15.09 -0.41
CA LEU A 148 -4.67 -14.07 -1.45
C LEU A 148 -6.03 -13.43 -1.65
N GLU A 149 -7.08 -14.20 -1.39
CA GLU A 149 -8.44 -13.71 -1.52
C GLU A 149 -8.79 -12.81 -0.35
N GLU A 150 -8.19 -13.10 0.79
CA GLU A 150 -8.36 -12.26 1.97
C GLU A 150 -7.60 -10.95 1.79
N ALA A 151 -6.39 -11.06 1.27
CA ALA A 151 -5.51 -9.91 1.08
C ALA A 151 -6.12 -8.88 0.13
N VAL A 152 -6.69 -9.34 -0.98
CA VAL A 152 -7.32 -8.43 -1.93
C VAL A 152 -8.47 -7.68 -1.27
N GLN A 153 -9.22 -8.37 -0.43
CA GLN A 153 -10.33 -7.75 0.30
C GLN A 153 -9.81 -6.73 1.30
N MET A 154 -8.74 -7.10 1.99
CA MET A 154 -8.11 -6.21 2.97
C MET A 154 -7.73 -4.88 2.34
N MET A 155 -7.10 -4.94 1.16
CA MET A 155 -6.71 -3.73 0.46
C MET A 155 -7.92 -2.95 0.00
N THR A 156 -8.82 -3.61 -0.71
CA THR A 156 -10.00 -2.96 -1.26
C THR A 156 -10.78 -2.23 -0.15
N GLU A 157 -10.93 -2.88 1.00
CA GLU A 157 -11.61 -2.31 2.13
C GLU A 157 -10.85 -1.10 2.65
N ALA A 158 -9.53 -1.22 2.68
CA ALA A 158 -8.67 -0.18 3.23
C ALA A 158 -8.51 0.98 2.24
N VAL A 159 -8.66 0.67 0.97
CA VAL A 159 -8.65 1.67 -0.09
C VAL A 159 -9.67 2.76 0.19
N GLU A 160 -10.91 2.36 0.39
CA GLU A 160 -11.97 3.29 0.70
C GLU A 160 -11.81 3.83 2.11
N ASP A 161 -11.20 3.01 2.96
CA ASP A 161 -10.99 3.36 4.36
C ASP A 161 -10.08 4.58 4.49
N LEU A 162 -8.91 4.50 3.88
CA LEU A 162 -7.97 5.62 3.88
C LEU A 162 -8.55 6.81 3.14
N THR A 163 -9.15 6.52 1.99
CA THR A 163 -9.77 7.55 1.16
C THR A 163 -10.78 8.38 1.95
N THR A 164 -11.52 7.73 2.83
CA THR A 164 -12.47 8.43 3.69
C THR A 164 -11.78 9.48 4.55
N THR A 165 -10.71 9.08 5.24
CA THR A 165 -9.97 10.01 6.09
C THR A 165 -9.37 11.15 5.28
N LEU A 166 -9.00 10.84 4.04
CA LEU A 166 -8.43 11.82 3.14
C LEU A 166 -9.49 12.80 2.63
N ASN A 167 -10.65 12.29 2.28
CA ASN A 167 -11.73 13.11 1.77
C ASN A 167 -12.37 13.93 2.88
N GLU A 168 -12.29 13.43 4.11
CA GLU A 168 -12.71 14.20 5.27
C GLU A 168 -11.70 15.31 5.49
N ALA A 169 -10.43 14.96 5.30
CA ALA A 169 -9.32 15.87 5.53
C ALA A 169 -9.41 17.14 4.69
N ALA A 170 -10.27 17.13 3.67
CA ALA A 170 -10.52 18.33 2.89
C ALA A 170 -10.96 19.49 3.79
N SER A 171 -11.93 19.22 4.64
CA SER A 171 -12.40 20.21 5.60
C SER A 171 -11.89 19.88 7.01
N ALA A 172 -11.68 18.59 7.27
CA ALA A 172 -11.28 18.11 8.60
C ALA A 172 -9.80 18.34 8.87
N ALA A 173 -9.03 18.57 7.82
CA ALA A 173 -7.57 18.71 7.95
C ALA A 173 -7.00 19.50 6.78
N GLY A 174 -7.63 20.62 6.48
CA GLY A 174 -7.22 21.42 5.34
C GLY A 174 -7.54 22.88 5.54
N GLY A 1 14.34 -16.56 -12.97
CA GLY A 1 15.68 -16.27 -12.40
C GLY A 1 15.86 -16.89 -11.03
N ILE A 2 15.73 -16.08 -10.00
CA ILE A 2 15.92 -16.54 -8.62
C ILE A 2 14.55 -16.78 -7.98
N ASP A 3 13.52 -16.73 -8.81
CA ASP A 3 12.13 -16.86 -8.38
C ASP A 3 11.92 -18.15 -7.59
N PRO A 4 11.56 -18.02 -6.30
CA PRO A 4 11.38 -19.17 -5.40
C PRO A 4 10.39 -20.19 -5.95
N PHE A 5 9.24 -19.70 -6.41
CA PHE A 5 8.19 -20.57 -6.92
C PHE A 5 8.36 -20.79 -8.42
N THR A 6 9.57 -20.51 -8.92
CA THR A 6 9.99 -20.82 -10.28
C THR A 6 8.95 -20.40 -11.34
N ALA A 7 8.51 -19.15 -11.25
CA ALA A 7 7.55 -18.61 -12.19
C ALA A 7 7.78 -17.11 -12.37
N PRO A 8 7.20 -16.50 -13.42
CA PRO A 8 7.25 -15.05 -13.60
C PRO A 8 6.27 -14.34 -12.65
N GLY A 9 6.81 -13.49 -11.79
CA GLY A 9 5.99 -12.79 -10.83
C GLY A 9 6.59 -12.84 -9.44
N GLN A 10 7.17 -13.99 -9.11
CA GLN A 10 7.81 -14.21 -7.82
C GLN A 10 8.84 -13.13 -7.52
N LEU A 11 9.80 -12.95 -8.42
CA LEU A 11 10.84 -11.94 -8.26
C LEU A 11 10.24 -10.55 -8.22
N GLU A 12 9.28 -10.31 -9.11
CA GLU A 12 8.67 -8.99 -9.23
C GLU A 12 8.04 -8.59 -7.91
N CYS A 13 7.48 -9.57 -7.23
CA CYS A 13 6.90 -9.35 -5.91
C CYS A 13 8.00 -9.21 -4.88
N GLU A 14 8.99 -10.10 -4.95
CA GLU A 14 10.11 -10.10 -4.02
C GLU A 14 10.81 -8.74 -3.97
N THR A 15 11.10 -8.18 -5.13
CA THR A 15 11.80 -6.91 -5.20
C THR A 15 10.91 -5.74 -4.74
N ALA A 16 9.61 -5.88 -4.98
CA ALA A 16 8.65 -4.85 -4.57
C ALA A 16 8.41 -4.93 -3.07
N ILE A 17 8.33 -6.15 -2.55
CA ILE A 17 8.15 -6.39 -1.12
C ILE A 17 9.27 -5.73 -0.31
N ALA A 18 10.48 -5.83 -0.82
CA ALA A 18 11.64 -5.22 -0.16
C ALA A 18 11.46 -3.72 -0.02
N ALA A 19 10.94 -3.08 -1.06
CA ALA A 19 10.74 -1.64 -1.07
C ALA A 19 9.51 -1.26 -0.25
N LEU A 20 8.46 -2.04 -0.41
CA LEU A 20 7.21 -1.83 0.31
C LEU A 20 7.43 -2.00 1.81
N ASN A 21 8.29 -2.94 2.15
CA ASN A 21 8.64 -3.19 3.55
C ASN A 21 9.32 -1.95 4.12
N SER A 22 10.21 -1.38 3.32
CA SER A 22 10.93 -0.18 3.70
C SER A 22 9.96 1.00 3.91
N CYS A 23 8.91 1.07 3.09
CA CYS A 23 7.91 2.12 3.22
C CYS A 23 7.12 1.91 4.50
N LEU A 24 6.82 0.65 4.79
CA LEU A 24 6.13 0.29 6.01
C LEU A 24 6.95 0.70 7.24
N ARG A 25 8.25 0.48 7.17
CA ARG A 25 9.14 0.81 8.28
C ARG A 25 9.25 2.33 8.45
N ASP A 26 9.27 3.05 7.34
CA ASP A 26 9.38 4.51 7.36
C ASP A 26 8.12 5.12 7.96
N LEU A 27 6.97 4.60 7.54
CA LEU A 27 5.67 5.06 8.01
C LEU A 27 5.56 4.91 9.53
N ASP A 28 6.17 3.86 10.07
CA ASP A 28 6.14 3.62 11.50
C ASP A 28 6.87 4.73 12.25
N GLN A 29 8.02 5.14 11.72
CA GLN A 29 8.80 6.19 12.34
C GLN A 29 8.12 7.53 12.14
N ALA A 30 7.40 7.66 11.03
CA ALA A 30 6.56 8.82 10.81
C ALA A 30 5.50 8.93 11.90
N SER A 31 4.79 7.82 12.13
CA SER A 31 3.80 7.74 13.20
C SER A 31 4.41 8.11 14.55
N LEU A 32 5.50 7.45 14.90
CA LEU A 32 6.18 7.65 16.17
C LEU A 32 6.62 9.10 16.36
N ALA A 33 7.05 9.74 15.30
CA ALA A 33 7.47 11.12 15.36
C ALA A 33 6.28 12.07 15.34
N ALA A 34 5.37 11.85 14.41
CA ALA A 34 4.24 12.75 14.18
C ALA A 34 3.27 12.76 15.36
N VAL A 35 3.19 11.65 16.08
CA VAL A 35 2.33 11.56 17.25
C VAL A 35 2.75 12.60 18.31
N SER A 36 4.03 12.95 18.28
CA SER A 36 4.56 13.96 19.17
C SER A 36 5.02 15.20 18.40
N GLN A 37 4.56 15.29 17.15
CA GLN A 37 4.93 16.40 16.25
C GLN A 37 6.44 16.59 16.19
N GLN A 38 7.16 15.49 16.13
CA GLN A 38 8.62 15.52 16.03
C GLN A 38 9.07 15.03 14.66
N LEU A 39 8.13 15.02 13.71
CA LEU A 39 8.38 14.46 12.39
C LEU A 39 8.80 15.55 11.41
N ALA A 40 9.60 15.15 10.42
CA ALA A 40 9.99 16.04 9.34
C ALA A 40 8.77 16.56 8.60
N PRO A 41 8.84 17.80 8.09
CA PRO A 41 7.71 18.46 7.41
C PRO A 41 7.24 17.70 6.17
N ARG A 42 6.06 18.07 5.67
CA ARG A 42 5.47 17.43 4.50
C ARG A 42 6.39 17.52 3.28
N GLU A 43 6.06 16.81 2.22
CA GLU A 43 6.87 16.79 1.01
C GLU A 43 6.70 18.08 0.20
N GLY A 44 6.87 19.22 0.88
CA GLY A 44 6.79 20.53 0.23
C GLY A 44 5.54 20.70 -0.61
N ILE A 45 4.37 20.52 0.00
CA ILE A 45 3.14 20.56 -0.76
C ILE A 45 1.93 20.88 0.13
N SER A 46 0.87 21.41 -0.46
CA SER A 46 -0.35 21.75 0.25
C SER A 46 -1.12 20.49 0.66
N GLN A 47 -2.00 20.63 1.65
CA GLN A 47 -2.78 19.51 2.15
C GLN A 47 -3.84 19.12 1.12
N GLU A 48 -4.36 20.11 0.40
CA GLU A 48 -5.30 19.86 -0.69
C GLU A 48 -4.64 18.97 -1.74
N ALA A 49 -3.36 19.20 -1.97
CA ALA A 49 -2.61 18.44 -2.94
C ALA A 49 -2.26 17.06 -2.39
N LEU A 50 -2.04 16.98 -1.07
CA LEU A 50 -1.86 15.69 -0.41
C LEU A 50 -3.10 14.83 -0.61
N HIS A 51 -4.26 15.46 -0.44
CA HIS A 51 -5.55 14.82 -0.74
C HIS A 51 -5.53 14.22 -2.13
N THR A 52 -5.15 15.05 -3.11
CA THR A 52 -5.07 14.64 -4.50
C THR A 52 -4.10 13.46 -4.67
N GLN A 53 -2.91 13.59 -4.12
CA GLN A 53 -1.87 12.56 -4.25
C GLN A 53 -2.34 11.23 -3.69
N MET A 54 -2.75 11.24 -2.44
CA MET A 54 -3.10 10.00 -1.74
C MET A 54 -4.35 9.37 -2.35
N LEU A 55 -5.40 10.16 -2.51
CA LEU A 55 -6.66 9.64 -3.05
C LEU A 55 -6.45 9.03 -4.43
N THR A 56 -5.75 9.75 -5.30
CA THR A 56 -5.49 9.25 -6.65
C THR A 56 -4.71 7.94 -6.62
N ALA A 57 -3.66 7.90 -5.80
CA ALA A 57 -2.82 6.72 -5.68
C ALA A 57 -3.64 5.52 -5.22
N VAL A 58 -4.48 5.73 -4.21
CA VAL A 58 -5.25 4.63 -3.62
C VAL A 58 -6.24 4.07 -4.62
N GLN A 59 -6.84 4.96 -5.40
CA GLN A 59 -7.78 4.55 -6.43
C GLN A 59 -7.08 3.74 -7.53
N GLU A 60 -5.93 4.24 -7.97
CA GLU A 60 -5.13 3.53 -8.96
C GLU A 60 -4.74 2.15 -8.45
N ILE A 61 -4.34 2.09 -7.18
CA ILE A 61 -3.98 0.83 -6.54
C ILE A 61 -5.17 -0.10 -6.49
N SER A 62 -6.28 0.35 -5.89
CA SER A 62 -7.47 -0.48 -5.71
C SER A 62 -7.91 -1.07 -7.04
N HIS A 63 -7.87 -0.25 -8.08
CA HIS A 63 -8.26 -0.67 -9.41
C HIS A 63 -7.38 -1.81 -9.91
N LEU A 64 -6.10 -1.79 -9.53
CA LEU A 64 -5.17 -2.83 -9.97
C LEU A 64 -5.12 -4.00 -8.98
N ILE A 65 -5.60 -3.79 -7.75
CA ILE A 65 -5.61 -4.84 -6.74
C ILE A 65 -6.45 -6.02 -7.21
N GLU A 66 -7.60 -5.70 -7.80
CA GLU A 66 -8.52 -6.72 -8.29
C GLU A 66 -7.88 -7.58 -9.39
N PRO A 67 -7.38 -6.99 -10.50
CA PRO A 67 -6.68 -7.75 -11.55
C PRO A 67 -5.42 -8.44 -11.05
N LEU A 68 -4.74 -7.84 -10.08
CA LEU A 68 -3.53 -8.45 -9.53
C LEU A 68 -3.88 -9.76 -8.83
N ALA A 69 -4.91 -9.73 -8.00
CA ALA A 69 -5.38 -10.93 -7.32
C ALA A 69 -5.84 -11.97 -8.33
N SER A 70 -6.59 -11.52 -9.33
CA SER A 70 -7.06 -12.36 -10.41
C SER A 70 -5.88 -12.95 -11.21
N ALA A 71 -4.81 -12.18 -11.33
CA ALA A 71 -3.63 -12.63 -12.04
C ALA A 71 -2.84 -13.62 -11.19
N ALA A 72 -2.48 -13.20 -9.97
CA ALA A 72 -1.61 -14.01 -9.10
C ALA A 72 -2.11 -15.43 -8.92
N ARG A 73 -3.42 -15.61 -8.87
CA ARG A 73 -4.00 -16.92 -8.58
C ARG A 73 -3.88 -17.89 -9.76
N ALA A 74 -3.55 -17.39 -10.94
CA ALA A 74 -3.49 -18.26 -12.12
C ALA A 74 -2.47 -17.78 -13.15
N GLU A 75 -2.51 -16.49 -13.46
CA GLU A 75 -1.63 -15.90 -14.47
C GLU A 75 -0.27 -15.55 -13.86
N ALA A 76 0.69 -15.23 -14.71
CA ALA A 76 2.04 -14.90 -14.25
C ALA A 76 2.63 -13.71 -15.02
N SER A 77 2.52 -13.75 -16.34
CA SER A 77 3.15 -12.75 -17.20
C SER A 77 2.65 -11.33 -16.92
N GLN A 78 1.37 -11.22 -16.57
CA GLN A 78 0.76 -9.92 -16.34
C GLN A 78 0.86 -9.55 -14.88
N LEU A 79 0.91 -10.58 -14.05
CA LEU A 79 0.99 -10.43 -12.61
C LEU A 79 2.19 -9.58 -12.21
N GLY A 80 3.35 -9.92 -12.78
CA GLY A 80 4.55 -9.17 -12.48
C GLY A 80 4.39 -7.68 -12.72
N HIS A 81 3.61 -7.33 -13.74
CA HIS A 81 3.40 -5.93 -14.09
C HIS A 81 2.39 -5.26 -13.16
N LYS A 82 1.54 -6.05 -12.53
CA LYS A 82 0.60 -5.51 -11.56
C LYS A 82 1.35 -5.10 -10.31
N VAL A 83 2.25 -5.99 -9.87
CA VAL A 83 3.01 -5.81 -8.65
C VAL A 83 3.88 -4.56 -8.72
N SER A 84 4.60 -4.41 -9.82
CA SER A 84 5.49 -3.26 -10.00
C SER A 84 4.70 -1.95 -9.95
N GLN A 85 3.47 -1.98 -10.44
CA GLN A 85 2.62 -0.80 -10.41
C GLN A 85 2.13 -0.52 -9.00
N MET A 86 1.64 -1.54 -8.31
CA MET A 86 1.05 -1.38 -6.98
C MET A 86 2.04 -0.77 -6.02
N ALA A 87 3.25 -1.34 -5.95
CA ALA A 87 4.26 -0.89 -5.01
C ALA A 87 4.73 0.51 -5.37
N GLN A 88 4.63 0.83 -6.65
CA GLN A 88 5.02 2.13 -7.17
C GLN A 88 4.12 3.25 -6.63
N TYR A 89 2.83 2.97 -6.47
CA TYR A 89 1.89 3.96 -5.98
C TYR A 89 1.99 4.11 -4.46
N PHE A 90 2.51 3.07 -3.82
CA PHE A 90 2.69 3.10 -2.37
C PHE A 90 3.84 4.03 -1.98
N GLU A 91 4.76 4.27 -2.91
CA GLU A 91 5.87 5.20 -2.67
C GLU A 91 5.34 6.61 -2.35
N PRO A 92 4.56 7.26 -3.25
CA PRO A 92 3.98 8.56 -2.97
C PRO A 92 3.00 8.52 -1.81
N LEU A 93 2.28 7.41 -1.67
CA LEU A 93 1.35 7.25 -0.56
C LEU A 93 2.06 7.39 0.77
N THR A 94 3.17 6.66 0.90
CA THR A 94 3.99 6.75 2.08
C THR A 94 4.46 8.20 2.31
N LEU A 95 5.06 8.79 1.29
CA LEU A 95 5.58 10.16 1.39
C LEU A 95 4.47 11.15 1.69
N ALA A 96 3.35 11.01 1.00
CA ALA A 96 2.21 11.89 1.17
C ALA A 96 1.60 11.74 2.56
N ALA A 97 1.54 10.51 3.06
CA ALA A 97 1.02 10.24 4.39
C ALA A 97 1.94 10.82 5.46
N VAL A 98 3.24 10.65 5.28
CA VAL A 98 4.22 11.22 6.21
C VAL A 98 4.14 12.75 6.14
N GLY A 99 3.88 13.26 4.94
CA GLY A 99 3.65 14.68 4.76
C GLY A 99 2.44 15.15 5.54
N ALA A 100 1.31 14.47 5.35
CA ALA A 100 0.06 14.81 6.03
C ALA A 100 0.20 14.75 7.55
N ALA A 101 1.10 13.91 8.01
CA ALA A 101 1.38 13.82 9.43
C ALA A 101 1.89 15.14 9.98
N SER A 102 2.94 15.66 9.38
CA SER A 102 3.53 16.89 9.86
C SER A 102 2.79 18.11 9.34
N LYS A 103 2.18 17.96 8.17
CA LYS A 103 1.44 19.04 7.52
C LYS A 103 0.13 19.32 8.25
N THR A 104 -0.48 18.26 8.74
CA THR A 104 -1.77 18.36 9.41
C THR A 104 -1.61 18.24 10.92
N LEU A 105 -1.93 19.31 11.63
CA LEU A 105 -1.88 19.30 13.09
C LEU A 105 -3.17 18.73 13.66
N SER A 106 -4.17 18.61 12.81
CA SER A 106 -5.42 17.94 13.16
C SER A 106 -5.15 16.45 13.35
N HIS A 107 -4.86 16.08 14.60
CA HIS A 107 -4.41 14.73 14.94
C HIS A 107 -5.36 13.63 14.47
N PRO A 108 -6.71 13.78 14.63
CA PRO A 108 -7.69 12.79 14.18
C PRO A 108 -7.40 12.29 12.76
N GLN A 109 -7.25 13.21 11.82
CA GLN A 109 -7.03 12.84 10.43
C GLN A 109 -5.55 12.53 10.18
N GLN A 110 -4.69 13.39 10.72
CA GLN A 110 -3.24 13.23 10.62
C GLN A 110 -2.80 11.81 10.92
N MET A 111 -3.14 11.34 12.11
CA MET A 111 -2.68 10.03 12.57
C MET A 111 -3.45 8.91 11.91
N ALA A 112 -4.71 9.18 11.56
CA ALA A 112 -5.53 8.16 10.95
C ALA A 112 -5.02 7.81 9.56
N LEU A 113 -4.86 8.81 8.70
CA LEU A 113 -4.47 8.52 7.32
C LEU A 113 -3.00 8.09 7.27
N LEU A 114 -2.22 8.55 8.22
CA LEU A 114 -0.82 8.15 8.33
C LEU A 114 -0.72 6.66 8.63
N ASP A 115 -1.38 6.24 9.70
CA ASP A 115 -1.31 4.85 10.14
C ASP A 115 -2.15 3.95 9.23
N GLN A 116 -3.17 4.51 8.59
CA GLN A 116 -3.99 3.75 7.64
C GLN A 116 -3.23 3.47 6.36
N THR A 117 -2.41 4.42 5.90
CA THR A 117 -1.52 4.17 4.76
C THR A 117 -0.53 3.07 5.13
N LYS A 118 -0.07 3.15 6.36
CA LYS A 118 0.83 2.16 6.93
C LYS A 118 0.14 0.80 7.04
N THR A 119 -1.11 0.80 7.49
CA THR A 119 -1.92 -0.40 7.53
C THR A 119 -2.16 -0.95 6.11
N LEU A 120 -2.42 -0.05 5.18
CA LEU A 120 -2.60 -0.44 3.79
C LEU A 120 -1.30 -1.02 3.23
N ALA A 121 -0.17 -0.47 3.67
CA ALA A 121 1.13 -0.99 3.29
C ALA A 121 1.33 -2.40 3.82
N GLU A 122 0.84 -2.65 5.04
CA GLU A 122 0.88 -3.99 5.62
C GLU A 122 0.02 -4.95 4.78
N SER A 123 -1.17 -4.50 4.43
CA SER A 123 -2.08 -5.30 3.62
C SER A 123 -1.49 -5.54 2.24
N ALA A 124 -0.84 -4.51 1.69
CA ALA A 124 -0.18 -4.64 0.39
C ALA A 124 1.01 -5.57 0.48
N LEU A 125 1.71 -5.52 1.60
CA LEU A 125 2.86 -6.39 1.81
C LEU A 125 2.39 -7.84 1.80
N GLN A 126 1.31 -8.11 2.51
CA GLN A 126 0.70 -9.44 2.53
C GLN A 126 0.18 -9.79 1.13
N LEU A 127 -0.36 -8.79 0.44
CA LEU A 127 -0.87 -8.97 -0.91
C LEU A 127 0.27 -9.37 -1.85
N LEU A 128 1.35 -8.59 -1.83
CA LEU A 128 2.51 -8.90 -2.66
C LEU A 128 3.15 -10.22 -2.24
N TYR A 129 3.05 -10.54 -0.95
CA TYR A 129 3.56 -11.81 -0.43
C TYR A 129 2.76 -12.98 -0.96
N THR A 130 1.44 -12.90 -0.88
CA THR A 130 0.58 -13.96 -1.35
C THR A 130 0.66 -14.09 -2.87
N ALA A 131 0.85 -12.96 -3.55
CA ALA A 131 1.08 -12.96 -4.99
C ALA A 131 2.43 -13.58 -5.31
N LYS A 132 3.40 -13.33 -4.45
CA LYS A 132 4.73 -13.92 -4.57
C LYS A 132 4.66 -15.44 -4.45
N GLU A 133 3.78 -15.92 -3.58
CA GLU A 133 3.59 -17.34 -3.37
C GLU A 133 2.79 -17.97 -4.51
N ALA A 134 1.59 -17.44 -4.75
CA ALA A 134 0.63 -18.07 -5.66
C ALA A 134 0.91 -17.76 -7.11
N GLY A 135 1.73 -16.73 -7.35
CA GLY A 135 1.93 -16.19 -8.67
C GLY A 135 2.23 -17.21 -9.75
N GLY A 136 1.20 -17.62 -10.47
CA GLY A 136 1.39 -18.42 -11.66
C GLY A 136 1.44 -19.89 -11.34
N ASN A 137 1.13 -20.24 -10.11
CA ASN A 137 1.14 -21.63 -9.69
C ASN A 137 0.19 -21.90 -8.53
N PRO A 138 -1.03 -22.34 -8.83
CA PRO A 138 -2.01 -22.72 -7.82
C PRO A 138 -1.50 -23.87 -6.94
N LYS A 139 -0.78 -24.79 -7.56
CA LYS A 139 -0.27 -25.98 -6.89
C LYS A 139 0.90 -25.68 -5.97
N GLN A 140 1.87 -24.92 -6.48
CA GLN A 140 3.06 -24.57 -5.69
C GLN A 140 2.70 -23.61 -4.55
N ALA A 141 1.50 -23.05 -4.63
CA ALA A 141 0.99 -22.22 -3.56
C ALA A 141 0.15 -23.03 -2.59
N ALA A 142 -1.14 -23.22 -2.93
CA ALA A 142 -2.11 -23.92 -2.08
C ALA A 142 -2.28 -23.21 -0.73
N HIS A 143 -3.54 -22.94 -0.37
CA HIS A 143 -3.88 -22.16 0.83
C HIS A 143 -3.52 -20.69 0.65
N THR A 144 -2.45 -20.43 -0.09
CA THR A 144 -2.12 -19.08 -0.53
C THR A 144 -3.28 -18.52 -1.33
N GLN A 145 -3.94 -19.42 -2.05
CA GLN A 145 -5.13 -19.08 -2.82
C GLN A 145 -6.19 -18.45 -1.92
N GLU A 146 -6.26 -18.95 -0.68
CA GLU A 146 -7.19 -18.44 0.31
C GLU A 146 -6.69 -17.11 0.87
N ALA A 147 -5.40 -17.04 1.14
CA ALA A 147 -4.80 -15.86 1.75
C ALA A 147 -4.74 -14.70 0.77
N LEU A 148 -4.59 -15.01 -0.50
CA LEU A 148 -4.64 -13.99 -1.54
C LEU A 148 -6.03 -13.37 -1.59
N GLU A 149 -7.02 -14.15 -1.18
CA GLU A 149 -8.40 -13.68 -1.15
C GLU A 149 -8.66 -12.76 0.05
N GLU A 150 -8.00 -13.03 1.17
CA GLU A 150 -8.17 -12.19 2.34
C GLU A 150 -7.34 -10.92 2.21
N ALA A 151 -6.20 -11.03 1.53
CA ALA A 151 -5.32 -9.90 1.30
C ALA A 151 -5.99 -8.85 0.41
N VAL A 152 -6.60 -9.30 -0.68
CA VAL A 152 -7.28 -8.40 -1.61
C VAL A 152 -8.45 -7.70 -0.92
N GLN A 153 -9.16 -8.44 -0.07
CA GLN A 153 -10.27 -7.89 0.69
C GLN A 153 -9.80 -6.79 1.64
N MET A 154 -8.69 -7.04 2.33
CA MET A 154 -8.16 -6.10 3.30
C MET A 154 -7.68 -4.82 2.63
N MET A 155 -6.99 -4.93 1.50
CA MET A 155 -6.59 -3.74 0.75
C MET A 155 -7.81 -2.94 0.36
N THR A 156 -8.76 -3.62 -0.25
CA THR A 156 -9.99 -2.99 -0.70
C THR A 156 -10.68 -2.23 0.43
N GLU A 157 -10.76 -2.86 1.59
CA GLU A 157 -11.38 -2.27 2.76
C GLU A 157 -10.56 -1.07 3.25
N ALA A 158 -9.25 -1.19 3.13
CA ALA A 158 -8.34 -0.14 3.59
C ALA A 158 -8.33 1.01 2.60
N VAL A 159 -8.60 0.69 1.35
CA VAL A 159 -8.76 1.67 0.30
C VAL A 159 -9.87 2.65 0.64
N GLU A 160 -11.04 2.12 0.97
CA GLU A 160 -12.17 2.93 1.40
C GLU A 160 -11.81 3.64 2.70
N ASP A 161 -11.10 2.91 3.55
CA ASP A 161 -10.73 3.39 4.88
C ASP A 161 -9.89 4.66 4.79
N LEU A 162 -8.79 4.57 4.04
CA LEU A 162 -7.88 5.70 3.88
C LEU A 162 -8.57 6.84 3.14
N THR A 163 -9.29 6.49 2.08
CA THR A 163 -9.97 7.46 1.24
C THR A 163 -10.90 8.36 2.04
N THR A 164 -11.66 7.79 2.96
CA THR A 164 -12.57 8.57 3.79
C THR A 164 -11.81 9.60 4.61
N THR A 165 -10.74 9.17 5.27
CA THR A 165 -9.93 10.07 6.07
C THR A 165 -9.34 11.19 5.21
N LEU A 166 -8.95 10.83 4.00
CA LEU A 166 -8.45 11.78 3.02
C LEU A 166 -9.52 12.77 2.61
N ASN A 167 -10.67 12.24 2.24
CA ASN A 167 -11.77 13.05 1.73
C ASN A 167 -12.36 13.95 2.80
N GLU A 168 -12.34 13.52 4.05
CA GLU A 168 -12.79 14.36 5.15
C GLU A 168 -11.74 15.42 5.43
N ALA A 169 -10.47 15.04 5.22
CA ALA A 169 -9.33 15.91 5.51
C ALA A 169 -9.40 17.23 4.73
N ALA A 170 -10.24 17.28 3.72
CA ALA A 170 -10.47 18.50 2.97
C ALA A 170 -10.78 19.65 3.91
N SER A 171 -11.74 19.44 4.81
CA SER A 171 -12.06 20.43 5.83
C SER A 171 -11.55 19.96 7.20
N ALA A 172 -11.31 18.67 7.33
CA ALA A 172 -10.94 18.07 8.62
C ALA A 172 -9.43 18.15 8.89
N ALA A 173 -8.67 18.62 7.92
CA ALA A 173 -7.22 18.70 8.07
C ALA A 173 -6.69 20.08 7.68
N GLY A 174 -6.87 20.44 6.43
CA GLY A 174 -6.35 21.72 5.95
C GLY A 174 -7.33 22.45 5.09
N GLY A 1 18.64 -16.85 -2.73
CA GLY A 1 19.10 -17.94 -3.63
C GLY A 1 18.68 -17.70 -5.06
N ILE A 2 17.64 -18.40 -5.49
CA ILE A 2 17.13 -18.28 -6.86
C ILE A 2 15.71 -17.72 -6.84
N ASP A 3 15.02 -17.85 -7.96
CA ASP A 3 13.61 -17.47 -8.04
C ASP A 3 12.78 -18.39 -7.16
N PRO A 4 12.05 -17.83 -6.20
CA PRO A 4 11.18 -18.62 -5.31
C PRO A 4 10.08 -19.32 -6.08
N PHE A 5 9.62 -20.46 -5.55
CA PHE A 5 8.54 -21.22 -6.15
C PHE A 5 8.91 -21.59 -7.59
N THR A 6 8.12 -21.14 -8.56
CA THR A 6 8.41 -21.42 -9.95
C THR A 6 7.41 -20.75 -10.90
N ALA A 7 7.75 -19.53 -11.33
CA ALA A 7 6.96 -18.78 -12.29
C ALA A 7 7.60 -17.42 -12.56
N PRO A 8 7.23 -16.76 -13.65
CA PRO A 8 7.63 -15.37 -13.91
C PRO A 8 6.81 -14.39 -13.08
N GLY A 9 7.42 -13.78 -12.09
CA GLY A 9 6.71 -12.84 -11.25
C GLY A 9 7.16 -12.90 -9.82
N GLN A 10 7.55 -14.10 -9.39
CA GLN A 10 8.10 -14.32 -8.06
C GLN A 10 9.24 -13.34 -7.77
N LEU A 11 10.12 -13.16 -8.76
CA LEU A 11 11.23 -12.22 -8.62
C LEU A 11 10.71 -10.79 -8.45
N GLU A 12 9.75 -10.42 -9.30
CA GLU A 12 9.17 -9.08 -9.28
C GLU A 12 8.49 -8.81 -7.94
N CYS A 13 7.93 -9.86 -7.36
CA CYS A 13 7.23 -9.74 -6.09
C CYS A 13 8.23 -9.63 -4.94
N GLU A 14 9.29 -10.44 -5.01
CA GLU A 14 10.31 -10.45 -3.97
C GLU A 14 10.97 -9.07 -3.85
N THR A 15 11.31 -8.48 -4.98
CA THR A 15 11.98 -7.18 -4.98
C THR A 15 11.00 -6.08 -4.54
N ALA A 16 9.72 -6.27 -4.81
CA ALA A 16 8.70 -5.32 -4.43
C ALA A 16 8.42 -5.38 -2.93
N ILE A 17 8.42 -6.60 -2.40
CA ILE A 17 8.20 -6.80 -0.97
C ILE A 17 9.23 -6.04 -0.14
N ALA A 18 10.48 -6.08 -0.56
CA ALA A 18 11.55 -5.39 0.15
C ALA A 18 11.36 -3.87 0.09
N ALA A 19 10.79 -3.39 -1.01
CA ALA A 19 10.56 -1.96 -1.18
C ALA A 19 9.35 -1.52 -0.38
N LEU A 20 8.31 -2.33 -0.43
CA LEU A 20 7.09 -2.08 0.33
C LEU A 20 7.38 -2.20 1.83
N ASN A 21 8.30 -3.09 2.17
CA ASN A 21 8.75 -3.26 3.54
C ASN A 21 9.43 -1.97 4.01
N SER A 22 10.17 -1.38 3.09
CA SER A 22 10.92 -0.17 3.36
C SER A 22 9.96 1.00 3.64
N CYS A 23 8.86 1.09 2.90
CA CYS A 23 7.91 2.18 3.09
C CYS A 23 7.10 1.94 4.36
N LEU A 24 6.97 0.67 4.74
CA LEU A 24 6.30 0.29 5.97
C LEU A 24 7.11 0.78 7.18
N ARG A 25 8.41 0.52 7.14
CA ARG A 25 9.33 1.01 8.16
C ARG A 25 9.29 2.53 8.22
N ASP A 26 9.24 3.15 7.04
CA ASP A 26 9.24 4.61 6.92
C ASP A 26 7.97 5.19 7.55
N LEU A 27 6.82 4.66 7.14
CA LEU A 27 5.53 5.11 7.67
C LEU A 27 5.43 4.85 9.17
N ASP A 28 6.02 3.75 9.62
CA ASP A 28 6.04 3.42 11.03
C ASP A 28 6.74 4.51 11.83
N GLN A 29 7.87 4.97 11.31
CA GLN A 29 8.65 6.01 11.97
C GLN A 29 7.96 7.36 11.84
N ALA A 30 7.19 7.52 10.77
CA ALA A 30 6.40 8.72 10.58
C ALA A 30 5.33 8.84 11.67
N SER A 31 4.63 7.73 11.93
CA SER A 31 3.64 7.68 12.99
C SER A 31 4.28 8.02 14.34
N LEU A 32 5.46 7.45 14.57
CA LEU A 32 6.22 7.69 15.80
C LEU A 32 6.69 9.15 15.89
N ALA A 33 6.99 9.75 14.74
CA ALA A 33 7.42 11.14 14.72
C ALA A 33 6.25 12.10 14.84
N ALA A 34 5.17 11.80 14.15
CA ALA A 34 4.00 12.68 14.10
C ALA A 34 3.29 12.74 15.45
N VAL A 35 3.28 11.62 16.18
CA VAL A 35 2.61 11.56 17.47
C VAL A 35 3.17 12.60 18.44
N SER A 36 4.44 12.95 18.29
CA SER A 36 5.06 13.96 19.13
C SER A 36 5.48 15.18 18.30
N GLN A 37 4.96 15.26 17.07
CA GLN A 37 5.21 16.39 16.17
C GLN A 37 6.71 16.66 15.97
N GLN A 38 7.50 15.59 15.91
CA GLN A 38 8.94 15.71 15.72
C GLN A 38 9.30 15.53 14.26
N LEU A 39 8.28 15.52 13.41
CA LEU A 39 8.45 15.24 11.99
C LEU A 39 8.45 16.56 11.19
N ALA A 40 9.34 16.65 10.21
CA ALA A 40 9.44 17.85 9.37
C ALA A 40 8.21 17.98 8.47
N PRO A 41 7.52 19.13 8.53
CA PRO A 41 6.22 19.34 7.87
C PRO A 41 6.25 19.16 6.35
N ARG A 42 5.76 18.00 5.90
CA ARG A 42 5.59 17.67 4.48
C ARG A 42 6.89 17.71 3.65
N GLU A 43 7.10 16.64 2.92
CA GLU A 43 8.19 16.53 1.93
C GLU A 43 8.16 17.73 0.99
N GLY A 44 6.96 18.06 0.50
CA GLY A 44 6.79 19.23 -0.34
C GLY A 44 5.53 19.20 -1.18
N ILE A 45 4.42 19.71 -0.64
CA ILE A 45 3.18 19.89 -1.40
C ILE A 45 2.13 20.57 -0.52
N SER A 46 1.09 21.13 -1.15
CA SER A 46 0.03 21.82 -0.45
C SER A 46 -0.84 20.84 0.35
N GLN A 47 -1.59 21.36 1.32
CA GLN A 47 -2.45 20.54 2.17
C GLN A 47 -3.58 19.90 1.38
N GLU A 48 -4.24 20.69 0.54
CA GLU A 48 -5.29 20.17 -0.32
C GLU A 48 -4.70 19.24 -1.37
N ALA A 49 -3.47 19.52 -1.77
CA ALA A 49 -2.76 18.65 -2.69
C ALA A 49 -2.49 17.31 -2.05
N LEU A 50 -2.18 17.32 -0.75
CA LEU A 50 -2.03 16.10 0.02
C LEU A 50 -3.32 15.27 0.00
N HIS A 51 -4.45 15.95 0.10
CA HIS A 51 -5.75 15.27 0.07
C HIS A 51 -5.91 14.54 -1.25
N THR A 52 -5.63 15.24 -2.34
CA THR A 52 -5.79 14.70 -3.68
C THR A 52 -4.71 13.69 -4.03
N GLN A 53 -3.46 14.02 -3.73
CA GLN A 53 -2.31 13.17 -4.08
C GLN A 53 -2.50 11.76 -3.54
N MET A 54 -2.96 11.68 -2.29
CA MET A 54 -3.27 10.41 -1.66
C MET A 54 -4.44 9.74 -2.37
N LEU A 55 -5.55 10.48 -2.46
CA LEU A 55 -6.79 9.97 -3.04
C LEU A 55 -6.57 9.43 -4.46
N THR A 56 -5.80 10.16 -5.27
CA THR A 56 -5.52 9.76 -6.64
C THR A 56 -4.78 8.42 -6.69
N ALA A 57 -3.78 8.25 -5.82
CA ALA A 57 -2.97 7.03 -5.82
C ALA A 57 -3.79 5.84 -5.35
N VAL A 58 -4.54 6.03 -4.27
CA VAL A 58 -5.33 4.95 -3.66
C VAL A 58 -6.29 4.32 -4.67
N GLN A 59 -6.91 5.16 -5.50
CA GLN A 59 -7.82 4.67 -6.53
C GLN A 59 -7.11 3.73 -7.50
N GLU A 60 -5.97 4.19 -8.03
CA GLU A 60 -5.20 3.38 -8.97
C GLU A 60 -4.83 2.04 -8.36
N ILE A 61 -4.49 2.07 -7.09
CA ILE A 61 -4.11 0.86 -6.38
C ILE A 61 -5.27 -0.12 -6.31
N SER A 62 -6.38 0.29 -5.71
CA SER A 62 -7.53 -0.60 -5.54
C SER A 62 -8.00 -1.13 -6.90
N HIS A 63 -7.95 -0.24 -7.89
CA HIS A 63 -8.34 -0.57 -9.24
C HIS A 63 -7.46 -1.68 -9.82
N LEU A 64 -6.21 -1.73 -9.37
CA LEU A 64 -5.29 -2.76 -9.85
C LEU A 64 -5.28 -3.98 -8.91
N ILE A 65 -5.71 -3.80 -7.66
CA ILE A 65 -5.65 -4.88 -6.66
C ILE A 65 -6.50 -6.07 -7.09
N GLU A 66 -7.73 -5.82 -7.52
CA GLU A 66 -8.63 -6.89 -7.95
C GLU A 66 -8.04 -7.67 -9.15
N PRO A 67 -7.68 -7.00 -10.25
CA PRO A 67 -7.05 -7.65 -11.40
C PRO A 67 -5.72 -8.33 -11.04
N LEU A 68 -5.06 -7.82 -10.01
CA LEU A 68 -3.81 -8.42 -9.55
C LEU A 68 -4.11 -9.80 -8.96
N ALA A 69 -5.12 -9.88 -8.10
CA ALA A 69 -5.51 -11.15 -7.49
C ALA A 69 -5.84 -12.18 -8.56
N SER A 70 -6.54 -11.72 -9.61
CA SER A 70 -6.87 -12.56 -10.74
C SER A 70 -5.60 -13.07 -11.43
N ALA A 71 -4.67 -12.16 -11.71
CA ALA A 71 -3.43 -12.52 -12.38
C ALA A 71 -2.53 -13.37 -11.50
N ALA A 72 -2.49 -13.03 -10.21
CA ALA A 72 -1.62 -13.70 -9.27
C ALA A 72 -1.83 -15.21 -9.24
N ARG A 73 -3.08 -15.65 -9.28
CA ARG A 73 -3.36 -17.07 -9.18
C ARG A 73 -3.17 -17.82 -10.49
N ALA A 74 -3.01 -17.09 -11.60
CA ALA A 74 -2.90 -17.75 -12.90
C ALA A 74 -1.88 -17.06 -13.81
N GLU A 75 -2.18 -15.85 -14.26
CA GLU A 75 -1.34 -15.13 -15.20
C GLU A 75 -0.10 -14.54 -14.53
N ALA A 76 0.98 -15.32 -14.52
CA ALA A 76 2.23 -14.92 -13.90
C ALA A 76 2.80 -13.65 -14.56
N SER A 77 2.90 -13.69 -15.87
CA SER A 77 3.48 -12.58 -16.63
C SER A 77 2.75 -11.26 -16.36
N GLN A 78 1.44 -11.36 -16.10
CA GLN A 78 0.62 -10.20 -15.85
C GLN A 78 0.78 -9.76 -14.42
N LEU A 79 0.85 -10.75 -13.54
CA LEU A 79 1.06 -10.53 -12.12
C LEU A 79 2.25 -9.62 -11.86
N GLY A 80 3.40 -9.98 -12.42
CA GLY A 80 4.60 -9.17 -12.26
C GLY A 80 4.36 -7.72 -12.64
N HIS A 81 3.52 -7.52 -13.66
CA HIS A 81 3.18 -6.18 -14.12
C HIS A 81 2.31 -5.46 -13.10
N LYS A 82 1.40 -6.20 -12.46
CA LYS A 82 0.50 -5.59 -11.47
C LYS A 82 1.30 -5.17 -10.23
N VAL A 83 2.14 -6.08 -9.76
CA VAL A 83 2.95 -5.85 -8.57
C VAL A 83 3.84 -4.62 -8.72
N SER A 84 4.48 -4.52 -9.89
CA SER A 84 5.36 -3.39 -10.19
C SER A 84 4.61 -2.06 -10.04
N GLN A 85 3.36 -2.05 -10.45
CA GLN A 85 2.53 -0.85 -10.37
C GLN A 85 2.11 -0.58 -8.93
N MET A 86 1.58 -1.61 -8.27
CA MET A 86 1.04 -1.46 -6.92
C MET A 86 2.07 -0.91 -5.95
N ALA A 87 3.29 -1.46 -6.01
CA ALA A 87 4.34 -1.08 -5.08
C ALA A 87 4.79 0.34 -5.36
N GLN A 88 4.74 0.69 -6.64
CA GLN A 88 5.10 2.01 -7.11
C GLN A 88 4.19 3.08 -6.51
N TYR A 89 2.89 2.80 -6.45
CA TYR A 89 1.90 3.77 -5.96
C TYR A 89 2.01 3.96 -4.45
N PHE A 90 2.55 2.97 -3.76
CA PHE A 90 2.69 3.05 -2.32
C PHE A 90 3.81 4.00 -1.92
N GLU A 91 4.76 4.24 -2.83
CA GLU A 91 5.84 5.18 -2.56
C GLU A 91 5.30 6.60 -2.30
N PRO A 92 4.55 7.21 -3.25
CA PRO A 92 3.97 8.54 -3.03
C PRO A 92 3.04 8.56 -1.84
N LEU A 93 2.24 7.50 -1.66
CA LEU A 93 1.32 7.43 -0.53
C LEU A 93 2.08 7.51 0.78
N THR A 94 3.18 6.79 0.87
CA THR A 94 4.04 6.85 2.03
C THR A 94 4.47 8.30 2.31
N LEU A 95 5.10 8.94 1.32
CA LEU A 95 5.56 10.30 1.48
C LEU A 95 4.39 11.27 1.71
N ALA A 96 3.32 11.10 0.94
CA ALA A 96 2.16 11.97 1.06
C ALA A 96 1.55 11.86 2.46
N ALA A 97 1.51 10.65 2.99
CA ALA A 97 0.99 10.41 4.35
C ALA A 97 1.94 10.98 5.39
N VAL A 98 3.24 10.72 5.22
CA VAL A 98 4.25 11.25 6.14
C VAL A 98 4.23 12.78 6.11
N GLY A 99 3.94 13.34 4.95
CA GLY A 99 3.77 14.77 4.82
C GLY A 99 2.58 15.29 5.60
N ALA A 100 1.44 14.63 5.44
CA ALA A 100 0.24 14.99 6.17
C ALA A 100 0.46 14.83 7.67
N ALA A 101 1.25 13.83 8.04
CA ALA A 101 1.59 13.61 9.43
C ALA A 101 2.21 14.85 10.06
N SER A 102 3.23 15.37 9.43
CA SER A 102 3.98 16.46 9.98
C SER A 102 3.32 17.82 9.71
N LYS A 103 2.61 17.91 8.59
CA LYS A 103 2.06 19.17 8.13
C LYS A 103 0.63 19.40 8.65
N THR A 104 -0.16 18.35 8.74
CA THR A 104 -1.53 18.48 9.17
C THR A 104 -1.61 18.59 10.70
N LEU A 105 -2.03 19.76 11.17
CA LEU A 105 -2.12 20.01 12.61
C LEU A 105 -3.31 19.27 13.19
N SER A 106 -4.36 19.09 12.39
CA SER A 106 -5.54 18.35 12.80
C SER A 106 -5.19 16.88 13.06
N HIS A 107 -4.92 16.56 14.32
CA HIS A 107 -4.39 15.27 14.72
C HIS A 107 -5.29 14.09 14.33
N PRO A 108 -6.61 14.15 14.61
CA PRO A 108 -7.54 13.06 14.28
C PRO A 108 -7.35 12.52 12.86
N GLN A 109 -7.23 13.43 11.89
CA GLN A 109 -7.08 13.02 10.49
C GLN A 109 -5.61 12.77 10.15
N GLN A 110 -4.75 13.65 10.65
CA GLN A 110 -3.31 13.57 10.42
C GLN A 110 -2.76 12.18 10.73
N MET A 111 -2.96 11.74 11.96
CA MET A 111 -2.44 10.46 12.40
C MET A 111 -3.22 9.30 11.81
N ALA A 112 -4.50 9.52 11.53
CA ALA A 112 -5.34 8.46 11.01
C ALA A 112 -4.91 8.07 9.60
N LEU A 113 -4.82 9.03 8.69
CA LEU A 113 -4.47 8.71 7.32
C LEU A 113 -3.01 8.29 7.24
N LEU A 114 -2.21 8.81 8.15
CA LEU A 114 -0.81 8.43 8.25
C LEU A 114 -0.68 6.94 8.59
N ASP A 115 -1.30 6.55 9.70
CA ASP A 115 -1.19 5.20 10.20
C ASP A 115 -1.96 4.23 9.31
N GLN A 116 -3.03 4.71 8.69
CA GLN A 116 -3.83 3.89 7.78
C GLN A 116 -3.09 3.63 6.48
N THR A 117 -2.26 4.56 6.03
CA THR A 117 -1.41 4.34 4.86
C THR A 117 -0.43 3.21 5.16
N LYS A 118 0.12 3.25 6.37
CA LYS A 118 0.98 2.20 6.87
C LYS A 118 0.22 0.87 6.95
N THR A 119 -1.00 0.96 7.46
CA THR A 119 -1.88 -0.20 7.54
C THR A 119 -2.19 -0.76 6.15
N LEU A 120 -2.38 0.14 5.19
CA LEU A 120 -2.59 -0.25 3.80
C LEU A 120 -1.32 -0.88 3.23
N ALA A 121 -0.17 -0.36 3.64
CA ALA A 121 1.11 -0.93 3.24
C ALA A 121 1.24 -2.36 3.74
N GLU A 122 0.81 -2.57 4.98
CA GLU A 122 0.79 -3.91 5.57
C GLU A 122 -0.21 -4.79 4.82
N SER A 123 -1.34 -4.22 4.46
CA SER A 123 -2.35 -4.93 3.67
C SER A 123 -1.78 -5.32 2.31
N ALA A 124 -1.03 -4.41 1.70
CA ALA A 124 -0.40 -4.67 0.42
C ALA A 124 0.74 -5.67 0.57
N LEU A 125 1.41 -5.61 1.71
CA LEU A 125 2.50 -6.53 1.96
C LEU A 125 1.96 -7.94 2.10
N GLN A 126 0.85 -8.06 2.82
CA GLN A 126 0.13 -9.33 2.94
C GLN A 126 -0.26 -9.81 1.54
N LEU A 127 -0.63 -8.87 0.69
CA LEU A 127 -0.98 -9.16 -0.69
C LEU A 127 0.25 -9.62 -1.46
N LEU A 128 1.33 -8.84 -1.43
CA LEU A 128 2.55 -9.18 -2.16
C LEU A 128 3.13 -10.51 -1.66
N TYR A 129 3.01 -10.77 -0.37
CA TYR A 129 3.47 -12.04 0.19
C TYR A 129 2.77 -13.23 -0.45
N THR A 130 1.45 -13.14 -0.56
CA THR A 130 0.67 -14.23 -1.12
C THR A 130 0.79 -14.25 -2.65
N ALA A 131 0.88 -13.07 -3.25
CA ALA A 131 1.02 -12.95 -4.70
C ALA A 131 2.35 -13.54 -5.15
N LYS A 132 3.37 -13.44 -4.29
CA LYS A 132 4.68 -13.99 -4.61
C LYS A 132 4.61 -15.52 -4.66
N GLU A 133 3.88 -16.09 -3.73
CA GLU A 133 3.75 -17.53 -3.63
C GLU A 133 2.83 -18.10 -4.71
N ALA A 134 1.64 -17.53 -4.83
CA ALA A 134 0.62 -18.04 -5.72
C ALA A 134 0.88 -17.61 -7.17
N GLY A 135 1.74 -16.60 -7.32
CA GLY A 135 1.96 -15.94 -8.60
C GLY A 135 2.19 -16.88 -9.76
N GLY A 136 1.12 -17.17 -10.49
CA GLY A 136 1.20 -18.04 -11.65
C GLY A 136 1.59 -19.45 -11.26
N ASN A 137 1.46 -19.75 -9.99
CA ASN A 137 1.83 -21.04 -9.43
C ASN A 137 0.66 -21.62 -8.65
N PRO A 138 -0.31 -22.22 -9.35
CA PRO A 138 -1.54 -22.70 -8.73
C PRO A 138 -1.32 -23.94 -7.87
N LYS A 139 -0.34 -24.77 -8.23
CA LYS A 139 -0.08 -26.00 -7.49
C LYS A 139 0.43 -25.68 -6.08
N GLN A 140 1.52 -24.94 -5.99
CA GLN A 140 2.06 -24.55 -4.69
C GLN A 140 1.39 -23.25 -4.25
N ALA A 141 0.08 -23.31 -4.11
CA ALA A 141 -0.69 -22.14 -3.70
C ALA A 141 -1.87 -22.55 -2.81
N ALA A 142 -1.81 -23.76 -2.26
CA ALA A 142 -2.87 -24.21 -1.38
C ALA A 142 -2.79 -23.46 -0.06
N HIS A 143 -3.93 -22.91 0.36
CA HIS A 143 -4.02 -22.02 1.52
C HIS A 143 -3.48 -20.64 1.18
N THR A 144 -2.87 -20.54 0.02
CA THR A 144 -2.38 -19.29 -0.50
C THR A 144 -3.46 -18.67 -1.38
N GLN A 145 -4.16 -19.53 -2.10
CA GLN A 145 -5.29 -19.13 -2.92
C GLN A 145 -6.36 -18.46 -2.07
N GLU A 146 -6.60 -19.03 -0.89
CA GLU A 146 -7.56 -18.48 0.06
C GLU A 146 -7.02 -17.19 0.66
N ALA A 147 -5.74 -17.19 1.00
CA ALA A 147 -5.13 -16.04 1.66
C ALA A 147 -4.93 -14.88 0.70
N LEU A 148 -4.74 -15.19 -0.56
CA LEU A 148 -4.64 -14.17 -1.59
C LEU A 148 -5.96 -13.40 -1.67
N GLU A 149 -7.06 -14.11 -1.40
CA GLU A 149 -8.38 -13.51 -1.49
C GLU A 149 -8.70 -12.67 -0.26
N GLU A 150 -8.15 -13.04 0.88
CA GLU A 150 -8.35 -12.24 2.08
C GLU A 150 -7.44 -11.00 2.04
N ALA A 151 -6.37 -11.10 1.25
CA ALA A 151 -5.44 -9.99 1.09
C ALA A 151 -6.01 -8.93 0.14
N VAL A 152 -6.60 -9.38 -0.98
CA VAL A 152 -7.19 -8.47 -1.95
C VAL A 152 -8.32 -7.65 -1.33
N GLN A 153 -9.13 -8.29 -0.50
CA GLN A 153 -10.22 -7.60 0.18
C GLN A 153 -9.68 -6.77 1.35
N MET A 154 -8.58 -7.22 1.92
CA MET A 154 -7.92 -6.50 3.00
C MET A 154 -7.46 -5.12 2.53
N MET A 155 -6.86 -5.09 1.34
CA MET A 155 -6.41 -3.83 0.76
C MET A 155 -7.59 -2.91 0.47
N THR A 156 -8.58 -3.41 -0.25
CA THR A 156 -9.70 -2.58 -0.67
C THR A 156 -10.46 -2.03 0.55
N GLU A 157 -10.38 -2.74 1.67
CA GLU A 157 -10.95 -2.28 2.92
C GLU A 157 -10.16 -1.07 3.43
N ALA A 158 -8.84 -1.19 3.44
CA ALA A 158 -7.98 -0.10 3.86
C ALA A 158 -8.04 1.04 2.85
N VAL A 159 -8.32 0.69 1.60
CA VAL A 159 -8.47 1.65 0.52
C VAL A 159 -9.62 2.62 0.79
N GLU A 160 -10.81 2.08 1.04
CA GLU A 160 -11.98 2.89 1.34
C GLU A 160 -11.76 3.66 2.63
N ASP A 161 -11.04 3.02 3.53
CA ASP A 161 -10.84 3.54 4.87
C ASP A 161 -9.90 4.75 4.85
N LEU A 162 -8.80 4.62 4.12
CA LEU A 162 -7.85 5.71 3.96
C LEU A 162 -8.50 6.84 3.19
N THR A 163 -9.13 6.50 2.08
CA THR A 163 -9.81 7.47 1.22
C THR A 163 -10.83 8.28 2.01
N THR A 164 -11.57 7.63 2.90
CA THR A 164 -12.53 8.33 3.74
C THR A 164 -11.82 9.39 4.60
N THR A 165 -10.76 9.00 5.29
CA THR A 165 -10.00 9.93 6.13
C THR A 165 -9.47 11.10 5.28
N LEU A 166 -9.04 10.78 4.07
CA LEU A 166 -8.50 11.77 3.15
C LEU A 166 -9.59 12.73 2.67
N ASN A 167 -10.73 12.17 2.29
CA ASN A 167 -11.83 12.96 1.77
C ASN A 167 -12.53 13.73 2.89
N GLU A 168 -12.37 13.26 4.12
CA GLU A 168 -12.83 14.01 5.27
C GLU A 168 -11.87 15.17 5.48
N ALA A 169 -10.58 14.85 5.47
CA ALA A 169 -9.51 15.82 5.71
C ALA A 169 -9.56 16.99 4.74
N ALA A 170 -10.29 16.86 3.65
CA ALA A 170 -10.49 17.97 2.73
C ALA A 170 -11.07 19.17 3.46
N SER A 171 -12.06 18.91 4.30
CA SER A 171 -12.66 19.94 5.14
C SER A 171 -12.20 19.78 6.59
N ALA A 172 -11.89 18.54 6.96
CA ALA A 172 -11.53 18.20 8.33
C ALA A 172 -10.08 18.54 8.66
N ALA A 173 -9.29 18.86 7.64
CA ALA A 173 -7.89 19.18 7.83
C ALA A 173 -7.36 20.04 6.69
N GLY A 174 -7.65 21.33 6.74
CA GLY A 174 -7.23 22.23 5.69
C GLY A 174 -8.13 23.45 5.60
N GLY A 1 19.56 -15.01 -7.26
CA GLY A 1 19.39 -15.01 -5.80
C GLY A 1 18.70 -16.26 -5.31
N ILE A 2 18.12 -16.20 -4.13
CA ILE A 2 17.40 -17.33 -3.57
C ILE A 2 15.90 -17.07 -3.57
N ASP A 3 15.26 -17.41 -4.67
CA ASP A 3 13.83 -17.19 -4.82
C ASP A 3 13.09 -18.52 -4.95
N PRO A 4 12.20 -18.81 -3.99
CA PRO A 4 11.41 -20.05 -4.00
C PRO A 4 10.27 -20.00 -5.03
N PHE A 5 9.37 -20.99 -4.97
CA PHE A 5 8.22 -21.06 -5.85
C PHE A 5 8.71 -21.30 -7.28
N THR A 6 7.79 -21.24 -8.21
CA THR A 6 8.13 -21.48 -9.60
C THR A 6 7.12 -20.82 -10.55
N ALA A 7 7.50 -19.66 -11.07
CA ALA A 7 6.71 -18.91 -12.03
C ALA A 7 7.40 -17.58 -12.35
N PRO A 8 7.06 -16.96 -13.48
CA PRO A 8 7.51 -15.61 -13.80
C PRO A 8 6.73 -14.57 -13.01
N GLY A 9 7.42 -13.83 -12.14
CA GLY A 9 6.76 -12.80 -11.36
C GLY A 9 7.19 -12.83 -9.91
N GLN A 10 7.62 -14.01 -9.46
CA GLN A 10 8.11 -14.22 -8.11
C GLN A 10 9.22 -13.22 -7.76
N LEU A 11 10.04 -12.89 -8.76
CA LEU A 11 11.12 -11.93 -8.57
C LEU A 11 10.59 -10.52 -8.35
N GLU A 12 9.61 -10.12 -9.15
CA GLU A 12 9.03 -8.78 -9.05
C GLU A 12 8.27 -8.62 -7.74
N CYS A 13 7.81 -9.73 -7.21
CA CYS A 13 7.16 -9.72 -5.91
C CYS A 13 8.22 -9.60 -4.81
N GLU A 14 9.38 -10.20 -5.07
CA GLU A 14 10.50 -10.16 -4.14
C GLU A 14 11.04 -8.74 -4.03
N THR A 15 11.20 -8.10 -5.17
CA THR A 15 11.70 -6.74 -5.22
C THR A 15 10.71 -5.75 -4.60
N ALA A 16 9.44 -5.90 -4.94
CA ALA A 16 8.40 -5.01 -4.45
C ALA A 16 8.23 -5.12 -2.93
N ILE A 17 8.27 -6.34 -2.42
CA ILE A 17 8.12 -6.58 -0.99
C ILE A 17 9.16 -5.82 -0.18
N ALA A 18 10.40 -5.80 -0.67
CA ALA A 18 11.48 -5.11 0.02
C ALA A 18 11.26 -3.60 0.03
N ALA A 19 10.69 -3.08 -1.04
CA ALA A 19 10.44 -1.64 -1.16
C ALA A 19 9.23 -1.25 -0.34
N LEU A 20 8.20 -2.08 -0.41
CA LEU A 20 6.98 -1.88 0.35
C LEU A 20 7.26 -2.02 1.84
N ASN A 21 8.20 -2.89 2.16
CA ASN A 21 8.64 -3.08 3.54
C ASN A 21 9.20 -1.78 4.08
N SER A 22 9.99 -1.11 3.24
CA SER A 22 10.60 0.17 3.61
C SER A 22 9.51 1.22 3.83
N CYS A 23 8.50 1.24 2.95
CA CYS A 23 7.40 2.18 3.08
C CYS A 23 6.66 1.95 4.38
N LEU A 24 6.48 0.69 4.71
CA LEU A 24 5.84 0.29 5.96
C LEU A 24 6.62 0.81 7.16
N ARG A 25 7.94 0.68 7.09
CA ARG A 25 8.81 1.12 8.19
C ARG A 25 8.82 2.64 8.30
N ASP A 26 8.89 3.33 7.17
CA ASP A 26 8.88 4.80 7.16
C ASP A 26 7.57 5.32 7.74
N LEU A 27 6.47 4.67 7.41
CA LEU A 27 5.16 5.07 7.89
C LEU A 27 5.05 4.88 9.41
N ASP A 28 5.74 3.87 9.92
CA ASP A 28 5.71 3.57 11.35
C ASP A 28 6.59 4.56 12.09
N GLN A 29 7.64 4.99 11.40
CA GLN A 29 8.58 5.94 11.92
C GLN A 29 7.94 7.31 11.97
N ALA A 30 7.27 7.68 10.88
CA ALA A 30 6.62 8.98 10.78
C ALA A 30 5.59 9.15 11.89
N SER A 31 4.84 8.11 12.16
CA SER A 31 3.80 8.15 13.18
C SER A 31 4.41 8.42 14.55
N LEU A 32 5.48 7.71 14.89
CA LEU A 32 6.15 7.88 16.17
C LEU A 32 6.63 9.33 16.34
N ALA A 33 7.25 9.86 15.29
CA ALA A 33 7.75 11.23 15.32
C ALA A 33 6.61 12.23 15.29
N ALA A 34 5.47 11.84 14.72
CA ALA A 34 4.30 12.71 14.62
C ALA A 34 3.60 12.80 15.97
N VAL A 35 3.80 11.81 16.83
CA VAL A 35 3.30 11.88 18.20
C VAL A 35 3.98 13.03 18.93
N SER A 36 5.28 13.17 18.69
CA SER A 36 6.05 14.27 19.27
C SER A 36 5.96 15.51 18.37
N GLN A 37 5.39 15.31 17.18
CA GLN A 37 5.22 16.38 16.19
C GLN A 37 6.57 16.93 15.73
N GLN A 38 7.60 16.09 15.82
CA GLN A 38 8.94 16.46 15.40
C GLN A 38 9.29 15.82 14.06
N LEU A 39 8.25 15.41 13.35
CA LEU A 39 8.39 14.75 12.06
C LEU A 39 8.62 15.79 10.96
N ALA A 40 9.60 15.55 10.10
CA ALA A 40 9.94 16.50 9.03
C ALA A 40 8.97 16.36 7.85
N PRO A 41 8.64 17.49 7.17
CA PRO A 41 7.71 17.50 6.04
C PRO A 41 8.12 16.55 4.93
N ARG A 42 7.18 16.24 4.04
CA ARG A 42 7.40 15.23 3.02
C ARG A 42 8.22 15.77 1.85
N GLU A 43 8.33 14.96 0.79
CA GLU A 43 9.08 15.31 -0.42
C GLU A 43 8.87 16.77 -0.80
N GLY A 44 7.62 17.17 -0.91
CA GLY A 44 7.30 18.55 -1.21
C GLY A 44 6.06 18.69 -2.07
N ILE A 45 4.92 18.99 -1.43
CA ILE A 45 3.69 19.28 -2.17
C ILE A 45 2.64 19.84 -1.22
N SER A 46 1.67 20.56 -1.79
CA SER A 46 0.63 21.23 -1.02
C SER A 46 -0.23 20.24 -0.24
N GLN A 47 -0.86 20.73 0.83
CA GLN A 47 -1.67 19.90 1.72
C GLN A 47 -2.90 19.34 1.00
N GLU A 48 -3.57 20.18 0.24
CA GLU A 48 -4.74 19.76 -0.53
C GLU A 48 -4.30 18.83 -1.65
N ALA A 49 -3.12 19.09 -2.19
CA ALA A 49 -2.55 18.22 -3.20
C ALA A 49 -2.25 16.86 -2.60
N LEU A 50 -1.84 16.86 -1.33
CA LEU A 50 -1.66 15.62 -0.58
C LEU A 50 -2.96 14.86 -0.47
N HIS A 51 -4.05 15.57 -0.18
CA HIS A 51 -5.36 14.93 -0.06
C HIS A 51 -5.73 14.27 -1.38
N THR A 52 -5.50 14.98 -2.47
CA THR A 52 -5.78 14.47 -3.80
C THR A 52 -4.80 13.35 -4.19
N GLN A 53 -3.51 13.53 -3.90
CA GLN A 53 -2.49 12.56 -4.28
C GLN A 53 -2.78 11.21 -3.65
N MET A 54 -3.00 11.20 -2.33
CA MET A 54 -3.31 9.99 -1.61
C MET A 54 -4.53 9.31 -2.21
N LEU A 55 -5.62 10.07 -2.34
CA LEU A 55 -6.86 9.55 -2.90
C LEU A 55 -6.64 8.97 -4.29
N THR A 56 -5.99 9.73 -5.16
CA THR A 56 -5.76 9.29 -6.54
C THR A 56 -4.94 8.01 -6.59
N ALA A 57 -3.87 7.97 -5.80
CA ALA A 57 -3.00 6.79 -5.75
C ALA A 57 -3.79 5.57 -5.29
N VAL A 58 -4.55 5.72 -4.22
CA VAL A 58 -5.28 4.61 -3.61
C VAL A 58 -6.34 4.08 -4.58
N GLN A 59 -6.94 4.99 -5.34
CA GLN A 59 -7.92 4.61 -6.35
C GLN A 59 -7.28 3.71 -7.41
N GLU A 60 -6.16 4.15 -7.96
CA GLU A 60 -5.45 3.37 -8.96
C GLU A 60 -4.99 2.04 -8.39
N ILE A 61 -4.54 2.07 -7.14
CA ILE A 61 -4.15 0.85 -6.45
C ILE A 61 -5.33 -0.13 -6.40
N SER A 62 -6.45 0.32 -5.84
CA SER A 62 -7.64 -0.52 -5.72
C SER A 62 -8.03 -1.10 -7.08
N HIS A 63 -7.97 -0.25 -8.10
CA HIS A 63 -8.32 -0.65 -9.46
C HIS A 63 -7.39 -1.76 -9.97
N LEU A 64 -6.14 -1.76 -9.51
CA LEU A 64 -5.19 -2.77 -9.94
C LEU A 64 -5.18 -3.97 -8.98
N ILE A 65 -5.69 -3.78 -7.76
CA ILE A 65 -5.69 -4.84 -6.75
C ILE A 65 -6.48 -6.05 -7.23
N GLU A 66 -7.68 -5.81 -7.76
CA GLU A 66 -8.51 -6.89 -8.26
C GLU A 66 -7.81 -7.68 -9.37
N PRO A 67 -7.37 -7.02 -10.47
CA PRO A 67 -6.63 -7.70 -11.55
C PRO A 67 -5.32 -8.32 -11.07
N LEU A 68 -4.73 -7.78 -10.01
CA LEU A 68 -3.51 -8.36 -9.46
C LEU A 68 -3.84 -9.69 -8.78
N ALA A 69 -4.91 -9.71 -8.01
CA ALA A 69 -5.37 -10.95 -7.37
C ALA A 69 -5.65 -12.01 -8.43
N SER A 70 -6.31 -11.58 -9.51
CA SER A 70 -6.59 -12.47 -10.64
C SER A 70 -5.29 -12.88 -11.34
N ALA A 71 -4.29 -12.01 -11.31
CA ALA A 71 -3.00 -12.29 -11.92
C ALA A 71 -2.20 -13.26 -11.06
N ALA A 72 -2.14 -12.98 -9.77
CA ALA A 72 -1.39 -13.82 -8.84
C ALA A 72 -1.90 -15.26 -8.87
N ARG A 73 -3.19 -15.42 -9.10
CA ARG A 73 -3.79 -16.75 -9.09
C ARG A 73 -3.65 -17.44 -10.45
N ALA A 74 -3.25 -16.70 -11.49
CA ALA A 74 -3.16 -17.28 -12.83
C ALA A 74 -2.19 -16.53 -13.75
N GLU A 75 -2.48 -15.26 -14.00
CA GLU A 75 -1.70 -14.44 -14.94
C GLU A 75 -0.30 -14.16 -14.40
N ALA A 76 0.67 -15.00 -14.76
CA ALA A 76 2.03 -14.86 -14.27
C ALA A 76 2.74 -13.69 -14.94
N SER A 77 2.69 -13.66 -16.27
CA SER A 77 3.43 -12.68 -17.04
C SER A 77 2.85 -11.28 -16.82
N GLN A 78 1.59 -11.24 -16.40
CA GLN A 78 0.90 -9.98 -16.21
C GLN A 78 0.99 -9.56 -14.75
N LEU A 79 1.17 -10.56 -13.90
CA LEU A 79 1.29 -10.35 -12.46
C LEU A 79 2.38 -9.33 -12.15
N GLY A 80 3.56 -9.54 -12.71
CA GLY A 80 4.67 -8.63 -12.50
C GLY A 80 4.31 -7.19 -12.86
N HIS A 81 3.47 -7.04 -13.87
CA HIS A 81 3.05 -5.72 -14.33
C HIS A 81 2.06 -5.09 -13.34
N LYS A 82 1.27 -5.92 -12.67
CA LYS A 82 0.35 -5.43 -11.65
C LYS A 82 1.16 -5.01 -10.43
N VAL A 83 2.05 -5.91 -10.01
CA VAL A 83 2.86 -5.70 -8.80
C VAL A 83 3.71 -4.43 -8.91
N SER A 84 4.36 -4.25 -10.06
CA SER A 84 5.18 -3.08 -10.30
C SER A 84 4.38 -1.80 -10.11
N GLN A 85 3.13 -1.83 -10.55
CA GLN A 85 2.26 -0.67 -10.43
C GLN A 85 1.82 -0.46 -8.99
N MET A 86 1.41 -1.53 -8.32
CA MET A 86 0.92 -1.42 -6.94
C MET A 86 2.01 -0.86 -6.04
N ALA A 87 3.22 -1.37 -6.20
CA ALA A 87 4.34 -0.98 -5.36
C ALA A 87 4.74 0.46 -5.64
N GLN A 88 4.58 0.89 -6.89
CA GLN A 88 5.02 2.22 -7.29
C GLN A 88 4.12 3.30 -6.70
N TYR A 89 2.83 2.99 -6.52
CA TYR A 89 1.88 3.95 -5.95
C TYR A 89 2.08 4.09 -4.45
N PHE A 90 2.50 3.02 -3.80
CA PHE A 90 2.69 3.04 -2.36
C PHE A 90 3.88 3.91 -1.96
N GLU A 91 4.81 4.12 -2.88
CA GLU A 91 5.97 4.97 -2.62
C GLU A 91 5.52 6.42 -2.34
N PRO A 92 4.81 7.11 -3.28
CA PRO A 92 4.26 8.43 -3.02
C PRO A 92 3.22 8.41 -1.91
N LEU A 93 2.42 7.34 -1.88
CA LEU A 93 1.36 7.19 -0.87
C LEU A 93 1.95 7.34 0.52
N THR A 94 2.97 6.54 0.79
CA THR A 94 3.70 6.60 2.05
C THR A 94 4.19 8.02 2.36
N LEU A 95 4.95 8.61 1.44
CA LEU A 95 5.55 9.91 1.67
C LEU A 95 4.51 11.02 1.72
N ALA A 96 3.40 10.83 1.01
CA ALA A 96 2.29 11.77 1.06
C ALA A 96 1.63 11.72 2.44
N ALA A 97 1.47 10.51 2.96
CA ALA A 97 0.91 10.32 4.30
C ALA A 97 1.86 10.86 5.37
N VAL A 98 3.14 10.53 5.23
CA VAL A 98 4.17 11.05 6.12
C VAL A 98 4.18 12.57 6.10
N GLY A 99 3.89 13.13 4.93
CA GLY A 99 3.75 14.56 4.80
C GLY A 99 2.66 15.11 5.67
N ALA A 100 1.49 14.48 5.63
CA ALA A 100 0.36 14.92 6.43
C ALA A 100 0.69 14.94 7.91
N ALA A 101 1.45 13.95 8.37
CA ALA A 101 1.87 13.88 9.77
C ALA A 101 2.57 15.16 10.21
N SER A 102 3.45 15.64 9.36
CA SER A 102 4.21 16.83 9.67
C SER A 102 3.44 18.11 9.33
N LYS A 103 2.75 18.06 8.20
CA LYS A 103 2.23 19.26 7.54
C LYS A 103 0.82 19.62 7.99
N THR A 104 0.03 18.62 8.32
CA THR A 104 -1.34 18.84 8.77
C THR A 104 -1.37 19.41 10.20
N LEU A 105 -2.32 20.30 10.48
CA LEU A 105 -2.40 20.90 11.81
C LEU A 105 -3.44 20.19 12.67
N SER A 106 -4.32 19.42 12.04
CA SER A 106 -5.26 18.61 12.78
C SER A 106 -4.66 17.24 13.06
N HIS A 107 -4.19 17.08 14.30
CA HIS A 107 -3.43 15.89 14.70
C HIS A 107 -4.19 14.59 14.43
N PRO A 108 -5.45 14.45 14.87
CA PRO A 108 -6.24 13.23 14.66
C PRO A 108 -6.36 12.85 13.18
N GLN A 109 -6.60 13.84 12.33
CA GLN A 109 -6.75 13.62 10.90
C GLN A 109 -5.47 13.05 10.30
N GLN A 110 -4.36 13.73 10.58
CA GLN A 110 -3.08 13.38 10.00
C GLN A 110 -2.61 12.02 10.52
N MET A 111 -2.84 11.77 11.81
CA MET A 111 -2.41 10.52 12.42
C MET A 111 -3.25 9.35 11.90
N ALA A 112 -4.51 9.61 11.66
CA ALA A 112 -5.41 8.58 11.18
C ALA A 112 -5.02 8.13 9.79
N LEU A 113 -4.87 9.08 8.85
CA LEU A 113 -4.56 8.69 7.48
C LEU A 113 -3.14 8.16 7.40
N LEU A 114 -2.27 8.66 8.26
CA LEU A 114 -0.89 8.20 8.31
C LEU A 114 -0.82 6.72 8.70
N ASP A 115 -1.39 6.40 9.86
CA ASP A 115 -1.36 5.03 10.37
C ASP A 115 -2.16 4.09 9.47
N GLN A 116 -3.27 4.58 8.92
CA GLN A 116 -4.10 3.77 8.04
C GLN A 116 -3.40 3.49 6.71
N THR A 117 -2.57 4.43 6.26
CA THR A 117 -1.74 4.19 5.08
C THR A 117 -0.77 3.05 5.35
N LYS A 118 -0.24 3.05 6.56
CA LYS A 118 0.67 2.01 7.00
C LYS A 118 -0.08 0.68 7.10
N THR A 119 -1.31 0.74 7.56
CA THR A 119 -2.19 -0.42 7.57
C THR A 119 -2.43 -0.93 6.15
N LEU A 120 -2.65 0.00 5.22
CA LEU A 120 -2.80 -0.35 3.82
C LEU A 120 -1.51 -0.95 3.28
N ALA A 121 -0.38 -0.43 3.76
CA ALA A 121 0.92 -0.98 3.40
C ALA A 121 1.06 -2.42 3.90
N GLU A 122 0.61 -2.66 5.12
CA GLU A 122 0.60 -4.02 5.67
C GLU A 122 -0.33 -4.91 4.86
N SER A 123 -1.45 -4.35 4.45
CA SER A 123 -2.42 -5.07 3.63
C SER A 123 -1.82 -5.39 2.26
N ALA A 124 -1.11 -4.41 1.69
CA ALA A 124 -0.45 -4.60 0.41
C ALA A 124 0.71 -5.58 0.55
N LEU A 125 1.40 -5.51 1.68
CA LEU A 125 2.50 -6.42 1.94
C LEU A 125 1.97 -7.83 2.04
N GLN A 126 0.84 -7.98 2.73
CA GLN A 126 0.16 -9.26 2.82
C GLN A 126 -0.24 -9.73 1.43
N LEU A 127 -0.70 -8.79 0.61
CA LEU A 127 -1.08 -9.07 -0.76
C LEU A 127 0.15 -9.53 -1.56
N LEU A 128 1.21 -8.73 -1.54
CA LEU A 128 2.44 -9.08 -2.26
C LEU A 128 3.02 -10.38 -1.74
N TYR A 129 2.87 -10.63 -0.44
CA TYR A 129 3.30 -11.89 0.16
C TYR A 129 2.58 -13.07 -0.50
N THR A 130 1.26 -13.01 -0.52
CA THR A 130 0.45 -14.08 -1.08
C THR A 130 0.64 -14.17 -2.59
N ALA A 131 0.82 -13.02 -3.23
CA ALA A 131 1.01 -12.97 -4.67
C ALA A 131 2.38 -13.49 -5.06
N LYS A 132 3.32 -13.41 -4.13
CA LYS A 132 4.65 -13.95 -4.37
C LYS A 132 4.63 -15.47 -4.37
N GLU A 133 3.81 -16.04 -3.50
CA GLU A 133 3.70 -17.48 -3.38
C GLU A 133 2.90 -18.07 -4.54
N ALA A 134 1.69 -17.56 -4.72
CA ALA A 134 0.76 -18.09 -5.70
C ALA A 134 1.02 -17.56 -7.10
N GLY A 135 1.78 -16.47 -7.17
CA GLY A 135 1.89 -15.68 -8.39
C GLY A 135 2.16 -16.49 -9.64
N GLY A 136 1.12 -16.66 -10.43
CA GLY A 136 1.24 -17.30 -11.72
C GLY A 136 1.35 -18.80 -11.62
N ASN A 137 1.00 -19.32 -10.45
CA ASN A 137 1.09 -20.75 -10.19
C ASN A 137 0.05 -21.17 -9.15
N PRO A 138 -1.17 -21.48 -9.61
CA PRO A 138 -2.26 -21.92 -8.72
C PRO A 138 -2.09 -23.39 -8.31
N LYS A 139 -1.04 -24.01 -8.82
CA LYS A 139 -0.80 -25.43 -8.61
C LYS A 139 -0.07 -25.70 -7.30
N GLN A 140 1.17 -25.20 -7.19
CA GLN A 140 1.95 -25.40 -5.98
C GLN A 140 1.31 -24.68 -4.80
N ALA A 141 0.87 -23.46 -5.06
CA ALA A 141 0.22 -22.66 -4.04
C ALA A 141 -1.26 -23.00 -3.97
N ALA A 142 -1.63 -23.80 -2.99
CA ALA A 142 -3.00 -24.25 -2.84
C ALA A 142 -3.70 -23.51 -1.71
N HIS A 143 -3.02 -23.39 -0.57
CA HIS A 143 -3.60 -22.69 0.57
C HIS A 143 -3.26 -21.21 0.49
N THR A 144 -2.28 -20.88 -0.33
CA THR A 144 -1.95 -19.49 -0.61
C THR A 144 -3.14 -18.81 -1.28
N GLN A 145 -3.86 -19.58 -2.07
CA GLN A 145 -5.04 -19.10 -2.77
C GLN A 145 -6.06 -18.56 -1.76
N GLU A 146 -6.14 -19.21 -0.62
CA GLU A 146 -7.08 -18.83 0.44
C GLU A 146 -6.71 -17.47 1.01
N ALA A 147 -5.42 -17.23 1.19
CA ALA A 147 -4.96 -15.97 1.78
C ALA A 147 -4.92 -14.86 0.73
N LEU A 148 -4.74 -15.24 -0.53
CA LEU A 148 -4.78 -14.27 -1.61
C LEU A 148 -6.17 -13.65 -1.70
N GLU A 149 -7.17 -14.39 -1.25
CA GLU A 149 -8.54 -13.91 -1.26
C GLU A 149 -8.78 -12.92 -0.12
N GLU A 150 -8.18 -13.18 1.04
CA GLU A 150 -8.34 -12.31 2.19
C GLU A 150 -7.51 -11.04 2.02
N ALA A 151 -6.36 -11.18 1.35
CA ALA A 151 -5.46 -10.07 1.12
C ALA A 151 -6.10 -9.01 0.21
N VAL A 152 -6.70 -9.47 -0.89
CA VAL A 152 -7.34 -8.55 -1.83
C VAL A 152 -8.49 -7.81 -1.15
N GLN A 153 -9.18 -8.49 -0.24
CA GLN A 153 -10.28 -7.89 0.50
C GLN A 153 -9.75 -6.86 1.50
N MET A 154 -8.66 -7.20 2.18
CA MET A 154 -8.08 -6.31 3.17
C MET A 154 -7.61 -4.99 2.54
N MET A 155 -6.97 -5.07 1.39
CA MET A 155 -6.57 -3.85 0.69
C MET A 155 -7.80 -3.07 0.28
N THR A 156 -8.72 -3.75 -0.39
CA THR A 156 -9.95 -3.13 -0.88
C THR A 156 -10.67 -2.36 0.22
N GLU A 157 -10.82 -2.99 1.38
CA GLU A 157 -11.49 -2.36 2.50
C GLU A 157 -10.67 -1.18 3.03
N ALA A 158 -9.35 -1.35 3.04
CA ALA A 158 -8.45 -0.32 3.53
C ALA A 158 -8.42 0.86 2.56
N VAL A 159 -8.68 0.57 1.30
CA VAL A 159 -8.79 1.57 0.27
C VAL A 159 -9.86 2.60 0.62
N GLU A 160 -11.07 2.11 0.88
CA GLU A 160 -12.17 2.99 1.25
C GLU A 160 -11.95 3.55 2.65
N ASP A 161 -11.21 2.78 3.45
CA ASP A 161 -10.87 3.17 4.82
C ASP A 161 -10.01 4.44 4.83
N LEU A 162 -8.87 4.37 4.16
CA LEU A 162 -7.96 5.50 4.08
C LEU A 162 -8.61 6.66 3.34
N THR A 163 -9.28 6.34 2.24
CA THR A 163 -9.96 7.34 1.42
C THR A 163 -10.93 8.18 2.25
N THR A 164 -11.63 7.55 3.18
CA THR A 164 -12.55 8.27 4.06
C THR A 164 -11.81 9.35 4.85
N THR A 165 -10.74 8.96 5.54
CA THR A 165 -9.96 9.92 6.32
C THR A 165 -9.40 11.02 5.42
N LEU A 166 -8.92 10.64 4.25
CA LEU A 166 -8.37 11.58 3.28
C LEU A 166 -9.43 12.56 2.79
N ASN A 167 -10.62 12.03 2.51
CA ASN A 167 -11.71 12.84 1.98
C ASN A 167 -12.33 13.72 3.06
N GLU A 168 -12.18 13.34 4.31
CA GLU A 168 -12.61 14.21 5.39
C GLU A 168 -11.55 15.28 5.57
N ALA A 169 -10.31 14.83 5.63
CA ALA A 169 -9.15 15.71 5.79
C ALA A 169 -9.06 16.73 4.66
N ALA A 170 -9.79 16.50 3.57
CA ALA A 170 -9.86 17.48 2.50
C ALA A 170 -10.22 18.85 3.04
N SER A 171 -11.25 18.90 3.87
CA SER A 171 -11.63 20.12 4.56
C SER A 171 -11.21 20.07 6.04
N ALA A 172 -11.05 18.85 6.54
CA ALA A 172 -10.74 18.63 7.96
C ALA A 172 -9.24 18.79 8.24
N ALA A 173 -8.46 19.04 7.20
CA ALA A 173 -7.02 19.23 7.35
C ALA A 173 -6.50 20.24 6.34
N GLY A 174 -5.84 21.27 6.82
CA GLY A 174 -5.33 22.32 5.96
C GLY A 174 -4.33 23.20 6.68
#